data_1XSJ
#
_entry.id   1XSJ
#
_cell.length_a   83.532
_cell.length_b   224.442
_cell.length_c   154.117
_cell.angle_alpha   90.00
_cell.angle_beta   101.75
_cell.angle_gamma   90.00
#
_symmetry.space_group_name_H-M   'P 1 21 1'
#
loop_
_entity.id
_entity.type
_entity.pdbx_description
1 polymer 'Putative family 31 glucosidase yicI'
2 non-polymer 2-AMINO-2-HYDROXYMETHYL-PROPANE-1,3-DIOL
3 water water
#
_entity_poly.entity_id   1
_entity_poly.type   'polypeptide(L)'
_entity_poly.pdbx_seq_one_letter_code
;MKISDGNWLIQPGLNLIHPLQVFEVEQQDNEMVVYAAPRDVRERTWQLDTPLFTLRFFSPQEGIVGVRIEHFQGALNNGP
HYPLNILQDVKVTIENTERYAEFKSGNLSARVSKGEFWSLDFLRNGERITGSQVKNNGYVQDTNNQRNYMFERLDLGVGE
TVYGLGERFTALVRNGQTVETWNRDGGTSTEQAYKNIPFYMTNRGYGVLVNHPQCVSFEVGSEKVSKVQFSVESEYLEYF
VIDGPTPKAVLDRYTRFTGRPALPPAWSFGLWLTTSFTTNYDEATVNSFIDGMAERNLPLHVFHFDCFWMKAFQWCDFEW
DPLTFPDPEGMIRRLKAKGLKICVWINPYIGQKSPVFKELQEKGYLLKRPDGSLWQWDKWQPGLAIYDFTNPDACKWYAD
KLKGLVAMGVDCFKTDFGERIPTDVQWFDGSDPQKMHNHYAYIYNELVWNVLKDTVGEEEAVLFARSASVGAQKFPVHWG
GDCYANYESMAESLRGGLSIGLSGFGFWSHDIGGFENTAPAHVYKRWCAFGLLSSHSRLHGSKSYRVPWAYDDESCDVVR
FFTQLKCRMMPYLYREAARANARGTPMMRAMMMEFPDDPACDYLDRQYMLGDNVMVAPVFTEAGDVQFYLPEGRWTHLWH
NDELDGSRWHKQQHGFLSLPVYVRDNTLLALGNNDQRPDYVWHEGTAFHLFNLQDGHEAVCEVPAADGSVIFTLKAARTG
NTITVTGAGEAKNWTLCLRNVVKVNGLQDGSQAESEQGLVVKPQGNALTITLHHHHHH
;
_entity_poly.pdbx_strand_id   A,B,C,D,E,F
#
loop_
_chem_comp.id
_chem_comp.type
_chem_comp.name
_chem_comp.formula
TRS non-polymer 2-AMINO-2-HYDROXYMETHYL-PROPANE-1,3-DIOL 'C4 H12 N O3 1'
#
# COMPACT_ATOMS: atom_id res chain seq x y z
N MET A 1 -8.98 -10.91 22.86
CA MET A 1 -9.02 -10.71 21.36
C MET A 1 -10.40 -11.13 20.87
N LYS A 2 -11.02 -10.34 19.99
CA LYS A 2 -12.39 -10.67 19.58
C LYS A 2 -12.37 -11.71 18.49
N ILE A 3 -13.09 -12.80 18.68
CA ILE A 3 -13.14 -13.85 17.69
C ILE A 3 -14.56 -13.89 17.09
N SER A 4 -15.58 -13.96 17.95
CA SER A 4 -16.96 -13.93 17.47
C SER A 4 -17.39 -12.50 17.18
N ASP A 5 -18.47 -12.38 16.40
CA ASP A 5 -19.12 -11.09 16.19
C ASP A 5 -20.59 -11.27 16.60
N GLY A 6 -20.85 -11.16 17.90
CA GLY A 6 -22.10 -11.62 18.48
C GLY A 6 -22.25 -13.14 18.49
N ASN A 7 -23.44 -13.62 18.85
CA ASN A 7 -23.67 -15.04 18.90
C ASN A 7 -23.60 -15.70 17.53
N TRP A 8 -23.97 -14.96 16.51
CA TRP A 8 -24.29 -15.57 15.25
C TRP A 8 -23.16 -15.48 14.24
N LEU A 9 -22.23 -14.53 14.37
CA LEU A 9 -21.26 -14.27 13.32
C LEU A 9 -19.80 -14.41 13.81
N ILE A 10 -18.85 -14.33 12.88
CA ILE A 10 -17.42 -14.35 13.23
C ILE A 10 -16.81 -13.04 12.75
N GLN A 11 -15.85 -12.50 13.50
CA GLN A 11 -15.09 -11.34 13.01
C GLN A 11 -14.65 -11.55 11.54
N PRO A 12 -14.74 -10.49 10.72
CA PRO A 12 -14.38 -10.58 9.30
C PRO A 12 -12.92 -10.95 9.11
N GLY A 13 -12.67 -11.85 8.18
CA GLY A 13 -11.30 -12.26 7.93
C GLY A 13 -10.72 -13.37 8.82
N LEU A 14 -11.46 -13.80 9.84
CA LEU A 14 -11.06 -14.95 10.68
C LEU A 14 -11.70 -16.21 10.18
N ASN A 15 -10.89 -17.26 10.07
CA ASN A 15 -11.37 -18.59 9.74
C ASN A 15 -11.17 -19.48 10.97
N LEU A 16 -12.24 -20.10 11.46
CA LEU A 16 -12.20 -20.90 12.69
C LEU A 16 -12.32 -22.38 12.39
N ILE A 17 -11.56 -23.22 13.10
CA ILE A 17 -11.81 -24.64 13.10
C ILE A 17 -11.79 -25.10 14.56
N HIS A 18 -12.57 -26.14 14.85
CA HIS A 18 -12.84 -26.60 16.20
C HIS A 18 -12.75 -28.12 16.28
N PRO A 19 -12.29 -28.65 17.39
CA PRO A 19 -12.47 -30.10 17.62
C PRO A 19 -13.97 -30.41 17.88
N LEU A 20 -14.60 -31.21 17.02
CA LEU A 20 -16.06 -31.47 17.05
C LEU A 20 -16.41 -32.97 17.17
N GLN A 21 -15.45 -33.87 16.97
CA GLN A 21 -15.76 -35.30 17.07
C GLN A 21 -14.53 -36.09 17.44
N VAL A 22 -14.62 -36.92 18.47
CA VAL A 22 -13.50 -37.79 18.82
C VAL A 22 -13.30 -38.79 17.69
N PHE A 23 -12.10 -38.80 17.12
CA PHE A 23 -11.72 -39.82 16.16
C PHE A 23 -11.04 -41.05 16.82
N GLU A 24 -10.16 -40.79 17.79
CA GLU A 24 -9.41 -41.88 18.41
C GLU A 24 -8.89 -41.42 19.76
N VAL A 25 -8.94 -42.33 20.72
CA VAL A 25 -8.39 -42.16 22.06
C VAL A 25 -7.25 -43.16 22.28
N GLU A 26 -6.15 -42.67 22.83
CA GLU A 26 -4.94 -43.45 22.99
C GLU A 26 -4.41 -43.15 24.39
N GLN A 27 -3.94 -44.18 25.08
CA GLN A 27 -3.28 -43.99 26.36
C GLN A 27 -1.77 -44.07 26.14
N GLN A 28 -1.04 -43.05 26.58
CA GLN A 28 0.39 -42.95 26.37
C GLN A 28 1.07 -42.83 27.74
N ASP A 29 1.43 -43.98 28.33
CA ASP A 29 1.95 -44.06 29.69
C ASP A 29 0.89 -43.43 30.63
N ASN A 30 1.19 -42.27 31.22
CA ASN A 30 0.27 -41.67 32.19
C ASN A 30 -0.48 -40.45 31.64
N GLU A 31 -0.59 -40.39 30.31
CA GLU A 31 -1.26 -39.31 29.61
C GLU A 31 -2.34 -39.89 28.67
N MET A 32 -3.41 -39.13 28.48
CA MET A 32 -4.47 -39.53 27.58
C MET A 32 -4.44 -38.59 26.39
N VAL A 33 -4.31 -39.16 25.18
CA VAL A 33 -4.31 -38.38 23.94
C VAL A 33 -5.64 -38.57 23.18
N VAL A 34 -6.26 -37.48 22.75
CA VAL A 34 -7.52 -37.58 21.99
C VAL A 34 -7.30 -36.88 20.66
N TYR A 35 -7.53 -37.62 19.58
CA TYR A 35 -7.47 -37.01 18.26
C TYR A 35 -8.89 -36.61 17.93
N ALA A 36 -9.08 -35.33 17.62
CA ALA A 36 -10.44 -34.76 17.42
C ALA A 36 -10.52 -34.05 16.08
N ALA A 37 -11.45 -34.50 15.24
CA ALA A 37 -11.68 -33.94 13.91
C ALA A 37 -12.57 -32.72 13.97
N PRO A 38 -12.37 -31.78 13.05
CA PRO A 38 -13.26 -30.60 12.95
C PRO A 38 -14.53 -30.82 12.12
N ARG A 39 -14.86 -32.09 11.84
CA ARG A 39 -16.06 -32.47 11.11
C ARG A 39 -16.29 -33.96 11.32
N ASP A 40 -17.42 -34.45 10.83
CA ASP A 40 -17.79 -35.86 10.90
C ASP A 40 -16.79 -36.74 10.09
N VAL A 41 -15.95 -37.51 10.76
CA VAL A 41 -15.08 -38.41 10.00
C VAL A 41 -15.34 -39.89 10.27
N ARG A 42 -16.57 -40.22 10.65
CA ARG A 42 -16.99 -41.64 10.77
C ARG A 42 -16.77 -42.45 9.46
N GLU A 43 -17.02 -41.83 8.31
CA GLU A 43 -16.84 -42.49 6.99
C GLU A 43 -15.44 -42.27 6.43
N ARG A 44 -14.89 -43.30 5.82
CA ARG A 44 -13.51 -43.28 5.30
C ARG A 44 -13.38 -42.20 4.26
N THR A 45 -14.45 -41.91 3.51
CA THR A 45 -14.34 -40.90 2.47
C THR A 45 -14.04 -39.48 3.02
N TRP A 46 -14.35 -39.26 4.30
CA TRP A 46 -14.02 -38.00 4.96
C TRP A 46 -12.76 -38.04 5.83
N GLN A 47 -12.08 -39.18 5.86
CA GLN A 47 -10.85 -39.30 6.65
C GLN A 47 -9.60 -38.90 5.88
N LEU A 48 -9.69 -37.75 5.21
CA LEU A 48 -8.59 -37.11 4.46
C LEU A 48 -9.01 -35.69 4.12
N ASP A 49 -8.09 -34.87 3.64
CA ASP A 49 -8.41 -33.47 3.33
C ASP A 49 -9.16 -32.78 4.48
N THR A 50 -8.69 -33.00 5.71
CA THR A 50 -9.19 -32.28 6.87
C THR A 50 -8.06 -32.02 7.87
N PRO A 51 -8.12 -30.89 8.61
CA PRO A 51 -7.27 -30.74 9.79
C PRO A 51 -7.61 -31.73 10.90
N LEU A 52 -6.76 -31.86 11.91
CA LEU A 52 -7.07 -32.74 13.03
C LEU A 52 -6.39 -32.17 14.26
N PHE A 53 -7.14 -32.03 15.36
CA PHE A 53 -6.57 -31.55 16.62
C PHE A 53 -6.02 -32.72 17.41
N THR A 54 -5.00 -32.45 18.21
CA THR A 54 -4.40 -33.45 19.07
C THR A 54 -4.45 -32.87 20.49
N LEU A 55 -5.25 -33.48 21.35
CA LEU A 55 -5.41 -33.06 22.72
C LEU A 55 -4.69 -34.02 23.63
N ARG A 56 -3.78 -33.51 24.45
CA ARG A 56 -3.10 -34.32 25.44
C ARG A 56 -3.51 -33.87 26.86
N PHE A 57 -3.95 -34.83 27.67
CA PHE A 57 -4.24 -34.62 29.06
C PHE A 57 -3.18 -35.27 29.92
N PHE A 58 -2.69 -34.51 30.89
CA PHE A 58 -1.64 -34.99 31.76
C PHE A 58 -1.80 -34.30 33.11
N SER A 59 -1.08 -34.81 34.10
CA SER A 59 -1.07 -34.23 35.44
C SER A 59 0.34 -34.00 35.98
N PRO A 60 0.76 -32.73 36.09
CA PRO A 60 2.07 -32.37 36.65
C PRO A 60 2.14 -32.45 38.17
N GLN A 61 0.96 -32.41 38.83
CA GLN A 61 0.78 -32.47 40.27
C GLN A 61 -0.64 -32.97 40.57
N GLU A 62 -0.78 -33.57 41.75
CA GLU A 62 -2.08 -34.09 42.21
C GLU A 62 -3.15 -33.00 42.17
N GLY A 63 -4.29 -33.33 41.58
CA GLY A 63 -5.41 -32.40 41.45
C GLY A 63 -5.17 -31.27 40.46
N ILE A 64 -4.14 -31.42 39.61
CA ILE A 64 -3.97 -30.51 38.48
C ILE A 64 -4.04 -31.27 37.17
N VAL A 65 -4.94 -30.84 36.28
CA VAL A 65 -5.05 -31.46 34.96
C VAL A 65 -4.55 -30.46 33.88
N GLY A 66 -3.49 -30.84 33.19
CA GLY A 66 -2.98 -30.11 32.05
C GLY A 66 -3.70 -30.55 30.78
N VAL A 67 -3.99 -29.57 29.93
CA VAL A 67 -4.68 -29.80 28.66
C VAL A 67 -3.86 -29.06 27.61
N ARG A 68 -3.37 -29.80 26.63
CA ARG A 68 -2.60 -29.23 25.54
C ARG A 68 -3.37 -29.54 24.26
N ILE A 69 -3.87 -28.49 23.61
CA ILE A 69 -4.65 -28.60 22.36
C ILE A 69 -3.74 -28.11 21.24
N GLU A 70 -3.51 -28.98 20.27
CA GLU A 70 -2.56 -28.62 19.28
C GLU A 70 -2.92 -28.87 17.83
N HIS A 71 -2.52 -27.94 16.98
CA HIS A 71 -2.65 -28.04 15.54
C HIS A 71 -1.30 -28.58 15.02
N PHE A 72 -0.44 -27.72 14.45
CA PHE A 72 0.82 -28.22 13.91
C PHE A 72 1.90 -28.33 14.98
N GLN A 73 2.67 -29.42 14.96
CA GLN A 73 3.75 -29.63 15.93
C GLN A 73 5.07 -29.20 15.33
N GLY A 74 5.06 -28.83 14.05
CA GLY A 74 6.29 -28.52 13.34
C GLY A 74 6.86 -27.14 13.62
N ALA A 75 6.15 -26.29 14.36
CA ALA A 75 6.61 -24.92 14.69
C ALA A 75 7.82 -24.93 15.61
N LEU A 76 8.55 -23.82 15.66
CA LEU A 76 9.80 -23.76 16.45
C LEU A 76 9.74 -24.07 17.97
N ASN A 77 8.97 -23.30 18.73
CA ASN A 77 8.98 -23.40 20.20
C ASN A 77 10.35 -23.21 20.89
N ASN A 78 10.77 -21.96 20.96
CA ASN A 78 11.90 -21.67 21.79
C ASN A 78 11.38 -21.23 23.15
N GLY A 79 12.27 -21.34 24.14
CA GLY A 79 11.97 -20.84 25.46
C GLY A 79 12.05 -19.31 25.48
N PRO A 80 11.94 -18.72 26.66
CA PRO A 80 11.82 -19.46 27.94
C PRO A 80 10.43 -20.01 28.22
N HIS A 81 10.35 -20.94 29.16
CA HIS A 81 9.08 -21.51 29.61
C HIS A 81 8.97 -21.18 31.07
N TYR A 82 7.75 -21.21 31.57
CA TYR A 82 7.51 -20.93 32.97
C TYR A 82 8.25 -21.93 33.90
N PRO A 83 8.59 -21.48 35.10
CA PRO A 83 9.33 -22.33 36.05
C PRO A 83 8.46 -23.34 36.83
N LEU A 84 7.79 -24.21 36.07
CA LEU A 84 6.80 -25.14 36.61
C LEU A 84 7.44 -26.34 37.29
N ASN A 85 6.89 -26.76 38.42
CA ASN A 85 7.37 -27.97 39.09
C ASN A 85 6.52 -29.13 38.58
N ILE A 86 7.11 -29.93 37.70
CA ILE A 86 6.37 -30.95 36.99
C ILE A 86 6.86 -32.30 37.51
N LEU A 87 5.92 -33.07 38.09
CA LEU A 87 6.19 -34.43 38.49
C LEU A 87 5.91 -35.38 37.31
N GLN A 88 6.68 -36.46 37.22
CA GLN A 88 6.50 -37.48 36.18
C GLN A 88 5.59 -38.66 36.60
N ASP A 89 5.34 -38.83 37.91
CA ASP A 89 4.68 -40.05 38.43
C ASP A 89 3.43 -39.77 39.26
N VAL A 90 2.71 -38.71 38.92
CA VAL A 90 1.48 -38.46 39.64
C VAL A 90 0.55 -39.65 39.37
N LYS A 91 -0.18 -40.07 40.39
CA LYS A 91 -1.17 -41.13 40.25
C LYS A 91 -2.43 -40.67 39.49
N VAL A 92 -2.67 -41.26 38.32
CA VAL A 92 -3.78 -40.85 37.52
C VAL A 92 -4.57 -42.07 37.04
N THR A 93 -5.83 -41.83 36.69
CA THR A 93 -6.74 -42.83 36.15
C THR A 93 -7.17 -42.41 34.75
N ILE A 94 -7.17 -43.35 33.82
CA ILE A 94 -7.67 -43.13 32.47
C ILE A 94 -8.79 -44.10 32.19
N GLU A 95 -9.98 -43.57 31.86
CA GLU A 95 -11.11 -44.40 31.44
C GLU A 95 -11.52 -44.12 30.01
N ASN A 96 -11.62 -45.19 29.24
CA ASN A 96 -11.89 -45.08 27.84
C ASN A 96 -13.12 -45.94 27.49
N THR A 97 -14.29 -45.32 27.50
CA THR A 97 -15.52 -46.04 27.22
C THR A 97 -16.17 -45.68 25.87
N GLU A 98 -17.25 -46.38 25.58
CA GLU A 98 -18.08 -46.15 24.41
C GLU A 98 -18.50 -44.71 24.32
N ARG A 99 -18.88 -44.14 25.46
CA ARG A 99 -19.45 -42.79 25.52
C ARG A 99 -18.44 -41.63 25.79
N TYR A 100 -17.29 -41.94 26.40
CA TYR A 100 -16.41 -40.92 27.01
C TYR A 100 -14.98 -41.39 27.07
N ALA A 101 -14.05 -40.45 27.08
CA ALA A 101 -12.68 -40.66 27.53
C ALA A 101 -12.45 -39.72 28.71
N GLU A 102 -11.94 -40.26 29.81
CA GLU A 102 -11.79 -39.49 31.05
C GLU A 102 -10.44 -39.70 31.68
N PHE A 103 -9.81 -38.58 32.04
CA PHE A 103 -8.46 -38.57 32.61
C PHE A 103 -8.59 -37.89 33.96
N LYS A 104 -8.13 -38.58 35.02
CA LYS A 104 -8.35 -38.09 36.39
C LYS A 104 -7.08 -38.07 37.24
N SER A 105 -6.90 -36.97 37.99
CA SER A 105 -5.80 -36.77 38.97
C SER A 105 -6.38 -36.27 40.29
N GLY A 106 -6.24 -37.07 41.36
CA GLY A 106 -6.91 -36.74 42.61
C GLY A 106 -8.41 -36.66 42.35
N ASN A 107 -9.10 -35.60 42.80
CA ASN A 107 -10.58 -35.52 42.62
C ASN A 107 -10.99 -34.90 41.28
N LEU A 108 -10.00 -34.48 40.51
CA LEU A 108 -10.25 -33.67 39.32
C LEU A 108 -10.10 -34.51 38.07
N SER A 109 -11.13 -34.47 37.23
CA SER A 109 -11.02 -35.08 35.90
C SER A 109 -11.40 -34.17 34.73
N ALA A 110 -10.83 -34.53 33.57
CA ALA A 110 -11.30 -34.04 32.30
C ALA A 110 -11.93 -35.18 31.49
N ARG A 111 -13.17 -34.98 31.07
CA ARG A 111 -13.93 -35.97 30.30
C ARG A 111 -14.29 -35.37 28.95
N VAL A 112 -14.03 -36.13 27.88
CA VAL A 112 -14.38 -35.74 26.52
C VAL A 112 -15.49 -36.72 26.05
N SER A 113 -16.64 -36.17 25.63
CA SER A 113 -17.73 -37.01 25.10
C SER A 113 -17.50 -37.49 23.66
N LYS A 114 -17.75 -38.77 23.42
CA LYS A 114 -17.62 -39.34 22.07
C LYS A 114 -18.92 -39.20 21.26
N GLY A 115 -18.85 -39.48 19.97
CA GLY A 115 -20.04 -39.41 19.13
C GLY A 115 -20.45 -38.01 18.66
N GLU A 116 -21.74 -37.88 18.45
CA GLU A 116 -22.35 -36.70 17.85
C GLU A 116 -22.21 -35.42 18.67
N PHE A 117 -22.21 -35.54 20.01
CA PHE A 117 -22.21 -34.36 20.89
C PHE A 117 -20.88 -34.23 21.63
N TRP A 118 -19.96 -33.50 21.01
CA TRP A 118 -18.68 -33.24 21.62
C TRP A 118 -18.90 -32.35 22.85
N SER A 119 -18.21 -32.71 23.92
CA SER A 119 -18.17 -31.86 25.12
C SER A 119 -16.83 -32.10 25.83
N LEU A 120 -16.24 -31.06 26.41
CA LEU A 120 -15.06 -31.22 27.29
C LEU A 120 -15.42 -30.73 28.68
N ASP A 121 -15.56 -31.65 29.63
CA ASP A 121 -16.03 -31.33 30.96
C ASP A 121 -14.93 -31.55 32.01
N PHE A 122 -14.73 -30.56 32.88
CA PHE A 122 -13.87 -30.72 34.04
C PHE A 122 -14.77 -31.04 35.23
N LEU A 123 -14.41 -32.07 35.95
CA LEU A 123 -15.27 -32.73 36.91
C LEU A 123 -14.59 -32.85 38.25
N ARG A 124 -15.32 -32.55 39.33
CA ARG A 124 -14.83 -32.79 40.67
C ARG A 124 -15.74 -33.81 41.30
N ASN A 125 -15.15 -34.98 41.61
CA ASN A 125 -15.89 -36.15 42.07
C ASN A 125 -17.10 -36.36 41.18
N GLY A 126 -16.93 -36.27 39.86
CA GLY A 126 -18.05 -36.47 38.94
C GLY A 126 -19.07 -35.32 38.76
N GLU A 127 -18.89 -34.20 39.46
CA GLU A 127 -19.76 -33.03 39.24
C GLU A 127 -19.00 -32.01 38.36
N ARG A 128 -19.68 -31.48 37.35
CA ARG A 128 -19.08 -30.52 36.42
C ARG A 128 -18.80 -29.17 37.09
N ILE A 129 -17.54 -28.78 37.16
CA ILE A 129 -17.17 -27.49 37.74
C ILE A 129 -16.95 -26.40 36.64
N THR A 130 -16.62 -26.84 35.43
CA THR A 130 -16.51 -25.95 34.27
C THR A 130 -16.32 -26.88 33.11
N GLY A 131 -15.99 -26.31 31.96
CA GLY A 131 -15.72 -27.08 30.77
C GLY A 131 -15.76 -26.21 29.52
N SER A 132 -15.49 -26.83 28.38
CA SER A 132 -15.54 -26.18 27.06
C SER A 132 -16.67 -26.81 26.27
N GLN A 133 -17.62 -25.99 25.83
CA GLN A 133 -18.69 -26.47 24.98
C GLN A 133 -18.20 -26.56 23.53
N VAL A 134 -18.91 -27.34 22.72
CA VAL A 134 -18.58 -27.50 21.32
C VAL A 134 -18.38 -26.15 20.58
N LYS A 135 -17.33 -26.08 19.78
CA LYS A 135 -16.96 -24.83 19.08
C LYS A 135 -16.41 -23.72 19.98
N ASN A 136 -16.21 -23.96 21.27
CA ASN A 136 -15.61 -22.91 22.11
C ASN A 136 -14.09 -23.08 22.35
N ASN A 137 -13.46 -24.00 21.64
CA ASN A 137 -12.00 -23.93 21.56
C ASN A 137 -11.61 -24.21 20.12
N GLY A 138 -10.34 -23.98 19.81
CA GLY A 138 -9.82 -24.29 18.50
C GLY A 138 -8.82 -23.29 17.97
N TYR A 139 -8.77 -23.24 16.64
CA TYR A 139 -7.72 -22.55 15.95
C TYR A 139 -8.33 -21.42 15.16
N VAL A 140 -7.64 -20.27 15.19
CA VAL A 140 -8.04 -19.06 14.44
C VAL A 140 -6.98 -18.73 13.41
N GLN A 141 -7.36 -18.79 12.14
CA GLN A 141 -6.51 -18.27 11.07
C GLN A 141 -6.98 -16.84 10.76
N ASP A 142 -6.15 -15.86 11.14
CA ASP A 142 -6.54 -14.47 10.98
C ASP A 142 -5.93 -14.01 9.65
N THR A 143 -6.76 -13.92 8.59
CA THR A 143 -6.26 -13.58 7.26
C THR A 143 -5.98 -12.09 7.07
N ASN A 144 -6.44 -11.24 8.01
CA ASN A 144 -6.15 -9.79 7.97
C ASN A 144 -4.67 -9.48 8.29
N ASN A 145 -4.13 -10.12 9.34
CA ASN A 145 -2.74 -9.93 9.78
C ASN A 145 -1.82 -11.16 9.50
N GLN A 146 -2.37 -12.21 8.90
CA GLN A 146 -1.65 -13.46 8.63
C GLN A 146 -0.99 -14.12 9.87
N ARG A 147 -1.63 -13.96 11.02
CA ARG A 147 -1.22 -14.64 12.24
C ARG A 147 -2.25 -15.72 12.60
N ASN A 148 -1.78 -16.75 13.32
CA ASN A 148 -2.64 -17.83 13.75
C ASN A 148 -2.66 -17.94 15.29
N TYR A 149 -3.85 -18.19 15.84
CA TYR A 149 -4.11 -18.28 17.28
C TYR A 149 -4.77 -19.57 17.69
N MET A 150 -4.61 -19.98 18.95
CA MET A 150 -5.39 -21.09 19.55
C MET A 150 -6.19 -20.46 20.66
N PHE A 151 -7.41 -20.94 20.89
CA PHE A 151 -8.22 -20.34 21.92
C PHE A 151 -9.05 -21.37 22.66
N GLU A 152 -9.45 -21.01 23.87
CA GLU A 152 -10.40 -21.80 24.69
C GLU A 152 -11.43 -20.83 25.36
N ARG A 153 -12.61 -21.36 25.66
CA ARG A 153 -13.54 -20.62 26.48
C ARG A 153 -14.05 -21.60 27.50
N LEU A 154 -13.70 -21.35 28.76
CA LEU A 154 -14.15 -22.19 29.89
C LEU A 154 -15.41 -21.57 30.55
N ASP A 155 -16.44 -22.39 30.76
CA ASP A 155 -17.72 -21.88 31.24
C ASP A 155 -17.63 -21.23 32.64
N LEU A 156 -18.52 -20.27 32.83
CA LEU A 156 -18.80 -19.73 34.15
C LEU A 156 -20.26 -20.05 34.44
N GLY A 157 -20.54 -20.58 35.62
CA GLY A 157 -21.91 -20.83 36.02
C GLY A 157 -22.63 -19.61 36.60
N VAL A 158 -23.89 -19.77 36.97
CA VAL A 158 -24.68 -18.64 37.46
C VAL A 158 -24.02 -18.17 38.74
N GLY A 159 -23.75 -16.86 38.81
CA GLY A 159 -23.12 -16.22 39.98
C GLY A 159 -21.64 -16.58 40.14
N GLU A 160 -20.98 -17.10 39.11
CA GLU A 160 -19.56 -17.42 39.24
C GLU A 160 -18.70 -16.17 38.93
N THR A 161 -17.83 -15.79 39.87
CA THR A 161 -17.05 -14.58 39.70
C THR A 161 -15.59 -15.02 39.56
N VAL A 162 -14.80 -14.18 38.89
CA VAL A 162 -13.44 -14.47 38.52
C VAL A 162 -12.49 -13.43 39.15
N TYR A 163 -11.32 -13.90 39.60
CA TYR A 163 -10.33 -13.09 40.29
C TYR A 163 -8.93 -13.40 39.76
N GLY A 164 -7.98 -12.50 40.02
CA GLY A 164 -6.57 -12.76 39.78
C GLY A 164 -6.07 -12.11 38.52
N LEU A 165 -5.31 -12.88 37.73
CA LEU A 165 -4.64 -12.38 36.52
C LEU A 165 -3.59 -11.31 36.86
N GLY A 166 -3.09 -11.34 38.11
CA GLY A 166 -1.93 -10.55 38.49
C GLY A 166 -2.35 -9.35 39.35
N GLU A 167 -1.45 -8.39 39.47
CA GLU A 167 -1.75 -7.23 40.32
C GLU A 167 -2.48 -6.21 39.42
N ARG A 168 -3.81 -6.16 39.50
CA ARG A 168 -4.57 -5.28 38.55
C ARG A 168 -5.32 -4.23 39.34
N PHE A 169 -5.58 -3.08 38.72
CA PHE A 169 -6.11 -1.91 39.43
C PHE A 169 -7.56 -1.58 39.05
N THR A 170 -8.11 -2.35 38.13
CA THR A 170 -9.51 -2.25 37.75
C THR A 170 -10.36 -2.92 38.82
N ALA A 171 -11.68 -2.97 38.57
CA ALA A 171 -12.59 -3.62 39.54
C ALA A 171 -12.07 -5.04 39.93
N LEU A 172 -12.25 -5.48 41.18
CA LEU A 172 -11.66 -6.73 41.70
C LEU A 172 -12.13 -8.01 40.94
N VAL A 173 -13.45 -8.09 40.75
CA VAL A 173 -14.07 -9.21 40.07
C VAL A 173 -13.89 -8.92 38.59
N ARG A 174 -13.37 -9.90 37.85
CA ARG A 174 -12.92 -9.67 36.47
C ARG A 174 -14.04 -9.75 35.44
N ASN A 175 -15.19 -10.32 35.82
CA ASN A 175 -16.31 -10.47 34.88
C ASN A 175 -16.59 -9.15 34.19
N GLY A 176 -16.53 -9.16 32.86
CA GLY A 176 -16.79 -7.96 32.04
C GLY A 176 -15.54 -7.28 31.50
N GLN A 177 -14.36 -7.78 31.91
CA GLN A 177 -13.12 -7.13 31.55
C GLN A 177 -12.32 -7.91 30.51
N THR A 178 -11.65 -7.19 29.61
CA THR A 178 -10.60 -7.83 28.85
C THR A 178 -9.26 -7.61 29.56
N VAL A 179 -8.42 -8.65 29.55
CA VAL A 179 -7.12 -8.59 30.20
C VAL A 179 -6.04 -9.17 29.28
N GLU A 180 -5.01 -8.37 29.02
CA GLU A 180 -3.84 -8.81 28.27
C GLU A 180 -2.69 -8.99 29.26
N THR A 181 -2.12 -10.18 29.34
CA THR A 181 -1.05 -10.41 30.33
C THR A 181 0.26 -10.01 29.72
N TRP A 182 0.55 -8.72 29.85
CA TRP A 182 1.72 -8.11 29.26
C TRP A 182 2.25 -7.00 30.18
N ASN A 183 3.43 -7.20 30.80
CA ASN A 183 3.99 -6.26 31.75
C ASN A 183 4.19 -4.90 31.12
N ARG A 184 3.75 -3.87 31.82
CA ARG A 184 3.91 -2.53 31.31
C ARG A 184 4.19 -1.61 32.48
N ASP A 185 4.74 -0.44 32.19
CA ASP A 185 4.88 0.62 33.20
C ASP A 185 3.77 1.65 32.95
N GLY A 186 2.63 1.44 33.59
CA GLY A 186 1.43 2.20 33.29
C GLY A 186 0.90 2.91 34.51
N GLY A 187 1.63 2.84 35.62
CA GLY A 187 1.12 3.32 36.90
C GLY A 187 0.07 2.37 37.48
N THR A 188 -0.78 2.90 38.36
CA THR A 188 -1.78 2.13 39.11
C THR A 188 -3.20 2.57 38.75
N SER A 189 -3.34 3.40 37.74
CA SER A 189 -4.63 4.07 37.47
C SER A 189 -5.30 3.62 36.20
N THR A 190 -4.74 2.60 35.55
CA THR A 190 -5.26 2.12 34.25
C THR A 190 -5.46 0.61 34.24
N GLU A 191 -5.94 0.10 33.10
CA GLU A 191 -6.08 -1.34 32.84
C GLU A 191 -4.69 -2.05 32.76
N GLN A 192 -3.62 -1.27 32.75
CA GLN A 192 -2.28 -1.87 32.60
C GLN A 192 -1.79 -2.40 33.93
N ALA A 193 -0.77 -3.26 33.91
CA ALA A 193 -0.22 -3.83 35.12
C ALA A 193 1.29 -4.03 34.95
N TYR A 194 2.02 -3.79 36.03
CA TYR A 194 3.44 -4.13 36.10
C TYR A 194 3.68 -5.64 36.27
N LYS A 195 2.71 -6.30 36.91
CA LYS A 195 2.82 -7.71 37.33
C LYS A 195 1.65 -8.54 36.82
N ASN A 196 1.83 -9.16 35.65
CA ASN A 196 0.74 -9.87 34.97
C ASN A 196 0.99 -11.34 35.18
N ILE A 197 -0.08 -12.10 35.42
CA ILE A 197 0.04 -13.51 35.68
C ILE A 197 -1.18 -14.13 35.01
N PRO A 198 -0.97 -15.04 34.05
CA PRO A 198 -2.11 -15.66 33.33
C PRO A 198 -2.76 -16.79 34.13
N PHE A 199 -3.03 -16.50 35.41
CA PHE A 199 -3.73 -17.38 36.31
C PHE A 199 -4.98 -16.67 36.82
N TYR A 200 -6.13 -17.33 36.74
CA TYR A 200 -7.31 -16.81 37.40
C TYR A 200 -7.92 -17.88 38.28
N MET A 201 -8.72 -17.45 39.24
CA MET A 201 -9.50 -18.38 40.02
C MET A 201 -10.91 -17.86 40.20
N THR A 202 -11.83 -18.72 40.61
CA THR A 202 -13.24 -18.32 40.77
C THR A 202 -13.75 -18.66 42.15
N ASN A 203 -14.98 -18.19 42.45
CA ASN A 203 -15.61 -18.52 43.70
C ASN A 203 -16.26 -19.91 43.64
N ARG A 204 -15.97 -20.70 42.61
CA ARG A 204 -16.39 -22.11 42.65
C ARG A 204 -15.22 -23.04 43.00
N GLY A 205 -14.10 -22.47 43.42
CA GLY A 205 -13.06 -23.30 43.99
C GLY A 205 -12.21 -24.11 43.04
N TYR A 206 -11.80 -23.47 41.94
CA TYR A 206 -10.79 -24.01 41.02
C TYR A 206 -10.08 -22.81 40.41
N GLY A 207 -8.89 -23.05 39.86
CA GLY A 207 -8.10 -22.05 39.16
C GLY A 207 -7.64 -22.57 37.81
N VAL A 208 -7.17 -21.67 36.96
CA VAL A 208 -6.69 -22.03 35.63
C VAL A 208 -5.42 -21.23 35.37
N LEU A 209 -4.32 -21.93 35.13
CA LEU A 209 -3.10 -21.31 34.68
C LEU A 209 -2.96 -21.58 33.16
N VAL A 210 -2.82 -20.52 32.37
CA VAL A 210 -2.61 -20.62 30.95
C VAL A 210 -1.08 -20.58 30.74
N ASN A 211 -0.54 -21.65 30.17
CA ASN A 211 0.89 -21.90 30.26
C ASN A 211 1.62 -21.30 29.08
N HIS A 212 1.61 -19.98 29.01
CA HIS A 212 2.18 -19.24 27.91
C HIS A 212 2.74 -17.92 28.44
N PRO A 213 4.07 -17.77 28.43
CA PRO A 213 4.72 -16.53 28.89
C PRO A 213 4.48 -15.30 27.97
N GLN A 214 4.16 -15.51 26.71
CA GLN A 214 3.96 -14.39 25.81
C GLN A 214 2.59 -13.74 26.16
N CYS A 215 2.13 -12.80 25.35
CA CYS A 215 0.86 -12.16 25.66
C CYS A 215 -0.25 -13.19 25.56
N VAL A 216 -1.05 -13.32 26.62
CA VAL A 216 -2.30 -14.07 26.56
C VAL A 216 -3.47 -13.05 26.65
N SER A 217 -4.46 -13.21 25.79
CA SER A 217 -5.57 -12.26 25.70
C SER A 217 -6.80 -12.91 26.33
N PHE A 218 -7.16 -12.44 27.51
CA PHE A 218 -8.33 -12.96 28.21
C PHE A 218 -9.52 -12.01 27.92
N GLU A 219 -10.66 -12.60 27.63
CA GLU A 219 -11.96 -11.93 27.58
C GLU A 219 -12.79 -12.58 28.65
N VAL A 220 -12.85 -11.94 29.80
CA VAL A 220 -13.38 -12.57 30.99
C VAL A 220 -14.88 -12.19 31.08
N GLY A 221 -15.76 -13.03 30.50
CA GLY A 221 -17.18 -12.71 30.33
C GLY A 221 -17.38 -11.39 29.57
N SER A 222 -16.42 -11.06 28.74
CA SER A 222 -16.43 -9.77 28.06
C SER A 222 -16.64 -9.90 26.55
N GLU A 223 -16.61 -11.13 26.02
CA GLU A 223 -16.99 -11.41 24.63
C GLU A 223 -18.17 -12.35 24.68
N LYS A 224 -17.95 -13.47 25.32
CA LYS A 224 -18.97 -14.44 25.68
C LYS A 224 -19.20 -14.25 27.18
N VAL A 225 -20.37 -13.75 27.52
CA VAL A 225 -20.62 -13.28 28.87
C VAL A 225 -20.61 -14.42 29.91
N SER A 226 -20.82 -15.66 29.48
CA SER A 226 -20.79 -16.78 30.43
C SER A 226 -19.50 -17.62 30.28
N LYS A 227 -18.41 -17.02 29.83
CA LYS A 227 -17.20 -17.80 29.64
C LYS A 227 -16.01 -16.94 29.87
N VAL A 228 -14.92 -17.58 30.31
CA VAL A 228 -13.60 -16.98 30.26
C VAL A 228 -12.92 -17.49 29.00
N GLN A 229 -12.64 -16.57 28.10
CA GLN A 229 -12.00 -16.85 26.83
C GLN A 229 -10.55 -16.46 26.97
N PHE A 230 -9.68 -17.32 26.47
CA PHE A 230 -8.29 -16.94 26.37
C PHE A 230 -7.72 -17.43 25.05
N SER A 231 -6.89 -16.59 24.44
CA SER A 231 -6.29 -16.91 23.15
C SER A 231 -4.83 -16.50 23.16
N VAL A 232 -4.02 -17.17 22.33
CA VAL A 232 -2.60 -16.93 22.32
C VAL A 232 -2.13 -17.15 20.89
N GLU A 233 -1.18 -16.38 20.41
CA GLU A 233 -0.62 -16.62 19.08
C GLU A 233 0.36 -17.81 19.13
N SER A 234 -0.10 -18.98 18.69
CA SER A 234 0.63 -20.22 18.91
C SER A 234 -0.09 -21.30 18.09
N GLU A 235 0.67 -22.35 17.75
CA GLU A 235 0.13 -23.57 17.15
C GLU A 235 -0.40 -24.54 18.18
N TYR A 236 -0.23 -24.26 19.47
CA TYR A 236 -0.87 -25.11 20.50
C TYR A 236 -1.29 -24.20 21.63
N LEU A 237 -2.29 -24.63 22.39
CA LEU A 237 -2.66 -23.92 23.61
C LEU A 237 -2.48 -24.92 24.75
N GLU A 238 -1.85 -24.51 25.83
CA GLU A 238 -1.74 -25.41 26.96
C GLU A 238 -2.21 -24.71 28.21
N TYR A 239 -3.08 -25.34 28.95
CA TYR A 239 -3.52 -24.75 30.21
C TYR A 239 -3.71 -25.82 31.27
N PHE A 240 -3.72 -25.41 32.55
CA PHE A 240 -3.95 -26.28 33.67
C PHE A 240 -5.16 -25.87 34.49
N VAL A 241 -6.06 -26.83 34.74
CA VAL A 241 -7.20 -26.64 35.62
C VAL A 241 -6.73 -27.18 36.96
N ILE A 242 -6.89 -26.38 38.02
CA ILE A 242 -6.24 -26.61 39.33
C ILE A 242 -7.36 -26.70 40.35
N ASP A 243 -7.53 -27.88 40.98
CA ASP A 243 -8.67 -28.11 41.88
C ASP A 243 -8.47 -27.39 43.21
N GLY A 244 -9.55 -27.10 43.93
CA GLY A 244 -9.54 -26.56 45.27
C GLY A 244 -9.88 -27.62 46.33
N PRO A 245 -11.13 -27.72 46.83
CA PRO A 245 -12.32 -27.02 46.30
C PRO A 245 -12.55 -25.60 46.85
N THR A 246 -11.61 -25.11 47.65
CA THR A 246 -11.68 -23.74 48.18
C THR A 246 -10.58 -22.88 47.54
N PRO A 247 -10.75 -21.57 47.53
CA PRO A 247 -9.69 -20.66 47.04
C PRO A 247 -8.29 -20.89 47.65
N LYS A 248 -8.21 -21.17 48.96
CA LYS A 248 -6.91 -21.35 49.60
C LYS A 248 -6.25 -22.64 49.15
N ALA A 249 -7.07 -23.64 48.89
CA ALA A 249 -6.58 -24.94 48.40
C ALA A 249 -6.11 -24.81 46.98
N VAL A 250 -6.83 -24.01 46.17
CA VAL A 250 -6.34 -23.71 44.81
C VAL A 250 -4.94 -23.10 44.87
N LEU A 251 -4.78 -22.09 45.72
CA LEU A 251 -3.54 -21.32 45.83
C LEU A 251 -2.40 -22.18 46.38
N ASP A 252 -2.75 -23.08 47.31
CA ASP A 252 -1.79 -24.08 47.82
C ASP A 252 -1.27 -24.95 46.66
N ARG A 253 -2.17 -25.51 45.84
CA ARG A 253 -1.73 -26.25 44.64
C ARG A 253 -0.95 -25.39 43.65
N TYR A 254 -1.50 -24.21 43.34
CA TYR A 254 -0.87 -23.30 42.40
C TYR A 254 0.52 -22.91 42.83
N THR A 255 0.72 -22.57 44.10
CA THR A 255 2.09 -22.20 44.56
C THR A 255 3.06 -23.40 44.76
N ARG A 256 2.54 -24.60 45.03
CA ARG A 256 3.39 -25.83 44.96
C ARG A 256 3.83 -26.02 43.49
N PHE A 257 2.93 -25.72 42.57
CA PHE A 257 3.18 -25.92 41.13
C PHE A 257 4.15 -24.88 40.57
N THR A 258 3.98 -23.63 41.02
CA THR A 258 4.76 -22.50 40.44
C THR A 258 5.81 -21.84 41.31
N GLY A 259 5.78 -22.14 42.61
CA GLY A 259 6.72 -21.53 43.55
C GLY A 259 6.03 -21.04 44.80
N ARG A 260 6.59 -21.45 45.95
CA ARG A 260 6.17 -20.95 47.24
C ARG A 260 6.76 -19.56 47.53
N PRO A 261 5.95 -18.60 48.00
CA PRO A 261 6.50 -17.35 48.58
C PRO A 261 7.57 -17.71 49.60
N ALA A 262 8.72 -17.04 49.56
CA ALA A 262 9.73 -17.24 50.62
C ALA A 262 9.20 -16.53 51.85
N LEU A 263 9.66 -16.95 53.02
CA LEU A 263 9.39 -16.21 54.26
C LEU A 263 10.38 -15.05 54.46
N PRO A 264 9.92 -13.82 54.39
CA PRO A 264 10.84 -12.68 54.58
C PRO A 264 11.31 -12.53 56.05
N PRO A 265 12.54 -12.02 56.28
CA PRO A 265 13.01 -11.86 57.67
C PRO A 265 12.02 -10.99 58.47
N ALA A 266 11.99 -11.18 59.78
CA ALA A 266 11.07 -10.46 60.64
C ALA A 266 11.29 -8.94 60.61
N TRP A 267 12.55 -8.55 60.45
CA TRP A 267 12.85 -7.13 60.45
C TRP A 267 12.19 -6.37 59.30
N SER A 268 11.95 -7.05 58.19
CA SER A 268 11.40 -6.40 56.97
C SER A 268 9.96 -5.98 57.19
N PHE A 269 9.35 -6.55 58.23
CA PHE A 269 7.97 -6.24 58.61
C PHE A 269 7.89 -4.94 59.43
N GLY A 270 9.02 -4.27 59.66
CA GLY A 270 9.00 -2.98 60.35
C GLY A 270 8.64 -1.81 59.43
N LEU A 271 8.84 -0.57 59.90
CA LEU A 271 8.61 0.59 59.04
C LEU A 271 9.80 0.91 58.19
N TRP A 272 9.53 1.05 56.88
CA TRP A 272 10.51 1.55 55.89
C TRP A 272 10.23 3.04 55.60
N LEU A 273 11.31 3.81 55.46
CA LEU A 273 11.27 5.20 55.03
C LEU A 273 12.26 5.41 53.90
N THR A 274 11.89 6.23 52.93
CA THR A 274 12.83 6.49 51.86
C THR A 274 13.21 7.96 51.87
N THR A 275 14.17 8.24 50.99
CA THR A 275 14.57 9.58 50.68
C THR A 275 13.54 10.27 49.80
N SER A 276 12.56 9.51 49.29
CA SER A 276 11.71 9.93 48.15
C SER A 276 12.52 10.01 46.86
N PHE A 277 11.86 10.36 45.74
CA PHE A 277 12.43 10.07 44.40
C PHE A 277 13.27 11.23 43.86
N THR A 278 12.62 12.32 43.47
CA THR A 278 13.32 13.50 42.89
C THR A 278 13.51 14.67 43.86
N THR A 279 13.27 14.41 45.15
CA THR A 279 13.65 15.34 46.22
C THR A 279 15.19 15.38 46.31
N ASN A 280 15.72 16.27 47.15
CA ASN A 280 17.15 16.34 47.40
C ASN A 280 17.55 15.42 48.54
N TYR A 281 18.72 14.80 48.44
CA TYR A 281 19.19 13.99 49.53
C TYR A 281 20.68 13.75 49.56
N ASP A 282 21.23 13.79 50.76
CA ASP A 282 22.64 13.52 51.01
C ASP A 282 22.76 12.92 52.40
N GLU A 283 23.97 12.62 52.88
CA GLU A 283 24.09 12.06 54.22
C GLU A 283 23.34 12.91 55.27
N ALA A 284 23.49 14.23 55.21
CA ALA A 284 22.86 15.12 56.19
C ALA A 284 21.34 14.98 56.16
N THR A 285 20.74 15.02 54.98
CA THR A 285 19.28 14.83 54.87
C THR A 285 18.82 13.50 55.48
N VAL A 286 19.51 12.43 55.14
CA VAL A 286 19.19 11.11 55.65
C VAL A 286 19.21 11.10 57.21
N ASN A 287 20.32 11.58 57.81
CA ASN A 287 20.44 11.76 59.28
C ASN A 287 19.33 12.64 59.87
N SER A 288 19.03 13.73 59.19
CA SER A 288 17.90 14.55 59.61
C SER A 288 16.62 13.70 59.74
N PHE A 289 16.40 12.80 58.80
CA PHE A 289 15.16 12.02 58.82
C PHE A 289 15.16 11.01 59.96
N ILE A 290 16.31 10.36 60.12
CA ILE A 290 16.47 9.32 61.12
C ILE A 290 16.46 9.89 62.56
N ASP A 291 17.16 11.01 62.76
CA ASP A 291 17.11 11.70 64.06
C ASP A 291 15.71 12.29 64.32
N GLY A 292 15.10 12.87 63.31
CA GLY A 292 13.73 13.35 63.41
C GLY A 292 12.73 12.28 63.88
N MET A 293 12.86 11.06 63.35
CA MET A 293 12.01 9.94 63.76
C MET A 293 12.28 9.59 65.24
N ALA A 294 13.56 9.33 65.57
CA ALA A 294 13.95 9.01 66.96
C ALA A 294 13.54 10.10 67.95
N GLU A 295 13.75 11.38 67.63
CA GLU A 295 13.35 12.45 68.56
C GLU A 295 11.84 12.58 68.80
N ARG A 296 11.05 12.00 67.88
CA ARG A 296 9.60 12.05 68.00
C ARG A 296 9.09 10.69 68.50
N ASN A 297 10.02 9.83 68.89
CA ASN A 297 9.66 8.51 69.38
C ASN A 297 8.89 7.69 68.30
N LEU A 298 9.29 7.83 67.03
CA LEU A 298 8.72 7.05 65.94
C LEU A 298 9.70 5.92 65.59
N PRO A 299 9.35 4.68 65.91
CA PRO A 299 10.22 3.56 65.54
C PRO A 299 10.40 3.53 64.02
N LEU A 300 11.60 3.15 63.61
CA LEU A 300 11.97 3.09 62.20
C LEU A 300 12.98 1.96 62.01
N HIS A 301 12.74 1.12 60.99
CA HIS A 301 13.50 -0.11 60.87
C HIS A 301 14.30 -0.27 59.62
N VAL A 302 13.84 0.34 58.52
CA VAL A 302 14.57 0.23 57.25
C VAL A 302 14.63 1.59 56.61
N PHE A 303 15.82 1.96 56.13
CA PHE A 303 15.94 3.19 55.36
C PHE A 303 16.36 2.88 53.91
N HIS A 304 15.71 3.54 52.96
CA HIS A 304 15.94 3.23 51.53
C HIS A 304 16.51 4.45 50.81
N PHE A 305 17.60 4.24 50.08
CA PHE A 305 18.14 5.25 49.18
C PHE A 305 17.55 5.09 47.78
N ASP A 306 16.80 6.10 47.29
CA ASP A 306 16.25 6.03 45.92
C ASP A 306 17.28 6.48 44.86
N CYS A 307 16.83 6.66 43.60
CA CYS A 307 17.67 6.65 42.40
C CYS A 307 18.90 7.56 42.41
N PHE A 308 18.73 8.78 42.96
CA PHE A 308 19.80 9.77 43.02
C PHE A 308 20.99 9.46 43.97
N TRP A 309 21.09 8.22 44.44
CA TRP A 309 22.33 7.80 45.09
C TRP A 309 23.42 7.60 44.06
N MET A 310 22.98 7.40 42.82
CA MET A 310 23.86 7.43 41.66
C MET A 310 23.66 8.74 40.87
N LYS A 311 24.65 9.06 40.05
CA LYS A 311 24.63 10.30 39.27
C LYS A 311 23.52 10.27 38.24
N ALA A 312 22.86 11.41 38.05
CA ALA A 312 21.78 11.56 37.09
C ALA A 312 22.21 11.08 35.71
N PHE A 313 21.28 10.43 35.03
CA PHE A 313 21.50 9.94 33.66
C PHE A 313 22.46 8.76 33.56
N GLN A 314 23.00 8.30 34.68
CA GLN A 314 23.91 7.14 34.69
C GLN A 314 23.28 5.91 35.33
N TRP A 315 21.98 6.00 35.61
CA TRP A 315 21.28 5.02 36.41
C TRP A 315 21.28 3.64 35.86
N CYS A 316 21.31 2.83 36.91
CA CYS A 316 21.95 1.61 37.21
C CYS A 316 23.34 1.22 36.76
N ASP A 317 24.29 2.10 37.08
CA ASP A 317 25.72 1.80 36.94
C ASP A 317 26.43 1.47 38.29
N PHE A 318 25.67 1.51 39.39
CA PHE A 318 26.12 1.14 40.73
C PHE A 318 27.19 2.02 41.42
N GLU A 319 27.52 3.18 40.85
CA GLU A 319 28.53 4.08 41.43
C GLU A 319 27.83 5.17 42.25
N TRP A 320 28.18 5.26 43.51
CA TRP A 320 27.66 6.34 44.36
C TRP A 320 28.03 7.69 43.76
N ASP A 321 27.12 8.63 43.87
CA ASP A 321 27.35 9.99 43.45
C ASP A 321 28.41 10.62 44.40
N PRO A 322 29.63 10.86 43.90
CA PRO A 322 30.74 11.34 44.74
C PRO A 322 30.47 12.68 45.44
N LEU A 323 29.63 13.52 44.83
CA LEU A 323 29.45 14.87 45.38
C LEU A 323 28.43 14.85 46.49
N THR A 324 27.39 14.07 46.29
CA THR A 324 26.33 13.91 47.25
C THR A 324 26.67 12.88 48.34
N PHE A 325 27.45 11.85 47.99
CA PHE A 325 27.81 10.78 48.93
C PHE A 325 29.29 10.47 48.86
N PRO A 326 30.12 11.31 49.46
CA PRO A 326 31.59 11.16 49.37
C PRO A 326 32.14 9.96 50.13
N ASP A 327 31.37 9.40 51.06
CA ASP A 327 31.87 8.31 51.91
C ASP A 327 30.77 7.28 52.11
N PRO A 328 30.43 6.57 51.05
CA PRO A 328 29.28 5.65 51.08
C PRO A 328 29.37 4.62 52.23
N GLU A 329 30.48 3.89 52.32
CA GLU A 329 30.60 2.84 53.33
C GLU A 329 30.56 3.39 54.76
N GLY A 330 31.31 4.45 55.05
CA GLY A 330 31.24 5.10 56.36
C GLY A 330 29.81 5.54 56.70
N MET A 331 29.12 6.19 55.75
CA MET A 331 27.73 6.58 55.97
C MET A 331 26.85 5.39 56.40
N ILE A 332 26.87 4.31 55.62
CA ILE A 332 25.91 3.26 55.92
C ILE A 332 26.32 2.54 57.22
N ARG A 333 27.63 2.52 57.51
CA ARG A 333 28.10 1.98 58.79
C ARG A 333 27.60 2.80 59.99
N ARG A 334 27.67 4.13 59.90
CA ARG A 334 27.00 4.97 60.90
C ARG A 334 25.48 4.70 60.94
N LEU A 335 24.84 4.60 59.79
CA LEU A 335 23.39 4.41 59.81
C LEU A 335 23.02 3.07 60.47
N LYS A 336 23.88 2.09 60.32
CA LYS A 336 23.63 0.75 60.84
C LYS A 336 23.96 0.59 62.35
N ALA A 337 24.83 1.44 62.89
CA ALA A 337 25.14 1.39 64.32
C ALA A 337 23.85 1.77 65.04
N LYS A 338 23.16 2.74 64.45
CA LYS A 338 21.80 3.12 64.86
C LYS A 338 20.74 2.04 64.56
N GLY A 339 21.12 0.75 64.52
CA GLY A 339 20.18 -0.36 64.44
C GLY A 339 19.36 -0.61 63.15
N LEU A 340 19.37 0.36 62.22
CA LEU A 340 18.66 0.28 60.94
C LEU A 340 19.18 -0.77 59.92
N LYS A 341 18.25 -1.31 59.13
CA LYS A 341 18.59 -2.01 57.88
C LYS A 341 18.58 -1.03 56.68
N ILE A 342 19.41 -1.32 55.67
CA ILE A 342 19.57 -0.42 54.53
C ILE A 342 19.18 -1.09 53.19
N CYS A 343 18.39 -0.34 52.42
CA CYS A 343 17.99 -0.74 51.07
C CYS A 343 18.50 0.34 50.09
N VAL A 344 18.90 -0.06 48.88
CA VAL A 344 19.17 0.90 47.82
C VAL A 344 18.37 0.51 46.54
N TRP A 345 17.98 1.53 45.78
CA TRP A 345 17.33 1.34 44.48
C TRP A 345 18.31 0.78 43.48
N ILE A 346 17.86 -0.21 42.68
CA ILE A 346 18.52 -0.67 41.44
C ILE A 346 17.53 -0.93 40.32
N ASN A 347 18.02 -1.11 39.10
CA ASN A 347 17.15 -1.60 38.04
C ASN A 347 18.01 -2.27 36.97
N PRO A 348 17.40 -2.87 35.94
CA PRO A 348 18.20 -3.63 34.98
C PRO A 348 18.44 -2.90 33.65
N TYR A 349 18.64 -1.58 33.70
CA TYR A 349 18.86 -0.75 32.54
C TYR A 349 20.07 0.17 32.83
N ILE A 350 20.73 0.70 31.80
CA ILE A 350 21.81 1.62 32.11
C ILE A 350 21.87 2.73 31.10
N GLY A 351 21.95 3.98 31.59
CA GLY A 351 22.05 5.15 30.75
C GLY A 351 23.42 5.31 30.09
N GLN A 352 23.41 5.74 28.83
CA GLN A 352 24.65 5.84 28.06
C GLN A 352 25.69 6.77 28.67
N LYS A 353 25.24 7.79 29.39
CA LYS A 353 26.17 8.71 30.08
C LYS A 353 27.20 8.02 31.01
N SER A 354 26.78 6.95 31.71
CA SER A 354 27.67 6.22 32.59
C SER A 354 29.01 5.78 31.95
N PRO A 355 30.13 6.01 32.65
CA PRO A 355 31.43 5.51 32.17
C PRO A 355 31.39 4.00 31.97
N VAL A 356 30.48 3.34 32.66
CA VAL A 356 30.36 1.89 32.66
C VAL A 356 29.71 1.35 31.36
N PHE A 357 28.86 2.16 30.74
CA PHE A 357 28.17 1.79 29.50
C PHE A 357 29.15 1.30 28.42
N LYS A 358 30.25 2.02 28.21
CA LYS A 358 31.26 1.64 27.22
C LYS A 358 31.89 0.25 27.47
N GLU A 359 32.14 -0.06 28.74
CA GLU A 359 32.71 -1.35 29.17
C GLU A 359 31.69 -2.46 28.83
N LEU A 360 30.41 -2.19 29.10
CA LEU A 360 29.33 -3.17 28.88
C LEU A 360 29.09 -3.47 27.40
N GLN A 361 29.18 -2.42 26.60
CA GLN A 361 29.04 -2.53 25.15
C GLN A 361 30.22 -3.30 24.57
N GLU A 362 31.43 -2.98 25.03
CA GLU A 362 32.62 -3.69 24.55
C GLU A 362 32.53 -5.17 24.87
N LYS A 363 32.07 -5.49 26.08
CA LYS A 363 32.01 -6.90 26.51
C LYS A 363 30.78 -7.62 25.99
N GLY A 364 29.79 -6.85 25.54
CA GLY A 364 28.66 -7.48 24.86
C GLY A 364 27.60 -7.96 25.82
N TYR A 365 27.41 -7.23 26.91
CA TYR A 365 26.53 -7.62 28.02
C TYR A 365 25.16 -6.93 27.93
N LEU A 366 24.98 -6.10 26.91
CA LEU A 366 23.73 -5.34 26.72
C LEU A 366 22.86 -5.91 25.61
N LEU A 367 21.55 -5.78 25.73
CA LEU A 367 20.61 -6.33 24.75
C LEU A 367 20.85 -5.71 23.38
N LYS A 368 21.00 -6.56 22.37
CA LYS A 368 21.28 -6.11 21.01
C LYS A 368 20.05 -6.27 20.11
N ARG A 369 20.05 -5.52 19.03
CA ARG A 369 19.17 -5.73 17.89
C ARG A 369 19.70 -6.87 17.01
N PRO A 370 18.88 -7.45 16.13
CA PRO A 370 19.34 -8.54 15.26
C PRO A 370 20.53 -8.16 14.38
N ASP A 371 20.74 -6.88 14.07
CA ASP A 371 21.89 -6.47 13.28
C ASP A 371 23.20 -6.41 14.09
N GLY A 372 23.13 -6.63 15.41
CA GLY A 372 24.32 -6.59 16.23
C GLY A 372 24.49 -5.24 16.95
N SER A 373 23.77 -4.20 16.56
CA SER A 373 23.85 -2.89 17.24
C SER A 373 23.13 -2.97 18.61
N LEU A 374 23.28 -1.94 19.45
CA LEU A 374 22.59 -1.95 20.75
C LEU A 374 21.13 -1.52 20.59
N TRP A 375 20.19 -2.22 21.24
CA TRP A 375 18.89 -1.63 21.47
C TRP A 375 19.04 -0.47 22.47
N GLN A 376 18.60 0.73 22.07
CA GLN A 376 18.55 1.90 22.97
C GLN A 376 17.27 2.67 22.73
N TRP A 377 16.79 3.39 23.76
CA TRP A 377 15.83 4.49 23.55
C TRP A 377 16.07 5.53 24.64
N ASP A 378 15.24 6.58 24.67
CA ASP A 378 15.42 7.71 25.59
C ASP A 378 14.38 7.79 26.70
N LYS A 379 13.55 6.77 26.85
CA LYS A 379 12.67 6.73 28.02
C LYS A 379 13.50 6.34 29.22
N TRP A 380 13.14 6.96 30.33
CA TRP A 380 13.77 6.78 31.65
C TRP A 380 15.18 7.36 31.74
N GLN A 381 16.12 6.85 30.95
CA GLN A 381 17.48 7.44 30.91
C GLN A 381 17.86 7.74 29.44
N PRO A 382 18.69 8.76 29.19
CA PRO A 382 19.15 9.00 27.83
C PRO A 382 19.98 7.83 27.33
N GLY A 383 19.73 7.35 26.12
CA GLY A 383 20.54 6.28 25.51
C GLY A 383 20.47 4.98 26.30
N LEU A 384 19.33 4.76 26.95
CA LEU A 384 19.17 3.67 27.89
C LEU A 384 19.35 2.35 27.14
N ALA A 385 20.18 1.45 27.72
CA ALA A 385 20.28 0.07 27.28
C ALA A 385 19.85 -0.87 28.41
N ILE A 386 19.64 -2.14 28.06
CA ILE A 386 19.11 -3.15 28.98
C ILE A 386 20.15 -4.26 29.16
N TYR A 387 20.37 -4.66 30.42
CA TYR A 387 21.30 -5.75 30.72
C TYR A 387 20.70 -7.07 30.18
N ASP A 388 21.47 -7.76 29.33
CA ASP A 388 21.02 -9.01 28.76
C ASP A 388 21.31 -10.14 29.75
N PHE A 389 20.30 -10.43 30.57
CA PHE A 389 20.41 -11.47 31.60
C PHE A 389 20.28 -12.90 31.06
N THR A 390 20.21 -13.08 29.75
CA THR A 390 20.36 -14.43 29.19
C THR A 390 21.83 -14.68 28.85
N ASN A 391 22.67 -13.68 29.02
CA ASN A 391 24.11 -13.81 28.80
C ASN A 391 24.76 -14.12 30.19
N PRO A 392 25.33 -15.31 30.37
CA PRO A 392 25.88 -15.73 31.68
C PRO A 392 26.92 -14.77 32.21
N ASP A 393 27.72 -14.20 31.33
CA ASP A 393 28.75 -13.29 31.81
C ASP A 393 28.18 -11.96 32.22
N ALA A 394 27.05 -11.55 31.61
CA ALA A 394 26.43 -10.27 31.96
C ALA A 394 25.83 -10.43 33.34
N CYS A 395 25.23 -11.61 33.57
CA CYS A 395 24.64 -11.95 34.87
C CYS A 395 25.65 -11.82 35.99
N LYS A 396 26.83 -12.38 35.76
CA LYS A 396 27.91 -12.43 36.73
C LYS A 396 28.42 -11.04 37.02
N TRP A 397 28.53 -10.24 35.97
CA TRP A 397 28.98 -8.85 36.11
C TRP A 397 28.03 -8.09 37.04
N TYR A 398 26.73 -8.27 36.81
CA TYR A 398 25.72 -7.51 37.55
C TYR A 398 25.67 -8.01 38.99
N ALA A 399 25.70 -9.33 39.16
CA ALA A 399 25.71 -9.92 40.50
C ALA A 399 26.89 -9.44 41.37
N ASP A 400 28.08 -9.37 40.76
CA ASP A 400 29.34 -8.93 41.41
C ASP A 400 29.23 -7.48 41.85
N LYS A 401 28.60 -6.63 41.03
CA LYS A 401 28.28 -5.27 41.50
C LYS A 401 27.39 -5.26 42.75
N LEU A 402 26.35 -6.10 42.77
CA LEU A 402 25.41 -6.14 43.89
C LEU A 402 26.14 -6.65 45.15
N LYS A 403 26.93 -7.71 44.98
CA LYS A 403 27.84 -8.21 46.03
C LYS A 403 28.77 -7.12 46.59
N GLY A 404 29.30 -6.25 45.75
CA GLY A 404 30.02 -5.05 46.22
C GLY A 404 29.21 -4.16 47.19
N LEU A 405 27.92 -3.95 46.89
CA LEU A 405 27.01 -3.17 47.74
C LEU A 405 26.71 -3.90 49.06
N VAL A 406 26.44 -5.21 49.00
CA VAL A 406 26.26 -5.98 50.23
C VAL A 406 27.53 -5.96 51.14
N ALA A 407 28.72 -6.00 50.55
CA ALA A 407 29.98 -6.00 51.32
C ALA A 407 30.14 -4.64 52.07
N MET A 408 29.43 -3.64 51.56
CA MET A 408 29.45 -2.27 52.05
C MET A 408 28.41 -2.10 53.15
N GLY A 409 27.58 -3.11 53.32
CA GLY A 409 26.57 -3.13 54.35
C GLY A 409 25.13 -2.92 53.87
N VAL A 410 24.87 -2.91 52.56
CA VAL A 410 23.48 -2.81 52.08
C VAL A 410 22.83 -4.16 52.39
N ASP A 411 21.61 -4.13 52.92
CA ASP A 411 20.94 -5.37 53.35
C ASP A 411 19.99 -5.95 52.35
N CYS A 412 19.43 -5.09 51.48
CA CYS A 412 18.41 -5.52 50.52
C CYS A 412 18.30 -4.52 49.36
N PHE A 413 17.60 -4.94 48.31
CA PHE A 413 17.51 -4.14 47.09
C PHE A 413 16.07 -3.88 46.71
N LYS A 414 15.85 -2.70 46.17
CA LYS A 414 14.58 -2.40 45.53
C LYS A 414 14.78 -2.63 44.03
N THR A 415 14.24 -3.74 43.54
CA THR A 415 14.39 -4.14 42.16
C THR A 415 13.24 -3.51 41.33
N ASP A 416 13.47 -2.28 40.90
CA ASP A 416 12.50 -1.47 40.18
C ASP A 416 12.56 -1.81 38.69
N PHE A 417 11.48 -1.48 37.99
CA PHE A 417 11.34 -1.69 36.54
C PHE A 417 11.39 -3.16 36.19
N GLY A 418 11.83 -3.47 34.96
CA GLY A 418 11.77 -4.81 34.42
C GLY A 418 10.58 -4.99 33.49
N GLU A 419 9.73 -3.97 33.32
CA GLU A 419 8.56 -4.18 32.46
C GLU A 419 8.62 -3.92 30.95
N ARG A 420 9.22 -2.79 30.55
CA ARG A 420 9.21 -2.40 29.16
C ARG A 420 10.37 -3.08 28.44
N ILE A 421 10.27 -4.41 28.26
CA ILE A 421 11.26 -5.14 27.52
C ILE A 421 10.83 -5.21 26.06
N PRO A 422 11.69 -4.70 25.16
CA PRO A 422 11.43 -4.71 23.73
C PRO A 422 11.43 -6.11 23.12
N THR A 423 10.64 -6.29 22.07
CA THR A 423 10.64 -7.52 21.30
C THR A 423 11.41 -7.43 19.97
N ASP A 424 11.78 -6.26 19.48
CA ASP A 424 12.60 -6.19 18.23
C ASP A 424 14.11 -6.38 18.49
N VAL A 425 14.48 -7.50 19.08
CA VAL A 425 15.83 -7.68 19.64
C VAL A 425 16.27 -9.11 19.43
N GLN A 426 17.54 -9.42 19.75
CA GLN A 426 18.02 -10.81 19.68
C GLN A 426 18.76 -11.06 20.98
N TRP A 427 18.23 -11.98 21.80
CA TRP A 427 18.74 -12.29 23.11
C TRP A 427 20.00 -13.15 22.96
N PHE A 428 20.94 -12.99 23.88
CA PHE A 428 22.18 -13.77 23.80
C PHE A 428 21.85 -15.28 23.61
N ASP A 429 20.88 -15.79 24.37
CA ASP A 429 20.54 -17.24 24.30
C ASP A 429 19.55 -17.61 23.19
N GLY A 430 19.16 -16.65 22.35
CA GLY A 430 18.30 -16.97 21.22
C GLY A 430 16.84 -17.23 21.58
N SER A 431 16.50 -16.94 22.83
CA SER A 431 15.10 -16.90 23.31
C SER A 431 14.08 -16.23 22.39
N ASP A 432 12.83 -16.69 22.49
CA ASP A 432 11.71 -16.03 21.80
C ASP A 432 11.46 -14.68 22.49
N PRO A 433 11.71 -13.58 21.79
CA PRO A 433 11.48 -12.26 22.40
C PRO A 433 10.04 -12.03 22.89
N GLN A 434 9.07 -12.71 22.29
CA GLN A 434 7.66 -12.55 22.76
C GLN A 434 7.47 -13.19 24.15
N LYS A 435 8.24 -14.21 24.47
CA LYS A 435 8.13 -14.86 25.80
C LYS A 435 9.01 -14.21 26.85
N MET A 436 10.14 -13.66 26.39
CA MET A 436 11.12 -13.01 27.24
C MET A 436 10.58 -11.71 27.80
N HIS A 437 9.59 -11.12 27.12
CA HIS A 437 9.03 -9.84 27.57
C HIS A 437 8.60 -9.90 29.03
N ASN A 438 7.75 -10.85 29.36
CA ASN A 438 7.23 -11.03 30.71
C ASN A 438 8.23 -11.74 31.63
N HIS A 439 8.92 -12.74 31.08
CA HIS A 439 9.74 -13.64 31.89
C HIS A 439 11.02 -12.96 32.34
N TYR A 440 11.44 -11.91 31.63
CA TYR A 440 12.56 -11.07 32.10
C TYR A 440 12.46 -10.65 33.56
N ALA A 441 11.26 -10.28 34.02
CA ALA A 441 11.03 -9.82 35.40
C ALA A 441 11.40 -10.95 36.35
N TYR A 442 11.09 -12.19 35.96
CA TYR A 442 11.43 -13.35 36.76
C TYR A 442 12.96 -13.54 36.81
N ILE A 443 13.64 -13.53 35.66
CA ILE A 443 15.10 -13.76 35.65
C ILE A 443 15.86 -12.69 36.39
N TYR A 444 15.43 -11.44 36.20
CA TYR A 444 16.02 -10.27 36.87
C TYR A 444 15.91 -10.41 38.37
N ASN A 445 14.68 -10.48 38.87
CA ASN A 445 14.45 -10.77 40.28
C ASN A 445 15.14 -12.02 40.87
N GLU A 446 15.15 -13.11 40.12
CA GLU A 446 15.80 -14.33 40.54
C GLU A 446 17.27 -14.07 40.82
N LEU A 447 17.95 -13.38 39.92
CA LEU A 447 19.36 -13.12 40.00
C LEU A 447 19.66 -12.35 41.29
N VAL A 448 18.85 -11.33 41.58
CA VAL A 448 19.10 -10.44 42.72
C VAL A 448 18.90 -11.19 44.04
N TRP A 449 17.81 -11.96 44.08
CA TRP A 449 17.50 -12.80 45.21
C TRP A 449 18.64 -13.76 45.51
N ASN A 450 19.18 -14.40 44.47
CA ASN A 450 20.28 -15.34 44.63
C ASN A 450 21.58 -14.68 45.13
N VAL A 451 21.82 -13.43 44.74
CA VAL A 451 22.94 -12.67 45.28
C VAL A 451 22.75 -12.53 46.78
N LEU A 452 21.55 -12.15 47.19
CA LEU A 452 21.26 -12.03 48.59
C LEU A 452 21.45 -13.40 49.28
N LYS A 453 20.92 -14.45 48.66
CA LYS A 453 21.03 -15.79 49.23
C LYS A 453 22.49 -16.19 49.51
N ASP A 454 23.38 -15.94 48.54
CA ASP A 454 24.82 -16.23 48.67
C ASP A 454 25.60 -15.25 49.55
N THR A 455 24.99 -14.12 49.93
CA THR A 455 25.73 -13.16 50.73
C THR A 455 25.24 -13.02 52.17
N VAL A 456 23.97 -12.66 52.35
CA VAL A 456 23.39 -12.50 53.68
C VAL A 456 22.66 -13.76 54.16
N GLY A 457 22.39 -14.67 53.25
CA GLY A 457 21.72 -15.89 53.63
C GLY A 457 20.26 -15.84 53.30
N GLU A 458 19.71 -17.00 52.95
CA GLU A 458 18.36 -17.08 52.40
C GLU A 458 17.34 -16.53 53.36
N GLU A 459 17.55 -16.75 54.64
CA GLU A 459 16.64 -16.27 55.66
C GLU A 459 16.66 -14.74 55.84
N GLU A 460 17.70 -14.11 55.32
CA GLU A 460 17.83 -12.65 55.38
C GLU A 460 17.52 -11.94 54.04
N ALA A 461 17.21 -12.73 53.00
CA ALA A 461 16.86 -12.23 51.67
C ALA A 461 15.48 -11.57 51.62
N VAL A 462 15.44 -10.37 51.06
CA VAL A 462 14.19 -9.69 50.79
C VAL A 462 14.41 -8.64 49.71
N LEU A 463 13.39 -8.40 48.87
CA LEU A 463 13.49 -7.41 47.80
C LEU A 463 12.30 -6.49 47.98
N PHE A 464 12.27 -5.38 47.23
CA PHE A 464 11.05 -4.57 47.05
C PHE A 464 10.91 -4.46 45.56
N ALA A 465 10.05 -5.32 45.01
CA ALA A 465 10.02 -5.59 43.58
C ALA A 465 8.82 -4.95 42.85
N ARG A 466 9.06 -4.31 41.70
CA ARG A 466 7.94 -3.67 40.96
C ARG A 466 7.32 -4.54 39.88
N SER A 467 8.12 -5.41 39.28
CA SER A 467 7.59 -6.24 38.20
C SER A 467 7.58 -7.72 38.59
N ALA A 468 6.77 -8.52 37.91
CA ALA A 468 6.72 -9.94 38.22
C ALA A 468 6.16 -10.74 37.08
N SER A 469 6.34 -12.05 37.17
CA SER A 469 5.86 -12.98 36.16
C SER A 469 5.74 -14.32 36.91
N VAL A 470 5.06 -15.31 36.33
CA VAL A 470 4.83 -16.58 37.02
C VAL A 470 6.12 -17.10 37.70
N GLY A 471 6.04 -17.45 38.97
CA GLY A 471 7.22 -17.91 39.69
C GLY A 471 7.86 -16.84 40.57
N ALA A 472 7.72 -15.57 40.18
CA ALA A 472 8.36 -14.47 40.93
C ALA A 472 7.90 -14.28 42.38
N GLN A 473 6.76 -14.86 42.76
CA GLN A 473 6.31 -14.79 44.15
C GLN A 473 7.33 -15.42 45.13
N LYS A 474 8.21 -16.26 44.59
CA LYS A 474 9.34 -16.84 45.33
C LYS A 474 10.33 -15.76 45.84
N PHE A 475 10.27 -14.55 45.27
CA PHE A 475 11.24 -13.51 45.59
C PHE A 475 10.57 -12.28 46.20
N PRO A 476 9.98 -12.48 47.38
CA PRO A 476 9.04 -11.50 47.89
C PRO A 476 9.61 -10.18 48.32
N VAL A 477 8.52 -9.49 48.63
CA VAL A 477 8.13 -8.14 48.68
C VAL A 477 7.97 -7.47 47.33
N HIS A 478 6.69 -7.27 47.04
CA HIS A 478 6.24 -6.64 45.84
C HIS A 478 5.46 -5.41 46.28
N TRP A 479 5.67 -4.31 45.60
CA TRP A 479 4.90 -3.12 45.94
C TRP A 479 4.13 -2.66 44.74
N GLY A 480 3.06 -1.91 44.97
CA GLY A 480 2.08 -1.64 43.93
C GLY A 480 2.40 -0.46 43.05
N GLY A 481 3.65 0.01 43.09
CA GLY A 481 4.10 0.99 42.12
C GLY A 481 3.60 2.43 42.35
N ASP A 482 3.49 3.19 41.28
CA ASP A 482 3.40 4.65 41.38
C ASP A 482 1.95 5.12 41.47
N CYS A 483 1.39 5.05 42.68
CA CYS A 483 0.01 5.47 42.93
C CYS A 483 -0.07 7.00 43.14
N TYR A 484 -1.29 7.51 43.34
CA TYR A 484 -1.46 8.97 43.56
C TYR A 484 -1.94 9.23 44.98
N ALA A 485 -1.63 10.43 45.49
CA ALA A 485 -1.97 10.82 46.86
C ALA A 485 -3.43 11.27 47.03
N ASN A 486 -4.38 10.39 46.73
CA ASN A 486 -5.81 10.66 46.96
C ASN A 486 -6.56 9.37 47.33
N TYR A 487 -7.82 9.48 47.80
CA TYR A 487 -8.60 8.33 48.24
C TYR A 487 -8.88 7.29 47.15
N GLU A 488 -9.27 7.78 45.95
CA GLU A 488 -9.56 6.92 44.83
C GLU A 488 -8.33 6.04 44.50
N SER A 489 -7.13 6.61 44.57
CA SER A 489 -5.91 5.81 44.26
C SER A 489 -5.45 4.89 45.42
N MET A 490 -5.78 5.31 46.65
CA MET A 490 -5.65 4.42 47.80
C MET A 490 -6.55 3.19 47.60
N ALA A 491 -7.77 3.42 47.12
CA ALA A 491 -8.69 2.29 46.85
C ALA A 491 -8.17 1.36 45.73
N GLU A 492 -7.63 1.94 44.65
CA GLU A 492 -7.20 1.15 43.50
C GLU A 492 -5.94 0.34 43.83
N SER A 493 -5.04 0.93 44.63
CA SER A 493 -3.89 0.23 45.19
C SER A 493 -4.36 -0.99 45.96
N LEU A 494 -5.35 -0.80 46.84
CA LEU A 494 -5.88 -1.93 47.60
C LEU A 494 -6.45 -3.05 46.66
N ARG A 495 -7.20 -2.67 45.63
CA ARG A 495 -7.64 -3.65 44.62
C ARG A 495 -6.45 -4.47 44.05
N GLY A 496 -5.37 -3.79 43.69
CA GLY A 496 -4.15 -4.44 43.21
C GLY A 496 -3.52 -5.39 44.23
N GLY A 497 -3.38 -4.92 45.48
CA GLY A 497 -2.90 -5.77 46.57
C GLY A 497 -3.75 -7.03 46.77
N LEU A 498 -5.07 -6.86 46.81
CA LEU A 498 -5.95 -8.01 46.97
C LEU A 498 -5.71 -8.97 45.77
N SER A 499 -5.66 -8.38 44.57
CA SER A 499 -5.48 -9.14 43.32
C SER A 499 -4.20 -9.96 43.27
N ILE A 500 -3.08 -9.36 43.69
CA ILE A 500 -1.79 -10.07 43.64
C ILE A 500 -1.79 -11.31 44.57
N GLY A 501 -2.49 -11.20 45.70
CA GLY A 501 -2.57 -12.31 46.63
C GLY A 501 -3.48 -13.40 46.06
N LEU A 502 -4.53 -13.02 45.31
CA LEU A 502 -5.36 -13.96 44.54
C LEU A 502 -4.60 -14.54 43.33
N SER A 503 -3.35 -14.11 43.11
CA SER A 503 -2.50 -14.58 41.99
C SER A 503 -1.20 -15.28 42.46
N GLY A 504 -1.12 -15.63 43.74
CA GLY A 504 0.01 -16.41 44.25
C GLY A 504 1.03 -15.67 45.10
N PHE A 505 0.88 -14.37 45.28
CA PHE A 505 1.94 -13.58 45.90
C PHE A 505 1.57 -13.34 47.37
N GLY A 506 2.50 -13.67 48.27
CA GLY A 506 2.20 -13.65 49.69
C GLY A 506 2.36 -12.33 50.41
N PHE A 507 3.13 -11.40 49.84
CA PHE A 507 3.56 -10.20 50.57
C PHE A 507 3.51 -8.98 49.67
N TRP A 508 3.07 -7.84 50.21
CA TRP A 508 2.72 -6.73 49.35
C TRP A 508 2.71 -5.43 50.13
N SER A 509 3.28 -4.41 49.50
CA SER A 509 3.38 -3.07 50.06
C SER A 509 2.82 -2.02 49.07
N HIS A 510 2.68 -0.79 49.51
CA HIS A 510 2.23 0.28 48.64
C HIS A 510 2.77 1.57 49.28
N ASP A 511 2.86 2.66 48.51
CA ASP A 511 3.51 3.85 49.02
C ASP A 511 2.58 4.64 49.92
N ILE A 512 2.87 4.60 51.22
CA ILE A 512 2.03 5.28 52.20
C ILE A 512 2.00 6.80 51.93
N GLY A 513 0.79 7.33 51.84
CA GLY A 513 0.59 8.72 51.52
C GLY A 513 0.47 8.97 50.02
N GLY A 514 0.58 7.91 49.21
CA GLY A 514 0.61 8.07 47.75
C GLY A 514 1.98 8.48 47.21
N PHE A 515 2.35 8.00 46.02
CA PHE A 515 3.66 8.30 45.48
C PHE A 515 3.64 9.68 44.82
N GLU A 516 2.75 9.86 43.82
CA GLU A 516 2.65 11.11 43.06
C GLU A 516 1.73 12.15 43.74
N ASN A 517 2.20 13.41 43.76
CA ASN A 517 1.53 14.54 44.45
C ASN A 517 1.73 14.46 45.98
N THR A 518 1.26 15.49 46.68
CA THR A 518 1.42 15.56 48.13
C THR A 518 0.02 15.42 48.71
N ALA A 519 -0.16 14.47 49.62
CA ALA A 519 -1.48 14.25 50.20
C ALA A 519 -1.83 15.39 51.13
N PRO A 520 -3.11 15.75 51.17
CA PRO A 520 -3.63 16.51 52.30
C PRO A 520 -3.43 15.61 53.53
N ALA A 521 -3.10 16.23 54.67
CA ALA A 521 -2.92 15.54 55.93
C ALA A 521 -3.90 14.41 56.22
N HIS A 522 -5.19 14.60 55.97
CA HIS A 522 -6.16 13.56 56.26
C HIS A 522 -6.00 12.27 55.40
N VAL A 523 -5.67 12.43 54.14
CA VAL A 523 -5.37 11.29 53.26
C VAL A 523 -4.12 10.59 53.74
N TYR A 524 -3.05 11.33 53.99
CA TYR A 524 -1.84 10.77 54.60
C TYR A 524 -2.11 9.94 55.84
N LYS A 525 -2.88 10.51 56.76
CA LYS A 525 -3.18 9.82 58.00
C LYS A 525 -3.99 8.53 57.80
N ARG A 526 -5.04 8.54 56.97
CA ARG A 526 -5.79 7.30 56.64
C ARG A 526 -4.95 6.21 56.00
N TRP A 527 -4.08 6.62 55.11
CA TRP A 527 -3.17 5.73 54.43
C TRP A 527 -2.17 5.11 55.37
N CYS A 528 -1.79 5.84 56.43
CA CYS A 528 -0.81 5.32 57.40
C CYS A 528 -1.39 4.12 58.14
N ALA A 529 -2.67 4.22 58.53
CA ALA A 529 -3.35 3.12 59.19
C ALA A 529 -3.40 1.89 58.29
N PHE A 530 -3.74 2.11 57.01
CA PHE A 530 -3.82 1.03 56.03
C PHE A 530 -2.44 0.41 55.78
N GLY A 531 -1.40 1.24 55.57
CA GLY A 531 -0.08 0.72 55.27
C GLY A 531 0.61 -0.02 56.41
N LEU A 532 0.34 0.39 57.66
CA LEU A 532 0.95 -0.30 58.80
C LEU A 532 0.16 -1.55 59.12
N LEU A 533 -1.00 -1.68 58.47
CA LEU A 533 -1.79 -2.91 58.56
C LEU A 533 -1.77 -3.70 57.24
N SER A 534 -0.67 -3.56 56.51
CA SER A 534 -0.37 -4.36 55.35
C SER A 534 0.86 -5.18 55.75
N SER A 535 1.16 -6.26 55.02
CA SER A 535 2.32 -7.07 55.41
C SER A 535 3.55 -6.22 55.44
N HIS A 536 3.76 -5.40 54.42
CA HIS A 536 4.93 -4.53 54.38
C HIS A 536 4.58 -3.05 54.22
N SER A 537 5.31 -2.21 54.97
CA SER A 537 4.92 -0.81 55.21
C SER A 537 6.02 0.15 54.84
N ARG A 538 5.80 0.94 53.78
CA ARG A 538 6.83 1.87 53.34
C ARG A 538 6.29 3.25 53.02
N LEU A 539 6.96 4.27 53.58
CA LEU A 539 6.69 5.67 53.33
C LEU A 539 7.61 6.10 52.18
N HIS A 540 7.04 6.39 51.02
CA HIS A 540 7.80 6.74 49.83
C HIS A 540 7.02 7.73 49.00
N GLY A 541 7.72 8.68 48.36
CA GLY A 541 7.07 9.75 47.60
C GLY A 541 7.85 10.16 46.36
N SER A 542 7.17 10.82 45.42
CA SER A 542 7.81 11.26 44.19
C SER A 542 8.57 12.60 44.36
N LYS A 543 7.83 13.67 44.64
CA LYS A 543 8.42 15.02 44.68
C LYS A 543 8.45 15.61 46.09
N SER A 544 7.89 14.90 47.06
CA SER A 544 7.90 15.43 48.43
C SER A 544 8.23 14.30 49.42
N TYR A 545 8.62 14.68 50.63
CA TYR A 545 9.03 13.69 51.64
C TYR A 545 7.80 13.10 52.36
N ARG A 546 7.96 11.89 52.90
CA ARG A 546 6.89 11.18 53.59
C ARG A 546 7.06 11.08 55.12
N VAL A 547 8.05 11.77 55.68
CA VAL A 547 8.14 11.92 57.15
C VAL A 547 6.88 12.62 57.66
N PRO A 548 6.24 12.12 58.72
CA PRO A 548 4.91 12.64 59.11
C PRO A 548 4.87 14.13 59.48
N TRP A 549 5.97 14.70 59.96
CA TRP A 549 5.98 16.10 60.33
C TRP A 549 5.94 17.03 59.13
N ALA A 550 6.01 16.47 57.93
CA ALA A 550 5.80 17.25 56.71
C ALA A 550 4.31 17.56 56.50
N TYR A 551 3.42 16.91 57.26
CA TYR A 551 1.98 17.05 57.05
C TYR A 551 1.31 17.81 58.17
N ASP A 552 1.40 17.29 59.40
CA ASP A 552 0.97 18.01 60.63
C ASP A 552 1.36 17.20 61.85
N ASP A 553 1.12 17.75 63.03
CA ASP A 553 1.56 17.12 64.28
C ASP A 553 0.82 15.83 64.54
N GLU A 554 -0.48 15.85 64.25
CA GLU A 554 -1.30 14.68 64.45
C GLU A 554 -0.76 13.47 63.61
N SER A 555 -0.24 13.74 62.42
CA SER A 555 0.33 12.68 61.58
C SER A 555 1.43 11.93 62.30
N CYS A 556 2.17 12.60 63.17
CA CYS A 556 3.22 11.91 63.96
C CYS A 556 2.59 10.93 64.95
N ASP A 557 1.47 11.32 65.58
CA ASP A 557 0.75 10.45 66.51
C ASP A 557 0.18 9.22 65.78
N VAL A 558 -0.31 9.45 64.55
CA VAL A 558 -0.89 8.36 63.75
C VAL A 558 0.21 7.34 63.44
N VAL A 559 1.35 7.81 62.92
CA VAL A 559 2.46 6.91 62.57
C VAL A 559 2.92 6.14 63.81
N ARG A 560 3.04 6.85 64.94
CA ARG A 560 3.46 6.23 66.19
C ARG A 560 2.49 5.16 66.62
N PHE A 561 1.21 5.50 66.67
CA PHE A 561 0.18 4.55 67.13
C PHE A 561 0.18 3.28 66.30
N PHE A 562 0.28 3.40 64.98
CA PHE A 562 0.16 2.23 64.12
C PHE A 562 1.45 1.41 64.00
N THR A 563 2.60 2.07 64.08
CA THR A 563 3.87 1.35 64.06
C THR A 563 4.00 0.49 65.31
N GLN A 564 3.68 1.10 66.47
CA GLN A 564 3.65 0.39 67.76
C GLN A 564 2.69 -0.80 67.72
N LEU A 565 1.50 -0.61 67.19
CA LEU A 565 0.49 -1.64 67.08
C LEU A 565 0.97 -2.80 66.21
N LYS A 566 1.59 -2.44 65.10
CA LYS A 566 2.07 -3.47 64.18
C LYS A 566 3.16 -4.31 64.83
N CYS A 567 4.07 -3.66 65.56
CA CYS A 567 5.12 -4.40 66.29
C CYS A 567 4.54 -5.29 67.39
N ARG A 568 3.51 -4.82 68.08
CA ARG A 568 2.85 -5.64 69.12
C ARG A 568 2.13 -6.83 68.47
N MET A 569 1.77 -6.66 67.18
CA MET A 569 1.02 -7.68 66.45
C MET A 569 1.91 -8.76 65.85
N MET A 570 3.23 -8.57 65.94
CA MET A 570 4.14 -9.47 65.23
C MET A 570 4.08 -10.96 65.55
N PRO A 571 3.79 -11.35 66.79
CA PRO A 571 3.64 -12.79 67.10
C PRO A 571 2.57 -13.43 66.25
N TYR A 572 1.45 -12.71 66.08
CA TYR A 572 0.33 -13.14 65.26
C TYR A 572 0.76 -13.04 63.77
N LEU A 573 1.28 -11.89 63.38
CA LEU A 573 1.59 -11.60 61.96
C LEU A 573 2.66 -12.50 61.35
N TYR A 574 3.73 -12.78 62.09
CA TYR A 574 4.74 -13.66 61.55
C TYR A 574 4.29 -15.08 61.37
N ARG A 575 3.42 -15.57 62.25
CA ARG A 575 2.86 -16.90 62.04
C ARG A 575 2.01 -16.93 60.78
N GLU A 576 1.28 -15.83 60.53
CA GLU A 576 0.51 -15.72 59.29
C GLU A 576 1.39 -15.65 58.03
N ALA A 577 2.54 -14.99 58.15
CA ALA A 577 3.57 -14.98 57.11
C ALA A 577 4.09 -16.38 56.79
N ALA A 578 4.25 -17.21 57.82
CA ALA A 578 4.71 -18.60 57.65
C ALA A 578 3.69 -19.37 56.83
N ARG A 579 2.39 -19.04 57.01
CA ARG A 579 1.29 -19.64 56.22
C ARG A 579 1.42 -19.36 54.72
N ALA A 580 1.84 -18.15 54.38
CA ALA A 580 2.16 -17.82 52.99
C ALA A 580 3.29 -18.71 52.40
N ASN A 581 4.36 -18.92 53.18
CA ASN A 581 5.47 -19.73 52.67
C ASN A 581 5.10 -21.21 52.56
N ALA A 582 4.26 -21.70 53.45
CA ALA A 582 3.92 -23.13 53.46
C ALA A 582 2.74 -23.51 52.56
N ARG A 583 1.74 -22.63 52.47
CA ARG A 583 0.52 -22.95 51.75
C ARG A 583 0.20 -21.92 50.67
N GLY A 584 1.07 -20.91 50.48
CA GLY A 584 0.81 -19.85 49.53
C GLY A 584 -0.40 -19.00 49.88
N THR A 585 -0.84 -19.04 51.14
CA THR A 585 -1.95 -18.17 51.61
C THR A 585 -1.42 -16.76 51.85
N PRO A 586 -1.89 -15.74 51.10
CA PRO A 586 -1.33 -14.39 51.24
C PRO A 586 -1.65 -13.81 52.60
N MET A 587 -0.87 -12.88 53.10
CA MET A 587 -1.25 -12.23 54.36
C MET A 587 -2.48 -11.31 54.18
N MET A 588 -2.59 -10.62 53.04
CA MET A 588 -3.72 -9.71 52.83
C MET A 588 -4.71 -10.45 51.96
N ARG A 589 -5.80 -10.91 52.55
CA ARG A 589 -6.72 -11.79 51.86
C ARG A 589 -8.04 -11.15 51.50
N ALA A 590 -8.44 -11.31 50.24
CA ALA A 590 -9.76 -10.86 49.83
C ALA A 590 -10.75 -11.62 50.69
N MET A 591 -11.83 -10.94 51.09
CA MET A 591 -12.84 -11.59 51.89
C MET A 591 -13.29 -12.90 51.25
N MET A 592 -13.39 -12.96 49.91
CA MET A 592 -13.92 -14.18 49.26
C MET A 592 -13.01 -15.41 49.53
N MET A 593 -11.72 -15.16 49.67
CA MET A 593 -10.75 -16.23 49.92
C MET A 593 -10.97 -16.84 51.28
N GLU A 594 -11.26 -15.99 52.25
CA GLU A 594 -11.44 -16.43 53.63
C GLU A 594 -12.85 -16.91 53.91
N PHE A 595 -13.84 -16.40 53.18
CA PHE A 595 -15.22 -16.81 53.44
C PHE A 595 -15.89 -17.20 52.15
N PRO A 596 -15.37 -18.26 51.51
CA PRO A 596 -15.75 -18.57 50.13
C PRO A 596 -17.20 -18.96 49.98
N ASP A 597 -17.82 -19.44 51.06
CA ASP A 597 -19.20 -19.90 51.04
C ASP A 597 -20.20 -18.74 51.20
N ASP A 598 -19.67 -17.54 51.45
CA ASP A 598 -20.55 -16.43 51.85
C ASP A 598 -20.84 -15.54 50.64
N PRO A 599 -22.07 -15.56 50.14
CA PRO A 599 -22.35 -14.81 48.91
C PRO A 599 -22.14 -13.30 49.12
N ALA A 600 -22.20 -12.82 50.35
CA ALA A 600 -22.02 -11.38 50.60
C ALA A 600 -20.58 -10.86 50.35
N CYS A 601 -19.62 -11.78 50.33
CA CYS A 601 -18.20 -11.48 50.17
C CYS A 601 -17.68 -11.41 48.75
N ASP A 602 -18.50 -11.79 47.77
CA ASP A 602 -18.08 -11.88 46.36
C ASP A 602 -17.36 -10.65 45.77
N TYR A 603 -17.87 -9.45 46.06
CA TYR A 603 -17.40 -8.22 45.47
C TYR A 603 -16.69 -7.28 46.45
N LEU A 604 -16.44 -7.74 47.66
CA LEU A 604 -15.84 -6.88 48.68
C LEU A 604 -14.40 -6.56 48.30
N ASP A 605 -14.11 -5.27 48.13
CA ASP A 605 -12.78 -4.84 47.70
C ASP A 605 -12.22 -3.66 48.50
N ARG A 606 -12.93 -3.19 49.53
CA ARG A 606 -12.51 -2.02 50.34
C ARG A 606 -12.14 -2.49 51.74
N GLN A 607 -12.11 -3.81 51.91
CA GLN A 607 -11.74 -4.41 53.16
C GLN A 607 -10.97 -5.70 52.87
N TYR A 608 -10.34 -6.24 53.90
CA TYR A 608 -9.56 -7.49 53.77
C TYR A 608 -9.36 -8.20 55.10
N MET A 609 -8.90 -9.46 55.05
CA MET A 609 -8.49 -10.16 56.27
C MET A 609 -6.98 -10.07 56.31
N LEU A 610 -6.43 -9.69 57.45
CA LEU A 610 -4.98 -9.67 57.62
C LEU A 610 -4.71 -10.93 58.44
N GLY A 611 -4.25 -11.98 57.78
CA GLY A 611 -4.21 -13.31 58.39
C GLY A 611 -5.59 -13.96 58.56
N ASP A 612 -5.65 -15.09 59.26
CA ASP A 612 -6.92 -15.81 59.50
C ASP A 612 -7.99 -15.05 60.26
N ASN A 613 -7.59 -14.16 61.17
CA ASN A 613 -8.50 -13.75 62.26
C ASN A 613 -8.92 -12.31 62.36
N VAL A 614 -8.29 -11.41 61.60
CA VAL A 614 -8.63 -10.01 61.69
C VAL A 614 -9.04 -9.32 60.39
N MET A 615 -10.23 -8.71 60.44
CA MET A 615 -10.79 -7.95 59.34
C MET A 615 -10.37 -6.50 59.50
N VAL A 616 -9.71 -5.94 58.48
CA VAL A 616 -9.40 -4.51 58.39
C VAL A 616 -10.08 -3.78 57.22
N ALA A 617 -10.73 -2.67 57.57
CA ALA A 617 -11.42 -1.85 56.58
C ALA A 617 -10.82 -0.44 56.63
N PRO A 618 -9.90 -0.09 55.71
CA PRO A 618 -9.31 1.25 55.71
C PRO A 618 -10.39 2.28 55.57
N VAL A 619 -10.14 3.47 56.09
CA VAL A 619 -11.13 4.52 56.03
C VAL A 619 -10.78 5.43 54.85
N PHE A 620 -11.73 5.59 53.92
CA PHE A 620 -11.53 6.39 52.68
C PHE A 620 -12.21 7.80 52.67
N THR A 621 -12.46 8.37 53.86
CA THR A 621 -13.02 9.72 53.96
C THR A 621 -12.32 10.58 55.04
N GLU A 622 -12.29 11.89 54.82
CA GLU A 622 -11.70 12.81 55.80
C GLU A 622 -12.47 12.75 57.11
N ALA A 623 -13.80 12.75 56.99
CA ALA A 623 -14.69 12.72 58.16
C ALA A 623 -14.59 11.44 58.99
N GLY A 624 -14.14 10.33 58.38
CA GLY A 624 -13.97 9.08 59.10
C GLY A 624 -15.11 8.07 58.95
N ASP A 625 -16.12 8.40 58.13
CA ASP A 625 -17.23 7.48 57.83
C ASP A 625 -16.71 6.31 57.00
N VAL A 626 -17.21 5.11 57.29
CA VAL A 626 -16.76 3.87 56.65
C VAL A 626 -17.85 2.83 56.80
N GLN A 627 -18.02 2.00 55.78
CA GLN A 627 -19.02 0.96 55.77
C GLN A 627 -18.27 -0.32 55.43
N PHE A 628 -18.57 -1.40 56.13
CA PHE A 628 -17.86 -2.66 55.90
C PHE A 628 -18.76 -3.82 56.26
N TYR A 629 -18.49 -4.98 55.66
CA TYR A 629 -19.25 -6.18 55.91
C TYR A 629 -18.52 -7.09 56.91
N LEU A 630 -19.29 -7.71 57.83
CA LEU A 630 -18.75 -8.73 58.75
C LEU A 630 -19.40 -10.09 58.46
N PRO A 631 -18.62 -11.11 58.10
CA PRO A 631 -19.18 -12.47 57.99
C PRO A 631 -19.78 -12.96 59.31
N GLU A 632 -20.43 -14.12 59.26
CA GLU A 632 -21.15 -14.71 60.40
C GLU A 632 -20.26 -14.84 61.65
N GLY A 633 -20.84 -14.47 62.79
CA GLY A 633 -20.17 -14.60 64.07
C GLY A 633 -20.20 -13.30 64.83
N ARG A 634 -19.69 -13.32 66.06
CA ARG A 634 -19.59 -12.12 66.90
C ARG A 634 -18.15 -11.60 66.95
N TRP A 635 -17.95 -10.41 66.37
CA TRP A 635 -16.62 -9.87 66.13
C TRP A 635 -16.25 -8.82 67.20
N THR A 636 -14.96 -8.70 67.52
CA THR A 636 -14.54 -7.75 68.56
C THR A 636 -13.46 -6.81 68.06
N HIS A 637 -13.59 -5.53 68.33
CA HIS A 637 -12.57 -4.59 67.87
C HIS A 637 -11.28 -4.86 68.61
N LEU A 638 -10.17 -4.92 67.87
CA LEU A 638 -8.89 -5.37 68.41
C LEU A 638 -8.46 -4.58 69.66
N TRP A 639 -8.70 -3.27 69.66
CA TRP A 639 -8.32 -2.47 70.83
C TRP A 639 -9.49 -1.67 71.41
N HIS A 640 -10.55 -1.43 70.66
CA HIS A 640 -11.68 -0.74 71.28
C HIS A 640 -12.57 -1.69 72.09
N ASN A 641 -12.44 -3.00 71.83
CA ASN A 641 -13.22 -4.05 72.52
C ASN A 641 -14.73 -4.09 72.31
N ASP A 642 -15.28 -3.21 71.50
CA ASP A 642 -16.71 -3.28 71.16
C ASP A 642 -17.02 -4.49 70.26
N GLU A 643 -18.23 -4.99 70.36
CA GLU A 643 -18.57 -6.27 69.74
C GLU A 643 -19.64 -6.04 68.66
N LEU A 644 -19.56 -6.76 67.55
CA LEU A 644 -20.58 -6.62 66.49
C LEU A 644 -21.05 -7.97 66.01
N ASP A 645 -22.36 -8.09 65.77
CA ASP A 645 -22.88 -9.31 65.17
C ASP A 645 -22.70 -9.28 63.64
N GLY A 646 -22.26 -10.40 63.06
CA GLY A 646 -22.00 -10.52 61.65
C GLY A 646 -23.16 -10.94 60.75
N SER A 647 -22.79 -11.43 59.57
CA SER A 647 -23.71 -11.65 58.48
C SER A 647 -24.31 -10.36 57.94
N ARG A 648 -23.65 -9.22 58.18
CA ARG A 648 -24.26 -7.94 57.78
C ARG A 648 -23.26 -6.80 57.70
N TRP A 649 -23.67 -5.72 57.04
CA TRP A 649 -22.88 -4.52 56.93
C TRP A 649 -23.05 -3.62 58.16
N HIS A 650 -22.04 -2.80 58.42
CA HIS A 650 -22.03 -1.85 59.52
C HIS A 650 -21.44 -0.53 59.00
N LYS A 651 -21.79 0.57 59.67
CA LYS A 651 -21.43 1.91 59.28
C LYS A 651 -20.88 2.53 60.54
N GLN A 652 -19.75 3.21 60.44
CA GLN A 652 -19.07 3.75 61.63
C GLN A 652 -18.35 5.04 61.24
N GLN A 653 -17.94 5.79 62.26
CA GLN A 653 -17.13 6.98 62.10
C GLN A 653 -15.90 6.83 62.99
N HIS A 654 -14.73 7.05 62.40
CA HIS A 654 -13.45 6.81 63.08
C HIS A 654 -12.57 8.05 63.00
N GLY A 655 -11.92 8.39 64.12
CA GLY A 655 -10.93 9.45 64.18
C GLY A 655 -9.63 8.91 63.60
N PHE A 656 -8.61 9.76 63.47
CA PHE A 656 -7.38 9.37 62.80
C PHE A 656 -6.56 8.24 63.49
N LEU A 657 -6.90 7.92 64.74
CA LEU A 657 -6.17 6.89 65.49
C LEU A 657 -6.96 5.56 65.42
N SER A 658 -7.95 5.48 64.54
CA SER A 658 -8.76 4.28 64.50
C SER A 658 -9.21 3.90 63.08
N LEU A 659 -9.73 2.68 62.96
CA LEU A 659 -10.41 2.18 61.78
C LEU A 659 -11.02 0.87 62.23
N PRO A 660 -11.97 0.32 61.48
CA PRO A 660 -12.49 -1.02 61.79
C PRO A 660 -11.37 -2.07 61.72
N VAL A 661 -10.97 -2.63 62.85
CA VAL A 661 -10.06 -3.77 62.93
C VAL A 661 -10.75 -4.71 63.87
N TYR A 662 -11.38 -5.74 63.31
CA TYR A 662 -12.25 -6.64 64.08
C TYR A 662 -11.73 -8.07 64.11
N VAL A 663 -11.76 -8.69 65.28
CA VAL A 663 -11.28 -10.04 65.46
C VAL A 663 -12.48 -10.96 65.48
N ARG A 664 -12.42 -12.07 64.73
CA ARG A 664 -13.54 -12.98 64.67
C ARG A 664 -13.62 -13.82 65.94
N ASP A 665 -14.79 -14.44 66.11
CA ASP A 665 -15.05 -15.27 67.27
C ASP A 665 -14.21 -16.55 67.23
N ASN A 666 -14.20 -17.32 68.33
CA ASN A 666 -13.39 -18.55 68.45
C ASN A 666 -11.92 -18.34 68.10
N THR A 667 -11.36 -17.21 68.53
CA THR A 667 -9.99 -16.84 68.18
C THR A 667 -9.15 -16.67 69.42
N LEU A 668 -7.94 -17.23 69.37
CA LEU A 668 -6.95 -16.99 70.39
C LEU A 668 -5.79 -16.29 69.68
N LEU A 669 -5.52 -15.04 70.05
CA LEU A 669 -4.54 -14.20 69.37
C LEU A 669 -3.35 -13.84 70.25
N ALA A 670 -2.15 -13.82 69.68
CA ALA A 670 -0.95 -13.42 70.44
C ALA A 670 -0.49 -12.01 70.12
N LEU A 671 -0.45 -11.17 71.14
CA LEU A 671 0.20 -9.86 71.03
C LEU A 671 1.48 -9.88 71.83
N GLY A 672 2.52 -9.20 71.33
CA GLY A 672 3.83 -9.17 71.95
C GLY A 672 4.06 -8.01 72.89
N ASN A 673 5.16 -8.08 73.64
CA ASN A 673 5.39 -7.10 74.69
C ASN A 673 6.40 -6.04 74.26
N ASN A 674 6.71 -6.00 72.95
CA ASN A 674 7.61 -4.97 72.42
C ASN A 674 6.90 -4.14 71.35
N ASP A 675 6.86 -2.81 71.51
CA ASP A 675 6.23 -1.97 70.49
C ASP A 675 7.22 -1.08 69.72
N GLN A 676 8.50 -1.43 69.79
CA GLN A 676 9.59 -0.62 69.19
C GLN A 676 10.20 -1.28 67.93
N ARG A 677 10.06 -2.59 67.84
CA ARG A 677 10.67 -3.30 66.75
C ARG A 677 9.81 -4.48 66.44
N PRO A 678 9.88 -4.98 65.21
CA PRO A 678 9.07 -6.16 64.89
C PRO A 678 9.78 -7.46 65.24
N ASP A 679 11.11 -7.46 65.34
CA ASP A 679 11.87 -8.71 65.53
C ASP A 679 12.35 -8.80 66.99
N TYR A 680 11.64 -9.57 67.80
CA TYR A 680 12.02 -9.77 69.20
C TYR A 680 11.57 -11.14 69.65
N VAL A 681 11.76 -11.42 70.94
CA VAL A 681 11.39 -12.74 71.47
C VAL A 681 9.89 -12.79 71.71
N TRP A 682 9.16 -13.18 70.68
CA TRP A 682 7.69 -13.15 70.69
C TRP A 682 7.05 -14.04 71.75
N HIS A 683 7.70 -15.17 72.03
CA HIS A 683 7.16 -16.14 72.99
C HIS A 683 7.51 -15.83 74.45
N GLU A 684 8.18 -14.71 74.73
CA GLU A 684 8.38 -14.27 76.10
C GLU A 684 7.59 -13.00 76.44
N GLY A 685 6.76 -13.07 77.47
CA GLY A 685 5.97 -11.94 77.88
C GLY A 685 4.75 -11.78 76.98
N THR A 686 4.39 -12.83 76.24
CA THR A 686 3.26 -12.82 75.30
C THR A 686 1.93 -12.49 75.99
N ALA A 687 1.09 -11.70 75.35
CA ALA A 687 -0.26 -11.54 75.88
C ALA A 687 -1.27 -12.22 74.93
N PHE A 688 -1.87 -13.32 75.37
CA PHE A 688 -2.88 -13.99 74.58
C PHE A 688 -4.25 -13.37 74.85
N HIS A 689 -5.10 -13.35 73.84
CA HIS A 689 -6.44 -12.76 74.01
C HIS A 689 -7.42 -13.73 73.41
N LEU A 690 -8.38 -14.18 74.21
CA LEU A 690 -9.37 -15.13 73.77
C LEU A 690 -10.64 -14.38 73.45
N PHE A 691 -11.20 -14.61 72.26
CA PHE A 691 -12.32 -13.80 71.79
C PHE A 691 -13.48 -14.72 71.56
N ASN A 692 -14.58 -14.43 72.24
CA ASN A 692 -15.84 -15.15 72.11
C ASN A 692 -15.73 -16.62 71.75
N LEU A 693 -15.37 -17.44 72.72
CA LEU A 693 -15.18 -18.85 72.46
C LEU A 693 -16.50 -19.59 72.71
N GLN A 694 -17.05 -20.21 71.65
CA GLN A 694 -18.37 -20.85 71.74
C GLN A 694 -18.30 -22.26 72.30
N ASP A 695 -19.42 -22.66 72.91
CA ASP A 695 -19.59 -24.00 73.45
C ASP A 695 -19.28 -25.00 72.34
N GLY A 696 -18.43 -26.00 72.62
CA GLY A 696 -18.15 -27.04 71.65
C GLY A 696 -17.07 -26.73 70.61
N HIS A 697 -16.47 -25.55 70.73
CA HIS A 697 -15.39 -25.09 69.86
C HIS A 697 -14.03 -25.04 70.59
N GLU A 698 -12.96 -25.10 69.82
CA GLU A 698 -11.60 -24.97 70.31
C GLU A 698 -10.86 -23.85 69.55
N ALA A 699 -10.25 -22.91 70.26
CA ALA A 699 -9.42 -21.90 69.63
C ALA A 699 -7.94 -22.25 69.80
N VAL A 700 -7.15 -22.08 68.75
CA VAL A 700 -5.74 -22.46 68.79
C VAL A 700 -4.87 -21.28 68.41
N CYS A 701 -3.78 -21.09 69.14
CA CYS A 701 -2.85 -20.01 68.84
C CYS A 701 -1.46 -20.64 68.73
N GLU A 702 -0.78 -20.36 67.62
CA GLU A 702 0.55 -20.86 67.44
C GLU A 702 1.50 -19.70 67.40
N VAL A 703 2.41 -19.66 68.35
CA VAL A 703 3.43 -18.60 68.38
C VAL A 703 4.67 -19.10 67.62
N PRO A 704 5.14 -18.32 66.64
CA PRO A 704 6.26 -18.75 65.80
C PRO A 704 7.61 -18.47 66.43
N ALA A 705 8.63 -19.17 65.98
CA ALA A 705 10.02 -18.77 66.26
C ALA A 705 10.46 -17.85 65.17
N ALA A 706 11.71 -17.37 65.20
CA ALA A 706 12.21 -16.43 64.17
C ALA A 706 12.25 -17.00 62.76
N ASP A 707 12.34 -18.33 62.65
CA ASP A 707 12.38 -18.98 61.34
C ASP A 707 10.97 -19.36 60.88
N GLY A 708 9.95 -18.93 61.63
CA GLY A 708 8.60 -19.19 61.23
C GLY A 708 8.00 -20.50 61.71
N SER A 709 8.82 -21.45 62.16
CA SER A 709 8.27 -22.67 62.80
C SER A 709 7.55 -22.31 64.12
N VAL A 710 6.74 -23.24 64.60
CA VAL A 710 5.91 -23.07 65.78
C VAL A 710 6.72 -23.41 67.04
N ILE A 711 6.91 -22.43 67.93
CA ILE A 711 7.63 -22.68 69.19
C ILE A 711 6.72 -22.95 70.41
N PHE A 712 5.45 -22.55 70.33
CA PHE A 712 4.52 -22.73 71.44
C PHE A 712 3.10 -22.67 70.91
N THR A 713 2.25 -23.57 71.38
CA THR A 713 0.86 -23.65 70.96
C THR A 713 0.01 -23.57 72.20
N LEU A 714 -0.98 -22.68 72.17
CA LEU A 714 -1.92 -22.55 73.27
C LEU A 714 -3.31 -22.86 72.74
N LYS A 715 -4.04 -23.74 73.43
CA LYS A 715 -5.40 -24.07 73.00
C LYS A 715 -6.39 -23.82 74.10
N ALA A 716 -7.57 -23.31 73.73
CA ALA A 716 -8.68 -23.14 74.63
C ALA A 716 -9.90 -23.83 74.05
N ALA A 717 -10.36 -24.87 74.75
CA ALA A 717 -11.48 -25.72 74.33
C ALA A 717 -12.61 -25.58 75.31
N ARG A 718 -13.80 -25.37 74.79
CA ARG A 718 -14.94 -25.13 75.65
C ARG A 718 -15.96 -26.26 75.49
N THR A 719 -16.32 -26.88 76.60
CA THR A 719 -17.48 -27.76 76.63
C THR A 719 -18.36 -27.36 77.80
N GLY A 720 -19.65 -27.10 77.52
CA GLY A 720 -20.53 -26.50 78.50
C GLY A 720 -19.99 -25.13 78.88
N ASN A 721 -19.85 -24.89 80.19
CA ASN A 721 -19.24 -23.67 80.72
C ASN A 721 -17.81 -23.86 81.16
N THR A 722 -17.21 -24.98 80.76
CA THR A 722 -15.82 -25.23 81.16
C THR A 722 -14.82 -25.04 80.00
N ILE A 723 -13.83 -24.19 80.23
CA ILE A 723 -12.79 -23.91 79.24
C ILE A 723 -11.45 -24.43 79.70
N THR A 724 -10.90 -25.38 78.96
CA THR A 724 -9.61 -25.98 79.29
C THR A 724 -8.59 -25.31 78.42
N VAL A 725 -7.61 -24.73 79.07
CA VAL A 725 -6.50 -24.08 78.39
C VAL A 725 -5.26 -24.95 78.54
N THR A 726 -4.67 -25.37 77.42
CA THR A 726 -3.42 -26.12 77.45
C THR A 726 -2.37 -25.47 76.57
N GLY A 727 -1.15 -25.42 77.09
CA GLY A 727 0.00 -24.88 76.37
C GLY A 727 1.07 -25.95 76.28
N ALA A 728 1.79 -25.93 75.16
CA ALA A 728 2.84 -26.93 74.87
C ALA A 728 3.90 -26.24 74.06
N GLY A 729 5.16 -26.44 74.43
CA GLY A 729 6.26 -25.79 73.76
C GLY A 729 7.04 -24.88 74.71
N GLU A 730 7.67 -23.85 74.15
CA GLU A 730 8.48 -22.94 74.93
C GLU A 730 7.86 -21.56 74.95
N ALA A 731 7.36 -21.14 76.11
CA ALA A 731 6.90 -19.75 76.30
C ALA A 731 7.11 -19.37 77.75
N LYS A 732 7.33 -18.08 78.02
CA LYS A 732 7.61 -17.64 79.36
C LYS A 732 6.82 -16.35 79.65
N ASN A 733 6.38 -16.22 80.90
CA ASN A 733 5.85 -14.99 81.49
C ASN A 733 4.72 -14.43 80.65
N TRP A 734 3.83 -15.32 80.22
CA TRP A 734 2.68 -14.95 79.40
C TRP A 734 1.40 -14.83 80.22
N THR A 735 0.43 -14.09 79.66
CA THR A 735 -0.91 -13.97 80.24
C THR A 735 -2.00 -14.29 79.22
N LEU A 736 -3.23 -14.44 79.72
CA LEU A 736 -4.36 -14.73 78.88
C LEU A 736 -5.53 -13.81 79.28
N CYS A 737 -5.99 -12.98 78.34
CA CYS A 737 -7.12 -12.10 78.59
C CYS A 737 -8.42 -12.69 78.03
N LEU A 738 -9.44 -12.78 78.88
CA LEU A 738 -10.76 -13.26 78.46
C LEU A 738 -11.54 -12.04 78.01
N ARG A 739 -11.42 -11.70 76.72
CA ARG A 739 -11.99 -10.43 76.22
C ARG A 739 -13.45 -10.28 76.58
N ASN A 740 -13.85 -9.14 77.14
CA ASN A 740 -15.24 -8.90 77.54
C ASN A 740 -15.86 -9.82 78.63
N VAL A 741 -14.99 -10.45 79.42
CA VAL A 741 -15.42 -11.31 80.54
C VAL A 741 -14.94 -10.59 81.79
N VAL A 742 -15.91 -10.12 82.58
CA VAL A 742 -15.66 -9.29 83.76
C VAL A 742 -15.48 -10.15 85.01
N LYS A 743 -16.16 -11.30 85.00
CA LYS A 743 -16.26 -12.21 86.15
C LYS A 743 -16.37 -13.66 85.70
N VAL A 744 -15.58 -14.51 86.36
CA VAL A 744 -15.69 -15.95 86.25
C VAL A 744 -16.22 -16.65 87.53
N ASN A 745 -16.83 -17.83 87.36
CA ASN A 745 -17.24 -18.65 88.50
C ASN A 745 -16.06 -19.27 89.27
N GLY A 746 -15.15 -19.91 88.54
CA GLY A 746 -13.98 -20.51 89.18
C GLY A 746 -12.78 -20.52 88.24
N LEU A 747 -11.62 -20.88 88.80
CA LEU A 747 -10.35 -20.87 88.12
C LEU A 747 -9.37 -21.81 88.82
N GLN A 748 -8.98 -22.87 88.13
CA GLN A 748 -7.98 -23.81 88.62
C GLN A 748 -6.64 -23.67 87.90
N ASP A 749 -5.60 -23.29 88.65
CA ASP A 749 -4.20 -23.27 88.18
C ASP A 749 -3.85 -22.03 87.39
N GLY A 750 -4.47 -20.92 87.77
CA GLY A 750 -4.01 -19.60 87.38
C GLY A 750 -4.56 -18.61 88.37
N SER A 751 -4.02 -17.40 88.38
CA SER A 751 -4.60 -16.32 89.17
C SER A 751 -5.28 -15.32 88.25
N GLN A 752 -6.05 -14.40 88.82
CA GLN A 752 -6.87 -13.49 88.04
C GLN A 752 -6.75 -12.06 88.53
N ALA A 753 -6.83 -11.14 87.56
CA ALA A 753 -6.87 -9.71 87.83
C ALA A 753 -7.74 -9.05 86.78
N GLU A 754 -8.46 -8.00 87.16
CA GLU A 754 -9.24 -7.23 86.22
C GLU A 754 -8.36 -6.46 85.25
N SER A 755 -8.90 -6.21 84.06
CA SER A 755 -8.39 -5.21 83.13
C SER A 755 -9.56 -4.59 82.37
N GLU A 756 -9.32 -3.41 81.81
CA GLU A 756 -10.31 -2.70 80.98
C GLU A 756 -10.90 -3.60 79.85
N GLN A 757 -10.06 -4.45 79.26
CA GLN A 757 -10.43 -5.33 78.15
C GLN A 757 -11.07 -6.66 78.59
N GLY A 758 -11.09 -6.91 79.90
CA GLY A 758 -11.58 -8.18 80.44
C GLY A 758 -10.60 -8.86 81.40
N LEU A 759 -11.04 -9.95 81.98
CA LEU A 759 -10.26 -10.68 82.98
C LEU A 759 -8.92 -11.19 82.44
N VAL A 760 -7.80 -10.84 83.09
CA VAL A 760 -6.47 -11.34 82.73
C VAL A 760 -6.11 -12.46 83.68
N VAL A 761 -5.74 -13.60 83.10
CA VAL A 761 -5.43 -14.80 83.87
C VAL A 761 -3.94 -15.05 83.75
N LYS A 762 -3.29 -15.21 84.89
CA LYS A 762 -1.87 -15.55 84.93
C LYS A 762 -1.74 -17.05 85.21
N PRO A 763 -1.12 -17.78 84.29
CA PRO A 763 -0.99 -19.25 84.38
C PRO A 763 -0.03 -19.68 85.49
N GLN A 764 -0.37 -20.74 86.21
CA GLN A 764 0.55 -21.27 87.21
C GLN A 764 1.34 -22.42 86.64
N GLY A 765 0.92 -22.88 85.46
CA GLY A 765 1.48 -24.02 84.74
C GLY A 765 0.86 -24.15 83.33
N ASN A 766 1.34 -25.10 82.54
CA ASN A 766 0.87 -25.24 81.16
C ASN A 766 -0.59 -25.67 80.96
N ALA A 767 -1.33 -25.90 82.04
CA ALA A 767 -2.72 -26.34 81.98
C ALA A 767 -3.53 -25.65 83.08
N LEU A 768 -4.61 -24.99 82.65
CA LEU A 768 -5.45 -24.12 83.46
C LEU A 768 -6.87 -24.54 83.11
N THR A 769 -7.82 -24.29 83.99
CA THR A 769 -9.24 -24.51 83.65
C THR A 769 -10.14 -23.40 84.26
N ILE A 770 -11.05 -22.90 83.45
CA ILE A 770 -11.86 -21.74 83.79
C ILE A 770 -13.32 -22.15 83.78
N THR A 771 -14.05 -21.75 84.81
CA THR A 771 -15.48 -22.02 84.84
C THR A 771 -16.24 -20.71 84.76
N LEU A 772 -16.95 -20.48 83.65
CA LEU A 772 -17.73 -19.24 83.49
C LEU A 772 -18.98 -19.15 84.37
N HIS A 773 -19.43 -17.93 84.63
CA HIS A 773 -20.70 -17.66 85.27
C HIS A 773 -21.93 -18.08 84.44
N MET B 1 18.95 19.19 2.63
CA MET B 1 17.71 18.45 3.08
C MET B 1 16.91 19.44 3.91
N LYS B 2 15.60 19.54 3.61
CA LYS B 2 14.77 20.57 4.19
C LYS B 2 14.32 20.09 5.58
N ILE B 3 14.62 20.91 6.59
CA ILE B 3 14.26 20.60 7.96
C ILE B 3 13.18 21.57 8.40
N SER B 4 13.45 22.87 8.27
CA SER B 4 12.46 23.87 8.57
C SER B 4 11.47 24.09 7.40
N ASP B 5 10.30 24.65 7.70
CA ASP B 5 9.33 25.04 6.69
C ASP B 5 9.11 26.54 6.90
N GLY B 6 9.99 27.34 6.32
CA GLY B 6 10.04 28.75 6.69
C GLY B 6 10.57 28.91 8.09
N ASN B 7 10.46 30.13 8.60
CA ASN B 7 11.03 30.47 9.89
C ASN B 7 10.22 29.91 11.03
N TRP B 8 8.93 29.72 10.79
CA TRP B 8 7.97 29.48 11.86
C TRP B 8 7.60 28.00 12.05
N LEU B 9 7.83 27.19 11.03
CA LEU B 9 7.34 25.80 11.00
C LEU B 9 8.49 24.79 10.76
N ILE B 10 8.16 23.53 10.97
CA ILE B 10 9.03 22.41 10.71
C ILE B 10 8.38 21.57 9.58
N GLN B 11 9.20 20.96 8.73
CA GLN B 11 8.64 20.03 7.72
C GLN B 11 7.74 18.97 8.39
N PRO B 12 6.61 18.61 7.76
CA PRO B 12 5.70 17.60 8.30
C PRO B 12 6.36 16.24 8.53
N GLY B 13 6.12 15.66 9.70
CA GLY B 13 6.62 14.34 9.96
C GLY B 13 8.02 14.30 10.54
N LEU B 14 8.69 15.45 10.63
CA LEU B 14 10.00 15.53 11.32
C LEU B 14 9.81 15.91 12.78
N ASN B 15 10.45 15.18 13.69
CA ASN B 15 10.52 15.60 15.10
C ASN B 15 11.94 16.04 15.42
N LEU B 16 12.13 17.25 15.97
CA LEU B 16 13.48 17.76 16.21
C LEU B 16 13.82 17.84 17.69
N ILE B 17 15.07 17.54 18.02
CA ILE B 17 15.62 17.87 19.34
C ILE B 17 17.00 18.51 19.21
N HIS B 18 17.33 19.36 20.16
CA HIS B 18 18.47 20.27 20.07
C HIS B 18 19.19 20.31 21.40
N PRO B 19 20.52 20.42 21.40
CA PRO B 19 21.21 20.71 22.66
C PRO B 19 20.94 22.16 23.04
N LEU B 20 20.19 22.38 24.13
CA LEU B 20 19.69 23.70 24.54
C LEU B 20 20.28 24.13 25.89
N GLN B 21 20.84 23.21 26.67
CA GLN B 21 21.36 23.55 27.98
C GLN B 21 22.52 22.66 28.45
N VAL B 22 23.62 23.29 28.83
CA VAL B 22 24.79 22.54 29.36
C VAL B 22 24.35 21.88 30.67
N PHE B 23 24.53 20.56 30.78
CA PHE B 23 24.28 19.84 32.04
C PHE B 23 25.59 19.57 32.83
N GLU B 24 26.64 19.17 32.13
CA GLU B 24 27.87 18.84 32.78
C GLU B 24 28.98 18.97 31.78
N VAL B 25 30.15 19.37 32.27
CA VAL B 25 31.35 19.46 31.45
C VAL B 25 32.44 18.62 32.11
N GLU B 26 33.18 17.87 31.29
CA GLU B 26 34.21 17.00 31.80
C GLU B 26 35.43 17.15 30.92
N GLN B 27 36.59 17.12 31.53
CA GLN B 27 37.78 17.03 30.73
C GLN B 27 38.24 15.58 30.80
N GLN B 28 38.48 14.99 29.63
CA GLN B 28 39.10 13.69 29.52
C GLN B 28 40.41 13.90 28.75
N ASP B 29 41.52 13.95 29.51
CA ASP B 29 42.85 14.17 28.94
C ASP B 29 42.91 15.50 28.16
N ASN B 30 43.16 15.44 26.86
CA ASN B 30 43.19 16.65 26.05
C ASN B 30 41.89 16.92 25.23
N GLU B 31 40.74 16.42 25.72
CA GLU B 31 39.46 16.63 25.04
C GLU B 31 38.44 17.15 26.03
N MET B 32 37.48 17.94 25.55
CA MET B 32 36.45 18.49 26.39
C MET B 32 35.14 17.87 26.00
N VAL B 33 34.45 17.29 26.99
CA VAL B 33 33.13 16.70 26.73
C VAL B 33 32.06 17.56 27.36
N VAL B 34 30.98 17.83 26.64
CA VAL B 34 29.85 18.60 27.15
C VAL B 34 28.53 17.78 27.01
N TYR B 35 27.83 17.61 28.12
CA TYR B 35 26.55 16.92 28.06
C TYR B 35 25.51 18.01 28.03
N ALA B 36 24.66 17.99 27.01
CA ALA B 36 23.68 19.05 26.83
C ALA B 36 22.31 18.47 26.70
N ALA B 37 21.36 19.05 27.42
CA ALA B 37 19.97 18.58 27.46
C ALA B 37 19.16 19.39 26.47
N PRO B 38 18.11 18.77 25.93
CA PRO B 38 17.22 19.43 24.98
C PRO B 38 16.10 20.19 25.68
N ARG B 39 16.17 20.32 27.00
CA ARG B 39 15.24 21.13 27.74
C ARG B 39 15.89 21.48 29.08
N ASP B 40 15.19 22.26 29.87
CA ASP B 40 15.67 22.74 31.17
C ASP B 40 15.73 21.56 32.17
N VAL B 41 16.94 21.20 32.60
CA VAL B 41 17.12 20.05 33.48
C VAL B 41 17.84 20.43 34.76
N ARG B 42 17.66 21.68 35.20
CA ARG B 42 18.24 22.13 36.47
C ARG B 42 17.60 21.42 37.67
N GLU B 43 16.30 21.12 37.58
CA GLU B 43 15.57 20.39 38.65
C GLU B 43 15.67 18.87 38.45
N ARG B 44 15.91 18.13 39.52
CA ARG B 44 15.94 16.66 39.45
C ARG B 44 14.67 16.02 38.87
N THR B 45 13.50 16.61 39.08
CA THR B 45 12.31 16.07 38.43
C THR B 45 12.40 15.99 36.89
N TRP B 46 13.26 16.80 36.28
CA TRP B 46 13.40 16.77 34.82
C TRP B 46 14.61 15.98 34.37
N GLN B 47 15.39 15.49 35.32
CA GLN B 47 16.61 14.78 34.95
C GLN B 47 16.33 13.28 34.69
N LEU B 48 15.32 12.99 33.89
CA LEU B 48 14.95 11.63 33.46
C LEU B 48 13.89 11.83 32.40
N ASP B 49 13.59 10.78 31.62
CA ASP B 49 12.64 10.87 30.51
C ASP B 49 13.00 11.98 29.53
N THR B 50 14.29 12.05 29.18
CA THR B 50 14.75 13.03 28.19
C THR B 50 15.92 12.47 27.42
N PRO B 51 16.02 12.81 26.13
CA PRO B 51 17.27 12.55 25.41
C PRO B 51 18.40 13.44 26.01
N LEU B 52 19.65 13.12 25.67
CA LEU B 52 20.79 13.91 26.09
C LEU B 52 21.83 13.84 24.99
N PHE B 53 22.36 14.98 24.60
CA PHE B 53 23.41 15.06 23.61
C PHE B 53 24.78 14.97 24.28
N THR B 54 25.70 14.27 23.62
CA THR B 54 27.10 14.26 24.04
C THR B 54 27.94 14.95 22.97
N LEU B 55 28.56 16.08 23.33
CA LEU B 55 29.40 16.90 22.45
C LEU B 55 30.85 16.80 22.88
N ARG B 56 31.73 16.33 22.00
CA ARG B 56 33.14 16.15 22.33
C ARG B 56 33.96 17.11 21.46
N PHE B 57 34.83 17.90 22.07
CA PHE B 57 35.68 18.82 21.31
C PHE B 57 37.11 18.32 21.43
N PHE B 58 37.83 18.30 20.31
CA PHE B 58 39.17 17.75 20.27
C PHE B 58 39.97 18.43 19.16
N SER B 59 41.29 18.24 19.16
CA SER B 59 42.12 18.83 18.12
C SER B 59 43.05 17.79 17.52
N PRO B 60 42.90 17.53 16.23
CA PRO B 60 43.78 16.63 15.50
C PRO B 60 45.07 17.29 14.98
N GLN B 61 45.08 18.61 14.89
CA GLN B 61 46.18 19.40 14.33
C GLN B 61 46.05 20.79 14.95
N GLU B 62 47.18 21.48 15.13
CA GLU B 62 47.15 22.88 15.54
C GLU B 62 46.14 23.68 14.70
N GLY B 63 45.28 24.45 15.37
CA GLY B 63 44.35 25.33 14.66
C GLY B 63 43.19 24.62 13.94
N ILE B 64 42.91 23.39 14.33
CA ILE B 64 41.70 22.70 13.88
C ILE B 64 40.95 22.18 15.10
N VAL B 65 39.67 22.56 15.21
CA VAL B 65 38.88 22.10 16.35
C VAL B 65 37.83 21.13 15.85
N GLY B 66 37.87 19.94 16.41
CA GLY B 66 36.88 18.89 16.08
C GLY B 66 35.70 18.97 17.02
N VAL B 67 34.50 18.84 16.45
CA VAL B 67 33.21 18.86 17.18
C VAL B 67 32.44 17.58 16.79
N ARG B 68 32.21 16.71 17.76
CA ARG B 68 31.43 15.50 17.54
C ARG B 68 30.16 15.65 18.36
N ILE B 69 29.02 15.61 17.71
CA ILE B 69 27.84 15.68 18.50
C ILE B 69 27.03 14.42 18.32
N GLU B 70 26.71 13.76 19.42
CA GLU B 70 26.15 12.41 19.34
C GLU B 70 24.87 12.25 20.10
N HIS B 71 23.98 11.48 19.48
CA HIS B 71 22.81 10.93 20.12
C HIS B 71 23.15 9.53 20.66
N PHE B 72 22.83 8.46 19.93
CA PHE B 72 23.06 7.06 20.44
C PHE B 72 24.44 6.55 20.09
N GLN B 73 25.12 5.89 21.02
CA GLN B 73 26.49 5.45 20.76
C GLN B 73 26.50 3.99 20.34
N GLY B 74 25.37 3.32 20.48
CA GLY B 74 25.29 1.91 20.19
C GLY B 74 25.12 1.49 18.75
N ALA B 75 25.02 2.44 17.80
CA ALA B 75 24.89 2.09 16.38
C ALA B 75 26.13 1.35 15.89
N LEU B 76 25.99 0.70 14.74
CA LEU B 76 27.07 -0.08 14.13
C LEU B 76 28.37 0.72 13.80
N ASN B 77 28.28 1.76 12.99
CA ASN B 77 29.49 2.57 12.66
C ASN B 77 30.72 1.79 12.02
N ASN B 78 30.49 1.15 10.88
CA ASN B 78 31.58 0.55 10.09
C ASN B 78 32.27 1.58 9.17
N GLY B 79 33.49 1.25 8.75
CA GLY B 79 34.24 2.06 7.81
C GLY B 79 33.68 1.93 6.40
N PRO B 80 34.33 2.51 5.40
CA PRO B 80 35.59 3.25 5.58
C PRO B 80 35.41 4.66 6.14
N HIS B 81 36.51 5.18 6.69
CA HIS B 81 36.65 6.53 7.19
C HIS B 81 37.66 7.29 6.36
N TYR B 82 37.52 8.60 6.35
CA TYR B 82 38.50 9.48 5.69
C TYR B 82 39.94 9.29 6.21
N PRO B 83 40.94 9.38 5.33
CA PRO B 83 42.34 9.10 5.69
C PRO B 83 42.97 10.32 6.35
N LEU B 84 42.46 10.64 7.54
CA LEU B 84 42.85 11.83 8.26
C LEU B 84 44.12 11.62 9.04
N ASN B 85 45.01 12.59 8.96
CA ASN B 85 46.23 12.60 9.77
C ASN B 85 45.90 13.17 11.13
N ILE B 86 45.78 12.30 12.12
CA ILE B 86 45.40 12.74 13.44
C ILE B 86 46.59 12.64 14.39
N LEU B 87 47.13 13.79 14.79
CA LEU B 87 48.18 13.87 15.83
C LEU B 87 47.60 13.62 17.21
N GLN B 88 48.42 13.04 18.09
CA GLN B 88 47.92 12.63 19.41
C GLN B 88 48.15 13.64 20.54
N ASP B 89 49.16 14.50 20.43
CA ASP B 89 49.40 15.42 21.55
C ASP B 89 49.49 16.87 21.10
N VAL B 90 48.52 17.28 20.32
CA VAL B 90 48.36 18.68 19.98
C VAL B 90 48.18 19.43 21.30
N LYS B 91 48.93 20.51 21.49
CA LYS B 91 48.79 21.30 22.70
C LYS B 91 47.47 22.04 22.69
N VAL B 92 46.66 21.86 23.74
CA VAL B 92 45.37 22.52 23.85
C VAL B 92 45.09 23.12 25.24
N THR B 93 44.16 24.08 25.25
CA THR B 93 43.67 24.70 26.47
C THR B 93 42.19 24.41 26.66
N ILE B 94 41.85 23.96 27.86
CA ILE B 94 40.48 23.71 28.25
C ILE B 94 40.14 24.58 29.47
N GLU B 95 39.17 25.46 29.30
CA GLU B 95 38.71 26.33 30.40
C GLU B 95 37.24 26.02 30.68
N ASN B 96 36.95 25.65 31.91
CA ASN B 96 35.62 25.34 32.39
C ASN B 96 35.28 26.29 33.54
N THR B 97 34.46 27.30 33.23
CA THR B 97 34.03 28.28 34.22
C THR B 97 32.53 28.23 34.46
N GLU B 98 32.07 29.18 35.27
CA GLU B 98 30.66 29.28 35.61
C GLU B 98 29.86 29.64 34.37
N ARG B 99 30.46 30.40 33.46
CA ARG B 99 29.74 30.93 32.30
C ARG B 99 29.90 30.14 30.99
N TYR B 100 31.06 29.52 30.82
CA TYR B 100 31.49 28.91 29.57
C TYR B 100 32.30 27.65 29.76
N ALA B 101 32.27 26.80 28.72
CA ALA B 101 33.23 25.72 28.55
C ALA B 101 33.92 26.03 27.24
N GLU B 102 35.23 26.10 27.25
CA GLU B 102 35.94 26.63 26.08
C GLU B 102 37.12 25.74 25.80
N PHE B 103 37.25 25.33 24.53
CA PHE B 103 38.31 24.43 24.08
C PHE B 103 39.10 25.18 23.06
N LYS B 104 40.42 25.25 23.24
CA LYS B 104 41.26 26.06 22.31
C LYS B 104 42.46 25.30 21.75
N SER B 105 42.69 25.50 20.45
CA SER B 105 43.83 24.91 19.76
C SER B 105 44.43 26.00 18.90
N GLY B 106 45.70 26.32 19.12
CA GLY B 106 46.28 27.48 18.44
C GLY B 106 45.50 28.73 18.77
N ASN B 107 45.07 29.46 17.76
CA ASN B 107 44.26 30.68 17.94
C ASN B 107 42.76 30.43 17.90
N LEU B 108 42.38 29.18 17.61
CA LEU B 108 40.98 28.82 17.38
C LEU B 108 40.42 28.12 18.59
N SER B 109 39.30 28.63 19.11
CA SER B 109 38.61 27.96 20.20
C SER B 109 37.14 27.73 19.87
N ALA B 110 36.55 26.78 20.59
CA ALA B 110 35.12 26.51 20.61
C ALA B 110 34.66 26.80 22.02
N ARG B 111 33.61 27.60 22.13
CA ARG B 111 33.10 28.03 23.41
C ARG B 111 31.60 27.74 23.45
N VAL B 112 31.18 27.05 24.51
CA VAL B 112 29.76 26.84 24.70
C VAL B 112 29.35 27.64 25.91
N SER B 113 28.21 28.32 25.81
CA SER B 113 27.70 29.13 26.92
C SER B 113 26.80 28.28 27.85
N LYS B 114 27.08 28.37 29.15
CA LYS B 114 26.26 27.69 30.14
C LYS B 114 25.02 28.53 30.48
N GLY B 115 24.09 27.95 31.23
CA GLY B 115 22.93 28.72 31.66
C GLY B 115 21.75 28.63 30.69
N GLU B 116 20.89 29.63 30.78
CA GLU B 116 19.66 29.72 30.04
C GLU B 116 19.84 30.09 28.56
N PHE B 117 20.95 30.71 28.21
CA PHE B 117 21.21 31.10 26.81
C PHE B 117 22.33 30.30 26.15
N TRP B 118 21.97 29.14 25.62
CA TRP B 118 22.90 28.27 24.90
C TRP B 118 23.48 28.98 23.68
N SER B 119 24.79 28.79 23.47
CA SER B 119 25.46 29.25 22.25
C SER B 119 26.66 28.35 22.04
N LEU B 120 26.99 28.01 20.79
CA LEU B 120 28.27 27.40 20.46
C LEU B 120 28.97 28.38 19.56
N ASP B 121 30.15 28.87 19.97
CA ASP B 121 30.87 29.91 19.25
C ASP B 121 32.29 29.49 18.89
N PHE B 122 32.71 29.78 17.67
CA PHE B 122 34.09 29.51 17.25
C PHE B 122 34.77 30.86 17.20
N LEU B 123 35.83 31.01 18.00
CA LEU B 123 36.49 32.28 18.18
C LEU B 123 37.90 32.23 17.64
N ARG B 124 38.33 33.34 17.03
CA ARG B 124 39.72 33.46 16.64
C ARG B 124 40.30 34.60 17.49
N ASN B 125 41.18 34.21 18.42
CA ASN B 125 41.64 35.09 19.50
C ASN B 125 40.51 35.94 20.12
N GLY B 126 39.46 35.25 20.60
CA GLY B 126 38.32 35.88 21.26
C GLY B 126 37.29 36.57 20.35
N GLU B 127 37.57 36.61 19.06
CA GLU B 127 36.66 37.23 18.10
C GLU B 127 35.84 36.15 17.38
N ARG B 128 34.53 36.33 17.36
CA ARG B 128 33.62 35.32 16.79
C ARG B 128 33.70 35.26 15.27
N ILE B 129 34.13 34.13 14.73
CA ILE B 129 34.16 33.96 13.27
C ILE B 129 32.95 33.23 12.71
N THR B 130 32.39 32.28 13.46
CA THR B 130 31.12 31.65 13.12
C THR B 130 30.63 30.93 14.39
N GLY B 131 29.62 30.08 14.23
CA GLY B 131 29.10 29.33 15.33
C GLY B 131 27.67 28.90 15.06
N SER B 132 27.09 28.22 16.06
CA SER B 132 25.76 27.65 15.94
C SER B 132 24.89 28.27 17.00
N GLN B 133 23.81 28.91 16.57
CA GLN B 133 22.84 29.45 17.48
C GLN B 133 21.90 28.36 18.00
N VAL B 134 21.28 28.65 19.14
CA VAL B 134 20.43 27.67 19.82
C VAL B 134 19.33 27.17 18.86
N LYS B 135 19.07 25.86 18.88
CA LYS B 135 18.13 25.19 17.94
C LYS B 135 18.60 25.05 16.47
N ASN B 136 19.87 25.29 16.23
CA ASN B 136 20.45 25.18 14.88
C ASN B 136 21.42 24.01 14.71
N ASN B 137 21.42 23.13 15.71
CA ASN B 137 21.97 21.80 15.51
C ASN B 137 21.15 20.77 16.29
N GLY B 138 21.42 19.49 16.04
CA GLY B 138 20.75 18.45 16.78
C GLY B 138 20.30 17.26 15.93
N TYR B 139 19.19 16.65 16.33
CA TYR B 139 18.78 15.34 15.83
C TYR B 139 17.41 15.45 15.17
N VAL B 140 17.29 14.88 13.98
CA VAL B 140 16.03 14.84 13.24
C VAL B 140 15.52 13.39 13.17
N GLN B 141 14.36 13.14 13.75
CA GLN B 141 13.71 11.85 13.60
C GLN B 141 12.65 12.05 12.51
N ASP B 142 12.90 11.44 11.34
CA ASP B 142 12.01 11.57 10.20
C ASP B 142 11.00 10.39 10.22
N THR B 143 9.76 10.67 10.59
CA THR B 143 8.77 9.61 10.73
C THR B 143 8.15 9.25 9.39
N ASN B 144 8.44 10.03 8.35
CA ASN B 144 7.94 9.74 6.99
C ASN B 144 8.67 8.53 6.39
N ASN B 145 9.99 8.51 6.56
CA ASN B 145 10.81 7.44 6.02
C ASN B 145 11.57 6.57 7.04
N GLN B 146 11.27 6.76 8.34
CA GLN B 146 11.93 6.09 9.49
C GLN B 146 13.48 6.23 9.51
N ARG B 147 14.00 7.33 8.99
CA ARG B 147 15.44 7.57 9.04
C ARG B 147 15.70 8.73 10.02
N ASN B 148 16.87 8.68 10.62
CA ASN B 148 17.28 9.66 11.60
C ASN B 148 18.53 10.37 11.13
N TYR B 149 18.59 11.68 11.37
CA TYR B 149 19.65 12.55 10.86
C TYR B 149 20.24 13.44 11.98
N MET B 150 21.52 13.79 11.84
CA MET B 150 22.14 14.79 12.70
C MET B 150 22.43 16.02 11.84
N PHE B 151 22.31 17.23 12.40
CA PHE B 151 22.50 18.43 11.57
C PHE B 151 23.12 19.56 12.36
N GLU B 152 23.61 20.57 11.65
CA GLU B 152 24.26 21.75 12.22
C GLU B 152 24.09 22.87 11.22
N ARG B 153 23.94 24.09 11.71
CA ARG B 153 23.94 25.26 10.85
C ARG B 153 24.93 26.27 11.35
N LEU B 154 25.94 26.55 10.54
CA LEU B 154 27.01 27.50 10.94
C LEU B 154 26.75 28.86 10.31
N ASP B 155 26.72 29.90 11.14
CA ASP B 155 26.41 31.27 10.70
C ASP B 155 27.33 31.79 9.60
N LEU B 156 26.73 32.59 8.74
CA LEU B 156 27.43 33.35 7.74
C LEU B 156 27.15 34.79 8.10
N GLY B 157 28.19 35.62 8.19
CA GLY B 157 28.01 37.04 8.49
C GLY B 157 27.59 37.82 7.25
N VAL B 158 27.41 39.14 7.44
CA VAL B 158 27.09 40.03 6.35
C VAL B 158 28.22 40.00 5.32
N GLY B 159 27.87 39.69 4.07
CA GLY B 159 28.83 39.61 2.97
C GLY B 159 29.76 38.39 3.00
N GLU B 160 29.44 37.40 3.82
CA GLU B 160 30.26 36.19 3.86
C GLU B 160 29.87 35.24 2.74
N THR B 161 30.87 34.78 1.99
CA THR B 161 30.64 33.99 0.78
C THR B 161 31.33 32.67 0.92
N VAL B 162 30.75 31.63 0.30
CA VAL B 162 31.17 30.24 0.48
C VAL B 162 31.67 29.65 -0.82
N TYR B 163 32.73 28.85 -0.70
CA TYR B 163 33.48 28.28 -1.82
C TYR B 163 33.79 26.80 -1.62
N GLY B 164 34.08 26.09 -2.70
CA GLY B 164 34.56 24.72 -2.57
C GLY B 164 33.49 23.66 -2.71
N LEU B 165 33.49 22.72 -1.76
CA LEU B 165 32.62 21.55 -1.79
C LEU B 165 32.94 20.64 -2.99
N GLY B 166 34.18 20.72 -3.49
CA GLY B 166 34.59 19.85 -4.59
C GLY B 166 34.64 20.55 -5.94
N GLU B 167 34.85 19.77 -7.00
CA GLU B 167 34.79 20.27 -8.35
C GLU B 167 33.32 20.40 -8.75
N ARG B 168 32.76 21.59 -8.66
CA ARG B 168 31.34 21.77 -9.04
C ARG B 168 31.28 22.78 -10.16
N PHE B 169 30.19 22.74 -10.94
CA PHE B 169 30.13 23.53 -12.15
C PHE B 169 29.03 24.58 -12.13
N THR B 170 28.37 24.71 -10.97
CA THR B 170 27.41 25.77 -10.72
C THR B 170 28.16 27.05 -10.45
N ALA B 171 27.43 28.13 -10.13
CA ALA B 171 28.05 29.42 -9.75
C ALA B 171 29.11 29.20 -8.67
N LEU B 172 30.24 29.91 -8.81
CA LEU B 172 31.42 29.65 -7.96
C LEU B 172 31.14 29.83 -6.48
N VAL B 173 30.48 30.93 -6.17
CA VAL B 173 30.06 31.22 -4.81
C VAL B 173 28.79 30.42 -4.52
N ARG B 174 28.82 29.70 -3.42
CA ARG B 174 27.87 28.65 -3.12
C ARG B 174 26.55 29.15 -2.49
N ASN B 175 26.51 30.42 -2.02
CA ASN B 175 25.38 30.95 -1.27
C ASN B 175 24.16 30.80 -2.17
N GLY B 176 23.07 30.23 -1.67
CA GLY B 176 21.85 30.06 -2.46
C GLY B 176 21.70 28.62 -2.99
N GLN B 177 22.78 27.82 -2.88
CA GLN B 177 22.81 26.48 -3.44
C GLN B 177 22.61 25.33 -2.45
N THR B 178 21.89 24.30 -2.89
CA THR B 178 21.85 22.97 -2.25
C THR B 178 22.94 22.11 -2.88
N VAL B 179 23.74 21.41 -2.07
CA VAL B 179 24.84 20.57 -2.57
C VAL B 179 24.84 19.23 -1.82
N GLU B 180 24.79 18.13 -2.57
CA GLU B 180 24.83 16.79 -2.01
C GLU B 180 26.18 16.22 -2.36
N THR B 181 26.95 15.79 -1.37
CA THR B 181 28.28 15.28 -1.69
C THR B 181 28.21 13.78 -2.00
N TRP B 182 28.05 13.49 -3.28
CA TRP B 182 27.74 12.13 -3.74
C TRP B 182 28.27 12.04 -5.14
N ASN B 183 29.36 11.31 -5.34
CA ASN B 183 29.92 11.21 -6.68
C ASN B 183 28.92 10.71 -7.74
N ARG B 184 28.83 11.42 -8.86
CA ARG B 184 28.09 10.92 -9.99
C ARG B 184 28.82 11.16 -11.28
N ASP B 185 28.33 10.49 -12.30
CA ASP B 185 28.75 10.75 -13.67
C ASP B 185 27.64 11.59 -14.35
N GLY B 186 27.69 12.90 -14.17
CA GLY B 186 26.72 13.81 -14.75
C GLY B 186 27.25 14.80 -15.75
N GLY B 187 28.47 14.58 -16.24
CA GLY B 187 29.13 15.58 -17.08
C GLY B 187 29.46 16.83 -16.28
N THR B 188 29.72 17.94 -16.99
CA THR B 188 30.13 19.23 -16.39
C THR B 188 29.03 20.30 -16.42
N SER B 189 27.82 19.90 -16.82
CA SER B 189 26.77 20.84 -17.25
C SER B 189 25.62 20.99 -16.26
N THR B 190 25.71 20.29 -15.12
CA THR B 190 24.65 20.23 -14.12
C THR B 190 25.12 20.43 -12.68
N GLU B 191 24.20 20.24 -11.73
CA GLU B 191 24.51 20.37 -10.29
C GLU B 191 25.36 19.20 -9.78
N GLN B 192 25.38 18.09 -10.52
CA GLN B 192 26.16 16.95 -10.11
C GLN B 192 27.68 17.13 -10.26
N ALA B 193 28.43 16.33 -9.50
CA ALA B 193 29.89 16.40 -9.58
C ALA B 193 30.50 15.00 -9.56
N TYR B 194 31.56 14.86 -10.32
CA TYR B 194 32.35 13.63 -10.29
C TYR B 194 33.20 13.56 -9.04
N LYS B 195 33.45 14.72 -8.46
CA LYS B 195 34.46 14.86 -7.41
C LYS B 195 33.88 15.63 -6.24
N ASN B 196 33.36 14.93 -5.23
CA ASN B 196 32.68 15.60 -4.14
C ASN B 196 33.53 15.59 -2.88
N ILE B 197 33.56 16.73 -2.20
CA ILE B 197 34.34 16.89 -0.99
C ILE B 197 33.50 17.71 -0.04
N PRO B 198 33.18 17.19 1.15
CA PRO B 198 32.37 17.92 2.12
C PRO B 198 33.20 18.91 2.95
N PHE B 199 33.97 19.71 2.23
CA PHE B 199 34.73 20.79 2.83
C PHE B 199 34.33 22.06 2.11
N TYR B 200 34.08 23.10 2.87
CA TYR B 200 33.96 24.44 2.31
C TYR B 200 34.85 25.44 3.01
N MET B 201 35.09 26.59 2.37
CA MET B 201 35.73 27.72 3.05
C MET B 201 35.02 28.99 2.76
N THR B 202 35.25 30.00 3.59
CA THR B 202 34.65 31.33 3.36
C THR B 202 35.70 32.43 3.23
N ASN B 203 35.20 33.60 2.82
CA ASN B 203 36.02 34.78 2.71
C ASN B 203 36.24 35.41 4.08
N ARG B 204 35.79 34.74 5.14
CA ARG B 204 36.18 35.17 6.49
C ARG B 204 37.43 34.43 7.05
N GLY B 205 38.06 33.61 6.20
CA GLY B 205 39.31 32.96 6.56
C GLY B 205 39.23 31.76 7.50
N TYR B 206 38.23 30.91 7.32
CA TYR B 206 38.16 29.59 7.98
C TYR B 206 37.52 28.59 7.03
N GLY B 207 37.70 27.32 7.35
CA GLY B 207 37.11 26.25 6.58
C GLY B 207 36.44 25.24 7.49
N VAL B 208 35.62 24.39 6.89
CA VAL B 208 35.00 23.29 7.61
C VAL B 208 34.90 22.07 6.77
N LEU B 209 35.45 20.97 7.32
CA LEU B 209 35.33 19.62 6.82
C LEU B 209 34.30 18.86 7.64
N VAL B 210 33.26 18.35 6.97
CA VAL B 210 32.24 17.54 7.63
C VAL B 210 32.67 16.07 7.49
N ASN B 211 32.96 15.42 8.61
CA ASN B 211 33.79 14.21 8.55
C ASN B 211 32.94 12.96 8.30
N HIS B 212 32.32 12.89 7.13
CA HIS B 212 31.38 11.80 6.82
C HIS B 212 31.51 11.44 5.35
N PRO B 213 32.05 10.25 5.04
CA PRO B 213 32.20 9.80 3.65
C PRO B 213 30.87 9.54 2.93
N GLN B 214 29.79 9.29 3.65
CA GLN B 214 28.49 9.07 2.98
C GLN B 214 27.95 10.42 2.47
N CYS B 215 26.73 10.42 1.93
CA CYS B 215 26.13 11.67 1.44
C CYS B 215 25.94 12.66 2.60
N VAL B 216 26.49 13.84 2.42
CA VAL B 216 26.23 15.01 3.28
C VAL B 216 25.42 15.99 2.44
N SER B 217 24.32 16.48 2.98
CA SER B 217 23.42 17.41 2.27
C SER B 217 23.66 18.78 2.85
N PHE B 218 24.31 19.66 2.10
CA PHE B 218 24.55 21.03 2.51
C PHE B 218 23.44 21.90 1.94
N GLU B 219 22.90 22.78 2.75
CA GLU B 219 22.05 23.84 2.24
C GLU B 219 22.82 25.09 2.49
N VAL B 220 23.51 25.60 1.47
CA VAL B 220 24.43 26.74 1.70
C VAL B 220 23.66 28.04 1.50
N GLY B 221 23.09 28.57 2.58
CA GLY B 221 22.26 29.75 2.46
C GLY B 221 21.00 29.53 1.63
N SER B 222 20.61 28.26 1.45
CA SER B 222 19.49 27.87 0.58
C SER B 222 18.23 27.46 1.34
N GLU B 223 18.36 27.19 2.63
CA GLU B 223 17.19 26.94 3.50
C GLU B 223 17.13 28.06 4.53
N LYS B 224 18.19 28.20 5.32
CA LYS B 224 18.34 29.34 6.19
C LYS B 224 19.36 30.24 5.46
N VAL B 225 18.87 31.40 4.97
CA VAL B 225 19.72 32.25 4.11
C VAL B 225 21.09 32.69 4.71
N SER B 226 21.20 32.77 6.02
CA SER B 226 22.43 33.27 6.67
C SER B 226 23.14 32.19 7.48
N LYS B 227 23.06 30.96 6.98
CA LYS B 227 23.74 29.84 7.60
C LYS B 227 24.07 28.84 6.55
N VAL B 228 25.13 28.05 6.80
CA VAL B 228 25.42 26.83 6.05
C VAL B 228 24.90 25.67 6.90
N GLN B 229 23.88 24.99 6.38
CA GLN B 229 23.31 23.83 7.04
C GLN B 229 23.93 22.59 6.46
N PHE B 230 24.27 21.63 7.30
CA PHE B 230 24.64 20.34 6.75
C PHE B 230 24.09 19.24 7.63
N SER B 231 23.66 18.14 7.02
CA SER B 231 23.04 17.06 7.76
C SER B 231 23.45 15.73 7.14
N VAL B 232 23.28 14.66 7.90
CA VAL B 232 23.80 13.38 7.47
C VAL B 232 22.97 12.35 8.22
N GLU B 233 22.73 11.20 7.59
CA GLU B 233 21.97 10.13 8.20
C GLU B 233 22.90 9.38 9.13
N SER B 234 22.78 9.64 10.42
CA SER B 234 23.78 9.17 11.39
C SER B 234 23.28 9.45 12.78
N GLU B 235 23.78 8.69 13.76
CA GLU B 235 23.56 8.97 15.19
C GLU B 235 24.52 10.02 15.76
N TYR B 236 25.49 10.43 14.96
CA TYR B 236 26.40 11.50 15.38
C TYR B 236 26.78 12.34 14.18
N LEU B 237 27.21 13.56 14.44
CA LEU B 237 27.69 14.44 13.40
C LEU B 237 29.06 14.85 13.88
N GLU B 238 30.05 14.77 13.00
CA GLU B 238 31.39 15.22 13.39
C GLU B 238 31.93 16.14 12.31
N TYR B 239 32.40 17.31 12.72
CA TYR B 239 32.98 18.26 11.79
C TYR B 239 34.17 18.95 12.39
N PHE B 240 35.01 19.54 11.53
CA PHE B 240 36.21 20.22 11.94
C PHE B 240 36.19 21.66 11.46
N VAL B 241 36.33 22.61 12.37
CA VAL B 241 36.55 24.01 11.96
C VAL B 241 38.06 24.23 11.83
N ILE B 242 38.45 24.81 10.70
CA ILE B 242 39.86 24.94 10.33
C ILE B 242 40.18 26.44 10.21
N ASP B 243 41.05 26.90 11.08
CA ASP B 243 41.45 28.31 11.12
C ASP B 243 42.32 28.69 9.96
N GLY B 244 42.30 29.98 9.63
CA GLY B 244 43.17 30.57 8.62
C GLY B 244 44.29 31.36 9.29
N PRO B 245 44.21 32.70 9.32
CA PRO B 245 43.03 33.44 8.89
C PRO B 245 42.91 33.82 7.41
N THR B 246 43.75 33.28 6.52
CA THR B 246 43.56 33.51 5.08
C THR B 246 43.14 32.23 4.40
N PRO B 247 42.49 32.33 3.24
CA PRO B 247 42.14 31.12 2.48
C PRO B 247 43.36 30.23 2.24
N LYS B 248 44.53 30.79 1.98
CA LYS B 248 45.72 29.96 1.75
C LYS B 248 46.20 29.18 2.98
N ALA B 249 46.09 29.81 4.14
CA ALA B 249 46.42 29.18 5.42
C ALA B 249 45.39 28.08 5.79
N VAL B 250 44.11 28.29 5.47
CA VAL B 250 43.09 27.26 5.69
C VAL B 250 43.44 26.00 4.91
N LEU B 251 43.82 26.19 3.64
CA LEU B 251 44.17 25.11 2.73
C LEU B 251 45.47 24.42 3.12
N ASP B 252 46.41 25.19 3.68
CA ASP B 252 47.62 24.63 4.28
C ASP B 252 47.24 23.66 5.40
N ARG B 253 46.43 24.09 6.37
CA ARG B 253 45.95 23.21 7.44
C ARG B 253 45.14 22.01 6.90
N TYR B 254 44.28 22.29 5.93
CA TYR B 254 43.39 21.28 5.36
C TYR B 254 44.15 20.16 4.67
N THR B 255 45.11 20.52 3.81
CA THR B 255 45.89 19.52 3.10
C THR B 255 46.88 18.83 4.04
N ARG B 256 47.34 19.51 5.09
CA ARG B 256 48.19 18.83 6.07
C ARG B 256 47.35 17.75 6.71
N PHE B 257 46.12 18.11 7.05
CA PHE B 257 45.18 17.20 7.74
C PHE B 257 44.70 16.03 6.82
N THR B 258 44.34 16.34 5.56
CA THR B 258 43.77 15.31 4.65
C THR B 258 44.67 14.78 3.54
N GLY B 259 45.82 15.42 3.32
CA GLY B 259 46.78 15.00 2.31
C GLY B 259 47.28 16.12 1.44
N ARG B 260 48.60 16.13 1.21
CA ARG B 260 49.25 17.06 0.33
C ARG B 260 49.18 16.56 -1.11
N PRO B 261 48.84 17.44 -2.06
CA PRO B 261 49.02 17.12 -3.47
C PRO B 261 50.47 16.65 -3.69
N ALA B 262 50.68 15.52 -4.38
CA ALA B 262 52.02 15.12 -4.80
C ALA B 262 52.52 16.11 -5.82
N LEU B 263 53.82 16.08 -6.07
CA LEU B 263 54.42 16.96 -7.06
C LEU B 263 54.57 16.14 -8.33
N PRO B 264 53.82 16.48 -9.39
CA PRO B 264 53.90 15.68 -10.62
C PRO B 264 55.26 15.89 -11.34
N PRO B 265 55.75 14.89 -12.09
CA PRO B 265 57.00 15.05 -12.86
C PRO B 265 56.90 16.25 -13.80
N ALA B 266 58.03 16.85 -14.16
CA ALA B 266 57.97 18.10 -14.93
C ALA B 266 57.44 17.83 -16.34
N TRP B 267 57.72 16.63 -16.85
CA TRP B 267 57.27 16.26 -18.19
C TRP B 267 55.72 16.30 -18.34
N SER B 268 55.01 16.07 -17.25
CA SER B 268 53.54 15.96 -17.31
C SER B 268 52.95 17.33 -17.61
N PHE B 269 53.81 18.34 -17.44
CA PHE B 269 53.39 19.71 -17.66
C PHE B 269 53.40 20.13 -19.10
N GLY B 270 53.85 19.26 -20.00
CA GLY B 270 53.86 19.58 -21.43
C GLY B 270 52.48 19.43 -22.06
N LEU B 271 52.43 19.30 -23.40
CA LEU B 271 51.17 19.02 -24.10
C LEU B 271 50.86 17.54 -24.28
N TRP B 272 49.66 17.17 -23.84
CA TRP B 272 49.08 15.83 -23.99
C TRP B 272 48.12 15.81 -25.18
N LEU B 273 48.26 14.79 -26.02
CA LEU B 273 47.33 14.62 -27.14
C LEU B 273 46.69 13.24 -27.02
N THR B 274 45.39 13.14 -27.31
CA THR B 274 44.79 11.79 -27.34
C THR B 274 44.31 11.36 -28.71
N THR B 275 43.92 10.10 -28.79
CA THR B 275 43.23 9.48 -29.89
C THR B 275 41.78 9.97 -30.06
N SER B 276 41.30 10.74 -29.09
CA SER B 276 39.86 10.96 -28.87
C SER B 276 39.14 9.64 -28.58
N PHE B 277 37.83 9.70 -28.37
CA PHE B 277 37.11 8.59 -27.69
C PHE B 277 36.55 7.52 -28.63
N THR B 278 35.51 7.86 -29.39
CA THR B 278 34.86 6.90 -30.32
C THR B 278 35.27 7.12 -31.76
N THR B 279 36.32 7.93 -31.96
CA THR B 279 36.96 8.03 -33.26
C THR B 279 37.71 6.72 -33.59
N ASN B 280 38.18 6.59 -34.83
CA ASN B 280 39.02 5.46 -35.21
C ASN B 280 40.47 5.70 -34.82
N TYR B 281 41.12 4.66 -34.36
CA TYR B 281 42.57 4.72 -34.18
C TYR B 281 43.25 3.37 -34.23
N ASP B 282 44.47 3.37 -34.77
CA ASP B 282 45.39 2.23 -34.81
C ASP B 282 46.80 2.83 -34.84
N GLU B 283 47.83 2.02 -35.10
CA GLU B 283 49.21 2.55 -35.11
C GLU B 283 49.43 3.65 -36.15
N ALA B 284 48.92 3.41 -37.35
CA ALA B 284 49.01 4.38 -38.41
C ALA B 284 48.40 5.76 -38.04
N THR B 285 47.22 5.76 -37.42
CA THR B 285 46.54 7.00 -36.99
C THR B 285 47.38 7.77 -35.98
N VAL B 286 47.88 7.05 -34.99
CA VAL B 286 48.72 7.62 -33.95
C VAL B 286 50.01 8.25 -34.57
N ASN B 287 50.73 7.47 -35.36
CA ASN B 287 51.94 7.96 -36.04
C ASN B 287 51.60 9.20 -36.86
N SER B 288 50.44 9.16 -37.50
CA SER B 288 49.95 10.28 -38.30
C SER B 288 49.87 11.56 -37.48
N PHE B 289 49.54 11.40 -36.21
CA PHE B 289 49.26 12.53 -35.36
C PHE B 289 50.56 13.09 -34.80
N ILE B 290 51.39 12.18 -34.31
CA ILE B 290 52.71 12.52 -33.81
C ILE B 290 53.52 13.20 -34.92
N ASP B 291 53.58 12.56 -36.09
CA ASP B 291 54.29 13.09 -37.24
C ASP B 291 53.75 14.45 -37.65
N GLY B 292 52.44 14.58 -37.74
CA GLY B 292 51.84 15.82 -38.15
C GLY B 292 52.12 16.96 -37.18
N MET B 293 52.25 16.62 -35.90
CA MET B 293 52.64 17.61 -34.91
C MET B 293 54.08 18.04 -35.20
N ALA B 294 55.01 17.07 -35.29
CA ALA B 294 56.41 17.34 -35.64
C ALA B 294 56.60 18.21 -36.91
N GLU B 295 55.95 17.84 -38.02
CA GLU B 295 56.09 18.56 -39.29
C GLU B 295 55.56 19.99 -39.22
N ARG B 296 54.71 20.26 -38.24
CA ARG B 296 54.16 21.60 -38.08
C ARG B 296 54.89 22.37 -37.00
N ASN B 297 55.99 21.78 -36.51
CA ASN B 297 56.77 22.35 -35.42
C ASN B 297 55.91 22.66 -34.20
N LEU B 298 55.12 21.66 -33.79
CA LEU B 298 54.28 21.76 -32.60
C LEU B 298 54.84 20.76 -31.61
N PRO B 299 55.46 21.25 -30.53
CA PRO B 299 55.94 20.36 -29.47
C PRO B 299 54.79 19.54 -28.90
N LEU B 300 55.06 18.26 -28.63
CA LEU B 300 54.09 17.30 -28.06
C LEU B 300 54.87 16.43 -27.09
N HIS B 301 54.33 16.21 -25.89
CA HIS B 301 55.10 15.54 -24.82
C HIS B 301 54.51 14.28 -24.23
N VAL B 302 53.18 14.13 -24.35
CA VAL B 302 52.48 12.94 -23.86
C VAL B 302 51.40 12.57 -24.88
N PHE B 303 51.36 11.30 -25.25
CA PHE B 303 50.29 10.80 -26.08
C PHE B 303 49.46 9.76 -25.32
N HIS B 304 48.14 9.86 -25.47
CA HIS B 304 47.21 9.03 -24.71
C HIS B 304 46.30 8.16 -25.59
N PHE B 305 46.21 6.89 -25.26
CA PHE B 305 45.38 5.93 -25.97
C PHE B 305 44.05 5.78 -25.22
N ASP B 306 42.94 6.16 -25.85
CA ASP B 306 41.64 6.05 -25.18
C ASP B 306 41.03 4.65 -25.31
N CYS B 307 39.76 4.53 -24.92
CA CYS B 307 39.16 3.22 -24.59
C CYS B 307 39.35 2.08 -25.62
N PHE B 308 39.34 2.42 -26.91
CA PHE B 308 39.39 1.41 -27.98
C PHE B 308 40.79 0.81 -28.23
N TRP B 309 41.69 1.00 -27.27
CA TRP B 309 42.90 0.19 -27.24
C TRP B 309 42.55 -1.22 -26.82
N MET B 310 41.42 -1.35 -26.10
CA MET B 310 40.82 -2.66 -25.81
C MET B 310 39.61 -2.97 -26.71
N LYS B 311 39.28 -4.25 -26.88
CA LYS B 311 38.13 -4.65 -27.69
C LYS B 311 36.79 -4.10 -27.14
N ALA B 312 35.94 -3.61 -28.01
CA ALA B 312 34.57 -3.17 -27.64
C ALA B 312 33.85 -4.20 -26.76
N PHE B 313 33.17 -3.69 -25.74
CA PHE B 313 32.39 -4.49 -24.78
C PHE B 313 33.22 -5.26 -23.74
N GLN B 314 34.56 -5.20 -23.84
CA GLN B 314 35.38 -5.92 -22.88
C GLN B 314 36.12 -4.92 -21.99
N TRP B 315 35.65 -3.68 -21.94
CA TRP B 315 36.42 -2.69 -21.22
C TRP B 315 36.48 -2.90 -19.75
N CYS B 316 37.64 -2.38 -19.35
CA CYS B 316 38.73 -2.77 -18.54
C CYS B 316 39.27 -4.15 -18.24
N ASP B 317 39.67 -4.85 -19.30
CA ASP B 317 40.26 -6.17 -19.16
C ASP B 317 41.76 -6.21 -19.46
N PHE B 318 42.32 -5.06 -19.89
CA PHE B 318 43.75 -4.85 -20.11
C PHE B 318 44.39 -5.56 -21.33
N GLU B 319 43.55 -6.10 -22.21
CA GLU B 319 44.03 -6.79 -23.41
C GLU B 319 43.94 -5.89 -24.64
N TRP B 320 45.08 -5.62 -25.26
CA TRP B 320 45.11 -4.83 -26.48
C TRP B 320 44.25 -5.49 -27.56
N ASP B 321 43.59 -4.66 -28.37
CA ASP B 321 42.85 -5.14 -29.53
C ASP B 321 43.80 -5.62 -30.64
N PRO B 322 43.79 -6.94 -30.93
CA PRO B 322 44.76 -7.55 -31.86
C PRO B 322 44.63 -7.12 -33.31
N LEU B 323 43.46 -6.68 -33.75
CA LEU B 323 43.29 -6.23 -35.11
C LEU B 323 43.64 -4.75 -35.29
N THR B 324 43.63 -4.01 -34.19
CA THR B 324 43.98 -2.60 -34.23
C THR B 324 45.40 -2.32 -33.76
N PHE B 325 45.86 -3.14 -32.84
CA PHE B 325 47.20 -3.01 -32.31
C PHE B 325 47.80 -4.40 -32.19
N PRO B 326 48.29 -4.92 -33.33
CA PRO B 326 48.80 -6.30 -33.38
C PRO B 326 50.20 -6.40 -32.77
N ASP B 327 50.85 -5.25 -32.55
CA ASP B 327 52.20 -5.24 -31.95
C ASP B 327 52.31 -4.10 -30.91
N PRO B 328 51.71 -4.29 -29.73
CA PRO B 328 51.65 -3.23 -28.71
C PRO B 328 53.03 -2.82 -28.14
N GLU B 329 53.88 -3.79 -27.78
CA GLU B 329 55.23 -3.47 -27.25
C GLU B 329 56.11 -2.70 -28.26
N GLY B 330 56.08 -3.14 -29.52
CA GLY B 330 56.83 -2.51 -30.59
C GLY B 330 56.35 -1.11 -30.89
N MET B 331 55.02 -0.94 -30.96
CA MET B 331 54.43 0.38 -31.15
C MET B 331 54.90 1.35 -30.09
N ILE B 332 54.75 0.99 -28.83
CA ILE B 332 55.07 1.94 -27.77
C ILE B 332 56.57 2.21 -27.79
N ARG B 333 57.35 1.20 -28.21
CA ARG B 333 58.80 1.33 -28.31
C ARG B 333 59.14 2.35 -29.38
N ARG B 334 58.54 2.23 -30.56
CA ARG B 334 58.69 3.23 -31.63
C ARG B 334 58.29 4.65 -31.17
N LEU B 335 57.15 4.78 -30.51
CA LEU B 335 56.63 6.11 -30.12
C LEU B 335 57.48 6.76 -29.02
N LYS B 336 58.08 5.92 -28.18
CA LYS B 336 58.96 6.37 -27.11
C LYS B 336 60.31 6.93 -27.62
N ALA B 337 60.83 6.37 -28.71
CA ALA B 337 62.12 6.78 -29.28
C ALA B 337 62.17 8.30 -29.49
N LYS B 338 61.04 8.87 -29.93
CA LYS B 338 60.88 10.32 -30.07
C LYS B 338 61.12 11.09 -28.75
N GLY B 339 61.04 10.39 -27.61
CA GLY B 339 61.01 11.01 -26.29
C GLY B 339 59.60 11.20 -25.70
N LEU B 340 58.58 10.81 -26.45
CA LEU B 340 57.19 10.83 -25.95
C LEU B 340 56.95 9.99 -24.70
N LYS B 341 56.14 10.54 -23.81
CA LYS B 341 55.54 9.77 -22.72
C LYS B 341 54.16 9.24 -23.15
N ILE B 342 53.79 8.06 -22.62
CA ILE B 342 52.58 7.35 -23.01
C ILE B 342 51.60 7.11 -21.84
N CYS B 343 50.35 7.49 -22.08
CA CYS B 343 49.24 7.23 -21.17
C CYS B 343 48.24 6.25 -21.81
N VAL B 344 47.61 5.41 -21.00
CA VAL B 344 46.48 4.61 -21.47
C VAL B 344 45.25 4.69 -20.51
N TRP B 345 44.07 4.62 -21.12
CA TRP B 345 42.80 4.65 -20.40
C TRP B 345 42.60 3.37 -19.62
N ILE B 346 42.20 3.49 -18.37
CA ILE B 346 41.72 2.35 -17.60
C ILE B 346 40.47 2.77 -16.86
N ASN B 347 39.78 1.80 -16.29
CA ASN B 347 38.74 2.08 -15.30
C ASN B 347 38.53 0.90 -14.37
N PRO B 348 37.68 1.04 -13.36
CA PRO B 348 37.51 -0.03 -12.39
C PRO B 348 36.31 -0.92 -12.65
N TYR B 349 35.89 -1.03 -13.92
CA TYR B 349 34.71 -1.84 -14.26
C TYR B 349 35.13 -2.84 -15.31
N ILE B 350 34.32 -3.88 -15.48
CA ILE B 350 34.55 -4.91 -16.52
C ILE B 350 33.27 -5.48 -17.16
N GLY B 351 33.22 -5.38 -18.47
CA GLY B 351 32.16 -5.89 -19.32
C GLY B 351 32.19 -7.40 -19.43
N GLN B 352 31.01 -7.98 -19.51
CA GLN B 352 30.85 -9.42 -19.38
C GLN B 352 31.48 -10.18 -20.56
N LYS B 353 31.56 -9.54 -21.71
CA LYS B 353 32.10 -10.15 -22.92
C LYS B 353 33.57 -10.63 -22.81
N SER B 354 34.36 -9.92 -22.01
CA SER B 354 35.77 -10.24 -21.82
C SER B 354 35.98 -11.68 -21.34
N PRO B 355 36.87 -12.42 -22.01
CA PRO B 355 37.26 -13.77 -21.51
C PRO B 355 37.67 -13.73 -20.03
N VAL B 356 38.14 -12.58 -19.55
CA VAL B 356 38.63 -12.43 -18.18
C VAL B 356 37.50 -12.37 -17.15
N PHE B 357 36.31 -11.98 -17.60
CA PHE B 357 35.16 -11.85 -16.72
C PHE B 357 34.92 -13.13 -15.95
N LYS B 358 34.84 -14.25 -16.68
CA LYS B 358 34.62 -15.55 -16.08
C LYS B 358 35.68 -15.87 -14.98
N GLU B 359 36.93 -15.48 -15.21
CA GLU B 359 38.01 -15.77 -14.24
C GLU B 359 37.74 -14.97 -12.98
N LEU B 360 37.36 -13.71 -13.15
CA LEU B 360 37.14 -12.82 -12.02
C LEU B 360 35.96 -13.31 -11.16
N GLN B 361 34.90 -13.79 -11.83
CA GLN B 361 33.69 -14.29 -11.18
C GLN B 361 34.00 -15.54 -10.36
N GLU B 362 34.65 -16.51 -11.00
CA GLU B 362 35.11 -17.72 -10.27
C GLU B 362 35.99 -17.37 -9.09
N LYS B 363 36.90 -16.43 -9.25
CA LYS B 363 37.80 -16.06 -8.16
C LYS B 363 37.15 -15.17 -7.09
N GLY B 364 36.05 -14.49 -7.44
CA GLY B 364 35.32 -13.76 -6.41
C GLY B 364 35.89 -12.39 -6.25
N TYR B 365 36.44 -11.87 -7.32
CA TYR B 365 37.10 -10.57 -7.34
C TYR B 365 36.09 -9.43 -7.69
N LEU B 366 34.84 -9.78 -8.01
CA LEU B 366 33.89 -8.70 -8.42
C LEU B 366 32.84 -8.35 -7.35
N LEU B 367 32.37 -7.12 -7.35
CA LEU B 367 31.35 -6.68 -6.38
C LEU B 367 30.09 -7.54 -6.45
N LYS B 368 29.70 -8.08 -5.28
CA LYS B 368 28.59 -9.00 -5.19
C LYS B 368 27.39 -8.32 -4.52
N ARG B 369 26.20 -8.79 -4.89
CA ARG B 369 24.98 -8.50 -4.12
C ARG B 369 24.94 -9.31 -2.84
N PRO B 370 24.07 -8.93 -1.88
CA PRO B 370 24.00 -9.64 -0.60
C PRO B 370 23.67 -11.13 -0.75
N ASP B 371 23.08 -11.53 -1.88
CA ASP B 371 22.81 -12.97 -2.05
C ASP B 371 23.98 -13.77 -2.62
N GLY B 372 25.08 -13.09 -2.93
CA GLY B 372 26.28 -13.78 -3.42
C GLY B 372 26.42 -13.72 -4.93
N SER B 373 25.34 -13.34 -5.64
CA SER B 373 25.42 -13.20 -7.10
C SER B 373 26.22 -11.94 -7.40
N LEU B 374 26.66 -11.78 -8.65
CA LEU B 374 27.33 -10.57 -9.10
C LEU B 374 26.37 -9.37 -9.24
N TRP B 375 26.85 -8.20 -8.86
CA TRP B 375 26.18 -6.96 -9.19
C TRP B 375 26.53 -6.65 -10.61
N GLN B 376 25.52 -6.39 -11.43
CA GLN B 376 25.74 -6.09 -12.82
C GLN B 376 24.67 -5.11 -13.29
N TRP B 377 25.00 -4.26 -14.27
CA TRP B 377 23.99 -3.57 -15.09
C TRP B 377 24.53 -3.39 -16.48
N ASP B 378 23.76 -2.70 -17.31
CA ASP B 378 24.14 -2.49 -18.71
C ASP B 378 24.61 -1.09 -19.10
N LYS B 379 24.79 -0.22 -18.11
CA LYS B 379 25.39 1.08 -18.43
C LYS B 379 26.91 0.93 -18.64
N TRP B 380 27.45 1.77 -19.55
CA TRP B 380 28.84 1.76 -19.99
C TRP B 380 29.24 0.51 -20.78
N GLN B 381 29.15 -0.66 -20.17
CA GLN B 381 29.45 -1.92 -20.84
C GLN B 381 28.33 -2.93 -20.58
N PRO B 382 28.10 -3.85 -21.50
CA PRO B 382 27.09 -4.89 -21.28
C PRO B 382 27.42 -5.87 -20.14
N GLY B 383 26.46 -6.10 -19.25
CA GLY B 383 26.71 -6.98 -18.12
C GLY B 383 27.93 -6.53 -17.33
N LEU B 384 28.07 -5.21 -17.19
CA LEU B 384 29.16 -4.58 -16.46
C LEU B 384 29.20 -5.02 -14.99
N ALA B 385 30.39 -5.40 -14.51
CA ALA B 385 30.66 -5.66 -13.10
C ALA B 385 31.76 -4.72 -12.56
N ILE B 386 31.88 -4.61 -11.25
CA ILE B 386 32.85 -3.70 -10.64
C ILE B 386 33.98 -4.45 -9.88
N TYR B 387 35.24 -4.11 -10.11
CA TYR B 387 36.32 -4.71 -9.28
C TYR B 387 36.15 -4.31 -7.80
N ASP B 388 35.98 -5.30 -6.94
CA ASP B 388 35.89 -5.07 -5.52
C ASP B 388 37.30 -4.85 -4.91
N PHE B 389 37.70 -3.58 -4.75
CA PHE B 389 39.00 -3.23 -4.27
C PHE B 389 39.12 -3.35 -2.75
N THR B 390 38.07 -3.81 -2.09
CA THR B 390 38.19 -4.18 -0.69
C THR B 390 38.67 -5.62 -0.54
N ASN B 391 38.70 -6.36 -1.64
CA ASN B 391 39.28 -7.70 -1.68
C ASN B 391 40.81 -7.61 -2.02
N PRO B 392 41.69 -7.95 -1.06
CA PRO B 392 43.15 -7.82 -1.29
C PRO B 392 43.59 -8.61 -2.52
N ASP B 393 42.96 -9.75 -2.77
CA ASP B 393 43.32 -10.59 -3.91
C ASP B 393 42.94 -9.90 -5.22
N ALA B 394 41.76 -9.26 -5.25
CA ALA B 394 41.34 -8.53 -6.42
C ALA B 394 42.24 -7.34 -6.65
N CYS B 395 42.63 -6.65 -5.58
CA CYS B 395 43.53 -5.50 -5.74
C CYS B 395 44.86 -5.93 -6.41
N LYS B 396 45.40 -7.05 -5.93
CA LYS B 396 46.65 -7.60 -6.48
C LYS B 396 46.52 -8.00 -7.97
N TRP B 397 45.40 -8.62 -8.33
CA TRP B 397 45.20 -9.02 -9.71
C TRP B 397 45.17 -7.78 -10.64
N TYR B 398 44.48 -6.72 -10.18
CA TYR B 398 44.34 -5.50 -10.94
C TYR B 398 45.68 -4.72 -11.02
N ALA B 399 46.36 -4.63 -9.88
CA ALA B 399 47.74 -4.06 -9.83
C ALA B 399 48.71 -4.76 -10.77
N ASP B 400 48.62 -6.08 -10.83
CA ASP B 400 49.49 -6.88 -11.71
C ASP B 400 49.31 -6.57 -13.19
N LYS B 401 48.03 -6.45 -13.61
CA LYS B 401 47.73 -6.07 -14.99
C LYS B 401 48.39 -4.73 -15.29
N LEU B 402 48.32 -3.82 -14.33
CA LEU B 402 48.93 -2.51 -14.52
C LEU B 402 50.46 -2.55 -14.61
N LYS B 403 51.10 -3.30 -13.74
CA LYS B 403 52.55 -3.53 -13.84
C LYS B 403 52.93 -4.07 -15.24
N GLY B 404 52.08 -4.96 -15.77
CA GLY B 404 52.33 -5.51 -17.09
C GLY B 404 52.38 -4.40 -18.15
N LEU B 405 51.49 -3.41 -18.03
CA LEU B 405 51.46 -2.30 -19.00
C LEU B 405 52.69 -1.39 -18.79
N VAL B 406 53.03 -1.17 -17.54
CA VAL B 406 54.21 -0.37 -17.24
C VAL B 406 55.46 -1.06 -17.84
N ALA B 407 55.57 -2.37 -17.66
CA ALA B 407 56.73 -3.15 -18.15
C ALA B 407 56.80 -3.10 -19.68
N MET B 408 55.67 -2.82 -20.32
CA MET B 408 55.70 -2.61 -21.76
C MET B 408 55.95 -1.17 -22.16
N GLY B 409 56.12 -0.25 -21.23
CA GLY B 409 56.46 1.12 -21.63
C GLY B 409 55.43 2.23 -21.37
N VAL B 410 54.24 1.89 -20.86
CA VAL B 410 53.29 2.91 -20.44
C VAL B 410 53.81 3.66 -19.22
N ASP B 411 53.82 4.98 -19.28
CA ASP B 411 54.31 5.80 -18.17
C ASP B 411 53.27 6.24 -17.12
N CYS B 412 52.00 6.34 -17.54
CA CYS B 412 50.95 6.79 -16.63
C CYS B 412 49.57 6.26 -17.07
N PHE B 413 48.54 6.57 -16.28
CA PHE B 413 47.20 5.96 -16.45
C PHE B 413 46.16 7.03 -16.30
N LYS B 414 45.17 6.99 -17.19
CA LYS B 414 44.01 7.83 -17.02
C LYS B 414 43.06 6.99 -16.21
N THR B 415 42.92 7.30 -14.93
CA THR B 415 41.98 6.57 -14.07
C THR B 415 40.56 7.17 -14.23
N ASP B 416 39.80 6.59 -15.16
CA ASP B 416 38.51 7.15 -15.56
C ASP B 416 37.45 6.52 -14.66
N PHE B 417 36.25 7.13 -14.62
CA PHE B 417 35.13 6.56 -13.89
C PHE B 417 35.41 6.41 -12.40
N GLY B 418 34.67 5.53 -11.76
CA GLY B 418 34.75 5.34 -10.30
C GLY B 418 33.63 6.02 -9.53
N GLU B 419 32.70 6.68 -10.22
CA GLU B 419 31.61 7.42 -9.55
C GLU B 419 30.35 6.60 -9.26
N ARG B 420 29.84 5.82 -10.23
CA ARG B 420 28.52 5.21 -10.04
C ARG B 420 28.63 3.90 -9.29
N ILE B 421 28.96 4.03 -8.03
CA ILE B 421 29.16 2.84 -7.23
C ILE B 421 27.84 2.53 -6.50
N PRO B 422 27.29 1.37 -6.73
CA PRO B 422 25.98 1.01 -6.14
C PRO B 422 26.06 0.75 -4.64
N THR B 423 24.93 0.96 -3.96
CA THR B 423 24.83 0.64 -2.55
C THR B 423 24.08 -0.64 -2.20
N ASP B 424 23.40 -1.26 -3.17
CA ASP B 424 22.69 -2.51 -2.90
C ASP B 424 23.59 -3.78 -3.02
N VAL B 425 24.68 -3.78 -2.27
CA VAL B 425 25.77 -4.71 -2.48
C VAL B 425 26.40 -5.07 -1.13
N GLN B 426 27.32 -6.03 -1.15
CA GLN B 426 28.04 -6.42 0.03
C GLN B 426 29.49 -6.48 -0.39
N TRP B 427 30.29 -5.59 0.22
CA TRP B 427 31.72 -5.48 -0.03
C TRP B 427 32.48 -6.66 0.62
N PHE B 428 33.55 -7.13 -0.02
CA PHE B 428 34.39 -8.18 0.61
C PHE B 428 34.66 -7.90 2.09
N ASP B 429 35.00 -6.66 2.45
CA ASP B 429 35.44 -6.37 3.82
C ASP B 429 34.26 -5.92 4.72
N GLY B 430 33.02 -6.06 4.23
CA GLY B 430 31.86 -5.72 5.01
C GLY B 430 31.73 -4.23 5.28
N SER B 431 32.41 -3.42 4.49
CA SER B 431 32.33 -1.95 4.62
C SER B 431 30.86 -1.50 4.50
N ASP B 432 30.53 -0.36 5.09
CA ASP B 432 29.23 0.33 4.89
C ASP B 432 29.11 0.78 3.43
N PRO B 433 28.14 0.27 2.66
CA PRO B 433 28.01 0.71 1.28
C PRO B 433 27.74 2.21 1.10
N GLN B 434 27.12 2.87 2.07
CA GLN B 434 26.82 4.33 1.93
C GLN B 434 28.13 5.15 1.97
N LYS B 435 29.10 4.68 2.75
CA LYS B 435 30.44 5.28 2.84
C LYS B 435 31.38 4.89 1.69
N MET B 436 31.25 3.65 1.19
CA MET B 436 32.08 3.18 0.08
C MET B 436 31.77 3.89 -1.23
N HIS B 437 30.55 4.44 -1.38
CA HIS B 437 30.18 5.03 -2.67
C HIS B 437 31.20 6.08 -3.06
N ASN B 438 31.47 7.05 -2.17
CA ASN B 438 32.45 8.12 -2.42
C ASN B 438 33.88 7.64 -2.20
N HIS B 439 34.08 6.79 -1.19
CA HIS B 439 35.45 6.45 -0.78
C HIS B 439 36.12 5.50 -1.78
N TYR B 440 35.31 4.77 -2.56
CA TYR B 440 35.83 3.99 -3.69
C TYR B 440 36.74 4.77 -4.66
N ALA B 441 36.38 6.00 -5.01
CA ALA B 441 37.24 6.86 -5.83
C ALA B 441 38.66 6.94 -5.22
N TYR B 442 38.75 7.11 -3.91
CA TYR B 442 40.06 7.20 -3.25
C TYR B 442 40.83 5.87 -3.33
N ILE B 443 40.17 4.78 -2.93
CA ILE B 443 40.77 3.44 -2.93
C ILE B 443 41.30 3.07 -4.30
N TYR B 444 40.49 3.36 -5.31
CA TYR B 444 40.81 3.05 -6.69
C TYR B 444 42.07 3.81 -7.16
N ASN B 445 42.05 5.13 -6.98
CA ASN B 445 43.16 5.94 -7.41
C ASN B 445 44.43 5.68 -6.60
N GLU B 446 44.26 5.40 -5.30
CA GLU B 446 45.38 5.09 -4.44
C GLU B 446 46.10 3.81 -4.91
N LEU B 447 45.30 2.80 -5.27
CA LEU B 447 45.81 1.57 -5.82
C LEU B 447 46.66 1.88 -7.05
N VAL B 448 46.09 2.62 -8.00
CA VAL B 448 46.83 2.93 -9.24
C VAL B 448 48.12 3.72 -8.99
N TRP B 449 48.00 4.82 -8.24
CA TRP B 449 49.13 5.61 -7.79
C TRP B 449 50.28 4.75 -7.21
N ASN B 450 49.91 3.83 -6.33
CA ASN B 450 50.89 2.94 -5.68
C ASN B 450 51.59 2.01 -6.66
N VAL B 451 50.89 1.58 -7.71
CA VAL B 451 51.53 0.80 -8.77
C VAL B 451 52.64 1.64 -9.44
N LEU B 452 52.32 2.87 -9.82
CA LEU B 452 53.33 3.72 -10.43
C LEU B 452 54.51 3.96 -9.45
N LYS B 453 54.19 4.35 -8.22
CA LYS B 453 55.19 4.58 -7.17
C LYS B 453 56.18 3.42 -7.09
N ASP B 454 55.65 2.19 -7.20
CA ASP B 454 56.45 0.98 -7.09
C ASP B 454 57.21 0.60 -8.36
N THR B 455 56.85 1.19 -9.49
CA THR B 455 57.45 0.80 -10.76
C THR B 455 58.27 1.91 -11.43
N VAL B 456 57.71 3.11 -11.56
CA VAL B 456 58.42 4.21 -12.19
C VAL B 456 59.12 5.10 -11.15
N GLY B 457 58.73 4.94 -9.88
CA GLY B 457 59.20 5.77 -8.79
C GLY B 457 58.19 6.87 -8.50
N GLU B 458 58.10 7.24 -7.23
CA GLU B 458 57.23 8.31 -6.73
C GLU B 458 57.29 9.60 -7.53
N GLU B 459 58.53 10.05 -7.83
CA GLU B 459 58.82 11.27 -8.60
C GLU B 459 58.21 11.26 -9.99
N GLU B 460 58.02 10.07 -10.55
CA GLU B 460 57.53 9.87 -11.90
C GLU B 460 56.03 9.49 -11.99
N ALA B 461 55.39 9.25 -10.85
CA ALA B 461 53.94 8.88 -10.80
C ALA B 461 53.05 10.08 -11.17
N VAL B 462 52.14 9.89 -12.11
CA VAL B 462 51.11 10.87 -12.40
C VAL B 462 49.85 10.14 -12.91
N LEU B 463 48.68 10.69 -12.59
CA LEU B 463 47.44 10.16 -13.13
C LEU B 463 46.67 11.22 -13.88
N PHE B 464 45.62 10.81 -14.59
CA PHE B 464 44.63 11.75 -15.13
C PHE B 464 43.32 11.19 -14.59
N ALA B 465 42.84 11.74 -13.47
CA ALA B 465 41.79 11.13 -12.66
C ALA B 465 40.41 11.87 -12.77
N ARG B 466 39.31 11.14 -12.94
CA ARG B 466 37.98 11.80 -13.14
C ARG B 466 37.22 11.96 -11.85
N SER B 467 37.41 11.03 -10.94
CA SER B 467 36.63 11.01 -9.71
C SER B 467 37.56 11.15 -8.52
N ALA B 468 37.02 11.62 -7.41
CA ALA B 468 37.79 11.90 -6.22
C ALA B 468 36.89 11.97 -4.98
N SER B 469 37.53 11.85 -3.84
CA SER B 469 36.94 11.90 -2.52
C SER B 469 38.04 12.43 -1.57
N VAL B 470 37.73 12.75 -0.30
CA VAL B 470 38.69 13.39 0.63
C VAL B 470 40.02 12.58 0.66
N GLY B 471 41.14 13.24 0.40
CA GLY B 471 42.44 12.55 0.41
C GLY B 471 43.01 12.31 -0.97
N ALA B 472 42.15 12.22 -2.00
CA ALA B 472 42.58 11.87 -3.35
C ALA B 472 43.47 12.90 -4.03
N GLN B 473 43.52 14.11 -3.47
CA GLN B 473 44.42 15.16 -3.98
C GLN B 473 45.88 14.74 -3.90
N LYS B 474 46.18 13.73 -3.07
CA LYS B 474 47.52 13.14 -3.01
C LYS B 474 47.91 12.42 -4.26
N PHE B 475 46.92 12.20 -5.12
CA PHE B 475 47.16 11.39 -6.32
C PHE B 475 46.89 12.18 -7.57
N PRO B 476 47.74 13.19 -7.81
CA PRO B 476 47.44 14.18 -8.80
C PRO B 476 47.44 13.78 -10.23
N VAL B 477 46.91 14.85 -10.78
CA VAL B 477 46.24 15.16 -11.98
C VAL B 477 44.76 14.74 -12.03
N HIS B 478 43.92 15.74 -11.80
CA HIS B 478 42.49 15.63 -12.00
C HIS B 478 42.05 16.42 -13.20
N TRP B 479 41.15 15.87 -13.99
CA TRP B 479 40.61 16.57 -15.15
C TRP B 479 39.09 16.73 -15.05
N GLY B 480 38.61 17.86 -15.56
CA GLY B 480 37.21 18.24 -15.42
C GLY B 480 36.14 17.42 -16.15
N GLY B 481 36.51 16.30 -16.78
CA GLY B 481 35.53 15.40 -17.39
C GLY B 481 34.89 15.90 -18.69
N ASP B 482 33.64 15.50 -18.92
CA ASP B 482 33.05 15.56 -20.26
C ASP B 482 32.31 16.84 -20.54
N CYS B 483 33.07 17.90 -20.86
CA CYS B 483 32.51 19.17 -21.19
C CYS B 483 32.02 19.24 -22.67
N TYR B 484 31.45 20.37 -23.07
CA TYR B 484 30.95 20.56 -24.43
C TYR B 484 31.76 21.64 -25.15
N ALA B 485 31.79 21.57 -26.49
CA ALA B 485 32.57 22.52 -27.30
C ALA B 485 31.91 23.90 -27.59
N ASN B 486 31.65 24.67 -26.54
CA ASN B 486 31.13 26.02 -26.68
C ASN B 486 31.64 26.87 -25.53
N TYR B 487 31.43 28.19 -25.59
CA TYR B 487 31.99 29.10 -24.59
C TYR B 487 31.43 28.92 -23.18
N GLU B 488 30.14 28.60 -23.11
CA GLU B 488 29.45 28.43 -21.83
C GLU B 488 30.03 27.26 -21.04
N SER B 489 30.40 26.21 -21.76
CA SER B 489 30.97 25.04 -21.13
C SER B 489 32.44 25.24 -20.78
N MET B 490 33.13 26.03 -21.61
CA MET B 490 34.50 26.43 -21.29
C MET B 490 34.44 27.22 -19.99
N ALA B 491 33.44 28.10 -19.87
CA ALA B 491 33.32 28.87 -18.62
C ALA B 491 32.89 28.01 -17.41
N GLU B 492 31.97 27.06 -17.62
CA GLU B 492 31.58 26.22 -16.50
C GLU B 492 32.79 25.35 -16.11
N SER B 493 33.61 24.95 -17.09
CA SER B 493 34.77 24.10 -16.77
C SER B 493 35.72 24.83 -15.83
N LEU B 494 35.99 26.11 -16.12
CA LEU B 494 36.81 26.98 -15.26
C LEU B 494 36.23 27.11 -13.84
N ARG B 495 34.90 27.22 -13.74
CA ARG B 495 34.31 27.26 -12.41
C ARG B 495 34.69 26.00 -11.61
N GLY B 496 34.68 24.85 -12.29
CA GLY B 496 35.01 23.58 -11.67
C GLY B 496 36.48 23.56 -11.27
N GLY B 497 37.35 24.03 -12.18
CA GLY B 497 38.78 24.22 -11.89
C GLY B 497 39.09 25.07 -10.68
N LEU B 498 38.54 26.28 -10.64
CA LEU B 498 38.65 27.11 -9.46
C LEU B 498 38.19 26.35 -8.21
N SER B 499 36.96 25.81 -8.28
CA SER B 499 36.35 25.10 -7.14
C SER B 499 37.23 23.96 -6.63
N ILE B 500 37.82 23.17 -7.52
CA ILE B 500 38.59 22.02 -7.03
C ILE B 500 39.85 22.48 -6.24
N GLY B 501 40.44 23.60 -6.63
CA GLY B 501 41.61 24.09 -5.92
C GLY B 501 41.19 24.70 -4.62
N LEU B 502 39.99 25.31 -4.59
CA LEU B 502 39.40 25.72 -3.32
C LEU B 502 38.98 24.54 -2.45
N SER B 503 39.14 23.30 -2.94
CA SER B 503 38.79 22.10 -2.18
C SER B 503 40.04 21.22 -1.91
N GLY B 504 41.24 21.77 -2.11
CA GLY B 504 42.47 21.10 -1.71
C GLY B 504 43.25 20.40 -2.81
N PHE B 505 42.81 20.52 -4.07
CA PHE B 505 43.48 19.89 -5.23
C PHE B 505 44.42 20.87 -5.99
N GLY B 506 45.70 20.49 -6.13
CA GLY B 506 46.71 21.42 -6.63
C GLY B 506 46.85 21.49 -8.14
N PHE B 507 46.39 20.43 -8.84
CA PHE B 507 46.57 20.29 -10.30
C PHE B 507 45.30 19.87 -11.00
N TRP B 508 44.97 20.53 -12.11
CA TRP B 508 43.69 20.32 -12.75
C TRP B 508 43.82 20.55 -14.24
N SER B 509 43.24 19.65 -15.03
CA SER B 509 43.19 19.82 -16.47
C SER B 509 41.75 19.84 -16.96
N HIS B 510 41.56 20.05 -18.26
CA HIS B 510 40.25 20.07 -18.88
C HIS B 510 40.52 19.80 -20.36
N ASP B 511 39.55 19.21 -21.04
CA ASP B 511 39.65 18.87 -22.47
C ASP B 511 39.69 20.13 -23.36
N ILE B 512 40.85 20.43 -23.91
CA ILE B 512 40.95 21.63 -24.74
C ILE B 512 40.12 21.49 -26.03
N GLY B 513 39.32 22.52 -26.35
CA GLY B 513 38.41 22.41 -27.46
C GLY B 513 37.07 21.81 -27.10
N GLY B 514 36.96 21.30 -25.88
CA GLY B 514 35.76 20.65 -25.40
C GLY B 514 35.69 19.21 -25.81
N PHE B 515 35.15 18.39 -24.92
CA PHE B 515 34.98 16.97 -25.18
C PHE B 515 33.85 16.65 -26.21
N GLU B 516 32.61 17.00 -25.87
CA GLU B 516 31.47 16.67 -26.74
C GLU B 516 31.22 17.78 -27.76
N ASN B 517 30.75 17.37 -28.94
CA ASN B 517 30.60 18.23 -30.13
C ASN B 517 31.96 18.70 -30.69
N THR B 518 31.90 19.19 -31.92
CA THR B 518 33.03 19.84 -32.58
C THR B 518 32.92 21.38 -32.50
N ALA B 519 33.90 22.01 -31.85
CA ALA B 519 33.95 23.47 -31.76
C ALA B 519 34.19 24.13 -33.11
N PRO B 520 33.60 25.31 -33.31
CA PRO B 520 34.05 26.22 -34.38
C PRO B 520 35.50 26.58 -34.03
N ALA B 521 36.30 26.96 -35.02
CA ALA B 521 37.72 27.24 -34.84
C ALA B 521 37.94 28.29 -33.77
N HIS B 522 37.13 29.35 -33.78
CA HIS B 522 37.33 30.39 -32.78
C HIS B 522 37.31 29.88 -31.34
N VAL B 523 36.37 28.98 -31.06
CA VAL B 523 36.20 28.44 -29.70
C VAL B 523 37.43 27.59 -29.31
N TYR B 524 37.83 26.71 -30.20
CA TYR B 524 39.01 25.87 -30.02
C TYR B 524 40.27 26.74 -29.75
N LYS B 525 40.39 27.82 -30.52
CA LYS B 525 41.54 28.75 -30.36
C LYS B 525 41.58 29.41 -28.99
N ARG B 526 40.47 30.04 -28.61
CA ARG B 526 40.32 30.64 -27.28
C ARG B 526 40.61 29.62 -26.17
N TRP B 527 40.14 28.39 -26.35
CA TRP B 527 40.31 27.32 -25.37
C TRP B 527 41.76 26.81 -25.33
N CYS B 528 42.47 26.79 -26.47
CA CYS B 528 43.90 26.43 -26.46
C CYS B 528 44.68 27.31 -25.49
N ALA B 529 44.48 28.62 -25.60
CA ALA B 529 45.16 29.60 -24.73
C ALA B 529 44.89 29.39 -23.25
N PHE B 530 43.64 29.10 -22.94
CA PHE B 530 43.25 28.74 -21.58
C PHE B 530 43.94 27.42 -21.15
N GLY B 531 43.90 26.39 -21.99
CA GLY B 531 44.40 25.07 -21.63
C GLY B 531 45.90 25.05 -21.33
N LEU B 532 46.67 25.80 -22.12
CA LEU B 532 48.13 25.83 -21.98
C LEU B 532 48.56 26.76 -20.86
N LEU B 533 47.62 27.57 -20.38
CA LEU B 533 47.79 28.40 -19.20
C LEU B 533 47.04 27.81 -17.99
N SER B 534 46.86 26.49 -18.01
CA SER B 534 46.40 25.70 -16.85
C SER B 534 47.57 24.84 -16.41
N SER B 535 47.51 24.28 -15.20
CA SER B 535 48.63 23.45 -14.74
C SER B 535 48.89 22.29 -15.70
N HIS B 536 47.81 21.61 -16.12
CA HIS B 536 47.89 20.49 -17.06
C HIS B 536 47.05 20.67 -18.35
N SER B 537 47.65 20.31 -19.49
CA SER B 537 47.15 20.66 -20.81
C SER B 537 46.95 19.40 -21.66
N ARG B 538 45.68 19.10 -21.97
CA ARG B 538 45.28 17.94 -22.79
C ARG B 538 44.30 18.27 -23.90
N LEU B 539 44.65 17.81 -25.11
CA LEU B 539 43.74 17.84 -26.24
C LEU B 539 43.02 16.50 -26.30
N HIS B 540 41.68 16.50 -26.06
CA HIS B 540 40.87 15.26 -26.06
C HIS B 540 39.43 15.56 -26.53
N GLY B 541 38.87 14.67 -27.31
CA GLY B 541 37.54 14.86 -27.86
C GLY B 541 36.70 13.59 -27.83
N SER B 542 35.39 13.74 -27.98
CA SER B 542 34.52 12.58 -28.00
C SER B 542 34.44 11.91 -29.35
N LYS B 543 33.96 12.61 -30.37
CA LYS B 543 33.75 11.98 -31.68
C LYS B 543 34.60 12.60 -32.78
N SER B 544 35.40 13.62 -32.45
CA SER B 544 36.30 14.20 -33.44
C SER B 544 37.68 14.43 -32.84
N TYR B 545 38.68 14.55 -33.72
CA TYR B 545 40.06 14.71 -33.32
C TYR B 545 40.32 16.13 -32.86
N ARG B 546 41.34 16.28 -32.04
CA ARG B 546 41.67 17.58 -31.47
C ARG B 546 43.00 18.17 -31.96
N VAL B 547 43.64 17.53 -32.93
CA VAL B 547 44.84 18.11 -33.56
C VAL B 547 44.47 19.43 -34.18
N PRO B 548 45.33 20.47 -34.08
CA PRO B 548 44.95 21.82 -34.51
C PRO B 548 44.53 21.92 -35.96
N TRP B 549 45.09 21.06 -36.81
CA TRP B 549 44.73 21.11 -38.23
C TRP B 549 43.33 20.60 -38.59
N ALA B 550 42.59 20.04 -37.64
CA ALA B 550 41.18 19.70 -37.90
C ALA B 550 40.30 20.96 -37.81
N TYR B 551 40.86 22.05 -37.31
CA TYR B 551 40.09 23.29 -37.18
C TYR B 551 40.38 24.34 -38.28
N ASP B 552 41.64 24.75 -38.37
CA ASP B 552 42.15 25.67 -39.37
C ASP B 552 43.65 25.86 -39.16
N ASP B 553 44.29 26.57 -40.08
CA ASP B 553 45.74 26.74 -40.00
C ASP B 553 46.12 27.71 -38.89
N GLU B 554 45.30 28.74 -38.65
CA GLU B 554 45.60 29.67 -37.55
C GLU B 554 45.65 28.92 -36.20
N SER B 555 44.85 27.86 -36.08
CA SER B 555 44.85 27.00 -34.90
C SER B 555 46.22 26.37 -34.63
N CYS B 556 46.91 25.91 -35.67
CA CYS B 556 48.29 25.41 -35.49
C CYS B 556 49.20 26.50 -34.89
N ASP B 557 49.10 27.73 -35.41
CA ASP B 557 49.85 28.86 -34.85
C ASP B 557 49.48 29.13 -33.38
N VAL B 558 48.22 28.86 -33.00
CA VAL B 558 47.77 29.14 -31.64
C VAL B 558 48.37 28.11 -30.70
N VAL B 559 48.26 26.85 -31.09
CA VAL B 559 48.82 25.76 -30.31
C VAL B 559 50.32 25.97 -30.17
N ARG B 560 50.95 26.40 -31.26
CA ARG B 560 52.41 26.57 -31.29
C ARG B 560 52.80 27.68 -30.32
N PHE B 561 52.13 28.83 -30.45
CA PHE B 561 52.46 29.98 -29.64
C PHE B 561 52.37 29.66 -28.15
N PHE B 562 51.27 29.03 -27.73
CA PHE B 562 51.01 28.90 -26.31
C PHE B 562 51.75 27.73 -25.68
N THR B 563 52.05 26.72 -26.49
CA THR B 563 52.92 25.62 -26.06
C THR B 563 54.36 26.09 -25.81
N GLN B 564 54.82 26.98 -26.67
CA GLN B 564 56.15 27.59 -26.52
C GLN B 564 56.20 28.41 -25.24
N LEU B 565 55.15 29.18 -25.00
CA LEU B 565 55.08 30.02 -23.83
C LEU B 565 55.09 29.23 -22.54
N LYS B 566 54.30 28.15 -22.52
CA LYS B 566 54.23 27.31 -21.32
C LYS B 566 55.61 26.68 -21.03
N CYS B 567 56.29 26.25 -22.08
CA CYS B 567 57.61 25.64 -21.91
C CYS B 567 58.64 26.69 -21.38
N ARG B 568 58.54 27.92 -21.89
CA ARG B 568 59.40 28.98 -21.41
C ARG B 568 58.99 29.44 -20.01
N MET B 569 57.76 29.13 -19.63
CA MET B 569 57.30 29.55 -18.33
C MET B 569 57.58 28.50 -17.26
N MET B 570 58.13 27.36 -17.64
CA MET B 570 58.35 26.29 -16.68
C MET B 570 59.17 26.58 -15.43
N PRO B 571 60.16 27.48 -15.47
CA PRO B 571 60.89 27.77 -14.22
C PRO B 571 59.95 28.44 -13.18
N TYR B 572 59.08 29.34 -13.62
CA TYR B 572 58.09 29.95 -12.72
C TYR B 572 57.04 28.89 -12.29
N LEU B 573 56.43 28.24 -13.29
CA LEU B 573 55.38 27.21 -13.05
C LEU B 573 55.75 26.06 -12.10
N TYR B 574 56.94 25.47 -12.27
CA TYR B 574 57.30 24.32 -11.46
C TYR B 574 57.61 24.63 -10.02
N ARG B 575 58.10 25.84 -9.78
CA ARG B 575 58.20 26.38 -8.41
C ARG B 575 56.80 26.53 -7.81
N GLU B 576 55.85 27.03 -8.60
CA GLU B 576 54.46 27.14 -8.18
C GLU B 576 53.85 25.77 -7.86
N ALA B 577 54.26 24.75 -8.61
CA ALA B 577 53.88 23.35 -8.36
C ALA B 577 54.38 22.81 -7.02
N ALA B 578 55.63 23.12 -6.69
CA ALA B 578 56.22 22.71 -5.42
C ALA B 578 55.44 23.36 -4.28
N ARG B 579 54.93 24.56 -4.52
CA ARG B 579 54.10 25.22 -3.50
C ARG B 579 52.77 24.48 -3.20
N ALA B 580 52.12 23.91 -4.23
CA ALA B 580 50.95 23.02 -4.03
C ALA B 580 51.29 21.81 -3.14
N ASN B 581 52.43 21.19 -3.42
CA ASN B 581 52.90 20.04 -2.67
C ASN B 581 53.28 20.38 -1.23
N ALA B 582 53.84 21.55 -1.04
CA ALA B 582 54.31 21.94 0.29
C ALA B 582 53.19 22.56 1.14
N ARG B 583 52.35 23.39 0.53
CA ARG B 583 51.36 24.15 1.28
C ARG B 583 49.92 23.91 0.83
N GLY B 584 49.70 23.10 -0.21
CA GLY B 584 48.35 22.82 -0.69
C GLY B 584 47.74 24.02 -1.39
N THR B 585 48.56 24.97 -1.83
CA THR B 585 48.11 26.12 -2.58
C THR B 585 48.04 25.77 -4.05
N PRO B 586 46.84 25.70 -4.65
CA PRO B 586 46.72 25.17 -6.02
C PRO B 586 47.38 26.10 -7.03
N MET B 587 47.75 25.57 -8.18
CA MET B 587 48.34 26.38 -9.21
C MET B 587 47.33 27.37 -9.84
N MET B 588 46.12 26.87 -10.09
CA MET B 588 45.04 27.73 -10.58
C MET B 588 44.25 28.23 -9.39
N ARG B 589 44.39 29.53 -9.12
CA ARG B 589 43.80 30.15 -7.94
C ARG B 589 42.67 31.13 -8.26
N ALA B 590 41.59 30.94 -7.54
CA ALA B 590 40.50 31.92 -7.52
C ALA B 590 41.07 33.24 -7.05
N MET B 591 40.50 34.32 -7.58
CA MET B 591 40.92 35.66 -7.21
C MET B 591 40.74 35.89 -5.72
N MET B 592 39.61 35.43 -5.17
CA MET B 592 39.39 35.56 -3.72
C MET B 592 40.54 34.92 -2.90
N MET B 593 41.17 33.88 -3.44
CA MET B 593 42.22 33.19 -2.67
C MET B 593 43.53 34.00 -2.60
N GLU B 594 43.87 34.64 -3.71
CA GLU B 594 45.11 35.38 -3.77
C GLU B 594 44.97 36.80 -3.17
N PHE B 595 43.74 37.34 -3.24
CA PHE B 595 43.44 38.70 -2.73
C PHE B 595 42.23 38.71 -1.80
N PRO B 596 42.37 38.08 -0.64
CA PRO B 596 41.22 37.80 0.25
C PRO B 596 40.59 39.07 0.86
N ASP B 597 41.39 40.13 0.99
CA ASP B 597 40.95 41.41 1.53
C ASP B 597 40.21 42.29 0.52
N ASP B 598 40.16 41.88 -0.75
CA ASP B 598 39.66 42.76 -1.81
C ASP B 598 38.20 42.41 -2.12
N PRO B 599 37.24 43.28 -1.73
CA PRO B 599 35.82 42.95 -1.91
C PRO B 599 35.47 42.80 -3.37
N ALA B 600 36.29 43.31 -4.29
CA ALA B 600 35.97 43.20 -5.72
C ALA B 600 36.21 41.79 -6.27
N CYS B 601 36.98 41.00 -5.53
CA CYS B 601 37.37 39.68 -5.94
C CYS B 601 36.40 38.57 -5.53
N ASP B 602 35.36 38.89 -4.75
CA ASP B 602 34.50 37.87 -4.09
C ASP B 602 33.82 36.87 -5.05
N TYR B 603 33.35 37.39 -6.19
CA TYR B 603 32.59 36.63 -7.18
C TYR B 603 33.31 36.39 -8.53
N LEU B 604 34.61 36.63 -8.59
CA LEU B 604 35.32 36.52 -9.87
C LEU B 604 35.53 35.05 -10.23
N ASP B 605 34.99 34.69 -11.39
CA ASP B 605 35.05 33.30 -11.85
C ASP B 605 35.42 33.17 -13.32
N ARG B 606 35.72 34.28 -14.00
CA ARG B 606 36.10 34.23 -15.40
C ARG B 606 37.60 34.46 -15.59
N GLN B 607 38.30 34.57 -14.48
CA GLN B 607 39.75 34.84 -14.51
C GLN B 607 40.38 34.17 -13.29
N TYR B 608 41.70 34.10 -13.25
CA TYR B 608 42.39 33.45 -12.14
C TYR B 608 43.83 33.86 -12.02
N MET B 609 44.47 33.47 -10.92
CA MET B 609 45.91 33.65 -10.77
C MET B 609 46.55 32.32 -11.07
N LEU B 610 47.61 32.33 -11.86
CA LEU B 610 48.34 31.12 -12.17
C LEU B 610 49.65 31.20 -11.37
N GLY B 611 49.63 30.67 -10.16
CA GLY B 611 50.73 30.92 -9.24
C GLY B 611 50.54 32.29 -8.59
N ASP B 612 51.52 32.70 -7.78
CA ASP B 612 51.52 33.98 -7.04
C ASP B 612 51.34 35.24 -7.92
N ASN B 613 51.90 35.21 -9.14
CA ASN B 613 52.19 36.47 -9.83
C ASN B 613 51.51 36.83 -11.16
N VAL B 614 50.87 35.85 -11.80
CA VAL B 614 50.24 36.09 -13.10
C VAL B 614 48.72 35.91 -13.06
N MET B 615 48.02 36.92 -13.52
CA MET B 615 46.58 36.88 -13.58
C MET B 615 46.27 36.48 -15.01
N VAL B 616 45.57 35.35 -15.20
CA VAL B 616 45.02 35.04 -16.54
C VAL B 616 43.48 35.16 -16.69
N ALA B 617 43.04 35.76 -17.80
CA ALA B 617 41.61 35.96 -18.08
C ALA B 617 41.26 35.44 -19.49
N PRO B 618 40.84 34.18 -19.61
CA PRO B 618 40.54 33.62 -20.93
C PRO B 618 39.47 34.45 -21.64
N VAL B 619 39.45 34.38 -22.95
CA VAL B 619 38.57 35.23 -23.75
C VAL B 619 37.44 34.34 -24.19
N PHE B 620 36.21 34.73 -23.88
CA PHE B 620 35.06 33.85 -24.08
C PHE B 620 34.22 34.32 -25.27
N THR B 621 34.86 35.00 -26.22
CA THR B 621 34.17 35.57 -27.39
C THR B 621 34.96 35.39 -28.67
N GLU B 622 34.23 35.27 -29.77
CA GLU B 622 34.88 35.20 -31.07
C GLU B 622 35.67 36.49 -31.34
N ALA B 623 34.97 37.63 -31.24
CA ALA B 623 35.56 38.92 -31.59
C ALA B 623 36.71 39.26 -30.67
N GLY B 624 36.81 38.62 -29.51
CA GLY B 624 37.98 38.79 -28.66
C GLY B 624 37.84 39.81 -27.56
N ASP B 625 36.63 40.36 -27.41
CA ASP B 625 36.31 41.24 -26.29
C ASP B 625 36.44 40.42 -25.02
N VAL B 626 36.90 41.07 -23.95
CA VAL B 626 37.15 40.44 -22.65
C VAL B 626 37.17 41.53 -21.59
N GLN B 627 36.56 41.28 -20.44
CA GLN B 627 36.57 42.19 -19.29
C GLN B 627 37.11 41.43 -18.09
N PHE B 628 38.00 42.07 -17.34
CA PHE B 628 38.68 41.43 -16.23
C PHE B 628 38.99 42.49 -15.17
N TYR B 629 39.16 42.04 -13.93
CA TYR B 629 39.48 42.91 -12.82
C TYR B 629 40.95 42.74 -12.43
N LEU B 630 41.56 43.84 -12.05
CA LEU B 630 42.93 43.85 -11.57
C LEU B 630 42.92 44.45 -10.15
N PRO B 631 43.45 43.70 -9.20
CA PRO B 631 43.69 44.21 -7.84
C PRO B 631 44.74 45.34 -7.85
N GLU B 632 44.72 46.14 -6.78
CA GLU B 632 45.66 47.26 -6.61
C GLU B 632 47.06 46.90 -7.02
N GLY B 633 47.66 47.82 -7.78
CA GLY B 633 49.05 47.74 -8.17
C GLY B 633 49.13 48.12 -9.64
N ARG B 634 50.36 48.05 -10.16
CA ARG B 634 50.64 48.31 -11.57
C ARG B 634 51.04 47.00 -12.27
N TRP B 635 50.19 46.57 -13.20
CA TRP B 635 50.39 45.27 -13.85
C TRP B 635 51.00 45.45 -15.23
N THR B 636 51.67 44.42 -15.72
CA THR B 636 52.36 44.47 -16.98
C THR B 636 51.97 43.23 -17.76
N HIS B 637 51.58 43.39 -19.01
CA HIS B 637 51.37 42.21 -19.83
C HIS B 637 52.66 41.41 -20.01
N LEU B 638 52.54 40.10 -19.86
CA LEU B 638 53.67 39.23 -19.83
C LEU B 638 54.50 39.34 -21.11
N TRP B 639 53.85 39.54 -22.27
CA TRP B 639 54.61 39.69 -23.54
C TRP B 639 54.36 40.99 -24.33
N HIS B 640 53.18 41.60 -24.16
CA HIS B 640 52.90 42.88 -24.80
C HIS B 640 53.59 44.05 -24.07
N ASN B 641 53.95 43.81 -22.81
CA ASN B 641 54.64 44.81 -21.97
C ASN B 641 53.84 46.07 -21.64
N ASP B 642 52.55 46.10 -22.00
CA ASP B 642 51.74 47.24 -21.64
C ASP B 642 51.39 47.20 -20.14
N GLU B 643 51.12 48.37 -19.58
CA GLU B 643 50.90 48.52 -18.16
C GLU B 643 49.49 49.02 -17.86
N LEU B 644 48.91 48.45 -16.81
CA LEU B 644 47.57 48.81 -16.35
C LEU B 644 47.55 49.06 -14.83
N ASP B 645 46.88 50.12 -14.42
CA ASP B 645 46.67 50.35 -13.01
C ASP B 645 45.44 49.58 -12.49
N GLY B 646 45.62 48.97 -11.32
CA GLY B 646 44.62 48.13 -10.68
C GLY B 646 43.60 48.80 -9.79
N SER B 647 42.95 47.97 -8.96
CA SER B 647 41.77 48.34 -8.19
C SER B 647 40.55 48.65 -9.06
N ARG B 648 40.54 48.16 -10.30
CA ARG B 648 39.43 48.43 -11.23
C ARG B 648 39.27 47.39 -12.34
N TRP B 649 38.13 47.42 -13.02
CA TRP B 649 37.94 46.56 -14.18
C TRP B 649 38.55 47.18 -15.46
N HIS B 650 38.90 46.30 -16.40
CA HIS B 650 39.41 46.68 -17.72
C HIS B 650 38.72 45.92 -18.83
N LYS B 651 38.63 46.58 -19.98
CA LYS B 651 38.05 46.01 -21.19
C LYS B 651 39.09 46.02 -22.34
N GLN B 652 39.24 44.89 -23.01
CA GLN B 652 40.22 44.78 -24.11
C GLN B 652 39.68 43.92 -25.25
N GLN B 653 40.41 43.89 -26.35
CA GLN B 653 40.09 43.03 -27.48
C GLN B 653 41.39 42.38 -27.85
N HIS B 654 41.38 41.05 -27.97
CA HIS B 654 42.57 40.26 -28.25
C HIS B 654 42.38 39.37 -29.48
N GLY B 655 43.44 39.24 -30.27
CA GLY B 655 43.49 38.27 -31.37
C GLY B 655 43.71 36.88 -30.81
N PHE B 656 43.79 35.89 -31.69
CA PHE B 656 43.86 34.49 -31.27
C PHE B 656 45.21 34.10 -30.65
N LEU B 657 46.21 34.98 -30.77
CA LEU B 657 47.51 34.72 -30.19
C LEU B 657 47.68 35.42 -28.86
N SER B 658 46.58 35.96 -28.34
CA SER B 658 46.62 36.85 -27.19
C SER B 658 45.42 36.65 -26.23
N LEU B 659 45.58 37.12 -24.98
CA LEU B 659 44.56 37.12 -23.91
C LEU B 659 45.21 37.94 -22.79
N PRO B 660 44.44 38.50 -21.85
CA PRO B 660 45.07 39.19 -20.71
C PRO B 660 45.88 38.23 -19.84
N VAL B 661 47.19 38.47 -19.79
CA VAL B 661 48.13 37.71 -18.96
C VAL B 661 49.04 38.77 -18.31
N TYR B 662 48.69 39.14 -17.08
CA TYR B 662 49.26 40.31 -16.47
C TYR B 662 50.04 39.94 -15.23
N VAL B 663 51.22 40.55 -15.13
CA VAL B 663 52.16 40.24 -14.07
C VAL B 663 52.04 41.31 -12.99
N ARG B 664 51.98 40.84 -11.77
CA ARG B 664 51.92 41.65 -10.58
C ARG B 664 53.12 42.59 -10.48
N ASP B 665 52.93 43.79 -9.92
CA ASP B 665 54.07 44.61 -9.52
C ASP B 665 54.98 43.93 -8.44
N ASN B 666 56.14 44.53 -8.17
CA ASN B 666 57.15 43.94 -7.27
C ASN B 666 57.43 42.46 -7.53
N THR B 667 57.60 42.12 -8.80
CA THR B 667 57.76 40.73 -9.18
C THR B 667 59.07 40.50 -9.93
N LEU B 668 59.73 39.41 -9.57
CA LEU B 668 60.88 38.92 -10.29
C LEU B 668 60.54 37.51 -10.74
N LEU B 669 60.48 37.33 -12.06
CA LEU B 669 59.90 36.15 -12.70
C LEU B 669 60.93 35.50 -13.57
N ALA B 670 61.14 34.19 -13.41
CA ALA B 670 62.06 33.44 -14.26
C ALA B 670 61.37 32.82 -15.48
N LEU B 671 61.88 33.13 -16.68
CA LEU B 671 61.51 32.44 -17.91
C LEU B 671 62.75 31.69 -18.42
N GLY B 672 62.52 30.48 -18.91
CA GLY B 672 63.58 29.62 -19.37
C GLY B 672 63.88 29.83 -20.84
N ASN B 673 64.91 29.15 -21.32
CA ASN B 673 65.46 29.35 -22.67
C ASN B 673 65.13 28.19 -23.58
N ASN B 674 64.18 27.35 -23.18
CA ASN B 674 63.75 26.23 -24.01
C ASN B 674 62.23 26.32 -24.22
N ASP B 675 61.79 26.47 -25.46
CA ASP B 675 60.35 26.49 -25.75
C ASP B 675 59.84 25.25 -26.47
N GLN B 676 60.56 24.16 -26.29
CA GLN B 676 60.29 22.91 -26.99
C GLN B 676 59.87 21.77 -26.08
N ARG B 677 60.17 21.91 -24.78
CA ARG B 677 59.84 20.90 -23.78
C ARG B 677 59.72 21.56 -22.41
N PRO B 678 58.89 21.01 -21.53
CA PRO B 678 58.79 21.57 -20.17
C PRO B 678 59.91 21.15 -19.21
N ASP B 679 60.54 20.00 -19.47
CA ASP B 679 61.54 19.45 -18.56
C ASP B 679 62.98 19.69 -19.07
N TYR B 680 63.61 20.72 -18.52
CA TYR B 680 64.96 21.10 -18.92
C TYR B 680 65.64 21.79 -17.75
N VAL B 681 66.94 22.05 -17.93
CA VAL B 681 67.79 22.61 -16.90
C VAL B 681 67.44 24.09 -16.72
N TRP B 682 66.39 24.33 -15.94
CA TRP B 682 65.80 25.67 -15.82
C TRP B 682 66.74 26.75 -15.30
N HIS B 683 67.79 26.35 -14.58
CA HIS B 683 68.65 27.34 -13.91
C HIS B 683 69.86 27.74 -14.77
N GLU B 684 69.93 27.15 -15.96
CA GLU B 684 70.94 27.50 -16.94
C GLU B 684 70.30 28.26 -18.08
N GLY B 685 70.81 29.46 -18.34
CA GLY B 685 70.30 30.29 -19.42
C GLY B 685 69.05 31.07 -19.05
N THR B 686 68.76 31.16 -17.75
CA THR B 686 67.57 31.82 -17.21
C THR B 686 67.46 33.30 -17.58
N ALA B 687 66.27 33.71 -18.02
CA ALA B 687 65.96 35.11 -18.25
C ALA B 687 65.02 35.63 -17.17
N PHE B 688 65.58 36.32 -16.19
CA PHE B 688 64.82 36.88 -15.08
C PHE B 688 64.21 38.20 -15.53
N HIS B 689 62.98 38.47 -15.13
CA HIS B 689 62.32 39.72 -15.54
C HIS B 689 61.75 40.40 -14.33
N LEU B 690 62.17 41.64 -14.07
CA LEU B 690 61.71 42.42 -12.91
C LEU B 690 60.60 43.35 -13.34
N PHE B 691 59.52 43.37 -12.56
CA PHE B 691 58.33 44.15 -12.90
C PHE B 691 58.03 45.15 -11.79
N ASN B 692 58.01 46.43 -12.14
CA ASN B 692 57.62 47.49 -11.23
C ASN B 692 58.01 47.35 -9.77
N LEU B 693 59.31 47.22 -9.51
CA LEU B 693 59.83 47.25 -8.14
C LEU B 693 59.66 48.66 -7.57
N GLN B 694 58.87 48.77 -6.51
CA GLN B 694 58.67 50.05 -5.82
C GLN B 694 59.74 50.27 -4.75
N ASP B 695 59.90 51.56 -4.38
CA ASP B 695 60.83 52.02 -3.36
C ASP B 695 60.46 51.41 -2.02
N GLY B 696 61.40 50.70 -1.40
CA GLY B 696 61.15 50.03 -0.13
C GLY B 696 60.74 48.55 -0.24
N HIS B 697 60.62 48.03 -1.46
CA HIS B 697 60.16 46.65 -1.67
C HIS B 697 61.27 45.70 -2.13
N GLU B 698 61.13 44.41 -1.82
CA GLU B 698 62.05 43.38 -2.30
C GLU B 698 61.30 42.28 -3.06
N ALA B 699 61.69 42.02 -4.31
CA ALA B 699 61.11 40.94 -5.12
C ALA B 699 62.06 39.76 -5.19
N VAL B 700 61.53 38.58 -4.88
CA VAL B 700 62.28 37.33 -4.78
C VAL B 700 61.80 36.32 -5.84
N CYS B 701 62.75 35.54 -6.35
CA CYS B 701 62.47 34.53 -7.35
C CYS B 701 63.27 33.28 -6.98
N GLU B 702 62.57 32.17 -6.79
CA GLU B 702 63.23 30.91 -6.52
C GLU B 702 63.10 30.01 -7.75
N VAL B 703 64.25 29.68 -8.32
CA VAL B 703 64.37 28.76 -9.45
C VAL B 703 64.52 27.34 -8.87
N PRO B 704 63.62 26.43 -9.24
CA PRO B 704 63.64 25.07 -8.70
C PRO B 704 64.50 24.10 -9.48
N ALA B 705 64.88 23.00 -8.83
CA ALA B 705 65.46 21.84 -9.50
C ALA B 705 64.33 20.86 -9.92
N ALA B 706 64.67 19.85 -10.70
CA ALA B 706 63.70 18.83 -11.13
C ALA B 706 62.83 18.24 -10.00
N ASP B 707 63.38 18.16 -8.78
CA ASP B 707 62.63 17.64 -7.63
C ASP B 707 61.79 18.69 -6.86
N GLY B 708 61.76 19.92 -7.35
CA GLY B 708 60.98 20.97 -6.72
C GLY B 708 61.64 21.73 -5.59
N SER B 709 62.81 21.26 -5.11
CA SER B 709 63.57 22.09 -4.16
C SER B 709 64.13 23.33 -4.87
N VAL B 710 64.47 24.34 -4.08
CA VAL B 710 65.05 25.56 -4.61
C VAL B 710 66.57 25.38 -4.84
N ILE B 711 67.02 25.65 -6.06
CA ILE B 711 68.42 25.55 -6.42
C ILE B 711 69.11 26.92 -6.58
N PHE B 712 68.33 27.99 -6.77
CA PHE B 712 68.85 29.35 -6.93
C PHE B 712 67.82 30.39 -6.53
N THR B 713 68.29 31.37 -5.76
CA THR B 713 67.44 32.45 -5.31
C THR B 713 68.04 33.77 -5.74
N LEU B 714 67.24 34.55 -6.48
CA LEU B 714 67.63 35.89 -6.91
C LEU B 714 66.68 36.85 -6.21
N LYS B 715 67.23 37.92 -5.63
CA LYS B 715 66.44 38.94 -4.91
C LYS B 715 66.80 40.33 -5.40
N ALA B 716 65.78 41.20 -5.52
CA ALA B 716 66.01 42.57 -5.92
C ALA B 716 65.35 43.54 -4.95
N ALA B 717 66.17 44.35 -4.28
CA ALA B 717 65.71 45.28 -3.25
C ALA B 717 65.91 46.73 -3.68
N ARG B 718 64.83 47.51 -3.70
CA ARG B 718 64.89 48.93 -4.08
C ARG B 718 65.00 49.78 -2.82
N THR B 719 65.99 50.64 -2.79
CA THR B 719 66.25 51.38 -1.56
C THR B 719 65.95 52.87 -1.66
N GLY B 720 66.24 53.46 -2.82
CA GLY B 720 65.84 54.82 -3.12
C GLY B 720 65.62 54.83 -4.61
N ASN B 721 66.66 55.22 -5.35
CA ASN B 721 66.71 54.91 -6.77
C ASN B 721 67.79 53.84 -7.07
N THR B 722 68.24 53.18 -6.00
CA THR B 722 69.19 52.09 -6.11
C THR B 722 68.47 50.75 -5.97
N ILE B 723 68.73 49.83 -6.89
CA ILE B 723 68.30 48.44 -6.68
C ILE B 723 69.46 47.47 -6.51
N THR B 724 69.52 46.82 -5.35
CA THR B 724 70.54 45.82 -5.04
C THR B 724 70.04 44.42 -5.40
N VAL B 725 70.82 43.71 -6.22
CA VAL B 725 70.47 42.38 -6.71
C VAL B 725 71.42 41.34 -6.15
N THR B 726 70.88 40.37 -5.41
CA THR B 726 71.71 39.30 -4.85
C THR B 726 71.19 37.93 -5.23
N GLY B 727 72.10 37.10 -5.70
CA GLY B 727 71.83 35.70 -6.00
C GLY B 727 72.44 34.80 -4.94
N ALA B 728 71.94 33.56 -4.88
CA ALA B 728 72.37 32.56 -3.92
C ALA B 728 71.99 31.16 -4.42
N GLY B 729 72.97 30.29 -4.59
CA GLY B 729 72.74 28.92 -4.98
C GLY B 729 73.53 28.47 -6.18
N GLU B 730 72.83 28.03 -7.22
CA GLU B 730 73.46 27.58 -8.46
C GLU B 730 72.68 28.04 -9.70
N ALA B 731 73.29 28.92 -10.50
CA ALA B 731 72.77 29.32 -11.80
C ALA B 731 73.92 29.72 -12.70
N LYS B 732 73.75 29.48 -14.01
CA LYS B 732 74.75 29.75 -15.06
C LYS B 732 74.08 30.62 -16.13
N ASN B 733 74.82 31.62 -16.62
CA ASN B 733 74.48 32.26 -17.90
C ASN B 733 73.10 32.91 -17.91
N TRP B 734 72.72 33.48 -16.78
CA TRP B 734 71.46 34.17 -16.64
C TRP B 734 71.54 35.67 -16.93
N THR B 735 70.38 36.31 -16.92
CA THR B 735 70.16 37.60 -17.52
C THR B 735 69.07 38.28 -16.69
N LEU B 736 69.02 39.61 -16.67
CA LEU B 736 67.99 40.28 -15.89
C LEU B 736 67.39 41.46 -16.65
N CYS B 737 66.12 41.31 -17.03
CA CYS B 737 65.43 42.35 -17.79
C CYS B 737 64.70 43.36 -16.87
N LEU B 738 65.02 44.63 -17.03
CA LEU B 738 64.35 45.69 -16.29
C LEU B 738 63.17 46.18 -17.11
N ARG B 739 62.03 45.54 -16.86
CA ARG B 739 60.81 45.76 -17.60
C ARG B 739 60.35 47.20 -17.63
N ASN B 740 60.13 47.69 -18.84
CA ASN B 740 59.78 49.08 -19.13
C ASN B 740 60.81 50.11 -18.62
N VAL B 741 62.07 49.67 -18.56
CA VAL B 741 63.19 50.55 -18.25
C VAL B 741 64.07 50.63 -19.50
N VAL B 742 64.02 51.80 -20.16
CA VAL B 742 64.76 52.07 -21.38
C VAL B 742 66.18 52.53 -21.09
N LYS B 743 66.38 53.22 -19.97
CA LYS B 743 67.67 53.82 -19.66
C LYS B 743 67.96 53.86 -18.17
N VAL B 744 69.22 53.63 -17.84
CA VAL B 744 69.65 53.59 -16.47
C VAL B 744 70.84 54.55 -16.23
N ASN B 745 70.94 55.05 -14.99
CA ASN B 745 71.91 56.07 -14.58
C ASN B 745 73.25 55.50 -14.11
N GLY B 746 73.25 54.23 -13.72
CA GLY B 746 74.43 53.60 -13.16
C GLY B 746 74.31 52.08 -13.05
N LEU B 747 75.45 51.42 -12.96
CA LEU B 747 75.52 49.97 -12.98
C LEU B 747 76.88 49.48 -12.52
N GLN B 748 76.97 48.97 -11.29
CA GLN B 748 78.16 48.27 -10.84
C GLN B 748 77.99 46.79 -11.16
N ASP B 749 79.08 46.13 -11.55
CA ASP B 749 79.14 44.66 -11.67
C ASP B 749 78.52 43.97 -12.91
N GLY B 750 78.23 44.71 -13.98
CA GLY B 750 77.72 44.10 -15.21
C GLY B 750 77.46 44.99 -16.41
N SER B 751 77.09 44.37 -17.53
CA SER B 751 76.90 45.07 -18.81
C SER B 751 75.41 45.25 -19.18
N GLN B 752 75.12 46.20 -20.06
CA GLN B 752 73.75 46.41 -20.53
C GLN B 752 73.55 46.34 -22.04
N ALA B 753 72.30 46.07 -22.43
CA ALA B 753 71.83 46.11 -23.83
C ALA B 753 70.35 46.42 -23.84
N GLU B 754 69.87 47.01 -24.93
CA GLU B 754 68.46 47.33 -25.07
C GLU B 754 67.72 46.11 -25.60
N SER B 755 66.50 45.90 -25.14
CA SER B 755 65.60 44.95 -25.79
C SER B 755 64.24 45.63 -25.94
N GLU B 756 63.36 45.05 -26.75
CA GLU B 756 62.02 45.62 -26.91
C GLU B 756 61.28 45.70 -25.55
N GLN B 757 61.56 44.75 -24.67
CA GLN B 757 60.89 44.65 -23.37
C GLN B 757 61.54 45.50 -22.27
N GLY B 758 62.75 46.00 -22.56
CA GLY B 758 63.47 46.89 -21.66
C GLY B 758 64.93 46.49 -21.49
N LEU B 759 65.65 47.29 -20.74
CA LEU B 759 67.07 47.07 -20.49
C LEU B 759 67.37 45.66 -19.98
N VAL B 760 68.35 45.01 -20.61
CA VAL B 760 68.78 43.66 -20.22
C VAL B 760 70.17 43.71 -19.59
N VAL B 761 70.24 43.45 -18.29
CA VAL B 761 71.50 43.44 -17.54
C VAL B 761 72.08 42.03 -17.38
N LYS B 762 73.29 41.84 -17.88
CA LYS B 762 73.99 40.59 -17.73
C LYS B 762 75.01 40.75 -16.61
N PRO B 763 74.92 39.90 -15.59
CA PRO B 763 75.78 40.04 -14.40
C PRO B 763 77.20 39.54 -14.63
N GLN B 764 78.13 40.02 -13.79
CA GLN B 764 79.46 39.42 -13.69
C GLN B 764 79.53 38.35 -12.57
N GLY B 765 78.98 38.67 -11.38
CA GLY B 765 78.89 37.69 -10.28
C GLY B 765 77.46 37.33 -9.89
N ASN B 766 77.14 37.42 -8.60
CA ASN B 766 75.74 37.53 -8.14
C ASN B 766 75.56 38.66 -7.11
N ALA B 767 76.27 39.77 -7.36
CA ALA B 767 76.38 40.92 -6.46
C ALA B 767 76.41 42.27 -7.23
N LEU B 768 75.42 42.45 -8.11
CA LEU B 768 75.28 43.67 -8.92
C LEU B 768 74.43 44.71 -8.21
N THR B 769 74.50 45.94 -8.69
CA THR B 769 73.66 47.01 -8.19
C THR B 769 73.37 48.07 -9.26
N ILE B 770 72.11 48.42 -9.41
CA ILE B 770 71.66 49.34 -10.42
C ILE B 770 71.24 50.65 -9.77
N THR B 771 71.43 51.75 -10.51
CA THR B 771 70.99 53.09 -10.09
C THR B 771 70.12 53.62 -11.22
N LEU B 772 68.87 53.93 -10.92
CA LEU B 772 67.91 54.43 -11.91
C LEU B 772 68.03 55.93 -12.10
N HIS B 773 67.46 56.43 -13.20
CA HIS B 773 67.38 57.86 -13.49
C HIS B 773 66.29 58.55 -12.65
N MET C 1 12.15 21.83 -10.34
CA MET C 1 11.86 20.36 -10.32
C MET C 1 12.93 19.63 -11.14
N LYS C 2 13.41 18.51 -10.60
CA LYS C 2 14.44 17.72 -11.27
C LYS C 2 13.87 16.97 -12.46
N ILE C 3 14.41 17.22 -13.66
CA ILE C 3 13.98 16.46 -14.82
C ILE C 3 15.10 15.53 -15.32
N SER C 4 16.27 16.11 -15.62
CA SER C 4 17.44 15.32 -15.99
C SER C 4 18.10 14.69 -14.74
N ASP C 5 18.90 13.66 -14.98
CA ASP C 5 19.70 13.05 -13.93
C ASP C 5 21.13 13.17 -14.42
N GLY C 6 21.68 14.37 -14.29
CA GLY C 6 22.92 14.74 -14.92
C GLY C 6 22.75 15.00 -16.42
N ASN C 7 23.88 15.20 -17.10
CA ASN C 7 23.84 15.38 -18.55
C ASN C 7 23.31 14.19 -19.36
N TRP C 8 23.56 12.98 -18.87
CA TRP C 8 23.39 11.78 -19.69
C TRP C 8 22.09 11.04 -19.46
N LEU C 9 21.43 11.29 -18.33
CA LEU C 9 20.29 10.45 -17.91
C LEU C 9 19.04 11.27 -17.60
N ILE C 10 17.93 10.59 -17.30
CA ILE C 10 16.66 11.25 -16.94
C ILE C 10 16.26 10.69 -15.59
N GLN C 11 15.58 11.48 -14.77
CA GLN C 11 15.09 10.99 -13.48
C GLN C 11 14.21 9.74 -13.67
N PRO C 12 14.38 8.73 -12.81
CA PRO C 12 13.66 7.45 -12.99
C PRO C 12 12.15 7.71 -12.94
N GLY C 13 11.42 7.05 -13.81
CA GLY C 13 9.98 7.16 -13.86
C GLY C 13 9.45 8.33 -14.69
N LEU C 14 10.35 9.18 -15.21
CA LEU C 14 9.91 10.23 -16.15
C LEU C 14 10.04 9.85 -17.64
N ASN C 15 8.99 10.10 -18.43
CA ASN C 15 9.06 9.94 -19.87
C ASN C 15 8.97 11.34 -20.50
N LEU C 16 10.00 11.69 -21.27
CA LEU C 16 10.06 13.01 -21.92
C LEU C 16 9.82 12.92 -23.43
N ILE C 17 9.13 13.90 -23.96
CA ILE C 17 9.08 14.15 -25.40
C ILE C 17 9.36 15.63 -25.66
N HIS C 18 9.95 15.95 -26.80
CA HIS C 18 10.43 17.28 -27.11
C HIS C 18 10.07 17.62 -28.54
N PRO C 19 9.78 18.90 -28.85
CA PRO C 19 9.69 19.33 -30.26
C PRO C 19 11.07 19.29 -30.92
N LEU C 20 11.29 18.37 -31.87
CA LEU C 20 12.58 18.12 -32.50
C LEU C 20 12.63 18.47 -34.00
N GLN C 21 11.48 18.59 -34.66
CA GLN C 21 11.44 18.88 -36.11
C GLN C 21 10.20 19.67 -36.50
N VAL C 22 10.37 20.76 -37.23
CA VAL C 22 9.23 21.49 -37.80
C VAL C 22 8.52 20.62 -38.82
N PHE C 23 7.22 20.41 -38.61
CA PHE C 23 6.38 19.72 -39.59
C PHE C 23 5.58 20.70 -40.48
N GLU C 24 4.99 21.72 -39.88
CA GLU C 24 4.22 22.69 -40.66
C GLU C 24 4.22 24.01 -39.93
N VAL C 25 4.18 25.09 -40.71
CA VAL C 25 4.07 26.44 -40.17
C VAL C 25 2.85 27.11 -40.77
N GLU C 26 2.10 27.86 -39.96
CA GLU C 26 0.94 28.56 -40.50
C GLU C 26 0.72 29.90 -39.83
N GLN C 27 0.37 30.89 -40.62
CA GLN C 27 0.12 32.21 -40.08
C GLN C 27 -1.39 32.30 -39.84
N GLN C 28 -1.79 32.60 -38.61
CA GLN C 28 -3.20 32.81 -38.30
C GLN C 28 -3.32 34.28 -37.89
N ASP C 29 -3.66 35.11 -38.88
CA ASP C 29 -3.71 36.56 -38.69
C ASP C 29 -2.34 37.13 -38.27
N ASN C 30 -2.21 37.61 -37.04
CA ASN C 30 -0.95 38.18 -36.60
C ASN C 30 -0.20 37.25 -35.63
N GLU C 31 -0.50 35.95 -35.73
CA GLU C 31 0.11 34.92 -34.91
C GLU C 31 0.68 33.84 -35.82
N MET C 32 1.72 33.17 -35.34
CA MET C 32 2.43 32.19 -36.11
C MET C 32 2.40 30.88 -35.33
N VAL C 33 1.94 29.83 -35.99
CA VAL C 33 1.79 28.54 -35.34
C VAL C 33 2.81 27.59 -35.95
N VAL C 34 3.61 26.93 -35.12
CA VAL C 34 4.52 25.89 -35.59
C VAL C 34 4.09 24.53 -35.01
N TYR C 35 3.84 23.57 -35.90
CA TYR C 35 3.59 22.21 -35.51
C TYR C 35 4.96 21.49 -35.54
N ALA C 36 5.33 20.88 -34.42
CA ALA C 36 6.65 20.26 -34.26
C ALA C 36 6.52 18.83 -33.70
N ALA C 37 7.08 17.87 -34.43
CA ALA C 37 7.04 16.46 -34.05
C ALA C 37 8.21 16.13 -33.13
N PRO C 38 8.02 15.15 -32.25
CA PRO C 38 9.09 14.69 -31.34
C PRO C 38 9.99 13.65 -31.98
N ARG C 39 9.87 13.47 -33.28
CA ARG C 39 10.71 12.54 -34.02
C ARG C 39 10.70 12.95 -35.48
N ASP C 40 11.48 12.27 -36.30
CA ASP C 40 11.55 12.54 -37.72
C ASP C 40 10.24 12.04 -38.37
N VAL C 41 9.48 12.98 -38.96
CA VAL C 41 8.20 12.67 -39.59
C VAL C 41 8.19 13.15 -41.05
N ARG C 42 9.36 13.16 -41.69
CA ARG C 42 9.41 13.51 -43.11
C ARG C 42 8.69 12.48 -44.01
N GLU C 43 8.69 11.21 -43.64
CA GLU C 43 8.00 10.20 -44.45
C GLU C 43 6.61 9.93 -43.86
N ARG C 44 5.65 9.66 -44.75
CA ARG C 44 4.24 9.46 -44.40
C ARG C 44 4.06 8.32 -43.43
N THR C 45 4.98 7.34 -43.49
CA THR C 45 4.89 6.17 -42.63
C THR C 45 5.05 6.55 -41.17
N TRP C 46 5.68 7.70 -40.91
CA TRP C 46 5.91 8.14 -39.53
C TRP C 46 4.94 9.25 -39.11
N GLN C 47 4.07 9.63 -40.01
CA GLN C 47 3.12 10.71 -39.72
C GLN C 47 1.83 10.19 -39.06
N LEU C 48 2.02 9.40 -38.00
CA LEU C 48 0.92 8.79 -37.27
C LEU C 48 1.55 8.06 -36.08
N ASP C 49 0.73 7.70 -35.08
CA ASP C 49 1.24 7.09 -33.83
C ASP C 49 2.38 7.92 -33.26
N THR C 50 2.15 9.22 -33.12
CA THR C 50 3.13 10.09 -32.51
C THR C 50 2.42 11.26 -31.87
N PRO C 51 2.94 11.75 -30.75
CA PRO C 51 2.52 13.06 -30.22
C PRO C 51 2.97 14.20 -31.18
N LEU C 52 2.39 15.38 -31.02
CA LEU C 52 2.70 16.54 -31.83
C LEU C 52 2.57 17.74 -30.92
N PHE C 53 3.54 18.65 -30.97
CA PHE C 53 3.54 19.88 -30.18
C PHE C 53 2.99 20.97 -31.05
N THR C 54 2.21 21.87 -30.47
CA THR C 54 1.69 23.02 -31.21
C THR C 54 2.30 24.26 -30.51
N LEU C 55 3.16 24.95 -31.23
CA LEU C 55 3.77 26.20 -30.75
C LEU C 55 3.10 27.41 -31.39
N ARG C 56 2.59 28.31 -30.54
CA ARG C 56 1.97 29.56 -30.98
C ARG C 56 2.81 30.75 -30.52
N PHE C 57 3.18 31.59 -31.47
CA PHE C 57 3.90 32.84 -31.19
C PHE C 57 3.00 34.05 -31.47
N PHE C 58 2.96 34.99 -30.51
CA PHE C 58 2.05 36.13 -30.57
C PHE C 58 2.65 37.27 -29.78
N SER C 59 2.14 38.47 -29.98
CA SER C 59 2.65 39.63 -29.24
C SER C 59 1.53 40.46 -28.65
N PRO C 60 1.49 40.51 -27.32
CA PRO C 60 0.47 41.28 -26.59
C PRO C 60 0.85 42.75 -26.46
N GLN C 61 2.13 43.09 -26.70
CA GLN C 61 2.66 44.46 -26.60
C GLN C 61 3.94 44.51 -27.38
N GLU C 62 4.31 45.70 -27.86
CA GLU C 62 5.48 45.91 -28.69
C GLU C 62 6.70 45.42 -27.92
N GLY C 63 7.56 44.65 -28.57
CA GLY C 63 8.77 44.14 -27.92
C GLY C 63 8.55 43.03 -26.88
N ILE C 64 7.33 42.48 -26.85
CA ILE C 64 7.07 41.23 -26.10
C ILE C 64 6.63 40.10 -27.04
N VAL C 65 7.35 39.00 -27.02
CA VAL C 65 6.92 37.80 -27.77
C VAL C 65 6.46 36.69 -26.80
N GLY C 66 5.16 36.39 -26.88
CA GLY C 66 4.57 35.24 -26.19
C GLY C 66 4.80 33.95 -26.96
N VAL C 67 5.15 32.88 -26.22
CA VAL C 67 5.39 31.56 -26.78
C VAL C 67 4.48 30.59 -26.02
N ARG C 68 3.55 29.95 -26.70
CA ARG C 68 2.69 28.95 -26.07
C ARG C 68 2.98 27.58 -26.68
N ILE C 69 3.45 26.65 -25.85
CA ILE C 69 3.79 25.29 -26.26
C ILE C 69 2.76 24.33 -25.68
N GLU C 70 1.98 23.65 -26.52
CA GLU C 70 0.97 22.76 -26.00
C GLU C 70 1.09 21.37 -26.42
N HIS C 71 0.68 20.52 -25.51
CA HIS C 71 0.37 19.12 -25.83
C HIS C 71 -1.15 19.04 -26.01
N PHE C 72 -1.88 18.61 -25.01
CA PHE C 72 -3.32 18.41 -25.19
C PHE C 72 -4.10 19.72 -24.98
N GLN C 73 -5.08 19.99 -25.82
CA GLN C 73 -5.93 21.18 -25.65
C GLN C 73 -7.21 20.85 -24.91
N GLY C 74 -7.46 19.56 -24.67
CA GLY C 74 -8.74 19.19 -24.10
C GLY C 74 -8.85 19.35 -22.59
N ALA C 75 -7.75 19.76 -21.93
CA ALA C 75 -7.74 19.97 -20.49
C ALA C 75 -8.75 21.05 -20.06
N LEU C 76 -9.24 20.97 -18.82
CA LEU C 76 -10.15 22.00 -18.30
C LEU C 76 -9.62 23.47 -18.33
N ASN C 77 -8.45 23.69 -17.79
CA ASN C 77 -7.89 25.07 -17.81
C ASN C 77 -8.91 26.19 -17.39
N ASN C 78 -9.40 26.14 -16.15
CA ASN C 78 -10.14 27.24 -15.57
C ASN C 78 -9.22 28.37 -15.04
N GLY C 79 -9.81 29.55 -14.83
CA GLY C 79 -9.19 30.66 -14.13
C GLY C 79 -8.87 30.40 -12.66
N PRO C 80 -8.33 31.39 -11.96
CA PRO C 80 -8.07 32.72 -12.53
C PRO C 80 -6.80 32.79 -13.36
N HIS C 81 -6.71 33.85 -14.17
CA HIS C 81 -5.58 34.14 -15.04
C HIS C 81 -4.95 35.45 -14.59
N TYR C 82 -3.69 35.67 -14.95
CA TYR C 82 -2.99 36.90 -14.62
C TYR C 82 -3.68 38.12 -15.30
N PRO C 83 -3.69 39.26 -14.60
CA PRO C 83 -4.36 40.48 -15.12
C PRO C 83 -3.49 41.20 -16.16
N LEU C 84 -3.19 40.53 -17.27
CA LEU C 84 -2.31 41.05 -18.29
C LEU C 84 -3.04 42.01 -19.21
N ASN C 85 -2.33 43.08 -19.61
CA ASN C 85 -2.82 44.00 -20.65
C ASN C 85 -2.48 43.48 -22.03
N ILE C 86 -3.45 42.84 -22.67
CA ILE C 86 -3.17 42.16 -23.94
C ILE C 86 -3.76 42.95 -25.10
N LEU C 87 -2.89 43.45 -25.97
CA LEU C 87 -3.33 44.18 -27.16
C LEU C 87 -3.53 43.24 -28.34
N GLN C 88 -4.52 43.55 -29.18
CA GLN C 88 -4.90 42.69 -30.30
C GLN C 88 -4.24 43.06 -31.64
N ASP C 89 -3.66 44.26 -31.72
CA ASP C 89 -3.26 44.82 -33.01
C ASP C 89 -1.79 45.26 -33.06
N VAL C 90 -0.94 44.65 -32.24
CA VAL C 90 0.46 45.00 -32.22
C VAL C 90 1.01 44.71 -33.62
N LYS C 91 1.78 45.65 -34.17
CA LYS C 91 2.35 45.49 -35.49
C LYS C 91 3.42 44.44 -35.41
N VAL C 92 3.22 43.34 -36.15
CA VAL C 92 4.19 42.27 -36.15
C VAL C 92 4.60 41.84 -37.55
N THR C 93 5.73 41.15 -37.62
CA THR C 93 6.25 40.59 -38.86
C THR C 93 6.37 39.07 -38.76
N ILE C 94 5.88 38.38 -39.78
CA ILE C 94 6.00 36.93 -39.82
C ILE C 94 6.65 36.46 -41.10
N GLU C 95 7.78 35.79 -40.99
CA GLU C 95 8.40 35.27 -42.20
C GLU C 95 8.66 33.76 -42.23
N ASN C 96 8.08 33.15 -43.24
CA ASN C 96 8.15 31.72 -43.39
C ASN C 96 8.97 31.35 -44.61
N THR C 97 10.22 30.97 -44.39
CA THR C 97 11.15 30.61 -45.46
C THR C 97 11.47 29.13 -45.37
N GLU C 98 12.33 28.63 -46.23
CA GLU C 98 12.65 27.19 -46.19
C GLU C 98 13.57 26.84 -45.03
N ARG C 99 14.23 27.85 -44.49
CA ARG C 99 15.17 27.66 -43.38
C ARG C 99 14.53 27.87 -42.01
N TYR C 100 13.62 28.84 -41.93
CA TYR C 100 13.16 29.42 -40.67
C TYR C 100 11.68 29.77 -40.71
N ALA C 101 11.11 29.80 -39.52
CA ALA C 101 9.85 30.48 -39.25
C ALA C 101 10.23 31.53 -38.21
N GLU C 102 9.94 32.80 -38.51
CA GLU C 102 10.32 33.88 -37.62
C GLU C 102 9.20 34.84 -37.35
N PHE C 103 9.04 35.17 -36.09
CA PHE C 103 7.98 36.06 -35.61
C PHE C 103 8.65 37.22 -34.92
N LYS C 104 8.30 38.43 -35.32
CA LYS C 104 9.01 39.61 -34.82
C LYS C 104 8.04 40.67 -34.31
N SER C 105 8.36 41.24 -33.13
CA SER C 105 7.63 42.37 -32.59
C SER C 105 8.63 43.42 -32.11
N GLY C 106 8.52 44.65 -32.63
CA GLY C 106 9.53 45.66 -32.33
C GLY C 106 10.89 45.13 -32.76
N ASN C 107 11.90 45.19 -31.89
CA ASN C 107 13.22 44.67 -32.20
C ASN C 107 13.41 43.21 -31.88
N LEU C 108 12.39 42.57 -31.30
CA LEU C 108 12.51 41.22 -30.77
C LEU C 108 11.79 40.14 -31.61
N SER C 109 12.54 39.11 -31.97
CA SER C 109 11.96 38.01 -32.69
C SER C 109 12.21 36.63 -32.09
N ALA C 110 11.32 35.72 -32.42
CA ALA C 110 11.48 34.32 -32.11
C ALA C 110 11.69 33.65 -33.45
N ARG C 111 12.72 32.83 -33.54
CA ARG C 111 13.04 32.15 -34.78
C ARG C 111 13.21 30.64 -34.55
N VAL C 112 12.49 29.86 -35.34
CA VAL C 112 12.57 28.44 -35.23
C VAL C 112 13.26 27.97 -36.50
N SER C 113 14.22 27.04 -36.36
CA SER C 113 14.90 26.41 -37.50
C SER C 113 14.22 25.13 -38.02
N LYS C 114 13.96 25.11 -39.33
CA LYS C 114 13.39 23.94 -39.99
C LYS C 114 14.46 22.93 -40.24
N GLY C 115 14.07 21.71 -40.60
CA GLY C 115 15.01 20.71 -41.03
C GLY C 115 15.57 19.89 -39.88
N GLU C 116 16.77 19.35 -40.07
CA GLU C 116 17.37 18.40 -39.13
C GLU C 116 17.83 19.01 -37.81
N PHE C 117 18.12 20.30 -37.79
CA PHE C 117 18.67 20.90 -36.60
C PHE C 117 17.74 21.91 -35.97
N TRP C 118 16.83 21.41 -35.16
CA TRP C 118 15.83 22.24 -34.50
C TRP C 118 16.56 23.22 -33.60
N SER C 119 16.08 24.45 -33.57
CA SER C 119 16.54 25.44 -32.61
C SER C 119 15.41 26.48 -32.44
N LEU C 120 15.25 27.03 -31.24
CA LEU C 120 14.33 28.13 -31.02
C LEU C 120 15.18 29.26 -30.44
N ASP C 121 15.39 30.32 -31.21
CA ASP C 121 16.24 31.45 -30.80
C ASP C 121 15.46 32.72 -30.66
N PHE C 122 15.78 33.50 -29.63
CA PHE C 122 15.21 34.84 -29.46
C PHE C 122 16.29 35.84 -29.85
N LEU C 123 15.96 36.71 -30.80
CA LEU C 123 16.96 37.56 -31.44
C LEU C 123 16.55 38.99 -31.26
N ARG C 124 17.54 39.82 -30.90
CA ARG C 124 17.40 41.25 -30.85
C ARG C 124 18.07 41.87 -32.06
N ASN C 125 17.26 42.40 -32.96
CA ASN C 125 17.72 42.82 -34.30
C ASN C 125 18.74 41.84 -34.94
N GLY C 126 18.31 40.58 -34.97
CA GLY C 126 19.09 39.51 -35.55
C GLY C 126 20.20 38.95 -34.67
N GLU C 127 20.38 39.50 -33.47
CA GLU C 127 21.42 39.02 -32.55
C GLU C 127 20.79 38.17 -31.44
N ARG C 128 21.27 36.94 -31.25
CA ARG C 128 20.65 36.00 -30.30
C ARG C 128 20.86 36.40 -28.82
N ILE C 129 19.79 36.70 -28.12
CA ILE C 129 19.92 37.10 -26.72
C ILE C 129 19.76 35.89 -25.77
N THR C 130 19.06 34.85 -26.24
CA THR C 130 18.85 33.61 -25.49
C THR C 130 18.09 32.68 -26.46
N GLY C 131 17.69 31.51 -25.99
CA GLY C 131 16.92 30.62 -26.82
C GLY C 131 16.83 29.28 -26.13
N SER C 132 16.17 28.33 -26.79
CA SER C 132 15.99 26.98 -26.29
C SER C 132 16.66 26.01 -27.26
N GLN C 133 17.65 25.28 -26.78
CA GLN C 133 18.32 24.30 -27.62
C GLN C 133 17.44 23.05 -27.76
N VAL C 134 17.66 22.23 -28.79
CA VAL C 134 16.93 20.98 -28.94
C VAL C 134 16.93 20.13 -27.67
N LYS C 135 15.75 19.57 -27.35
CA LYS C 135 15.51 18.74 -26.16
C LYS C 135 15.48 19.51 -24.84
N ASN C 136 15.50 20.82 -24.89
CA ASN C 136 15.43 21.59 -23.67
C ASN C 136 14.06 22.20 -23.41
N ASN C 137 13.09 21.76 -24.19
CA ASN C 137 11.68 21.96 -23.82
C ASN C 137 10.82 20.74 -24.10
N GLY C 138 9.57 20.79 -23.67
CA GLY C 138 8.65 19.72 -23.99
C GLY C 138 7.86 19.25 -22.78
N TYR C 139 7.48 17.97 -22.78
CA TYR C 139 6.42 17.44 -21.92
C TYR C 139 7.00 16.34 -21.06
N VAL C 140 6.62 16.32 -19.78
CA VAL C 140 7.11 15.34 -18.83
C VAL C 140 5.91 14.53 -18.32
N GLN C 141 5.92 13.25 -18.63
CA GLN C 141 4.96 12.32 -18.09
C GLN C 141 5.62 11.67 -16.86
N ASP C 142 5.26 12.14 -15.67
CA ASP C 142 5.78 11.59 -14.45
C ASP C 142 4.93 10.40 -14.02
N THR C 143 5.46 9.19 -14.26
CA THR C 143 4.74 7.98 -13.93
C THR C 143 4.82 7.62 -12.46
N ASN C 144 5.69 8.27 -11.68
CA ASN C 144 5.72 8.04 -10.23
C ASN C 144 4.46 8.61 -9.56
N ASN C 145 4.08 9.83 -9.91
CA ASN C 145 2.99 10.52 -9.22
C ASN C 145 1.78 10.73 -10.15
N GLN C 146 1.90 10.22 -11.38
CA GLN C 146 0.85 10.27 -12.41
C GLN C 146 0.44 11.72 -12.74
N ARG C 147 1.42 12.61 -12.65
CA ARG C 147 1.22 14.00 -13.04
C ARG C 147 2.04 14.29 -14.29
N ASN C 148 1.55 15.24 -15.08
CA ASN C 148 2.23 15.67 -16.31
C ASN C 148 2.64 17.15 -16.24
N TYR C 149 3.83 17.46 -16.79
CA TYR C 149 4.38 18.83 -16.76
C TYR C 149 4.82 19.27 -18.13
N MET C 150 4.89 20.59 -18.32
CA MET C 150 5.52 21.19 -19.50
C MET C 150 6.73 21.97 -19.01
N PHE C 151 7.78 22.02 -19.81
CA PHE C 151 9.00 22.71 -19.33
C PHE C 151 9.75 23.38 -20.46
N GLU C 152 10.64 24.30 -20.08
CA GLU C 152 11.50 25.05 -20.99
C GLU C 152 12.83 25.39 -20.27
N ARG C 153 13.92 25.45 -21.02
CA ARG C 153 15.19 25.90 -20.45
C ARG C 153 15.74 26.95 -21.38
N LEU C 154 15.82 28.20 -20.91
CA LEU C 154 16.29 29.29 -21.74
C LEU C 154 17.79 29.52 -21.41
N ASP C 155 18.62 29.58 -22.46
CA ASP C 155 20.07 29.69 -22.29
C ASP C 155 20.49 30.92 -21.53
N LEU C 156 21.60 30.75 -20.80
CA LEU C 156 22.32 31.86 -20.21
C LEU C 156 23.73 31.88 -20.83
N GLY C 157 24.16 33.06 -21.27
CA GLY C 157 25.55 33.25 -21.71
C GLY C 157 26.60 33.35 -20.60
N VAL C 158 27.87 33.35 -21.01
CA VAL C 158 28.99 33.52 -20.07
C VAL C 158 28.83 34.85 -19.33
N GLY C 159 28.98 34.83 -17.99
CA GLY C 159 28.78 35.99 -17.16
C GLY C 159 27.34 36.50 -17.08
N GLU C 160 26.37 35.76 -17.65
CA GLU C 160 24.98 36.21 -17.57
C GLU C 160 24.39 35.94 -16.18
N THR C 161 23.89 36.96 -15.49
CA THR C 161 23.31 36.73 -14.16
C THR C 161 21.81 36.95 -14.18
N VAL C 162 21.10 36.33 -13.23
CA VAL C 162 19.63 36.37 -13.14
C VAL C 162 19.10 37.05 -11.87
N TYR C 163 18.05 37.86 -12.01
CA TYR C 163 17.50 38.64 -10.89
C TYR C 163 16.00 38.48 -10.81
N GLY C 164 15.45 38.75 -9.64
CA GLY C 164 14.02 38.94 -9.52
C GLY C 164 13.38 37.68 -8.97
N LEU C 165 12.32 37.25 -9.63
CA LEU C 165 11.45 36.15 -9.15
C LEU C 165 10.74 36.51 -7.85
N GLY C 166 10.55 37.80 -7.59
CA GLY C 166 9.78 38.27 -6.45
C GLY C 166 10.64 38.83 -5.31
N GLU C 167 10.00 39.06 -4.16
CA GLU C 167 10.69 39.51 -2.96
C GLU C 167 11.33 38.29 -2.30
N ARG C 168 12.61 38.06 -2.59
CA ARG C 168 13.30 36.87 -2.06
C ARG C 168 14.51 37.29 -1.21
N PHE C 169 14.84 36.44 -0.25
CA PHE C 169 15.80 36.80 0.78
C PHE C 169 17.09 36.01 0.69
N THR C 170 17.19 35.13 -0.33
CA THR C 170 18.45 34.43 -0.61
C THR C 170 19.43 35.39 -1.28
N ALA C 171 20.59 34.91 -1.73
CA ALA C 171 21.54 35.74 -2.50
C ALA C 171 20.81 36.45 -3.65
N LEU C 172 21.18 37.71 -3.92
CA LEU C 172 20.53 38.53 -4.94
C LEU C 172 20.54 37.91 -6.32
N VAL C 173 21.72 37.44 -6.72
CA VAL C 173 21.87 36.85 -8.03
C VAL C 173 21.36 35.40 -7.92
N ARG C 174 20.42 35.01 -8.79
CA ARG C 174 19.70 33.73 -8.68
C ARG C 174 20.43 32.47 -9.17
N ASN C 175 21.42 32.62 -10.05
CA ASN C 175 22.22 31.50 -10.54
C ASN C 175 22.61 30.58 -9.41
N GLY C 176 22.32 29.30 -9.59
CA GLY C 176 22.57 28.28 -8.59
C GLY C 176 21.38 27.91 -7.73
N GLN C 177 20.27 28.67 -7.81
CA GLN C 177 19.13 28.38 -6.95
C GLN C 177 17.89 27.79 -7.60
N THR C 178 17.18 27.04 -6.79
CA THR C 178 15.85 26.54 -7.09
C THR C 178 14.88 27.57 -6.52
N VAL C 179 13.87 27.96 -7.30
CA VAL C 179 12.83 28.88 -6.83
C VAL C 179 11.41 28.35 -7.19
N GLU C 180 10.57 28.12 -6.19
CA GLU C 180 9.14 27.80 -6.41
C GLU C 180 8.26 29.03 -6.18
N THR C 181 7.47 29.45 -7.17
CA THR C 181 6.65 30.65 -7.00
C THR C 181 5.35 30.28 -6.31
N TRP C 182 5.43 30.24 -4.98
CA TRP C 182 4.33 29.78 -4.15
C TRP C 182 4.33 30.62 -2.88
N ASN C 183 3.34 31.49 -2.72
CA ASN C 183 3.31 32.37 -1.56
C ASN C 183 3.24 31.57 -0.27
N ARG C 184 4.04 31.98 0.70
CA ARG C 184 4.12 31.34 2.00
C ARG C 184 4.39 32.37 3.07
N ASP C 185 4.04 32.03 4.31
CA ASP C 185 4.42 32.84 5.46
C ASP C 185 5.65 32.15 6.09
N GLY C 186 6.82 32.50 5.58
CA GLY C 186 8.07 31.91 6.03
C GLY C 186 9.03 32.85 6.73
N GLY C 187 8.58 34.06 7.07
CA GLY C 187 9.52 35.07 7.56
C GLY C 187 10.47 35.54 6.45
N THR C 188 11.60 36.14 6.84
CA THR C 188 12.55 36.71 5.88
C THR C 188 13.86 35.95 5.87
N SER C 189 13.92 34.88 6.65
CA SER C 189 15.20 34.19 6.88
C SER C 189 15.45 32.90 6.11
N THR C 190 14.52 32.56 5.20
CA THR C 190 14.60 31.28 4.46
C THR C 190 14.52 31.47 2.94
N GLU C 191 14.40 30.34 2.23
CA GLU C 191 14.18 30.35 0.80
C GLU C 191 12.71 30.74 0.43
N GLN C 192 11.86 30.81 1.44
CA GLN C 192 10.44 31.05 1.20
C GLN C 192 10.15 32.53 0.95
N ALA C 193 9.00 32.83 0.31
CA ALA C 193 8.64 34.22 0.06
C ALA C 193 7.18 34.45 0.19
N TYR C 194 6.84 35.64 0.73
CA TYR C 194 5.45 36.13 0.82
C TYR C 194 4.95 36.60 -0.51
N LYS C 195 5.89 37.03 -1.35
CA LYS C 195 5.60 37.73 -2.60
C LYS C 195 6.33 37.08 -3.76
N ASN C 196 5.67 36.13 -4.44
CA ASN C 196 6.28 35.40 -5.53
C ASN C 196 5.80 35.90 -6.87
N ILE C 197 6.75 36.00 -7.80
CA ILE C 197 6.49 36.51 -9.14
C ILE C 197 7.32 35.65 -10.08
N PRO C 198 6.66 34.94 -11.00
CA PRO C 198 7.40 34.15 -11.99
C PRO C 198 7.92 35.05 -13.11
N PHE C 199 8.59 36.14 -12.74
CA PHE C 199 9.27 36.99 -13.71
C PHE C 199 10.73 37.09 -13.31
N TYR C 200 11.63 36.91 -14.25
CA TYR C 200 13.02 37.14 -13.97
C TYR C 200 13.57 38.00 -15.08
N MET C 201 14.69 38.63 -14.82
CA MET C 201 15.39 39.37 -15.87
C MET C 201 16.88 39.20 -15.70
N THR C 202 17.66 39.54 -16.72
CA THR C 202 19.11 39.31 -16.63
C THR C 202 19.93 40.55 -16.95
N ASN C 203 21.26 40.45 -16.76
CA ASN C 203 22.16 41.58 -17.10
C ASN C 203 22.42 41.69 -18.60
N ARG C 204 21.76 40.83 -19.39
CA ARG C 204 21.82 40.92 -20.84
C ARG C 204 20.64 41.73 -21.40
N GLY C 205 19.83 42.31 -20.53
CA GLY C 205 18.78 43.19 -21.00
C GLY C 205 17.52 42.60 -21.63
N TYR C 206 17.09 41.44 -21.15
CA TYR C 206 15.74 40.92 -21.45
C TYR C 206 15.16 40.38 -20.18
N GLY C 207 13.85 40.16 -20.19
CA GLY C 207 13.15 39.51 -19.08
C GLY C 207 12.22 38.43 -19.62
N VAL C 208 11.80 37.53 -18.73
CA VAL C 208 10.76 36.58 -19.08
C VAL C 208 9.71 36.42 -17.99
N LEU C 209 8.44 36.51 -18.37
CA LEU C 209 7.34 36.23 -17.47
C LEU C 209 6.77 34.86 -17.85
N VAL C 210 6.73 33.93 -16.90
CA VAL C 210 6.12 32.62 -17.14
C VAL C 210 4.65 32.73 -16.73
N ASN C 211 3.75 32.57 -17.70
CA ASN C 211 2.37 33.03 -17.53
C ASN C 211 1.49 31.98 -16.84
N HIS C 212 1.83 31.59 -15.62
CA HIS C 212 1.07 30.56 -14.88
C HIS C 212 0.93 30.99 -13.42
N PRO C 213 -0.30 31.29 -12.97
CA PRO C 213 -0.49 31.65 -11.56
C PRO C 213 -0.25 30.49 -10.57
N GLN C 214 -0.33 29.24 -11.02
CA GLN C 214 -0.04 28.10 -10.10
C GLN C 214 1.47 28.05 -9.77
N CYS C 215 1.89 27.05 -9.02
CA CYS C 215 3.32 26.94 -8.71
C CYS C 215 4.16 26.74 -9.98
N VAL C 216 5.12 27.62 -10.19
CA VAL C 216 6.12 27.44 -11.23
C VAL C 216 7.45 27.06 -10.58
N SER C 217 8.08 26.00 -11.04
CA SER C 217 9.31 25.57 -10.41
C SER C 217 10.48 26.00 -11.29
N PHE C 218 11.27 26.98 -10.82
CA PHE C 218 12.44 27.44 -11.57
C PHE C 218 13.69 26.74 -11.05
N GLU C 219 14.50 26.20 -11.95
CA GLU C 219 15.87 25.81 -11.61
C GLU C 219 16.77 26.79 -12.35
N VAL C 220 17.27 27.80 -11.63
CA VAL C 220 18.06 28.86 -12.24
C VAL C 220 19.56 28.52 -12.17
N GLY C 221 20.11 27.95 -13.24
CA GLY C 221 21.49 27.45 -13.24
C GLY C 221 21.81 26.41 -12.14
N SER C 222 20.79 25.68 -11.72
CA SER C 222 20.82 24.74 -10.57
C SER C 222 20.45 23.29 -10.95
N GLU C 223 19.98 23.09 -12.18
CA GLU C 223 19.86 21.73 -12.74
C GLU C 223 20.79 21.69 -13.94
N LYS C 224 20.58 22.60 -14.89
CA LYS C 224 21.50 22.84 -16.00
C LYS C 224 22.14 24.18 -15.73
N VAL C 225 23.47 24.20 -15.62
CA VAL C 225 24.13 25.38 -15.03
C VAL C 225 24.10 26.59 -15.92
N SER C 226 23.99 26.38 -17.23
CA SER C 226 23.95 27.49 -18.19
C SER C 226 22.54 27.77 -18.73
N LYS C 227 21.51 27.41 -17.96
CA LYS C 227 20.12 27.61 -18.42
C LYS C 227 19.24 27.99 -17.27
N VAL C 228 18.17 28.72 -17.58
CA VAL C 228 17.07 28.86 -16.63
C VAL C 228 15.92 27.92 -17.11
N GLN C 229 15.63 26.95 -16.27
CA GLN C 229 14.60 25.94 -16.48
C GLN C 229 13.43 26.30 -15.65
N PHE C 230 12.25 26.30 -16.27
CA PHE C 230 11.03 26.43 -15.52
C PHE C 230 10.03 25.38 -15.99
N SER C 231 9.29 24.82 -15.06
CA SER C 231 8.28 23.84 -15.41
C SER C 231 7.03 24.07 -14.59
N VAL C 232 5.93 23.54 -15.10
CA VAL C 232 4.63 23.77 -14.51
C VAL C 232 3.72 22.55 -14.82
N GLU C 233 2.84 22.20 -13.89
CA GLU C 233 1.94 21.07 -14.08
C GLU C 233 0.79 21.55 -14.93
N SER C 234 0.85 21.22 -16.22
CA SER C 234 -0.08 21.80 -17.22
C SER C 234 0.12 21.01 -18.49
N GLU C 235 -0.87 21.06 -19.37
CA GLU C 235 -0.79 20.51 -20.73
C GLU C 235 -0.24 21.56 -21.70
N TYR C 236 0.02 22.78 -21.24
CA TYR C 236 0.64 23.78 -22.07
C TYR C 236 1.56 24.64 -21.19
N LEU C 237 2.59 25.24 -21.78
CA LEU C 237 3.45 26.19 -21.09
C LEU C 237 3.39 27.50 -21.88
N GLU C 238 3.09 28.61 -21.24
CA GLU C 238 3.10 29.86 -21.97
C GLU C 238 4.04 30.83 -21.25
N TYR C 239 4.97 31.42 -22.00
CA TYR C 239 5.86 32.42 -21.42
C TYR C 239 6.07 33.59 -22.38
N PHE C 240 6.58 34.70 -21.85
CA PHE C 240 6.80 35.91 -22.62
C PHE C 240 8.26 36.33 -22.52
N VAL C 241 8.96 36.42 -23.64
CA VAL C 241 10.25 37.08 -23.66
C VAL C 241 10.03 38.58 -23.83
N ILE C 242 10.61 39.36 -22.91
CA ILE C 242 10.38 40.79 -22.87
C ILE C 242 11.68 41.57 -23.17
N ASP C 243 11.66 42.34 -24.25
CA ASP C 243 12.87 43.04 -24.70
C ASP C 243 13.24 44.25 -23.83
N GLY C 244 14.54 44.56 -23.77
CA GLY C 244 15.04 45.78 -23.17
C GLY C 244 15.40 46.89 -24.19
N PRO C 245 16.66 47.09 -24.54
CA PRO C 245 17.79 46.19 -24.23
C PRO C 245 18.45 46.48 -22.89
N THR C 246 17.80 47.28 -22.06
CA THR C 246 18.28 47.76 -20.76
C THR C 246 17.34 47.21 -19.64
N PRO C 247 17.85 46.88 -18.43
CA PRO C 247 16.96 46.47 -17.32
C PRO C 247 15.77 47.44 -17.10
N LYS C 248 16.01 48.76 -17.06
CA LYS C 248 14.89 49.72 -16.91
C LYS C 248 13.87 49.59 -18.05
N ALA C 249 14.35 49.40 -19.26
CA ALA C 249 13.46 49.24 -20.38
C ALA C 249 12.69 47.91 -20.29
N VAL C 250 13.33 46.86 -19.75
CA VAL C 250 12.61 45.60 -19.50
C VAL C 250 11.47 45.86 -18.53
N LEU C 251 11.77 46.52 -17.40
CA LEU C 251 10.72 46.82 -16.41
C LEU C 251 9.67 47.76 -16.94
N ASP C 252 10.05 48.71 -17.80
CA ASP C 252 9.04 49.57 -18.43
C ASP C 252 8.05 48.72 -19.24
N ARG C 253 8.54 47.80 -20.06
CA ARG C 253 7.61 46.92 -20.78
C ARG C 253 6.78 45.98 -19.89
N TYR C 254 7.45 45.39 -18.91
CA TYR C 254 6.83 44.42 -18.01
C TYR C 254 5.70 45.07 -17.23
N THR C 255 5.93 46.26 -16.68
CA THR C 255 4.89 46.98 -15.94
C THR C 255 3.79 47.59 -16.81
N ARG C 256 4.08 48.01 -18.05
CA ARG C 256 2.97 48.33 -18.96
C ARG C 256 2.12 47.05 -19.17
N PHE C 257 2.80 45.91 -19.31
CA PHE C 257 2.14 44.62 -19.60
C PHE C 257 1.30 44.08 -18.39
N THR C 258 1.86 44.10 -17.19
CA THR C 258 1.19 43.53 -16.02
C THR C 258 0.63 44.56 -15.03
N GLY C 259 1.02 45.83 -15.18
CA GLY C 259 0.51 46.89 -14.31
C GLY C 259 1.51 47.91 -13.76
N ARG C 260 1.12 49.18 -13.76
CA ARG C 260 2.04 50.25 -13.36
C ARG C 260 1.89 50.46 -11.84
N PRO C 261 2.99 50.58 -11.10
CA PRO C 261 2.87 50.98 -9.69
C PRO C 261 2.07 52.29 -9.60
N ALA C 262 1.11 52.36 -8.70
CA ALA C 262 0.42 53.63 -8.47
C ALA C 262 1.37 54.60 -7.78
N LEU C 263 1.08 55.89 -7.91
CA LEU C 263 1.88 56.91 -7.24
C LEU C 263 1.23 57.14 -5.89
N PRO C 264 1.92 56.78 -4.81
CA PRO C 264 1.38 56.97 -3.47
C PRO C 264 1.32 58.45 -3.13
N PRO C 265 0.37 58.87 -2.27
CA PRO C 265 0.34 60.28 -1.85
C PRO C 265 1.60 60.62 -1.07
N ALA C 266 2.00 61.88 -1.19
CA ALA C 266 3.22 62.38 -0.57
C ALA C 266 3.31 62.16 0.95
N TRP C 267 2.19 62.32 1.66
CA TRP C 267 2.20 62.04 3.10
C TRP C 267 2.73 60.63 3.50
N SER C 268 2.52 59.64 2.64
CA SER C 268 2.93 58.25 2.99
C SER C 268 4.45 58.16 2.99
N PHE C 269 5.10 59.14 2.38
CA PHE C 269 6.57 59.14 2.37
C PHE C 269 7.21 59.64 3.70
N GLY C 270 6.40 60.08 4.65
CA GLY C 270 6.95 60.46 5.95
C GLY C 270 7.20 59.27 6.89
N LEU C 271 7.27 59.52 8.20
CA LEU C 271 7.59 58.49 9.16
C LEU C 271 6.34 57.87 9.80
N TRP C 272 6.28 56.54 9.68
CA TRP C 272 5.19 55.70 10.20
C TRP C 272 5.66 55.12 11.53
N LEU C 273 4.81 55.21 12.54
CA LEU C 273 5.07 54.51 13.78
C LEU C 273 3.88 53.59 14.11
N THR C 274 4.15 52.43 14.71
CA THR C 274 3.07 51.54 15.15
C THR C 274 3.04 51.32 16.67
N THR C 275 1.95 50.72 17.12
CA THR C 275 1.78 50.23 18.46
C THR C 275 2.70 49.06 18.78
N SER C 276 3.29 48.48 17.73
CA SER C 276 3.94 47.15 17.74
C SER C 276 2.87 46.05 17.85
N PHE C 277 3.29 44.77 17.75
CA PHE C 277 2.36 43.67 17.58
C PHE C 277 1.67 43.15 18.87
N THR C 278 2.41 42.45 19.73
CA THR C 278 1.83 41.85 20.92
C THR C 278 2.17 42.65 22.18
N THR C 279 2.54 43.91 22.01
CA THR C 279 2.76 44.82 23.13
C THR C 279 1.37 45.23 23.61
N ASN C 280 1.35 45.99 24.71
CA ASN C 280 0.14 46.61 25.23
C ASN C 280 -0.13 47.93 24.54
N TYR C 281 -1.41 48.22 24.35
CA TYR C 281 -1.76 49.48 23.72
C TYR C 281 -3.23 49.82 23.81
N ASP C 282 -3.47 51.09 24.09
CA ASP C 282 -4.79 51.65 24.30
C ASP C 282 -4.61 53.11 23.97
N GLU C 283 -5.65 53.92 24.13
CA GLU C 283 -5.59 55.32 23.73
C GLU C 283 -4.51 56.10 24.49
N ALA C 284 -4.40 55.85 25.80
CA ALA C 284 -3.32 56.47 26.59
C ALA C 284 -1.93 56.12 26.06
N THR C 285 -1.68 54.83 25.77
CA THR C 285 -0.40 54.41 25.18
C THR C 285 -0.08 55.14 23.89
N VAL C 286 -1.07 55.24 23.02
CA VAL C 286 -0.92 55.87 21.72
C VAL C 286 -0.62 57.37 21.87
N ASN C 287 -1.42 58.07 22.68
CA ASN C 287 -1.17 59.50 22.98
C ASN C 287 0.26 59.69 23.46
N SER C 288 0.68 58.87 24.41
CA SER C 288 2.02 58.92 24.97
C SER C 288 3.10 58.76 23.94
N PHE C 289 2.89 57.96 22.90
CA PHE C 289 3.90 57.87 21.84
C PHE C 289 3.88 59.14 20.98
N ILE C 290 2.69 59.59 20.61
CA ILE C 290 2.55 60.76 19.75
C ILE C 290 3.08 62.05 20.42
N ASP C 291 2.69 62.26 21.67
CA ASP C 291 3.21 63.40 22.42
C ASP C 291 4.71 63.21 22.66
N GLY C 292 5.12 61.95 22.92
CA GLY C 292 6.51 61.62 23.16
C GLY C 292 7.40 62.01 21.99
N MET C 293 6.89 61.81 20.76
CA MET C 293 7.58 62.16 19.53
C MET C 293 7.63 63.70 19.42
N ALA C 294 6.47 64.35 19.61
CA ALA C 294 6.40 65.84 19.61
C ALA C 294 7.35 66.53 20.62
N GLU C 295 7.43 66.02 21.85
CA GLU C 295 8.26 66.63 22.90
C GLU C 295 9.74 66.58 22.56
N ARG C 296 10.10 65.65 21.69
CA ARG C 296 11.49 65.42 21.35
C ARG C 296 11.81 66.04 19.99
N ASN C 297 10.81 66.71 19.42
CA ASN C 297 10.89 67.31 18.08
C ASN C 297 11.23 66.26 17.01
N LEU C 298 10.56 65.10 17.08
CA LEU C 298 10.71 64.02 16.11
C LEU C 298 9.45 64.04 15.24
N PRO C 299 9.57 64.52 14.00
CA PRO C 299 8.40 64.59 13.10
C PRO C 299 7.78 63.18 12.96
N LEU C 300 6.45 63.09 12.98
CA LEU C 300 5.74 61.82 12.79
C LEU C 300 4.51 62.09 11.93
N HIS C 301 4.26 61.24 10.93
CA HIS C 301 3.27 61.53 9.87
C HIS C 301 2.12 60.52 9.79
N VAL C 302 2.40 59.29 10.22
CA VAL C 302 1.43 58.21 10.13
C VAL C 302 1.51 57.39 11.37
N PHE C 303 0.36 57.17 12.03
CA PHE C 303 0.31 56.21 13.12
C PHE C 303 -0.50 54.94 12.78
N HIS C 304 0.05 53.78 13.14
CA HIS C 304 -0.58 52.47 12.79
C HIS C 304 -1.02 51.69 14.02
N PHE C 305 -2.29 51.25 14.02
CA PHE C 305 -2.86 50.35 15.03
C PHE C 305 -2.77 48.88 14.55
N ASP C 306 -1.97 48.08 15.24
CA ASP C 306 -1.82 46.66 14.93
C ASP C 306 -2.98 45.81 15.49
N CYS C 307 -2.80 44.47 15.46
CA CYS C 307 -3.91 43.53 15.56
C CYS C 307 -4.84 43.68 16.78
N PHE C 308 -4.26 44.05 17.92
CA PHE C 308 -5.04 44.16 19.15
C PHE C 308 -5.95 45.38 19.24
N TRP C 309 -6.19 46.04 18.11
CA TRP C 309 -7.31 46.97 18.08
C TRP C 309 -8.61 46.21 18.07
N MET C 310 -8.56 44.95 17.61
CA MET C 310 -9.67 43.99 17.80
C MET C 310 -9.44 42.99 18.96
N LYS C 311 -10.53 42.38 19.43
CA LYS C 311 -10.47 41.39 20.51
C LYS C 311 -9.68 40.15 20.08
N ALA C 312 -8.85 39.66 21.00
CA ALA C 312 -8.00 38.50 20.72
C ALA C 312 -8.89 37.34 20.25
N PHE C 313 -8.37 36.55 19.30
CA PHE C 313 -9.08 35.37 18.75
C PHE C 313 -10.31 35.76 17.87
N GLN C 314 -10.54 37.06 17.67
CA GLN C 314 -11.65 37.50 16.83
C GLN C 314 -11.16 38.21 15.59
N TRP C 315 -9.86 38.06 15.35
CA TRP C 315 -9.22 38.83 14.29
C TRP C 315 -9.69 38.56 12.91
N CYS C 316 -9.92 39.75 12.40
CA CYS C 316 -10.58 40.28 11.29
C CYS C 316 -12.02 40.28 11.16
N ASP C 317 -12.63 40.76 12.25
CA ASP C 317 -14.03 40.99 12.33
C ASP C 317 -14.36 42.49 12.39
N PHE C 318 -13.30 43.31 12.35
CA PHE C 318 -13.43 44.78 12.19
C PHE C 318 -14.10 45.52 13.39
N GLU C 319 -14.22 44.89 14.55
CA GLU C 319 -14.88 45.47 15.72
C GLU C 319 -13.82 45.93 16.68
N TRP C 320 -13.87 47.21 17.06
CA TRP C 320 -12.91 47.75 18.04
C TRP C 320 -13.08 47.03 19.36
N ASP C 321 -11.97 46.71 20.02
CA ASP C 321 -12.03 46.17 21.39
C ASP C 321 -12.52 47.27 22.37
N PRO C 322 -13.73 47.10 22.94
CA PRO C 322 -14.37 48.17 23.72
C PRO C 322 -13.80 48.37 25.14
N LEU C 323 -12.91 47.48 25.60
CA LEU C 323 -12.17 47.64 26.86
C LEU C 323 -10.82 48.35 26.66
N THR C 324 -10.39 48.43 25.41
CA THR C 324 -9.10 49.02 25.14
C THR C 324 -9.28 50.30 24.39
N PHE C 325 -10.36 50.34 23.62
CA PHE C 325 -10.75 51.46 22.79
C PHE C 325 -12.25 51.68 22.87
N PRO C 326 -12.70 52.24 23.99
CA PRO C 326 -14.13 52.48 24.23
C PRO C 326 -14.75 53.59 23.36
N ASP C 327 -13.92 54.44 22.76
CA ASP C 327 -14.40 55.49 21.87
C ASP C 327 -13.48 55.64 20.65
N PRO C 328 -13.62 54.73 19.68
CA PRO C 328 -12.72 54.72 18.50
C PRO C 328 -12.79 55.99 17.62
N GLU C 329 -13.99 56.45 17.26
CA GLU C 329 -14.11 57.61 16.36
C GLU C 329 -13.61 58.89 17.04
N GLY C 330 -13.90 59.04 18.33
CA GLY C 330 -13.37 60.17 19.10
C GLY C 330 -11.85 60.11 19.14
N MET C 331 -11.31 58.93 19.48
CA MET C 331 -9.86 58.79 19.56
C MET C 331 -9.22 59.16 18.24
N ILE C 332 -9.69 58.60 17.13
CA ILE C 332 -8.99 58.85 15.90
C ILE C 332 -9.14 60.36 15.47
N ARG C 333 -10.32 60.93 15.69
CA ARG C 333 -10.57 62.37 15.43
C ARG C 333 -9.58 63.24 16.20
N ARG C 334 -9.35 62.88 17.47
CA ARG C 334 -8.36 63.58 18.31
C ARG C 334 -6.98 63.39 17.76
N LEU C 335 -6.67 62.18 17.29
CA LEU C 335 -5.33 61.88 16.82
C LEU C 335 -5.06 62.62 15.51
N LYS C 336 -6.10 62.84 14.72
CA LYS C 336 -6.00 63.50 13.42
C LYS C 336 -5.82 65.03 13.48
N ALA C 337 -6.41 65.68 14.48
CA ALA C 337 -6.25 67.13 14.66
C ALA C 337 -4.75 67.46 14.64
N LYS C 338 -3.95 66.60 15.28
CA LYS C 338 -2.49 66.72 15.33
C LYS C 338 -1.79 66.44 13.97
N GLY C 339 -2.58 66.37 12.90
CA GLY C 339 -2.08 66.30 11.53
C GLY C 339 -1.84 64.88 11.00
N LEU C 340 -1.66 63.93 11.92
CA LEU C 340 -1.39 62.53 11.63
C LEU C 340 -2.31 61.87 10.63
N LYS C 341 -1.76 60.93 9.86
CA LYS C 341 -2.59 59.97 9.14
C LYS C 341 -2.71 58.68 9.95
N ILE C 342 -3.82 57.96 9.76
CA ILE C 342 -4.13 56.76 10.54
C ILE C 342 -4.21 55.50 9.65
N CYS C 343 -3.42 54.49 10.04
CA CYS C 343 -3.51 53.13 9.49
C CYS C 343 -4.00 52.10 10.55
N VAL C 344 -4.80 51.13 10.11
CA VAL C 344 -5.18 50.00 10.96
C VAL C 344 -4.89 48.66 10.26
N TRP C 345 -4.52 47.66 11.07
CA TRP C 345 -4.24 46.30 10.61
C TRP C 345 -5.55 45.63 10.19
N ILE C 346 -5.54 44.99 9.02
CA ILE C 346 -6.63 44.09 8.59
C ILE C 346 -5.98 42.84 8.02
N ASN C 347 -6.79 41.78 7.88
CA ASN C 347 -6.35 40.63 7.09
C ASN C 347 -7.58 39.93 6.51
N PRO C 348 -7.39 38.92 5.66
CA PRO C 348 -8.53 38.27 5.02
C PRO C 348 -8.97 36.96 5.70
N TYR C 349 -8.72 36.82 7.00
CA TYR C 349 -9.17 35.67 7.77
C TYR C 349 -10.05 36.09 8.95
N ILE C 350 -10.79 35.15 9.51
CA ILE C 350 -11.55 35.40 10.71
C ILE C 350 -11.56 34.21 11.63
N GLY C 351 -11.24 34.48 12.89
CA GLY C 351 -11.35 33.50 13.93
C GLY C 351 -12.77 33.20 14.35
N GLN C 352 -12.99 31.93 14.68
CA GLN C 352 -14.31 31.42 15.05
C GLN C 352 -14.94 32.11 16.26
N LYS C 353 -14.10 32.61 17.16
CA LYS C 353 -14.62 33.24 18.39
C LYS C 353 -15.53 34.47 18.11
N SER C 354 -15.30 35.13 16.99
CA SER C 354 -15.99 36.36 16.71
C SER C 354 -17.50 36.13 16.51
N PRO C 355 -18.34 37.00 17.08
CA PRO C 355 -19.80 36.89 16.87
C PRO C 355 -20.22 37.03 15.41
N VAL C 356 -19.35 37.63 14.61
CA VAL C 356 -19.59 37.82 13.19
C VAL C 356 -19.39 36.50 12.39
N PHE C 357 -18.61 35.58 12.94
CA PHE C 357 -18.29 34.33 12.26
C PHE C 357 -19.58 33.60 11.88
N LYS C 358 -20.50 33.47 12.84
CA LYS C 358 -21.75 32.77 12.58
C LYS C 358 -22.51 33.40 11.43
N GLU C 359 -22.62 34.73 11.44
CA GLU C 359 -23.23 35.50 10.34
C GLU C 359 -22.60 35.15 8.99
N LEU C 360 -21.28 35.05 8.98
CA LEU C 360 -20.58 34.79 7.71
C LEU C 360 -20.79 33.34 7.28
N GLN C 361 -20.76 32.41 8.23
CA GLN C 361 -21.05 31.02 7.90
C GLN C 361 -22.50 30.85 7.35
N GLU C 362 -23.48 31.46 8.00
CA GLU C 362 -24.88 31.34 7.51
C GLU C 362 -25.06 31.97 6.13
N LYS C 363 -24.35 33.07 5.86
CA LYS C 363 -24.43 33.72 4.55
C LYS C 363 -23.62 33.03 3.47
N GLY C 364 -22.69 32.16 3.86
CA GLY C 364 -21.92 31.38 2.90
C GLY C 364 -20.81 32.25 2.33
N TYR C 365 -20.26 33.16 3.15
CA TYR C 365 -19.23 34.09 2.70
C TYR C 365 -17.80 33.54 2.92
N LEU C 366 -17.67 32.39 3.60
CA LEU C 366 -16.35 31.84 3.93
C LEU C 366 -15.97 30.66 3.01
N LEU C 367 -14.67 30.50 2.76
CA LEU C 367 -14.13 29.43 1.92
C LEU C 367 -14.54 28.03 2.42
N LYS C 368 -15.04 27.21 1.50
CA LYS C 368 -15.59 25.90 1.84
C LYS C 368 -14.71 24.76 1.33
N ARG C 369 -14.75 23.64 2.04
CA ARG C 369 -14.30 22.36 1.48
C ARG C 369 -15.31 21.85 0.44
N PRO C 370 -14.88 20.94 -0.46
CA PRO C 370 -15.79 20.35 -1.46
C PRO C 370 -17.09 19.77 -0.88
N ASP C 371 -17.11 19.29 0.36
CA ASP C 371 -18.37 18.77 0.92
C ASP C 371 -19.39 19.81 1.41
N GLY C 372 -19.06 21.12 1.31
CA GLY C 372 -19.92 22.19 1.79
C GLY C 372 -19.65 22.67 3.20
N SER C 373 -18.82 21.94 3.95
CA SER C 373 -18.43 22.37 5.28
C SER C 373 -17.42 23.53 5.17
N LEU C 374 -17.20 24.25 6.25
CA LEU C 374 -16.17 25.29 6.23
C LEU C 374 -14.78 24.74 6.25
N TRP C 375 -13.90 25.32 5.44
CA TRP C 375 -12.47 25.13 5.63
C TRP C 375 -12.00 25.88 6.86
N GLN C 376 -11.40 25.19 7.83
CA GLN C 376 -10.83 25.85 9.01
C GLN C 376 -9.51 25.20 9.43
N TRP C 377 -8.66 25.96 10.11
CA TRP C 377 -7.57 25.39 10.93
C TRP C 377 -7.31 26.33 12.09
N ASP C 378 -6.29 26.00 12.87
CA ASP C 378 -5.98 26.72 14.10
C ASP C 378 -4.69 27.55 14.05
N LYS C 379 -4.08 27.69 12.89
CA LYS C 379 -2.90 28.56 12.79
C LYS C 379 -3.41 30.01 12.76
N TRP C 380 -2.62 30.91 13.35
CA TRP C 380 -3.01 32.35 13.50
C TRP C 380 -4.18 32.62 14.46
N GLN C 381 -5.40 32.18 14.12
CA GLN C 381 -6.56 32.30 15.01
C GLN C 381 -7.24 30.94 15.21
N PRO C 382 -7.88 30.71 16.35
CA PRO C 382 -8.60 29.46 16.59
C PRO C 382 -9.78 29.31 15.66
N GLY C 383 -9.94 28.14 15.02
CA GLY C 383 -11.04 27.90 14.10
C GLY C 383 -11.11 28.93 12.96
N LEU C 384 -9.94 29.37 12.53
CA LEU C 384 -9.81 30.39 11.48
C LEU C 384 -10.46 29.95 10.18
N ALA C 385 -11.27 30.83 9.59
CA ALA C 385 -11.86 30.64 8.27
C ALA C 385 -11.35 31.74 7.35
N ILE C 386 -11.49 31.57 6.04
CA ILE C 386 -10.99 32.55 5.08
C ILE C 386 -12.14 33.20 4.30
N TYR C 387 -12.08 34.52 4.15
CA TYR C 387 -13.13 35.22 3.37
C TYR C 387 -13.02 34.77 1.93
N ASP C 388 -14.12 34.32 1.37
CA ASP C 388 -14.09 33.89 -0.02
C ASP C 388 -14.34 35.07 -0.97
N PHE C 389 -13.24 35.60 -1.52
CA PHE C 389 -13.30 36.79 -2.35
C PHE C 389 -13.68 36.54 -3.82
N THR C 390 -14.00 35.29 -4.20
CA THR C 390 -14.61 35.02 -5.49
C THR C 390 -16.15 35.09 -5.36
N ASN C 391 -16.65 35.22 -4.14
CA ASN C 391 -18.07 35.39 -3.89
C ASN C 391 -18.34 36.88 -3.90
N PRO C 392 -19.08 37.37 -4.90
CA PRO C 392 -19.35 38.82 -5.02
C PRO C 392 -19.99 39.41 -3.76
N ASP C 393 -20.84 38.65 -3.08
CA ASP C 393 -21.49 39.20 -1.88
C ASP C 393 -20.55 39.31 -0.67
N ALA C 394 -19.67 38.32 -0.50
CA ALA C 394 -18.61 38.39 0.50
C ALA C 394 -17.70 39.60 0.29
N CYS C 395 -17.29 39.86 -0.95
CA CYS C 395 -16.49 41.04 -1.27
C CYS C 395 -17.19 42.33 -0.78
N LYS C 396 -18.45 42.46 -1.15
CA LYS C 396 -19.25 43.62 -0.77
C LYS C 396 -19.30 43.75 0.74
N TRP C 397 -19.56 42.65 1.43
CA TRP C 397 -19.61 42.66 2.89
C TRP C 397 -18.30 43.15 3.47
N TYR C 398 -17.17 42.58 3.02
CA TYR C 398 -15.86 42.99 3.54
C TYR C 398 -15.59 44.49 3.20
N ALA C 399 -15.85 44.90 1.95
CA ALA C 399 -15.63 46.29 1.52
C ALA C 399 -16.44 47.32 2.36
N ASP C 400 -17.69 46.98 2.66
CA ASP C 400 -18.54 47.84 3.49
C ASP C 400 -18.00 48.00 4.90
N LYS C 401 -17.48 46.90 5.47
CA LYS C 401 -16.82 47.02 6.74
C LYS C 401 -15.68 48.01 6.64
N LEU C 402 -14.90 47.94 5.57
CA LEU C 402 -13.73 48.83 5.42
C LEU C 402 -14.19 50.29 5.22
N LYS C 403 -15.29 50.48 4.47
CA LYS C 403 -15.90 51.80 4.30
C LYS C 403 -16.30 52.39 5.65
N GLY C 404 -16.84 51.54 6.51
CA GLY C 404 -17.09 51.87 7.91
C GLY C 404 -15.88 52.45 8.64
N LEU C 405 -14.70 51.86 8.44
CA LEU C 405 -13.48 52.36 9.10
C LEU C 405 -13.01 53.66 8.48
N VAL C 406 -13.16 53.77 7.17
CA VAL C 406 -12.82 55.02 6.52
C VAL C 406 -13.74 56.17 7.04
N ALA C 407 -15.04 55.94 7.13
CA ALA C 407 -15.94 57.02 7.57
C ALA C 407 -15.62 57.48 8.99
N MET C 408 -14.88 56.64 9.69
CA MET C 408 -14.47 56.93 11.06
C MET C 408 -13.17 57.75 11.07
N GLY C 409 -12.57 57.95 9.91
CA GLY C 409 -11.30 58.64 9.82
C GLY C 409 -10.01 57.81 9.59
N VAL C 410 -10.13 56.49 9.45
CA VAL C 410 -9.00 55.70 8.96
C VAL C 410 -8.64 56.13 7.54
N ASP C 411 -7.36 56.41 7.31
CA ASP C 411 -6.84 56.80 6.01
C ASP C 411 -6.33 55.69 5.09
N CYS C 412 -5.85 54.60 5.67
CA CYS C 412 -5.26 53.53 4.87
C CYS C 412 -5.22 52.23 5.68
N PHE C 413 -4.96 51.12 4.99
CA PHE C 413 -5.01 49.80 5.63
C PHE C 413 -3.72 49.05 5.46
N LYS C 414 -3.35 48.33 6.51
CA LYS C 414 -2.27 47.37 6.43
C LYS C 414 -2.92 46.05 5.98
N THR C 415 -2.70 45.67 4.73
CA THR C 415 -3.22 44.39 4.22
C THR C 415 -2.24 43.21 4.45
N ASP C 416 -2.31 42.72 5.67
CA ASP C 416 -1.44 41.64 6.15
C ASP C 416 -1.92 40.27 5.64
N PHE C 417 -1.05 39.27 5.69
CA PHE C 417 -1.39 37.89 5.31
C PHE C 417 -1.87 37.75 3.87
N GLY C 418 -2.56 36.65 3.57
CA GLY C 418 -3.04 36.39 2.23
C GLY C 418 -2.21 35.32 1.53
N GLU C 419 -1.22 34.79 2.25
CA GLU C 419 -0.37 33.78 1.65
C GLU C 419 -0.77 32.28 1.83
N ARG C 420 -1.22 31.88 3.01
CA ARG C 420 -1.45 30.45 3.27
C ARG C 420 -2.88 30.05 2.86
N ILE C 421 -3.15 30.10 1.56
CA ILE C 421 -4.45 29.79 0.98
C ILE C 421 -4.42 28.28 0.61
N PRO C 422 -5.30 27.51 1.22
CA PRO C 422 -5.30 26.04 1.01
C PRO C 422 -5.84 25.73 -0.39
N THR C 423 -5.47 24.56 -0.90
CA THR C 423 -5.94 24.09 -2.20
C THR C 423 -6.99 23.00 -2.10
N ASP C 424 -7.23 22.48 -0.89
CA ASP C 424 -8.24 21.43 -0.75
C ASP C 424 -9.64 22.04 -0.46
N VAL C 425 -10.12 22.81 -1.42
CA VAL C 425 -11.27 23.64 -1.17
C VAL C 425 -12.02 23.77 -2.47
N GLN C 426 -13.21 24.36 -2.40
CA GLN C 426 -13.97 24.73 -3.59
C GLN C 426 -14.40 26.18 -3.49
N TRP C 427 -13.92 26.99 -4.42
CA TRP C 427 -14.17 28.44 -4.43
C TRP C 427 -15.59 28.68 -4.92
N PHE C 428 -16.24 29.72 -4.44
CA PHE C 428 -17.60 30.06 -4.89
C PHE C 428 -17.66 30.10 -6.42
N ASP C 429 -16.65 30.69 -7.07
CA ASP C 429 -16.68 30.82 -8.51
C ASP C 429 -16.15 29.58 -9.28
N GLY C 430 -15.79 28.48 -8.58
CA GLY C 430 -15.25 27.28 -9.24
C GLY C 430 -13.83 27.39 -9.83
N SER C 431 -13.11 28.42 -9.41
CA SER C 431 -11.73 28.66 -9.79
C SER C 431 -10.85 27.43 -9.48
N ASP C 432 -9.84 27.23 -10.31
CA ASP C 432 -8.76 26.26 -10.01
C ASP C 432 -8.04 26.66 -8.72
N PRO C 433 -8.20 25.88 -7.67
CA PRO C 433 -7.50 26.16 -6.41
C PRO C 433 -5.97 26.28 -6.53
N GLN C 434 -5.34 25.60 -7.48
CA GLN C 434 -3.87 25.69 -7.62
C GLN C 434 -3.53 27.07 -8.11
N LYS C 435 -4.44 27.68 -8.89
CA LYS C 435 -4.21 29.02 -9.43
C LYS C 435 -4.57 30.09 -8.42
N MET C 436 -5.57 29.81 -7.58
CA MET C 436 -6.07 30.75 -6.57
C MET C 436 -5.07 30.98 -5.42
N HIS C 437 -4.18 30.03 -5.19
CA HIS C 437 -3.29 30.17 -4.07
C HIS C 437 -2.50 31.48 -4.12
N ASN C 438 -1.86 31.77 -5.27
CA ASN C 438 -1.10 33.02 -5.43
C ASN C 438 -2.03 34.22 -5.77
N HIS C 439 -2.99 33.99 -6.66
CA HIS C 439 -3.79 35.10 -7.19
C HIS C 439 -4.66 35.73 -6.11
N TYR C 440 -4.93 34.97 -5.04
CA TYR C 440 -5.76 35.45 -3.93
C TYR C 440 -5.14 36.75 -3.37
N ALA C 441 -3.80 36.82 -3.27
CA ALA C 441 -3.14 38.03 -2.79
C ALA C 441 -3.50 39.23 -3.69
N TYR C 442 -3.54 39.06 -5.00
CA TYR C 442 -3.99 40.11 -5.91
C TYR C 442 -5.43 40.56 -5.63
N ILE C 443 -6.35 39.59 -5.53
CA ILE C 443 -7.77 39.88 -5.48
C ILE C 443 -8.10 40.58 -4.19
N TYR C 444 -7.43 40.15 -3.12
CA TYR C 444 -7.57 40.73 -1.78
C TYR C 444 -7.10 42.20 -1.75
N ASN C 445 -5.86 42.41 -2.20
CA ASN C 445 -5.29 43.74 -2.24
C ASN C 445 -6.00 44.68 -3.21
N GLU C 446 -6.39 44.17 -4.38
CA GLU C 446 -7.27 44.89 -5.31
C GLU C 446 -8.55 45.36 -4.62
N LEU C 447 -9.14 44.49 -3.80
CA LEU C 447 -10.44 44.77 -3.23
C LEU C 447 -10.28 45.95 -2.26
N VAL C 448 -9.23 45.90 -1.44
CA VAL C 448 -8.99 46.90 -0.42
C VAL C 448 -8.65 48.24 -1.11
N TRP C 449 -7.82 48.18 -2.14
CA TRP C 449 -7.46 49.35 -2.93
C TRP C 449 -8.65 50.09 -3.50
N ASN C 450 -9.56 49.35 -4.13
CA ASN C 450 -10.79 49.94 -4.68
C ASN C 450 -11.69 50.59 -3.62
N VAL C 451 -11.66 50.09 -2.38
CA VAL C 451 -12.39 50.75 -1.30
C VAL C 451 -11.83 52.17 -1.06
N LEU C 452 -10.50 52.26 -1.00
CA LEU C 452 -9.80 53.52 -0.90
C LEU C 452 -10.11 54.44 -2.09
N LYS C 453 -9.93 53.94 -3.30
CA LYS C 453 -10.23 54.69 -4.51
C LYS C 453 -11.63 55.31 -4.40
N ASP C 454 -12.60 54.53 -3.94
CA ASP C 454 -14.00 54.97 -3.90
C ASP C 454 -14.36 55.85 -2.69
N THR C 455 -13.45 55.96 -1.71
CA THR C 455 -13.76 56.71 -0.52
C THR C 455 -12.86 57.93 -0.36
N VAL C 456 -11.55 57.72 -0.23
CA VAL C 456 -10.62 58.85 -0.14
C VAL C 456 -10.14 59.39 -1.49
N GLY C 457 -10.38 58.65 -2.58
CA GLY C 457 -9.88 59.05 -3.90
C GLY C 457 -8.57 58.38 -4.30
N GLU C 458 -8.46 58.04 -5.58
CA GLU C 458 -7.27 57.39 -6.14
C GLU C 458 -5.92 57.98 -5.68
N GLU C 459 -5.79 59.31 -5.72
CA GLU C 459 -4.51 59.97 -5.39
C GLU C 459 -4.17 59.82 -3.91
N GLU C 460 -5.19 59.54 -3.09
CA GLU C 460 -4.98 59.34 -1.65
C GLU C 460 -4.80 57.85 -1.20
N ALA C 461 -4.93 56.91 -2.14
CA ALA C 461 -4.94 55.48 -1.79
C ALA C 461 -3.51 55.03 -1.48
N VAL C 462 -3.35 54.28 -0.39
CA VAL C 462 -2.09 53.61 -0.08
C VAL C 462 -2.32 52.41 0.86
N LEU C 463 -1.48 51.37 0.74
CA LEU C 463 -1.60 50.18 1.57
C LEU C 463 -0.25 49.89 2.16
N PHE C 464 -0.21 48.98 3.12
CA PHE C 464 1.03 48.35 3.56
C PHE C 464 0.78 46.85 3.41
N ALA C 465 1.21 46.26 2.32
CA ALA C 465 0.80 44.91 1.91
C ALA C 465 1.91 43.87 2.12
N ARG C 466 1.55 42.71 2.68
CA ARG C 466 2.54 41.65 2.93
C ARG C 466 2.72 40.67 1.79
N SER C 467 1.63 40.36 1.09
CA SER C 467 1.76 39.41 -0.02
C SER C 467 1.41 40.06 -1.33
N ALA C 468 1.73 39.33 -2.39
CA ALA C 468 1.59 39.84 -3.73
C ALA C 468 1.68 38.70 -4.76
N SER C 469 1.29 39.04 -5.99
CA SER C 469 1.18 38.13 -7.12
C SER C 469 1.22 39.09 -8.31
N VAL C 470 1.36 38.58 -9.52
CA VAL C 470 1.58 39.45 -10.68
C VAL C 470 0.44 40.47 -10.79
N GLY C 471 0.82 41.75 -10.94
CA GLY C 471 -0.16 42.82 -11.07
C GLY C 471 -0.43 43.58 -9.80
N ALA C 472 0.00 43.01 -8.65
CA ALA C 472 -0.25 43.61 -7.36
C ALA C 472 0.64 44.84 -7.05
N GLN C 473 1.68 45.07 -7.86
CA GLN C 473 2.46 46.32 -7.81
C GLN C 473 1.57 47.58 -8.04
N LYS C 474 0.38 47.36 -8.59
CA LYS C 474 -0.57 48.43 -8.82
C LYS C 474 -1.13 48.96 -7.52
N PHE C 475 -0.91 48.22 -6.43
CA PHE C 475 -1.54 48.51 -5.15
C PHE C 475 -0.45 48.74 -4.11
N PRO C 476 0.34 49.79 -4.33
CA PRO C 476 1.55 49.93 -3.55
C PRO C 476 1.40 50.23 -2.12
N VAL C 477 2.66 50.16 -1.72
CA VAL C 477 3.35 49.88 -0.53
C VAL C 477 3.30 48.46 0.00
N HIS C 478 4.40 47.79 -0.30
CA HIS C 478 4.72 46.46 0.16
C HIS C 478 5.84 46.53 1.18
N TRP C 479 5.73 45.75 2.25
CA TRP C 479 6.81 45.70 3.23
C TRP C 479 7.35 44.27 3.34
N GLY C 480 8.64 44.16 3.61
CA GLY C 480 9.30 42.86 3.61
C GLY C 480 9.05 41.93 4.78
N GLY C 481 7.99 42.11 5.56
CA GLY C 481 7.60 41.12 6.57
C GLY C 481 8.40 41.04 7.88
N ASP C 482 8.41 39.85 8.47
CA ASP C 482 8.86 39.66 9.84
C ASP C 482 10.34 39.31 9.91
N CYS C 483 11.18 40.35 9.78
CA CYS C 483 12.62 40.22 9.87
C CYS C 483 13.08 40.21 11.34
N TYR C 484 14.36 40.01 11.61
CA TYR C 484 14.90 39.92 12.98
C TYR C 484 15.81 41.13 13.21
N ALA C 485 15.99 41.49 14.47
CA ALA C 485 16.75 42.67 14.90
C ALA C 485 18.25 42.40 15.00
N ASN C 486 18.88 42.15 13.87
CA ASN C 486 20.32 42.02 13.83
C ASN C 486 20.75 42.39 12.40
N TYR C 487 22.06 42.57 12.20
CA TYR C 487 22.68 42.97 10.91
C TYR C 487 22.46 42.00 9.73
N GLU C 488 22.54 40.70 10.01
CA GLU C 488 22.32 39.70 8.98
C GLU C 488 20.89 39.81 8.45
N SER C 489 19.93 40.04 9.33
CA SER C 489 18.56 40.13 8.85
C SER C 489 18.24 41.50 8.21
N MET C 490 18.93 42.55 8.64
CA MET C 490 18.82 43.85 7.98
C MET C 490 19.31 43.70 6.54
N ALA C 491 20.39 42.93 6.38
CA ALA C 491 20.98 42.69 5.08
C ALA C 491 20.08 41.82 4.21
N GLU C 492 19.49 40.78 4.81
CA GLU C 492 18.61 39.90 4.02
C GLU C 492 17.35 40.66 3.57
N SER C 493 16.84 41.55 4.41
CA SER C 493 15.70 42.41 4.02
C SER C 493 16.07 43.31 2.83
N LEU C 494 17.22 43.96 2.88
CA LEU C 494 17.70 44.69 1.70
C LEU C 494 17.72 43.81 0.44
N ARG C 495 18.22 42.57 0.50
CA ARG C 495 18.16 41.69 -0.69
C ARG C 495 16.72 41.56 -1.18
N GLY C 496 15.79 41.40 -0.26
CA GLY C 496 14.36 41.34 -0.61
C GLY C 496 13.85 42.61 -1.27
N GLY C 497 14.12 43.76 -0.65
CA GLY C 497 13.80 45.04 -1.28
C GLY C 497 14.35 45.22 -2.69
N LEU C 498 15.62 44.94 -2.88
CA LEU C 498 16.21 45.02 -4.21
C LEU C 498 15.45 44.12 -5.19
N SER C 499 15.19 42.86 -4.75
CA SER C 499 14.59 41.87 -5.61
C SER C 499 13.18 42.25 -6.02
N ILE C 500 12.35 42.77 -5.10
CA ILE C 500 10.97 43.17 -5.43
C ILE C 500 10.92 44.31 -6.49
N GLY C 501 11.90 45.20 -6.42
CA GLY C 501 12.00 46.27 -7.42
C GLY C 501 12.43 45.67 -8.72
N LEU C 502 13.25 44.63 -8.69
CA LEU C 502 13.63 43.93 -9.92
C LEU C 502 12.50 43.03 -10.44
N SER C 503 11.37 42.96 -9.71
CA SER C 503 10.19 42.20 -10.16
C SER C 503 8.94 43.06 -10.42
N GLY C 504 9.12 44.37 -10.58
CA GLY C 504 8.03 45.24 -10.98
C GLY C 504 7.41 46.13 -9.93
N PHE C 505 7.93 46.11 -8.71
CA PHE C 505 7.29 46.82 -7.60
C PHE C 505 8.03 48.10 -7.27
N GLY C 506 7.31 49.22 -7.14
CA GLY C 506 7.98 50.51 -7.10
C GLY C 506 8.42 51.01 -5.73
N PHE C 507 7.73 50.53 -4.70
CA PHE C 507 7.76 51.11 -3.35
C PHE C 507 7.80 49.98 -2.34
N TRP C 508 8.66 50.13 -1.33
CA TRP C 508 9.02 49.03 -0.46
C TRP C 508 9.52 49.54 0.87
N SER C 509 8.96 48.95 1.91
CA SER C 509 9.34 49.26 3.26
C SER C 509 9.83 48.00 3.99
N HIS C 510 10.33 48.21 5.20
CA HIS C 510 10.85 47.12 6.03
C HIS C 510 10.78 47.64 7.47
N ASP C 511 10.67 46.73 8.45
CA ASP C 511 10.53 47.14 9.85
C ASP C 511 11.84 47.68 10.44
N ILE C 512 11.88 49.00 10.61
CA ILE C 512 13.06 49.68 11.16
C ILE C 512 13.33 49.18 12.58
N GLY C 513 14.54 48.68 12.77
CA GLY C 513 14.95 48.12 14.03
C GLY C 513 14.76 46.60 14.10
N GLY C 514 14.12 45.99 13.08
CA GLY C 514 13.85 44.56 13.07
C GLY C 514 12.53 44.30 13.76
N PHE C 515 11.80 43.30 13.28
CA PHE C 515 10.49 42.95 13.83
C PHE C 515 10.65 42.08 15.08
N GLU C 516 11.28 40.94 14.91
CA GLU C 516 11.37 39.97 15.98
C GLU C 516 12.65 40.26 16.76
N ASN C 517 12.52 40.26 18.09
CA ASN C 517 13.61 40.53 19.04
C ASN C 517 13.83 42.05 19.19
N THR C 518 14.62 42.43 20.18
CA THR C 518 14.92 43.85 20.46
C THR C 518 16.38 44.12 20.07
N ALA C 519 16.58 44.99 19.08
CA ALA C 519 17.94 45.32 18.62
C ALA C 519 18.76 45.97 19.73
N PRO C 520 20.06 45.69 19.76
CA PRO C 520 20.97 46.55 20.54
C PRO C 520 20.88 47.94 19.95
N ALA C 521 21.18 48.99 20.72
CA ALA C 521 21.01 50.36 20.21
C ALA C 521 21.73 50.58 18.87
N HIS C 522 22.93 50.04 18.72
CA HIS C 522 23.67 50.32 17.48
C HIS C 522 22.97 49.87 16.20
N VAL C 523 22.32 48.70 16.29
CA VAL C 523 21.58 48.11 15.17
C VAL C 523 20.36 48.95 14.86
N TYR C 524 19.61 49.36 15.89
CA TYR C 524 18.44 50.22 15.66
C TYR C 524 18.85 51.49 14.90
N LYS C 525 19.92 52.11 15.37
CA LYS C 525 20.50 53.33 14.76
C LYS C 525 20.92 53.16 13.32
N ARG C 526 21.68 52.12 13.00
CA ARG C 526 21.99 51.78 11.60
C ARG C 526 20.73 51.55 10.71
N TRP C 527 19.73 50.94 11.29
CA TRP C 527 18.51 50.56 10.58
C TRP C 527 17.64 51.79 10.34
N CYS C 528 17.68 52.73 11.29
CA CYS C 528 16.94 53.98 11.13
C CYS C 528 17.39 54.72 9.88
N ALA C 529 18.69 54.80 9.70
CA ALA C 529 19.29 55.50 8.52
C ALA C 529 18.93 54.81 7.19
N PHE C 530 18.99 53.48 7.18
CA PHE C 530 18.52 52.67 6.04
C PHE C 530 16.99 52.88 5.78
N GLY C 531 16.17 52.79 6.83
CA GLY C 531 14.72 52.92 6.69
C GLY C 531 14.27 54.27 6.15
N LEU C 532 14.93 55.34 6.62
CA LEU C 532 14.55 56.69 6.23
C LEU C 532 15.07 57.02 4.86
N LEU C 533 16.00 56.21 4.35
CA LEU C 533 16.47 56.31 2.98
C LEU C 533 15.91 55.16 2.08
N SER C 534 14.71 54.72 2.42
CA SER C 534 14.00 53.73 1.63
C SER C 534 12.73 54.46 1.19
N SER C 535 12.05 53.98 0.16
CA SER C 535 10.87 54.69 -0.29
C SER C 535 9.92 54.98 0.88
N HIS C 536 9.72 53.96 1.71
CA HIS C 536 8.76 54.00 2.78
C HIS C 536 9.31 53.56 4.15
N SER C 537 9.04 54.37 5.17
CA SER C 537 9.78 54.28 6.44
C SER C 537 8.83 54.00 7.58
N ARG C 538 8.97 52.82 8.19
CA ARG C 538 8.08 52.41 9.28
C ARG C 538 8.82 51.80 10.46
N LEU C 539 8.49 52.32 11.63
CA LEU C 539 8.90 51.78 12.90
C LEU C 539 7.84 50.78 13.43
N HIS C 540 8.21 49.50 13.48
CA HIS C 540 7.31 48.39 13.85
C HIS C 540 8.07 47.23 14.50
N GLY C 541 7.54 46.72 15.60
CA GLY C 541 8.17 45.61 16.31
C GLY C 541 7.18 44.54 16.73
N SER C 542 7.74 43.39 17.09
CA SER C 542 6.92 42.27 17.59
C SER C 542 6.47 42.38 19.08
N LYS C 543 7.45 42.31 19.98
CA LYS C 543 7.20 42.24 21.43
C LYS C 543 7.74 43.48 22.17
N SER C 544 8.31 44.43 21.42
CA SER C 544 8.79 45.68 22.03
C SER C 544 8.44 46.88 21.15
N TYR C 545 8.38 48.03 21.78
CA TYR C 545 8.10 49.26 21.06
C TYR C 545 9.35 49.73 20.25
N ARG C 546 9.09 50.57 19.23
CA ARG C 546 10.10 51.08 18.32
C ARG C 546 10.28 52.64 18.38
N VAL C 547 9.69 53.28 19.37
CA VAL C 547 10.03 54.67 19.65
C VAL C 547 11.52 54.68 20.04
N PRO C 548 12.29 55.66 19.56
CA PRO C 548 13.75 55.66 19.73
C PRO C 548 14.22 55.74 21.17
N TRP C 549 13.44 56.38 22.03
CA TRP C 549 13.81 56.44 23.45
C TRP C 549 13.72 55.11 24.21
N ALA C 550 13.29 54.03 23.54
CA ALA C 550 13.33 52.69 24.15
C ALA C 550 14.73 52.11 24.03
N TYR C 551 15.55 52.72 23.18
CA TYR C 551 16.88 52.21 22.88
C TYR C 551 17.98 53.00 23.61
N ASP C 552 18.15 54.29 23.28
CA ASP C 552 19.04 55.24 24.02
C ASP C 552 18.79 56.72 23.60
N ASP C 553 19.53 57.64 24.20
CA ASP C 553 19.40 59.08 23.90
C ASP C 553 19.75 59.37 22.45
N GLU C 554 20.85 58.81 22.01
CA GLU C 554 21.33 59.04 20.67
C GLU C 554 20.38 58.56 19.55
N SER C 555 19.59 57.53 19.84
CA SER C 555 18.59 57.04 18.88
C SER C 555 17.58 58.13 18.52
N CYS C 556 17.23 58.98 19.47
CA CYS C 556 16.31 60.06 19.14
C CYS C 556 16.96 61.07 18.18
N ASP C 557 18.28 61.31 18.32
CA ASP C 557 18.96 62.23 17.40
C ASP C 557 19.07 61.59 16.04
N VAL C 558 19.29 60.27 16.01
CA VAL C 558 19.36 59.54 14.75
C VAL C 558 18.01 59.63 13.99
N VAL C 559 16.92 59.27 14.66
CA VAL C 559 15.59 59.34 14.01
C VAL C 559 15.36 60.76 13.50
N ARG C 560 15.65 61.77 14.35
CA ARG C 560 15.39 63.19 14.01
C ARG C 560 16.16 63.64 12.76
N PHE C 561 17.46 63.43 12.75
CA PHE C 561 18.31 63.75 11.61
C PHE C 561 17.87 63.16 10.27
N PHE C 562 17.63 61.84 10.24
CA PHE C 562 17.23 61.19 8.99
C PHE C 562 15.77 61.48 8.63
N THR C 563 14.88 61.68 9.59
CA THR C 563 13.53 62.16 9.21
C THR C 563 13.56 63.54 8.56
N GLN C 564 14.29 64.48 9.16
CA GLN C 564 14.48 65.82 8.60
C GLN C 564 15.08 65.75 7.19
N LEU C 565 16.13 64.93 7.05
CA LEU C 565 16.78 64.71 5.75
C LEU C 565 15.78 64.20 4.72
N LYS C 566 15.00 63.18 5.07
CA LYS C 566 14.05 62.64 4.11
C LYS C 566 13.06 63.72 3.68
N CYS C 567 12.59 64.50 4.65
CA CYS C 567 11.58 65.53 4.32
C CYS C 567 12.16 66.58 3.37
N ARG C 568 13.44 66.88 3.56
CA ARG C 568 14.15 67.81 2.69
C ARG C 568 14.43 67.22 1.32
N MET C 569 14.58 65.88 1.23
CA MET C 569 14.86 65.26 -0.06
C MET C 569 13.60 65.04 -0.89
N MET C 570 12.45 65.42 -0.37
CA MET C 570 11.20 65.09 -1.04
C MET C 570 11.03 65.61 -2.49
N PRO C 571 11.50 66.84 -2.82
CA PRO C 571 11.37 67.30 -4.20
C PRO C 571 12.05 66.30 -5.13
N TYR C 572 13.21 65.79 -4.72
CA TYR C 572 13.92 64.79 -5.51
C TYR C 572 13.24 63.42 -5.42
N LEU C 573 12.85 63.00 -4.23
CA LEU C 573 12.22 61.68 -4.04
C LEU C 573 10.88 61.54 -4.78
N TYR C 574 10.00 62.54 -4.67
CA TYR C 574 8.67 62.44 -5.31
C TYR C 574 8.71 62.40 -6.81
N ARG C 575 9.70 63.07 -7.38
CA ARG C 575 9.98 62.98 -8.79
C ARG C 575 10.42 61.56 -9.18
N GLU C 576 11.33 60.98 -8.40
CA GLU C 576 11.71 59.58 -8.58
C GLU C 576 10.52 58.63 -8.36
N ALA C 577 9.61 58.98 -7.45
CA ALA C 577 8.40 58.20 -7.27
C ALA C 577 7.49 58.21 -8.49
N ALA C 578 7.33 59.38 -9.12
CA ALA C 578 6.55 59.52 -10.35
C ALA C 578 7.15 58.68 -11.48
N ARG C 579 8.46 58.53 -11.47
CA ARG C 579 9.16 57.63 -12.36
C ARG C 579 8.76 56.13 -12.25
N ALA C 580 8.44 55.69 -11.01
CA ALA C 580 8.02 54.31 -10.79
C ALA C 580 6.64 54.15 -11.36
N ASN C 581 5.82 55.17 -11.19
CA ASN C 581 4.49 55.18 -11.78
C ASN C 581 4.51 55.22 -13.31
N ALA C 582 5.44 55.96 -13.91
CA ALA C 582 5.44 56.12 -15.38
C ALA C 582 6.13 54.99 -16.14
N ARG C 583 7.24 54.51 -15.59
CA ARG C 583 8.15 53.66 -16.35
C ARG C 583 8.38 52.35 -15.59
N GLY C 584 7.82 52.29 -14.38
CA GLY C 584 8.01 51.15 -13.50
C GLY C 584 9.43 51.00 -12.99
N THR C 585 10.18 52.10 -12.93
CA THR C 585 11.53 52.10 -12.36
C THR C 585 11.38 52.29 -10.87
N PRO C 586 11.77 51.31 -10.05
CA PRO C 586 11.50 51.43 -8.62
C PRO C 586 12.41 52.46 -7.97
N MET C 587 12.02 52.96 -6.81
CA MET C 587 12.84 53.96 -6.13
C MET C 587 14.14 53.40 -5.61
N MET C 588 14.09 52.20 -5.03
CA MET C 588 15.30 51.57 -4.54
C MET C 588 15.81 50.59 -5.62
N ARG C 589 16.96 50.91 -6.22
CA ARG C 589 17.39 50.17 -7.39
C ARG C 589 18.71 49.45 -7.16
N ALA C 590 18.79 48.22 -7.63
CA ALA C 590 20.03 47.46 -7.55
C ALA C 590 20.99 48.16 -8.46
N MET C 591 22.25 48.17 -8.03
CA MET C 591 23.31 48.81 -8.79
C MET C 591 23.34 48.34 -10.24
N MET C 592 23.15 47.02 -10.45
CA MET C 592 23.12 46.47 -11.79
C MET C 592 22.08 47.16 -12.67
N MET C 593 21.00 47.63 -12.05
CA MET C 593 19.90 48.19 -12.86
C MET C 593 20.24 49.59 -13.37
N GLU C 594 20.95 50.35 -12.55
CA GLU C 594 21.36 51.71 -12.88
C GLU C 594 22.66 51.72 -13.70
N PHE C 595 23.47 50.67 -13.59
CA PHE C 595 24.75 50.61 -14.27
C PHE C 595 24.92 49.27 -14.95
N PRO C 596 24.05 48.99 -15.94
CA PRO C 596 23.92 47.63 -16.50
C PRO C 596 25.15 47.12 -17.23
N ASP C 597 25.99 48.05 -17.69
CA ASP C 597 27.20 47.72 -18.43
C ASP C 597 28.44 47.69 -17.56
N ASP C 598 28.28 47.89 -16.25
CA ASP C 598 29.45 47.86 -15.37
C ASP C 598 29.54 46.47 -14.71
N PRO C 599 30.57 45.68 -15.08
CA PRO C 599 30.71 44.29 -14.59
C PRO C 599 31.04 44.24 -13.11
N ALA C 600 31.43 45.38 -12.52
CA ALA C 600 31.65 45.46 -11.09
C ALA C 600 30.35 45.47 -10.27
N CYS C 601 29.21 45.63 -10.94
CA CYS C 601 27.93 45.86 -10.27
C CYS C 601 27.00 44.64 -10.22
N ASP C 602 27.36 43.58 -10.93
CA ASP C 602 26.48 42.42 -11.09
C ASP C 602 26.00 41.84 -9.76
N TYR C 603 26.90 41.78 -8.78
CA TYR C 603 26.63 41.09 -7.55
C TYR C 603 26.39 41.99 -6.32
N LEU C 604 26.38 43.31 -6.51
CA LEU C 604 26.27 44.24 -5.36
C LEU C 604 24.89 44.20 -4.78
N ASP C 605 24.81 43.95 -3.46
CA ASP C 605 23.54 43.74 -2.77
C ASP C 605 23.51 44.41 -1.37
N ARG C 606 24.51 45.20 -1.04
CA ARG C 606 24.58 45.87 0.27
C ARG C 606 24.51 47.39 0.09
N GLN C 607 24.18 47.81 -1.11
CA GLN C 607 24.09 49.23 -1.44
C GLN C 607 23.11 49.31 -2.57
N TYR C 608 22.64 50.50 -2.86
CA TYR C 608 21.63 50.67 -3.89
C TYR C 608 21.61 52.12 -4.36
N MET C 609 20.96 52.35 -5.50
CA MET C 609 20.63 53.70 -5.95
C MET C 609 19.25 54.04 -5.42
N LEU C 610 19.16 55.21 -4.79
CA LEU C 610 17.87 55.75 -4.40
C LEU C 610 17.53 56.78 -5.45
N GLY C 611 16.72 56.38 -6.43
CA GLY C 611 16.47 57.24 -7.57
C GLY C 611 17.67 57.21 -8.50
N ASP C 612 17.58 58.02 -9.54
CA ASP C 612 18.61 58.16 -10.56
C ASP C 612 20.01 58.52 -10.04
N ASN C 613 20.06 59.36 -9.01
CA ASN C 613 21.27 60.13 -8.73
C ASN C 613 22.05 59.83 -7.43
N VAL C 614 21.45 59.07 -6.52
CA VAL C 614 21.98 58.94 -5.16
C VAL C 614 22.31 57.49 -4.81
N MET C 615 23.56 57.22 -4.46
CA MET C 615 23.95 55.89 -4.02
C MET C 615 23.90 55.85 -2.49
N VAL C 616 23.19 54.87 -1.91
CA VAL C 616 23.27 54.66 -0.46
C VAL C 616 23.81 53.28 -0.09
N ALA C 617 24.64 53.27 0.94
CA ALA C 617 25.25 52.05 1.44
C ALA C 617 25.05 51.96 2.94
N PRO C 618 23.97 51.30 3.39
CA PRO C 618 23.72 51.18 4.83
C PRO C 618 24.95 50.59 5.50
N VAL C 619 25.16 50.92 6.76
CA VAL C 619 26.31 50.43 7.52
C VAL C 619 25.84 49.22 8.35
N PHE C 620 26.57 48.10 8.25
CA PHE C 620 26.17 46.84 8.89
C PHE C 620 27.09 46.41 10.03
N THR C 621 27.81 47.36 10.63
CA THR C 621 28.63 47.08 11.79
C THR C 621 28.43 48.09 12.90
N GLU C 622 28.75 47.68 14.13
CA GLU C 622 28.67 48.61 15.27
C GLU C 622 29.66 49.75 15.09
N ALA C 623 30.93 49.37 14.87
CA ALA C 623 32.04 50.33 14.77
C ALA C 623 31.91 51.29 13.59
N GLY C 624 31.10 50.95 12.59
CA GLY C 624 30.75 51.87 11.53
C GLY C 624 31.51 51.69 10.24
N ASP C 625 32.32 50.61 10.14
CA ASP C 625 33.09 50.29 8.95
C ASP C 625 32.15 49.80 7.86
N VAL C 626 32.45 50.17 6.62
CA VAL C 626 31.56 49.91 5.49
C VAL C 626 32.40 49.97 4.22
N GLN C 627 32.22 48.97 3.36
CA GLN C 627 32.82 48.96 2.02
C GLN C 627 31.71 49.08 1.00
N PHE C 628 31.96 49.86 -0.07
CA PHE C 628 30.97 50.05 -1.13
C PHE C 628 31.67 50.34 -2.46
N TYR C 629 30.96 50.08 -3.54
CA TYR C 629 31.52 50.33 -4.87
C TYR C 629 30.92 51.59 -5.51
N LEU C 630 31.76 52.36 -6.19
CA LEU C 630 31.27 53.52 -6.94
C LEU C 630 31.57 53.31 -8.42
N PRO C 631 30.53 53.31 -9.26
CA PRO C 631 30.71 53.35 -10.71
C PRO C 631 31.57 54.55 -11.15
N GLU C 632 31.94 54.56 -12.42
CA GLU C 632 32.76 55.65 -12.93
C GLU C 632 32.17 57.03 -12.66
N GLY C 633 33.05 57.98 -12.35
CA GLY C 633 32.65 59.35 -12.20
C GLY C 633 33.13 59.89 -10.90
N ARG C 634 32.85 61.16 -10.67
CA ARG C 634 33.32 61.78 -9.44
C ARG C 634 32.11 62.11 -8.58
N TRP C 635 32.02 61.41 -7.45
CA TRP C 635 30.83 61.41 -6.60
C TRP C 635 31.06 62.32 -5.41
N THR C 636 29.99 62.95 -4.92
CA THR C 636 30.09 63.87 -3.80
C THR C 636 29.15 63.45 -2.67
N HIS C 637 29.64 63.40 -1.43
CA HIS C 637 28.77 63.10 -0.31
C HIS C 637 27.69 64.14 -0.15
N LEU C 638 26.45 63.65 -0.06
CA LEU C 638 25.28 64.51 -0.06
C LEU C 638 25.34 65.65 0.94
N TRP C 639 25.82 65.39 2.16
CA TRP C 639 25.99 66.47 3.12
C TRP C 639 27.39 66.71 3.65
N HIS C 640 28.28 65.72 3.63
CA HIS C 640 29.65 65.94 4.08
C HIS C 640 30.47 66.65 2.98
N ASN C 641 29.97 66.58 1.73
CA ASN C 641 30.57 67.29 0.61
C ASN C 641 31.95 66.76 0.18
N ASP C 642 32.42 65.65 0.75
CA ASP C 642 33.67 65.11 0.28
C ASP C 642 33.44 64.44 -1.07
N GLU C 643 34.51 64.34 -1.85
CA GLU C 643 34.48 63.81 -3.19
C GLU C 643 35.26 62.51 -3.29
N LEU C 644 34.74 61.59 -4.09
CA LEU C 644 35.44 60.33 -4.35
C LEU C 644 35.36 60.01 -5.83
N ASP C 645 36.45 59.44 -6.35
CA ASP C 645 36.50 58.98 -7.74
C ASP C 645 36.07 57.53 -7.91
N GLY C 646 35.28 57.28 -8.96
CA GLY C 646 34.60 56.01 -9.19
C GLY C 646 35.36 54.92 -9.90
N SER C 647 34.63 53.87 -10.29
CA SER C 647 35.21 52.70 -10.95
C SER C 647 36.05 51.89 -9.96
N ARG C 648 35.77 52.06 -8.67
CA ARG C 648 36.49 51.29 -7.66
C ARG C 648 35.72 51.22 -6.34
N TRP C 649 36.17 50.32 -5.48
CA TRP C 649 35.68 50.21 -4.10
C TRP C 649 36.33 51.22 -3.12
N HIS C 650 35.60 51.51 -2.05
CA HIS C 650 36.05 52.38 -0.97
C HIS C 650 35.64 51.80 0.37
N LYS C 651 36.46 52.08 1.38
CA LYS C 651 36.20 51.74 2.76
C LYS C 651 36.20 53.02 3.63
N GLN C 652 35.22 53.17 4.52
CA GLN C 652 35.05 54.34 5.40
C GLN C 652 34.58 53.86 6.76
N GLN C 653 34.57 54.76 7.74
CA GLN C 653 34.01 54.52 9.05
C GLN C 653 33.08 55.67 9.34
N HIS C 654 31.83 55.36 9.72
CA HIS C 654 30.80 56.37 9.95
C HIS C 654 30.20 56.26 11.32
N GLY C 655 29.88 57.42 11.89
CA GLY C 655 29.21 57.56 13.17
C GLY C 655 27.73 57.36 12.91
N PHE C 656 26.91 57.45 13.95
CA PHE C 656 25.48 57.10 13.81
C PHE C 656 24.64 58.10 13.04
N LEU C 657 25.22 59.28 12.79
CA LEU C 657 24.48 60.30 12.05
C LEU C 657 24.84 60.26 10.57
N SER C 658 25.54 59.20 10.18
CA SER C 658 26.15 59.15 8.86
C SER C 658 26.16 57.76 8.22
N LEU C 659 26.24 57.75 6.90
CA LEU C 659 26.52 56.55 6.09
C LEU C 659 26.91 57.08 4.73
N PRO C 660 27.54 56.26 3.88
CA PRO C 660 27.78 56.67 2.49
C PRO C 660 26.43 56.96 1.79
N VAL C 661 26.30 58.23 1.39
CA VAL C 661 25.22 58.73 0.53
C VAL C 661 25.86 59.65 -0.52
N TYR C 662 26.10 59.11 -1.71
CA TYR C 662 26.94 59.81 -2.68
C TYR C 662 26.12 60.20 -3.90
N VAL C 663 26.41 61.39 -4.44
CA VAL C 663 25.65 61.95 -5.54
C VAL C 663 26.57 61.93 -6.74
N ARG C 664 26.08 61.39 -7.85
CA ARG C 664 26.87 61.27 -9.04
C ARG C 664 27.14 62.63 -9.70
N ASP C 665 28.16 62.69 -10.53
CA ASP C 665 28.52 63.92 -11.22
C ASP C 665 27.44 64.27 -12.25
N ASN C 666 27.52 65.48 -12.77
CA ASN C 666 26.53 65.99 -13.74
C ASN C 666 25.12 65.88 -13.21
N THR C 667 24.93 66.29 -11.96
CA THR C 667 23.62 66.21 -11.32
C THR C 667 23.22 67.56 -10.80
N LEU C 668 21.97 67.91 -11.08
CA LEU C 668 21.28 69.03 -10.50
C LEU C 668 20.15 68.43 -9.68
N LEU C 669 20.22 68.64 -8.38
CA LEU C 669 19.34 68.00 -7.40
C LEU C 669 18.56 69.03 -6.63
N ALA C 670 17.30 68.76 -6.34
CA ALA C 670 16.49 69.70 -5.56
C ALA C 670 16.27 69.25 -4.11
N LEU C 671 16.66 70.08 -3.15
CA LEU C 671 16.24 69.88 -1.78
C LEU C 671 15.25 71.00 -1.42
N GLY C 672 14.30 70.67 -0.54
CA GLY C 672 13.21 71.54 -0.16
C GLY C 672 13.48 72.29 1.13
N ASN C 673 12.57 73.18 1.51
CA ASN C 673 12.82 74.05 2.67
C ASN C 673 12.03 73.70 3.91
N ASN C 674 11.51 72.47 3.94
CA ASN C 674 10.75 72.00 5.09
C ASN C 674 11.36 70.65 5.53
N ASP C 675 11.85 70.59 6.78
CA ASP C 675 12.36 69.33 7.33
C ASP C 675 11.40 68.73 8.38
N GLN C 676 10.13 69.10 8.29
CA GLN C 676 9.15 68.70 9.30
C GLN C 676 8.07 67.76 8.75
N ARG C 677 7.88 67.79 7.43
CA ARG C 677 6.86 66.99 6.77
C ARG C 677 7.29 66.69 5.34
N PRO C 678 6.85 65.57 4.80
CA PRO C 678 7.17 65.29 3.40
C PRO C 678 6.27 66.04 2.40
N ASP C 679 5.06 66.44 2.77
CA ASP C 679 4.11 67.03 1.81
C ASP C 679 4.03 68.55 2.01
N TYR C 680 4.64 69.26 1.09
CA TYR C 680 4.68 70.73 1.13
C TYR C 680 4.92 71.22 -0.27
N VAL C 681 5.05 72.55 -0.39
CA VAL C 681 5.13 73.17 -1.69
C VAL C 681 6.60 73.14 -2.09
N TRP C 682 6.97 72.08 -2.79
CA TRP C 682 8.37 71.77 -3.11
C TRP C 682 8.99 72.84 -4.00
N HIS C 683 8.18 73.45 -4.85
CA HIS C 683 8.71 74.40 -5.82
C HIS C 683 8.85 75.85 -5.28
N GLU C 684 8.52 76.09 -4.00
CA GLU C 684 8.85 77.37 -3.36
C GLU C 684 9.93 77.20 -2.28
N GLY C 685 10.99 78.01 -2.40
CA GLY C 685 12.07 77.98 -1.43
C GLY C 685 13.06 76.89 -1.77
N THR C 686 12.96 76.35 -2.99
CA THR C 686 13.73 75.20 -3.41
C THR C 686 15.24 75.48 -3.38
N ALA C 687 16.03 74.58 -2.81
CA ALA C 687 17.48 74.76 -2.90
C ALA C 687 18.08 73.74 -3.86
N PHE C 688 18.59 74.21 -4.99
CA PHE C 688 19.15 73.31 -6.00
C PHE C 688 20.65 73.12 -5.77
N HIS C 689 21.16 71.94 -6.10
CA HIS C 689 22.57 71.68 -5.90
C HIS C 689 23.21 71.07 -7.15
N LEU C 690 24.20 71.76 -7.71
CA LEU C 690 24.91 71.28 -8.88
C LEU C 690 26.17 70.56 -8.42
N PHE C 691 26.37 69.34 -8.93
CA PHE C 691 27.51 68.51 -8.57
C PHE C 691 28.30 68.25 -9.82
N ASN C 692 29.56 68.69 -9.81
CA ASN C 692 30.57 68.29 -10.76
C ASN C 692 30.06 68.28 -12.19
N LEU C 693 29.62 69.47 -12.64
CA LEU C 693 29.22 69.63 -14.03
C LEU C 693 30.48 69.70 -14.86
N GLN C 694 30.68 68.66 -15.67
CA GLN C 694 31.80 68.57 -16.60
C GLN C 694 31.55 69.45 -17.83
N ASP C 695 32.65 69.81 -18.51
CA ASP C 695 32.57 70.61 -19.73
C ASP C 695 31.85 69.81 -20.81
N GLY C 696 30.78 70.38 -21.36
CA GLY C 696 30.03 69.78 -22.46
C GLY C 696 28.76 69.05 -22.06
N HIS C 697 28.65 68.71 -20.78
CA HIS C 697 27.48 68.01 -20.26
C HIS C 697 26.40 69.00 -19.85
N GLU C 698 25.20 68.47 -19.65
CA GLU C 698 24.07 69.25 -19.21
C GLU C 698 23.35 68.48 -18.08
N ALA C 699 23.08 69.15 -16.97
CA ALA C 699 22.29 68.58 -15.87
C ALA C 699 20.87 69.12 -15.84
N VAL C 700 19.92 68.19 -15.68
CA VAL C 700 18.50 68.50 -15.69
C VAL C 700 17.85 68.10 -14.37
N CYS C 701 17.03 68.98 -13.81
CA CYS C 701 16.30 68.70 -12.57
C CYS C 701 14.85 69.04 -12.79
N GLU C 702 13.98 68.08 -12.45
CA GLU C 702 12.54 68.30 -12.59
C GLU C 702 11.88 68.28 -11.23
N VAL C 703 11.30 69.41 -10.83
CA VAL C 703 10.62 69.51 -9.55
C VAL C 703 9.16 69.12 -9.80
N PRO C 704 8.63 68.18 -9.02
CA PRO C 704 7.25 67.69 -9.21
C PRO C 704 6.20 68.52 -8.50
N ALA C 705 5.00 68.56 -9.03
CA ALA C 705 3.82 68.99 -8.27
C ALA C 705 3.31 67.79 -7.44
N ALA C 706 2.26 68.02 -6.66
CA ALA C 706 1.76 67.01 -5.76
C ALA C 706 1.21 65.75 -6.46
N ASP C 707 0.83 65.87 -7.74
CA ASP C 707 0.35 64.72 -8.53
C ASP C 707 1.41 64.04 -9.37
N GLY C 708 2.67 64.40 -9.17
CA GLY C 708 3.76 63.77 -9.91
C GLY C 708 4.26 64.47 -11.15
N SER C 709 3.41 65.26 -11.80
CA SER C 709 3.80 65.99 -13.02
C SER C 709 4.93 66.98 -12.72
N VAL C 710 5.73 67.30 -13.73
CA VAL C 710 6.78 68.29 -13.63
C VAL C 710 6.19 69.71 -13.60
N ILE C 711 6.46 70.43 -12.52
CA ILE C 711 6.02 71.80 -12.43
C ILE C 711 7.12 72.82 -12.77
N PHE C 712 8.38 72.43 -12.71
CA PHE C 712 9.47 73.36 -13.00
C PHE C 712 10.68 72.52 -13.35
N THR C 713 11.38 72.93 -14.40
CA THR C 713 12.56 72.27 -14.90
C THR C 713 13.74 73.24 -14.87
N LEU C 714 14.84 72.81 -14.30
CA LEU C 714 16.06 73.61 -14.29
C LEU C 714 17.21 72.85 -14.94
N LYS C 715 17.91 73.54 -15.83
CA LYS C 715 18.97 72.92 -16.63
C LYS C 715 20.21 73.77 -16.47
N ALA C 716 21.34 73.11 -16.27
CA ALA C 716 22.62 73.79 -16.23
C ALA C 716 23.49 73.14 -17.28
N ALA C 717 23.98 73.96 -18.20
CA ALA C 717 24.76 73.47 -19.32
C ALA C 717 26.16 74.08 -19.25
N ARG C 718 27.19 73.24 -19.22
CA ARG C 718 28.55 73.73 -19.25
C ARG C 718 29.09 73.80 -20.66
N THR C 719 29.47 75.01 -21.08
CA THR C 719 30.07 75.16 -22.41
C THR C 719 31.59 75.18 -22.41
N GLY C 720 32.21 76.05 -21.61
CA GLY C 720 33.63 75.97 -21.38
C GLY C 720 33.84 76.16 -19.88
N ASN C 721 34.19 77.40 -19.52
CA ASN C 721 34.15 77.87 -18.15
C ASN C 721 32.87 78.65 -17.90
N THR C 722 31.95 78.56 -18.86
CA THR C 722 30.62 79.15 -18.76
C THR C 722 29.57 78.08 -18.57
N ILE C 723 28.71 78.28 -17.59
CA ILE C 723 27.57 77.40 -17.40
C ILE C 723 26.25 78.18 -17.45
N THR C 724 25.34 77.75 -18.31
CA THR C 724 24.06 78.41 -18.49
C THR C 724 22.97 77.72 -17.71
N VAL C 725 22.36 78.45 -16.79
CA VAL C 725 21.27 77.91 -16.01
C VAL C 725 19.94 78.50 -16.53
N THR C 726 19.08 77.63 -17.06
CA THR C 726 17.74 78.04 -17.49
C THR C 726 16.61 77.23 -16.84
N GLY C 727 15.63 77.95 -16.30
CA GLY C 727 14.43 77.35 -15.72
C GLY C 727 13.24 77.56 -16.61
N ALA C 728 12.23 76.69 -16.46
CA ALA C 728 10.95 76.80 -17.16
C ALA C 728 9.82 76.27 -16.28
N GLY C 729 8.73 77.01 -16.19
CA GLY C 729 7.63 76.58 -15.37
C GLY C 729 7.42 77.51 -14.20
N GLU C 730 6.99 76.95 -13.07
CA GLU C 730 6.59 77.74 -11.92
C GLU C 730 7.47 77.35 -10.73
N ALA C 731 8.25 78.32 -10.24
CA ALA C 731 8.99 78.18 -8.99
C ALA C 731 9.22 79.58 -8.39
N LYS C 732 9.47 79.63 -7.08
CA LYS C 732 9.66 80.88 -6.33
C LYS C 732 10.84 80.79 -5.36
N ASN C 733 11.57 81.91 -5.24
CA ASN C 733 12.60 82.10 -4.21
C ASN C 733 13.57 80.95 -4.06
N TRP C 734 14.00 80.42 -5.20
CA TRP C 734 14.95 79.33 -5.19
C TRP C 734 16.40 79.78 -5.23
N THR C 735 17.29 78.90 -4.81
CA THR C 735 18.72 79.15 -4.89
C THR C 735 19.44 78.00 -5.60
N LEU C 736 20.66 78.26 -6.07
CA LEU C 736 21.50 77.27 -6.69
C LEU C 736 22.83 77.19 -5.96
N CYS C 737 23.17 76.03 -5.42
CA CYS C 737 24.51 75.80 -4.85
C CYS C 737 25.49 75.12 -5.81
N LEU C 738 26.63 75.78 -6.03
CA LEU C 738 27.75 75.23 -6.80
C LEU C 738 28.67 74.46 -5.87
N ARG C 739 28.45 73.15 -5.79
CA ARG C 739 29.08 72.34 -4.77
C ARG C 739 30.60 72.27 -4.94
N ASN C 740 31.33 72.56 -3.86
CA ASN C 740 32.80 72.54 -3.89
C ASN C 740 33.45 73.58 -4.82
N VAL C 741 32.68 74.63 -5.14
CA VAL C 741 33.17 75.81 -5.87
C VAL C 741 33.12 77.03 -4.94
N VAL C 742 34.30 77.50 -4.52
CA VAL C 742 34.43 78.55 -3.51
C VAL C 742 34.23 79.95 -4.10
N LYS C 743 34.83 80.19 -5.27
CA LYS C 743 34.86 81.49 -5.90
C LYS C 743 34.52 81.38 -7.39
N VAL C 744 33.90 82.43 -7.93
CA VAL C 744 33.60 82.50 -9.35
C VAL C 744 34.10 83.82 -9.96
N ASN C 745 34.46 83.78 -11.25
CA ASN C 745 34.84 84.99 -12.00
C ASN C 745 33.63 85.88 -12.30
N GLY C 746 32.69 85.37 -13.09
CA GLY C 746 31.53 86.13 -13.53
C GLY C 746 30.18 85.54 -13.16
N LEU C 747 29.22 86.44 -12.93
CA LEU C 747 27.85 86.12 -12.59
C LEU C 747 26.90 87.14 -13.22
N GLN C 748 26.30 86.79 -14.37
CA GLN C 748 25.34 87.69 -15.03
C GLN C 748 23.90 87.34 -14.65
N ASP C 749 23.28 88.23 -13.85
CA ASP C 749 21.86 88.17 -13.47
C ASP C 749 21.56 87.35 -12.20
N GLY C 750 22.42 87.50 -11.19
CA GLY C 750 22.15 86.97 -9.87
C GLY C 750 23.07 87.57 -8.81
N SER C 751 22.75 87.30 -7.55
CA SER C 751 23.63 87.60 -6.42
C SER C 751 24.38 86.34 -6.00
N GLN C 752 25.36 86.51 -5.10
CA GLN C 752 26.15 85.38 -4.60
C GLN C 752 26.50 85.50 -3.12
N ALA C 753 26.50 84.35 -2.45
CA ALA C 753 26.95 84.26 -1.08
C ALA C 753 27.69 82.95 -0.88
N GLU C 754 28.76 83.01 -0.11
CA GLU C 754 29.48 81.82 0.28
C GLU C 754 28.56 80.94 1.15
N SER C 755 28.83 79.64 1.11
CA SER C 755 28.31 78.70 2.10
C SER C 755 29.35 77.60 2.31
N GLU C 756 29.16 76.82 3.36
CA GLU C 756 30.10 75.77 3.75
C GLU C 756 30.24 74.69 2.66
N GLN C 757 29.34 74.71 1.68
CA GLN C 757 29.32 73.67 0.70
C GLN C 757 29.58 74.16 -0.71
N GLY C 758 29.76 75.47 -0.82
CA GLY C 758 29.97 76.09 -2.11
C GLY C 758 29.16 77.36 -2.27
N LEU C 759 29.44 78.04 -3.37
CA LEU C 759 28.80 79.30 -3.69
C LEU C 759 27.30 79.10 -3.91
N VAL C 760 26.51 79.87 -3.16
CA VAL C 760 25.07 79.94 -3.36
C VAL C 760 24.71 81.19 -4.17
N VAL C 761 24.14 80.93 -5.34
CA VAL C 761 23.65 81.94 -6.24
C VAL C 761 22.12 82.09 -6.07
N LYS C 762 21.63 83.32 -6.11
CA LYS C 762 20.19 83.54 -6.16
C LYS C 762 19.87 84.28 -7.46
N PRO C 763 19.05 83.68 -8.32
CA PRO C 763 18.83 84.17 -9.67
C PRO C 763 17.95 85.41 -9.72
N GLN C 764 18.06 86.16 -10.81
CA GLN C 764 17.16 87.28 -11.07
C GLN C 764 15.96 86.87 -11.92
N GLY C 765 16.14 85.86 -12.76
CA GLY C 765 15.04 85.25 -13.50
C GLY C 765 15.29 83.79 -13.89
N ASN C 766 14.62 83.37 -14.97
CA ASN C 766 14.76 82.02 -15.52
C ASN C 766 16.07 81.77 -16.32
N ALA C 767 17.06 82.66 -16.22
CA ALA C 767 18.22 82.58 -17.09
C ALA C 767 19.51 83.23 -16.53
N LEU C 768 20.40 82.41 -15.97
CA LEU C 768 21.67 82.89 -15.44
C LEU C 768 22.82 82.29 -16.19
N THR C 769 23.85 83.10 -16.42
CA THR C 769 25.05 82.50 -16.93
C THR C 769 26.18 82.77 -15.92
N ILE C 770 27.07 81.79 -15.76
CA ILE C 770 28.08 81.86 -14.71
C ILE C 770 29.41 81.58 -15.35
N THR C 771 30.43 82.32 -14.95
CA THR C 771 31.74 82.13 -15.52
C THR C 771 32.71 81.68 -14.44
N LEU C 772 33.24 80.48 -14.60
CA LEU C 772 34.10 79.87 -13.59
C LEU C 772 35.45 80.59 -13.48
N HIS C 773 35.95 80.74 -12.24
CA HIS C 773 37.18 81.50 -11.97
C HIS C 773 38.38 80.98 -12.75
N MET D 1 -12.69 3.56 23.53
CA MET D 1 -11.56 3.84 22.60
C MET D 1 -10.35 4.20 23.44
N LYS D 2 -9.22 3.58 23.17
CA LYS D 2 -8.00 3.82 23.94
C LYS D 2 -7.36 5.16 23.57
N ILE D 3 -7.21 6.05 24.55
CA ILE D 3 -6.56 7.36 24.27
C ILE D 3 -5.20 7.36 24.93
N SER D 4 -5.18 7.03 26.23
CA SER D 4 -3.91 6.97 26.96
C SER D 4 -3.28 5.60 26.74
N ASP D 5 -1.99 5.53 27.07
CA ASP D 5 -1.20 4.32 27.07
C ASP D 5 -0.61 4.21 28.47
N GLY D 6 -1.45 3.80 29.42
CA GLY D 6 -1.10 3.86 30.83
C GLY D 6 -1.19 5.29 31.34
N ASN D 7 -0.70 5.49 32.56
CA ASN D 7 -0.74 6.81 33.18
C ASN D 7 0.22 7.79 32.48
N TRP D 8 1.32 7.25 31.96
CA TRP D 8 2.43 8.10 31.58
C TRP D 8 2.44 8.49 30.09
N LEU D 9 1.86 7.68 29.21
CA LEU D 9 1.96 7.88 27.77
C LEU D 9 0.60 8.06 27.08
N ILE D 10 0.64 8.29 25.76
CA ILE D 10 -0.55 8.46 24.95
C ILE D 10 -0.38 7.43 23.83
N GLN D 11 -1.50 6.80 23.39
CA GLN D 11 -1.46 5.87 22.24
C GLN D 11 -0.70 6.50 21.07
N PRO D 12 0.16 5.75 20.39
CA PRO D 12 0.94 6.36 19.29
C PRO D 12 0.00 6.86 18.22
N GLY D 13 0.35 8.00 17.69
CA GLY D 13 -0.34 8.53 16.55
C GLY D 13 -1.44 9.48 16.96
N LEU D 14 -1.71 9.59 18.27
CA LEU D 14 -2.78 10.47 18.80
C LEU D 14 -2.20 11.78 19.31
N ASN D 15 -2.71 12.90 18.80
CA ASN D 15 -2.33 14.23 19.27
C ASN D 15 -3.48 14.80 20.08
N LEU D 16 -3.24 15.10 21.34
CA LEU D 16 -4.31 15.53 22.24
C LEU D 16 -4.21 17.01 22.61
N ILE D 17 -5.39 17.67 22.70
CA ILE D 17 -5.47 19.02 23.25
C ILE D 17 -6.64 19.15 24.24
N HIS D 18 -6.42 19.91 25.30
CA HIS D 18 -7.36 19.96 26.41
C HIS D 18 -7.66 21.38 26.79
N PRO D 19 -8.90 21.65 27.23
CA PRO D 19 -9.20 22.95 27.86
C PRO D 19 -8.45 23.05 29.22
N LEU D 20 -7.53 24.00 29.35
CA LEU D 20 -6.58 24.02 30.49
C LEU D 20 -6.64 25.38 31.20
N GLN D 21 -7.30 26.38 30.60
CA GLN D 21 -7.35 27.71 31.21
C GLN D 21 -8.49 28.53 30.71
N VAL D 22 -9.28 29.04 31.64
CA VAL D 22 -10.34 29.96 31.30
C VAL D 22 -9.73 31.22 30.74
N PHE D 23 -10.14 31.54 29.52
CA PHE D 23 -9.73 32.80 28.90
C PHE D 23 -10.86 33.84 29.00
N GLU D 24 -12.11 33.47 28.71
CA GLU D 24 -13.18 34.47 28.81
C GLU D 24 -14.45 33.73 29.20
N VAL D 25 -15.28 34.39 30.02
CA VAL D 25 -16.60 33.86 30.36
C VAL D 25 -17.66 34.86 29.91
N GLU D 26 -18.74 34.36 29.33
CA GLU D 26 -19.82 35.19 28.77
C GLU D 26 -21.20 34.60 29.03
N GLN D 27 -22.14 35.46 29.45
CA GLN D 27 -23.55 35.07 29.60
C GLN D 27 -24.30 35.43 28.31
N GLN D 28 -24.93 34.43 27.72
CA GLN D 28 -25.81 34.65 26.59
C GLN D 28 -27.19 34.19 27.03
N ASP D 29 -28.06 35.14 27.33
CA ASP D 29 -29.40 34.86 27.88
C ASP D 29 -29.34 33.91 29.10
N ASN D 30 -29.96 32.73 29.02
CA ASN D 30 -29.88 31.86 30.17
C ASN D 30 -28.85 30.71 29.97
N GLU D 31 -27.78 31.03 29.23
CA GLU D 31 -26.68 30.09 28.96
C GLU D 31 -25.35 30.72 29.32
N MET D 32 -24.40 29.88 29.73
CA MET D 32 -23.07 30.33 30.11
C MET D 32 -22.01 29.78 29.15
N VAL D 33 -21.29 30.68 28.52
CA VAL D 33 -20.26 30.29 27.56
C VAL D 33 -18.89 30.51 28.20
N VAL D 34 -18.03 29.49 28.14
CA VAL D 34 -16.67 29.62 28.62
C VAL D 34 -15.70 29.35 27.46
N TYR D 35 -14.81 30.31 27.19
CA TYR D 35 -13.77 30.09 26.19
C TYR D 35 -12.56 29.62 26.98
N ALA D 36 -12.03 28.44 26.60
CA ALA D 36 -10.91 27.79 27.32
C ALA D 36 -9.74 27.43 26.40
N ALA D 37 -8.54 27.86 26.78
CA ALA D 37 -7.35 27.70 25.96
C ALA D 37 -6.63 26.43 26.36
N PRO D 38 -5.97 25.74 25.44
CA PRO D 38 -5.21 24.51 25.79
C PRO D 38 -3.80 24.77 26.27
N ARG D 39 -3.54 26.02 26.66
CA ARG D 39 -2.24 26.45 27.16
C ARG D 39 -2.39 27.81 27.85
N ASP D 40 -1.34 28.24 28.56
CA ASP D 40 -1.36 29.55 29.25
C ASP D 40 -1.49 30.73 28.24
N VAL D 41 -2.62 31.43 28.22
CA VAL D 41 -2.77 32.55 27.28
C VAL D 41 -2.92 33.93 27.99
N ARG D 42 -2.27 34.07 29.14
CA ARG D 42 -2.37 35.30 29.92
C ARG D 42 -1.69 36.47 29.22
N GLU D 43 -0.61 36.20 28.50
CA GLU D 43 0.12 37.22 27.76
C GLU D 43 -0.30 37.26 26.29
N ARG D 44 -0.32 38.46 25.70
CA ARG D 44 -0.81 38.65 24.34
C ARG D 44 0.03 37.83 23.36
N THR D 45 1.32 37.67 23.71
CA THR D 45 2.21 36.98 22.80
C THR D 45 1.72 35.53 22.56
N TRP D 46 0.94 34.96 23.49
CA TRP D 46 0.40 33.60 23.30
C TRP D 46 -1.06 33.57 22.84
N GLN D 47 -1.64 34.73 22.62
CA GLN D 47 -3.04 34.78 22.20
C GLN D 47 -3.20 34.68 20.68
N LEU D 48 -2.55 33.68 20.09
CA LEU D 48 -2.55 33.46 18.66
C LEU D 48 -1.81 32.15 18.42
N ASP D 49 -1.97 31.56 17.24
CA ASP D 49 -1.36 30.26 16.96
C ASP D 49 -1.71 29.24 18.04
N THR D 50 -2.99 29.16 18.38
CA THR D 50 -3.44 28.18 19.32
C THR D 50 -4.88 27.78 19.01
N PRO D 51 -5.23 26.51 19.25
CA PRO D 51 -6.66 26.13 19.32
C PRO D 51 -7.34 26.82 20.49
N LEU D 52 -8.67 26.85 20.48
CA LEU D 52 -9.42 27.34 21.62
C LEU D 52 -10.69 26.52 21.73
N PHE D 53 -11.01 26.07 22.94
CA PHE D 53 -12.28 25.40 23.16
C PHE D 53 -13.40 26.35 23.53
N THR D 54 -14.60 26.00 23.11
CA THR D 54 -15.78 26.80 23.40
C THR D 54 -16.74 25.89 24.14
N LEU D 55 -16.92 26.14 25.43
CA LEU D 55 -17.85 25.34 26.24
C LEU D 55 -19.12 26.16 26.49
N ARG D 56 -20.27 25.48 26.44
CA ARG D 56 -21.58 26.07 26.68
C ARG D 56 -22.35 25.21 27.71
N PHE D 57 -22.86 25.88 28.74
CA PHE D 57 -23.66 25.27 29.76
C PHE D 57 -25.09 25.83 29.63
N PHE D 58 -26.05 24.92 29.73
CA PHE D 58 -27.42 25.27 29.48
C PHE D 58 -28.29 24.22 30.18
N SER D 59 -29.57 24.52 30.41
CA SER D 59 -30.41 23.59 31.13
C SER D 59 -31.70 23.41 30.38
N PRO D 60 -31.98 22.19 29.90
CA PRO D 60 -33.21 21.93 29.15
C PRO D 60 -34.39 21.57 30.05
N GLN D 61 -34.11 21.22 31.30
CA GLN D 61 -35.09 20.83 32.31
C GLN D 61 -34.45 21.13 33.65
N GLU D 62 -35.27 21.30 34.70
CA GLU D 62 -34.80 21.52 36.07
C GLU D 62 -33.94 20.34 36.52
N GLY D 63 -32.76 20.66 37.04
CA GLY D 63 -31.88 19.63 37.60
C GLY D 63 -31.08 18.91 36.54
N ILE D 64 -31.20 19.37 35.30
CA ILE D 64 -30.34 18.85 34.20
C ILE D 64 -29.44 19.96 33.66
N VAL D 65 -28.14 19.70 33.65
CA VAL D 65 -27.19 20.65 33.08
C VAL D 65 -26.53 20.04 31.85
N GLY D 66 -26.72 20.70 30.72
CA GLY D 66 -26.05 20.38 29.47
C GLY D 66 -24.66 21.01 29.40
N VAL D 67 -23.70 20.25 28.89
CA VAL D 67 -22.33 20.71 28.69
C VAL D 67 -22.04 20.46 27.22
N ARG D 68 -21.67 21.49 26.48
CA ARG D 68 -21.29 21.27 25.08
C ARG D 68 -19.87 21.79 24.93
N ILE D 69 -18.97 20.90 24.51
CA ILE D 69 -17.56 21.27 24.42
C ILE D 69 -17.21 21.16 22.98
N GLU D 70 -16.80 22.27 22.39
CA GLU D 70 -16.56 22.20 20.99
C GLU D 70 -15.28 22.80 20.46
N HIS D 71 -14.85 22.21 19.35
CA HIS D 71 -13.66 22.66 18.65
C HIS D 71 -14.12 23.45 17.43
N PHE D 72 -14.24 22.84 16.26
CA PHE D 72 -14.61 23.60 15.06
C PHE D 72 -16.13 23.66 14.93
N GLN D 73 -16.67 24.81 14.51
CA GLN D 73 -18.13 24.92 14.31
C GLN D 73 -18.51 24.83 12.84
N GLY D 74 -17.52 24.78 11.97
CA GLY D 74 -17.79 24.67 10.56
C GLY D 74 -18.20 23.33 10.01
N ALA D 75 -18.16 22.28 10.84
CA ALA D 75 -18.49 20.93 10.39
C ALA D 75 -19.96 20.80 9.97
N LEU D 76 -20.24 19.89 9.06
CA LEU D 76 -21.61 19.64 8.59
C LEU D 76 -22.71 19.39 9.67
N ASN D 77 -22.47 18.50 10.62
CA ASN D 77 -23.54 18.24 11.65
C ASN D 77 -25.04 18.15 11.12
N ASN D 78 -25.35 17.09 10.37
CA ASN D 78 -26.72 16.76 9.97
C ASN D 78 -27.42 15.90 11.03
N GLY D 79 -28.76 15.87 11.00
CA GLY D 79 -29.54 14.98 11.87
C GLY D 79 -29.46 13.50 11.43
N PRO D 80 -30.25 12.62 12.04
CA PRO D 80 -31.24 13.00 13.03
C PRO D 80 -30.58 13.22 14.40
N HIS D 81 -31.38 13.81 15.27
CA HIS D 81 -31.02 14.12 16.65
C HIS D 81 -31.95 13.35 17.55
N TYR D 82 -31.53 13.13 18.79
CA TYR D 82 -32.40 12.50 19.77
C TYR D 82 -33.68 13.35 20.05
N PRO D 83 -34.79 12.67 20.34
CA PRO D 83 -36.11 13.32 20.49
C PRO D 83 -36.27 13.94 21.90
N LEU D 84 -35.45 14.94 22.16
CA LEU D 84 -35.33 15.51 23.49
C LEU D 84 -36.42 16.57 23.74
N ASN D 85 -36.95 16.59 24.97
CA ASN D 85 -37.92 17.59 25.42
C ASN D 85 -37.16 18.72 26.03
N ILE D 86 -36.91 19.73 25.22
CA ILE D 86 -36.14 20.89 25.65
C ILE D 86 -37.07 22.05 26.00
N LEU D 87 -36.95 22.50 27.24
CA LEU D 87 -37.67 23.70 27.67
C LEU D 87 -36.85 24.94 27.38
N GLN D 88 -37.57 26.03 27.13
CA GLN D 88 -36.91 27.30 26.82
C GLN D 88 -36.70 28.18 28.06
N ASP D 89 -37.60 28.11 29.05
CA ASP D 89 -37.46 29.10 30.11
C ASP D 89 -37.13 28.55 31.51
N VAL D 90 -36.27 27.55 31.54
CA VAL D 90 -35.88 26.92 32.80
C VAL D 90 -35.21 27.97 33.67
N LYS D 91 -35.61 28.09 34.93
CA LYS D 91 -34.96 29.10 35.76
C LYS D 91 -33.53 28.65 36.11
N VAL D 92 -32.54 29.47 35.80
CA VAL D 92 -31.16 29.12 36.10
C VAL D 92 -30.50 30.33 36.77
N THR D 93 -29.35 30.09 37.35
CA THR D 93 -28.52 31.10 37.98
C THR D 93 -27.16 31.02 37.34
N ILE D 94 -26.63 32.15 36.91
CA ILE D 94 -25.27 32.24 36.37
C ILE D 94 -24.45 33.21 37.19
N GLU D 95 -23.37 32.68 37.76
CA GLU D 95 -22.46 33.42 38.62
C GLU D 95 -21.08 33.40 38.02
N ASN D 96 -20.59 34.58 37.63
CA ASN D 96 -19.27 34.72 37.07
C ASN D 96 -18.39 35.57 38.01
N THR D 97 -17.49 34.89 38.71
CA THR D 97 -16.67 35.55 39.71
C THR D 97 -15.21 35.52 39.34
N GLU D 98 -14.38 36.00 40.25
CA GLU D 98 -12.95 35.98 40.11
C GLU D 98 -12.40 34.56 40.10
N ARG D 99 -12.88 33.72 41.01
CA ARG D 99 -12.39 32.35 41.18
C ARG D 99 -13.07 31.37 40.19
N TYR D 100 -14.36 31.57 39.92
CA TYR D 100 -15.18 30.59 39.22
C TYR D 100 -16.14 31.17 38.22
N ALA D 101 -16.60 30.32 37.30
CA ALA D 101 -17.83 30.58 36.57
C ALA D 101 -18.72 29.40 36.86
N GLU D 102 -19.96 29.69 37.24
CA GLU D 102 -20.88 28.66 37.76
C GLU D 102 -22.28 28.74 37.14
N PHE D 103 -22.76 27.63 36.60
CA PHE D 103 -24.08 27.56 35.99
C PHE D 103 -24.90 26.61 36.85
N LYS D 104 -26.09 27.03 37.29
CA LYS D 104 -26.88 26.19 38.17
C LYS D 104 -28.32 26.08 37.74
N SER D 105 -28.86 24.85 37.85
CA SER D 105 -30.27 24.59 37.56
C SER D 105 -30.80 23.64 38.62
N GLY D 106 -31.83 24.07 39.35
CA GLY D 106 -32.31 23.32 40.51
C GLY D 106 -31.17 23.25 41.54
N ASN D 107 -30.84 22.04 42.00
CA ASN D 107 -29.78 21.86 42.98
C ASN D 107 -28.43 21.56 42.34
N LEU D 108 -28.40 21.52 41.01
CA LEU D 108 -27.23 20.99 40.32
C LEU D 108 -26.51 22.10 39.62
N SER D 109 -25.21 22.17 39.85
CA SER D 109 -24.42 23.14 39.14
C SER D 109 -23.17 22.58 38.47
N ALA D 110 -22.75 23.29 37.44
CA ALA D 110 -21.46 23.10 36.81
C ALA D 110 -20.60 24.31 37.15
N ARG D 111 -19.42 24.06 37.68
CA ARG D 111 -18.51 25.13 38.06
C ARG D 111 -17.14 24.89 37.40
N VAL D 112 -16.66 25.88 36.65
CA VAL D 112 -15.31 25.86 36.11
C VAL D 112 -14.43 26.81 36.94
N SER D 113 -13.27 26.31 37.36
CA SER D 113 -12.25 27.09 38.06
C SER D 113 -11.35 27.92 37.13
N LYS D 114 -11.28 29.22 37.38
CA LYS D 114 -10.42 30.13 36.63
C LYS D 114 -8.97 30.05 37.14
N GLY D 115 -8.02 30.60 36.39
CA GLY D 115 -6.63 30.70 36.85
C GLY D 115 -5.79 29.49 36.49
N GLU D 116 -4.74 29.20 37.25
CA GLU D 116 -3.81 28.14 36.88
C GLU D 116 -4.27 26.71 37.17
N PHE D 117 -5.35 26.56 37.96
CA PHE D 117 -5.84 25.22 38.30
C PHE D 117 -7.26 24.98 37.77
N TRP D 118 -7.30 24.62 36.49
CA TRP D 118 -8.53 24.29 35.81
C TRP D 118 -9.20 23.09 36.49
N SER D 119 -10.50 23.19 36.65
CA SER D 119 -11.29 22.03 36.98
C SER D 119 -12.71 22.27 36.56
N LEU D 120 -13.42 21.19 36.26
CA LEU D 120 -14.83 21.29 35.93
C LEU D 120 -15.54 20.36 36.90
N ASP D 121 -16.39 20.93 37.77
CA ASP D 121 -17.02 20.20 38.85
C ASP D 121 -18.53 20.25 38.76
N PHE D 122 -19.17 19.12 39.04
CA PHE D 122 -20.61 19.09 39.15
C PHE D 122 -20.97 18.98 40.60
N LEU D 123 -21.80 19.92 41.04
CA LEU D 123 -22.01 20.19 42.48
C LEU D 123 -23.49 20.03 42.78
N ARG D 124 -23.83 19.35 43.85
CA ARG D 124 -25.25 19.27 44.20
C ARG D 124 -25.30 20.04 45.51
N ASN D 125 -25.97 21.19 45.50
CA ASN D 125 -25.91 22.12 46.62
C ASN D 125 -24.48 22.33 47.18
N GLY D 126 -23.57 22.70 46.30
CA GLY D 126 -22.19 22.96 46.66
C GLY D 126 -21.31 21.75 46.94
N GLU D 127 -21.86 20.53 46.94
CA GLU D 127 -21.05 19.34 47.18
C GLU D 127 -20.73 18.60 45.87
N ARG D 128 -19.46 18.26 45.66
CA ARG D 128 -19.06 17.71 44.36
C ARG D 128 -19.51 16.25 44.21
N ILE D 129 -20.39 16.00 43.25
CA ILE D 129 -20.84 14.64 42.98
C ILE D 129 -19.96 13.95 41.93
N THR D 130 -19.46 14.75 40.98
CA THR D 130 -18.48 14.27 39.99
C THR D 130 -17.84 15.50 39.31
N GLY D 131 -17.13 15.25 38.23
CA GLY D 131 -16.38 16.32 37.57
C GLY D 131 -15.32 15.77 36.64
N SER D 132 -14.74 16.69 35.87
CA SER D 132 -13.72 16.41 34.91
C SER D 132 -12.44 17.08 35.37
N GLN D 133 -11.42 16.30 35.66
CA GLN D 133 -10.14 16.90 36.04
C GLN D 133 -9.37 17.45 34.84
N VAL D 134 -8.41 18.35 35.08
CA VAL D 134 -7.65 18.94 34.00
C VAL D 134 -6.99 17.86 33.13
N LYS D 135 -7.04 18.06 31.81
CA LYS D 135 -6.56 17.08 30.83
C LYS D 135 -7.44 15.83 30.71
N ASN D 136 -8.60 15.79 31.35
CA ASN D 136 -9.41 14.60 31.19
C ASN D 136 -10.57 14.81 30.23
N ASN D 137 -10.60 15.97 29.58
CA ASN D 137 -11.43 16.11 28.40
C ASN D 137 -10.66 16.83 27.28
N GLY D 138 -11.27 16.88 26.09
CA GLY D 138 -10.67 17.53 24.93
C GLY D 138 -10.86 16.83 23.59
N TYR D 139 -9.93 17.14 22.68
CA TYR D 139 -9.92 16.77 21.27
C TYR D 139 -8.74 15.85 21.03
N VAL D 140 -8.99 14.83 20.21
CA VAL D 140 -8.05 13.78 19.82
C VAL D 140 -7.96 13.87 18.31
N GLN D 141 -6.78 14.14 17.83
CA GLN D 141 -6.54 14.06 16.41
C GLN D 141 -5.81 12.72 16.20
N ASP D 142 -6.54 11.72 15.71
CA ASP D 142 -5.95 10.40 15.40
C ASP D 142 -5.29 10.45 14.04
N THR D 143 -3.96 10.52 14.02
CA THR D 143 -3.26 10.56 12.75
C THR D 143 -3.10 9.19 12.10
N ASN D 144 -3.55 8.13 12.77
CA ASN D 144 -3.43 6.79 12.20
C ASN D 144 -4.55 6.58 11.18
N ASN D 145 -5.76 7.00 11.56
CA ASN D 145 -6.95 6.79 10.72
C ASN D 145 -7.52 8.10 10.14
N GLN D 146 -6.86 9.22 10.46
CA GLN D 146 -7.26 10.58 10.02
C GLN D 146 -8.67 11.00 10.49
N ARG D 147 -9.05 10.53 11.67
CA ARG D 147 -10.33 10.87 12.26
C ARG D 147 -10.10 11.70 13.54
N ASN D 148 -11.11 12.47 13.90
CA ASN D 148 -11.03 13.38 15.04
C ASN D 148 -12.16 13.07 16.01
N TYR D 149 -11.83 13.13 17.30
CA TYR D 149 -12.76 12.72 18.37
C TYR D 149 -12.79 13.78 19.45
N MET D 150 -13.94 13.93 20.12
CA MET D 150 -14.02 14.65 21.39
C MET D 150 -14.25 13.64 22.51
N PHE D 151 -13.65 13.88 23.68
CA PHE D 151 -13.80 12.97 24.81
C PHE D 151 -13.93 13.70 26.12
N GLU D 152 -14.39 12.97 27.12
CA GLU D 152 -14.53 13.46 28.47
C GLU D 152 -14.30 12.26 29.35
N ARG D 153 -13.83 12.51 30.58
CA ARG D 153 -13.76 11.50 31.60
C ARG D 153 -14.35 12.07 32.88
N LEU D 154 -15.47 11.50 33.31
CA LEU D 154 -16.13 11.93 34.54
C LEU D 154 -15.72 11.02 35.74
N ASP D 155 -15.25 11.63 36.82
CA ASP D 155 -14.74 10.92 37.98
C ASP D 155 -15.73 9.96 38.61
N LEU D 156 -15.17 8.87 39.10
CA LEU D 156 -15.85 7.97 39.97
C LEU D 156 -15.16 8.01 41.35
N GLY D 157 -15.95 8.24 42.38
CA GLY D 157 -15.40 8.20 43.74
C GLY D 157 -15.22 6.78 44.25
N VAL D 158 -14.76 6.67 45.50
CA VAL D 158 -14.50 5.36 46.12
C VAL D 158 -15.83 4.62 46.27
N GLY D 159 -15.86 3.38 45.78
CA GLY D 159 -17.05 2.55 45.84
C GLY D 159 -18.19 2.97 44.92
N GLU D 160 -17.95 3.89 44.00
CA GLU D 160 -19.01 4.30 43.09
C GLU D 160 -19.17 3.32 41.92
N THR D 161 -20.38 2.80 41.72
CA THR D 161 -20.67 1.81 40.67
C THR D 161 -21.59 2.36 39.59
N VAL D 162 -21.46 1.83 38.36
CA VAL D 162 -22.13 2.39 37.19
C VAL D 162 -23.08 1.37 36.57
N TYR D 163 -24.25 1.83 36.15
CA TYR D 163 -25.32 0.95 35.66
C TYR D 163 -25.90 1.56 34.39
N GLY D 164 -26.57 0.72 33.62
CA GLY D 164 -27.35 1.17 32.47
C GLY D 164 -26.60 0.93 31.16
N LEU D 165 -26.60 1.95 30.28
CA LEU D 165 -26.04 1.88 28.92
C LEU D 165 -26.84 0.93 28.03
N GLY D 166 -28.07 0.67 28.45
CA GLY D 166 -29.01 -0.07 27.64
C GLY D 166 -29.32 -1.45 28.19
N GLU D 167 -29.96 -2.28 27.37
CA GLU D 167 -30.27 -3.65 27.72
C GLU D 167 -28.97 -4.41 27.41
N ARG D 168 -28.12 -4.65 28.41
CA ARG D 168 -26.83 -5.34 28.18
C ARG D 168 -26.77 -6.62 28.99
N PHE D 169 -26.00 -7.60 28.51
CA PHE D 169 -26.01 -8.94 29.10
C PHE D 169 -24.70 -9.30 29.83
N THR D 170 -23.70 -8.41 29.77
CA THR D 170 -22.52 -8.57 30.61
C THR D 170 -22.89 -8.37 32.09
N ALA D 171 -21.86 -8.37 32.95
CA ALA D 171 -22.01 -8.04 34.39
C ALA D 171 -22.81 -6.73 34.64
N LEU D 172 -23.73 -6.75 35.61
CA LEU D 172 -24.68 -5.64 35.83
C LEU D 172 -23.99 -4.30 36.10
N VAL D 173 -23.04 -4.35 37.01
CA VAL D 173 -22.21 -3.18 37.29
C VAL D 173 -21.14 -3.01 36.21
N ARG D 174 -21.08 -1.81 35.64
CA ARG D 174 -20.34 -1.57 34.42
C ARG D 174 -18.80 -1.38 34.63
N ASN D 175 -18.37 -1.08 35.85
CA ASN D 175 -16.97 -0.81 36.14
C ASN D 175 -16.12 -1.94 35.62
N GLY D 176 -15.19 -1.59 34.75
CA GLY D 176 -14.26 -2.53 34.15
C GLY D 176 -14.58 -2.84 32.70
N GLN D 177 -15.74 -2.40 32.20
CA GLN D 177 -16.04 -2.71 30.80
C GLN D 177 -15.99 -1.58 29.80
N THR D 178 -15.62 -1.98 28.59
CA THR D 178 -15.74 -1.14 27.40
C THR D 178 -17.16 -1.35 26.83
N VAL D 179 -17.86 -0.26 26.48
CA VAL D 179 -19.22 -0.37 25.92
C VAL D 179 -19.34 0.52 24.70
N GLU D 180 -19.67 -0.06 23.55
CA GLU D 180 -19.90 0.74 22.33
C GLU D 180 -21.42 0.83 22.09
N THR D 181 -21.98 2.03 21.99
CA THR D 181 -23.46 2.14 21.83
C THR D 181 -23.85 2.10 20.39
N TRP D 182 -24.07 0.88 19.91
CA TRP D 182 -24.25 0.62 18.51
C TRP D 182 -25.11 -0.63 18.40
N ASN D 183 -26.34 -0.47 17.91
CA ASN D 183 -27.26 -1.57 17.80
C ASN D 183 -26.72 -2.69 16.92
N ARG D 184 -26.82 -3.92 17.42
CA ARG D 184 -26.39 -5.08 16.68
C ARG D 184 -27.33 -6.24 16.97
N ASP D 185 -27.34 -7.22 16.09
CA ASP D 185 -28.07 -8.48 16.31
C ASP D 185 -27.02 -9.53 16.73
N GLY D 186 -26.74 -9.59 18.02
CA GLY D 186 -25.68 -10.45 18.53
C GLY D 186 -26.18 -11.49 19.48
N GLY D 187 -27.51 -11.65 19.62
CA GLY D 187 -28.06 -12.49 20.67
C GLY D 187 -27.95 -11.87 22.07
N THR D 188 -28.07 -12.71 23.09
CA THR D 188 -28.01 -12.30 24.49
C THR D 188 -26.75 -12.77 25.20
N SER D 189 -25.85 -13.42 24.48
CA SER D 189 -24.73 -14.07 25.18
C SER D 189 -23.39 -13.37 25.05
N THR D 190 -23.39 -12.19 24.44
CA THR D 190 -22.15 -11.48 24.18
C THR D 190 -22.16 -10.05 24.72
N GLU D 191 -21.06 -9.32 24.48
CA GLU D 191 -21.00 -7.91 24.86
C GLU D 191 -21.92 -7.03 24.00
N GLN D 192 -22.45 -7.56 22.91
CA GLN D 192 -23.29 -6.72 22.02
C GLN D 192 -24.70 -6.59 22.54
N ALA D 193 -25.42 -5.62 21.99
CA ALA D 193 -26.74 -5.31 22.45
C ALA D 193 -27.64 -4.89 21.29
N TYR D 194 -28.89 -5.34 21.33
CA TYR D 194 -29.93 -4.88 20.38
C TYR D 194 -30.42 -3.46 20.67
N LYS D 195 -30.37 -3.10 21.95
CA LYS D 195 -30.91 -1.84 22.45
C LYS D 195 -29.85 -1.04 23.17
N ASN D 196 -29.18 -0.13 22.47
CA ASN D 196 -28.11 0.66 23.11
C ASN D 196 -28.63 2.03 23.47
N ILE D 197 -28.22 2.55 24.63
CA ILE D 197 -28.62 3.86 25.13
C ILE D 197 -27.38 4.48 25.79
N PRO D 198 -26.88 5.61 25.31
CA PRO D 198 -25.69 6.22 25.93
C PRO D 198 -26.01 7.03 27.18
N PHE D 199 -26.72 6.39 28.10
CA PHE D 199 -27.10 6.94 29.39
C PHE D 199 -26.59 5.97 30.42
N TYR D 200 -25.90 6.49 31.44
CA TYR D 200 -25.55 5.65 32.56
C TYR D 200 -25.89 6.38 33.83
N MET D 201 -26.06 5.65 34.93
CA MET D 201 -26.25 6.32 36.19
C MET D 201 -25.41 5.59 37.22
N THR D 202 -25.21 6.18 38.38
CA THR D 202 -24.38 5.55 39.42
C THR D 202 -25.10 5.45 40.75
N ASN D 203 -24.43 4.82 41.72
CA ASN D 203 -25.00 4.66 43.02
C ASN D 203 -24.80 5.96 43.83
N ARG D 204 -24.27 7.01 43.19
CA ARG D 204 -24.21 8.32 43.88
C ARG D 204 -25.37 9.28 43.50
N GLY D 205 -26.39 8.73 42.86
CA GLY D 205 -27.60 9.52 42.58
C GLY D 205 -27.54 10.63 41.54
N TYR D 206 -26.77 10.41 40.48
CA TYR D 206 -26.88 11.24 39.28
C TYR D 206 -26.77 10.31 38.09
N GLY D 207 -27.14 10.86 36.93
CA GLY D 207 -27.06 10.16 35.66
C GLY D 207 -26.40 11.07 34.65
N VAL D 208 -25.93 10.45 33.57
CA VAL D 208 -25.42 11.18 32.42
C VAL D 208 -25.87 10.60 31.09
N LEU D 209 -26.38 11.49 30.26
CA LEU D 209 -26.75 11.19 28.90
C LEU D 209 -25.74 11.87 27.94
N VAL D 210 -25.14 11.07 27.07
CA VAL D 210 -24.23 11.60 26.07
C VAL D 210 -25.05 11.78 24.81
N ASN D 211 -25.16 13.02 24.35
CA ASN D 211 -26.20 13.42 23.38
C ASN D 211 -25.76 13.19 21.93
N HIS D 212 -25.47 11.95 21.59
CA HIS D 212 -24.91 11.59 20.28
C HIS D 212 -25.54 10.25 19.82
N PRO D 213 -26.43 10.30 18.84
CA PRO D 213 -27.01 9.07 18.25
C PRO D 213 -26.02 8.09 17.57
N GLN D 214 -24.87 8.59 17.15
CA GLN D 214 -23.89 7.74 16.50
C GLN D 214 -23.13 6.92 17.58
N CYS D 215 -22.19 6.09 17.18
CA CYS D 215 -21.47 5.25 18.14
C CYS D 215 -20.78 6.09 19.20
N VAL D 216 -21.08 5.83 20.46
CA VAL D 216 -20.36 6.44 21.56
C VAL D 216 -19.52 5.31 22.21
N SER D 217 -18.25 5.58 22.44
CA SER D 217 -17.35 4.56 22.96
C SER D 217 -17.11 4.88 24.42
N PHE D 218 -17.65 4.04 25.32
CA PHE D 218 -17.49 4.20 26.76
C PHE D 218 -16.40 3.26 27.29
N GLU D 219 -15.54 3.81 28.11
CA GLU D 219 -14.56 3.04 28.83
C GLU D 219 -14.92 3.32 30.28
N VAL D 220 -15.68 2.38 30.83
CA VAL D 220 -16.24 2.55 32.15
C VAL D 220 -15.26 1.97 33.17
N GLY D 221 -14.35 2.80 33.69
CA GLY D 221 -13.35 2.30 34.61
C GLY D 221 -12.46 1.24 33.97
N SER D 222 -12.45 1.20 32.63
CA SER D 222 -11.66 0.20 31.88
C SER D 222 -10.39 0.77 31.21
N GLU D 223 -10.25 2.10 31.17
CA GLU D 223 -9.04 2.74 30.67
C GLU D 223 -8.44 3.50 31.83
N LYS D 224 -9.21 4.45 32.35
CA LYS D 224 -8.87 5.11 33.61
C LYS D 224 -9.84 4.51 34.63
N VAL D 225 -9.26 3.83 35.63
CA VAL D 225 -10.04 2.93 36.49
C VAL D 225 -11.01 3.71 37.36
N SER D 226 -10.72 4.98 37.63
CA SER D 226 -11.64 5.74 38.48
C SER D 226 -12.42 6.81 37.71
N LYS D 227 -12.63 6.57 36.43
CA LYS D 227 -13.41 7.50 35.62
C LYS D 227 -14.25 6.75 34.59
N VAL D 228 -15.38 7.33 34.19
CA VAL D 228 -16.10 6.94 33.01
C VAL D 228 -15.65 7.84 31.88
N GLN D 229 -14.99 7.26 30.88
CA GLN D 229 -14.53 7.98 29.68
C GLN D 229 -15.52 7.71 28.60
N PHE D 230 -15.87 8.77 27.85
CA PHE D 230 -16.69 8.58 26.68
C PHE D 230 -16.16 9.42 25.53
N SER D 231 -16.14 8.85 24.33
CA SER D 231 -15.61 9.62 23.21
C SER D 231 -16.48 9.44 22.01
N VAL D 232 -16.46 10.42 21.14
CA VAL D 232 -17.30 10.37 19.94
C VAL D 232 -16.54 10.97 18.76
N GLU D 233 -16.74 10.44 17.56
CA GLU D 233 -16.14 11.05 16.37
C GLU D 233 -16.94 12.32 15.97
N SER D 234 -16.38 13.50 16.28
CA SER D 234 -17.19 14.74 16.23
C SER D 234 -16.29 15.92 16.54
N GLU D 235 -16.67 17.11 16.05
CA GLU D 235 -15.99 18.35 16.39
C GLU D 235 -16.54 18.96 17.69
N TYR D 236 -17.59 18.34 18.23
CA TYR D 236 -18.12 18.75 19.52
C TYR D 236 -18.59 17.51 20.30
N LEU D 237 -18.59 17.65 21.62
CA LEU D 237 -19.14 16.62 22.51
C LEU D 237 -20.20 17.30 23.35
N GLU D 238 -21.37 16.71 23.42
CA GLU D 238 -22.42 17.29 24.23
C GLU D 238 -22.94 16.23 25.16
N TYR D 239 -22.90 16.49 26.47
CA TYR D 239 -23.53 15.55 27.42
C TYR D 239 -24.40 16.23 28.44
N PHE D 240 -25.36 15.51 29.03
CA PHE D 240 -26.14 16.06 30.17
C PHE D 240 -25.93 15.34 31.52
N VAL D 241 -25.68 16.10 32.59
CA VAL D 241 -25.64 15.60 33.95
C VAL D 241 -27.04 15.80 34.55
N ILE D 242 -27.57 14.70 35.06
CA ILE D 242 -28.95 14.64 35.51
C ILE D 242 -28.92 14.27 36.98
N ASP D 243 -29.41 15.19 37.80
CA ASP D 243 -29.42 15.06 39.25
C ASP D 243 -30.52 14.09 39.69
N GLY D 244 -30.32 13.47 40.86
CA GLY D 244 -31.30 12.62 41.53
C GLY D 244 -31.95 13.38 42.68
N PRO D 245 -31.52 13.17 43.94
CA PRO D 245 -30.31 12.41 44.30
C PRO D 245 -30.47 10.90 44.52
N THR D 246 -31.62 10.31 44.18
CA THR D 246 -31.73 8.84 44.19
C THR D 246 -31.83 8.34 42.76
N PRO D 247 -31.44 7.08 42.50
CA PRO D 247 -31.68 6.48 41.18
C PRO D 247 -33.10 6.74 40.63
N LYS D 248 -34.15 6.62 41.42
CA LYS D 248 -35.52 6.79 40.89
C LYS D 248 -35.74 8.20 40.43
N ALA D 249 -35.15 9.14 41.15
CA ALA D 249 -35.30 10.54 40.79
C ALA D 249 -34.53 10.83 39.54
N VAL D 250 -33.37 10.20 39.37
CA VAL D 250 -32.64 10.39 38.14
C VAL D 250 -33.51 9.90 36.99
N LEU D 251 -34.12 8.73 37.17
CA LEU D 251 -34.91 8.12 36.12
C LEU D 251 -36.16 8.91 35.87
N ASP D 252 -36.72 9.54 36.90
CA ASP D 252 -37.86 10.47 36.73
C ASP D 252 -37.47 11.62 35.79
N ARG D 253 -36.35 12.31 36.09
CA ARG D 253 -35.88 13.40 35.22
C ARG D 253 -35.49 12.90 33.82
N TYR D 254 -34.86 11.74 33.77
CA TYR D 254 -34.35 11.25 32.49
C TYR D 254 -35.47 10.97 31.53
N THR D 255 -36.50 10.28 32.00
CA THR D 255 -37.69 10.00 31.17
C THR D 255 -38.57 11.24 30.90
N ARG D 256 -38.63 12.22 31.79
CA ARG D 256 -39.37 13.44 31.46
C ARG D 256 -38.62 14.05 30.27
N PHE D 257 -37.28 13.96 30.33
CA PHE D 257 -36.41 14.60 29.33
C PHE D 257 -36.53 13.85 27.98
N THR D 258 -36.52 12.52 28.01
CA THR D 258 -36.43 11.74 26.77
C THR D 258 -37.65 10.92 26.39
N GLY D 259 -38.64 10.86 27.29
CA GLY D 259 -39.84 10.08 27.00
C GLY D 259 -40.33 9.18 28.15
N ARG D 260 -41.61 9.32 28.49
CA ARG D 260 -42.23 8.48 29.50
C ARG D 260 -42.63 7.14 28.90
N PRO D 261 -42.31 6.01 29.54
CA PRO D 261 -42.87 4.74 29.09
C PRO D 261 -44.39 4.93 28.92
N ALA D 262 -45.02 4.39 27.89
CA ALA D 262 -46.49 4.41 27.82
C ALA D 262 -47.00 3.42 28.86
N LEU D 263 -48.27 3.54 29.24
CA LEU D 263 -48.94 2.51 30.02
C LEU D 263 -49.62 1.45 29.12
N PRO D 264 -49.13 0.20 29.10
CA PRO D 264 -49.72 -0.83 28.24
C PRO D 264 -51.10 -1.23 28.74
N PRO D 265 -51.99 -1.70 27.86
CA PRO D 265 -53.31 -2.20 28.29
C PRO D 265 -53.15 -3.40 29.22
N ALA D 266 -54.06 -3.53 30.17
CA ALA D 266 -53.98 -4.58 31.20
C ALA D 266 -53.95 -5.94 30.55
N TRP D 267 -54.66 -6.11 29.44
CA TRP D 267 -54.65 -7.44 28.82
C TRP D 267 -53.24 -7.92 28.46
N SER D 268 -52.32 -6.97 28.20
CA SER D 268 -51.00 -7.34 27.65
C SER D 268 -50.19 -8.01 28.75
N PHE D 269 -50.65 -7.86 29.98
CA PHE D 269 -50.01 -8.41 31.16
C PHE D 269 -50.33 -9.89 31.38
N GLY D 270 -51.22 -10.46 30.55
CA GLY D 270 -51.55 -11.86 30.63
C GLY D 270 -50.43 -12.71 29.99
N LEU D 271 -50.71 -13.99 29.78
CA LEU D 271 -49.75 -14.95 29.19
C LEU D 271 -49.85 -14.95 27.66
N TRP D 272 -48.70 -14.70 27.01
CA TRP D 272 -48.56 -14.79 25.56
C TRP D 272 -47.99 -16.13 25.21
N LEU D 273 -48.51 -16.74 24.13
CA LEU D 273 -47.91 -17.97 23.56
C LEU D 273 -47.70 -17.76 22.07
N THR D 274 -46.63 -18.33 21.50
CA THR D 274 -46.36 -18.18 20.07
C THR D 274 -46.40 -19.51 19.36
N THR D 275 -46.29 -19.44 18.03
CA THR D 275 -46.21 -20.60 17.20
C THR D 275 -44.82 -21.21 17.34
N SER D 276 -43.92 -20.48 18.03
CA SER D 276 -42.45 -20.65 17.82
C SER D 276 -42.04 -20.30 16.35
N PHE D 277 -40.75 -20.31 16.05
CA PHE D 277 -40.15 -19.64 14.87
C PHE D 277 -40.13 -20.52 13.58
N THR D 278 -39.23 -21.52 13.52
CA THR D 278 -39.11 -22.40 12.33
C THR D 278 -39.77 -23.77 12.55
N THR D 279 -40.56 -23.89 13.61
CA THR D 279 -41.52 -25.00 13.76
C THR D 279 -42.54 -24.94 12.64
N ASN D 280 -43.41 -25.96 12.53
CA ASN D 280 -44.56 -25.92 11.61
C ASN D 280 -45.76 -25.29 12.25
N TYR D 281 -46.52 -24.52 11.48
CA TYR D 281 -47.81 -24.01 11.95
C TYR D 281 -48.78 -23.64 10.85
N ASP D 282 -50.06 -23.94 11.10
CA ASP D 282 -51.18 -23.52 10.28
C ASP D 282 -52.36 -23.45 11.20
N GLU D 283 -53.56 -23.17 10.67
CA GLU D 283 -54.73 -22.94 11.50
C GLU D 283 -54.98 -24.09 12.47
N ALA D 284 -54.89 -25.32 11.97
CA ALA D 284 -55.07 -26.51 12.83
C ALA D 284 -54.10 -26.55 14.02
N THR D 285 -52.82 -26.29 13.75
CA THR D 285 -51.76 -26.25 14.78
C THR D 285 -52.08 -25.22 15.85
N VAL D 286 -52.48 -24.03 15.40
CA VAL D 286 -52.74 -22.92 16.31
C VAL D 286 -53.95 -23.26 17.23
N ASN D 287 -55.04 -23.77 16.63
CA ASN D 287 -56.21 -24.23 17.39
C ASN D 287 -55.80 -25.31 18.36
N SER D 288 -54.94 -26.20 17.93
CA SER D 288 -54.50 -27.23 18.83
C SER D 288 -53.80 -26.69 20.09
N PHE D 289 -53.06 -25.59 19.96
CA PHE D 289 -52.43 -24.99 21.14
C PHE D 289 -53.47 -24.30 22.02
N ILE D 290 -54.36 -23.54 21.39
CA ILE D 290 -55.37 -22.78 22.12
C ILE D 290 -56.37 -23.68 22.86
N ASP D 291 -56.85 -24.72 22.19
CA ASP D 291 -57.67 -25.74 22.87
C ASP D 291 -56.88 -26.59 23.86
N GLY D 292 -55.62 -26.87 23.56
CA GLY D 292 -54.77 -27.59 24.49
C GLY D 292 -54.61 -26.82 25.80
N MET D 293 -54.44 -25.50 25.69
CA MET D 293 -54.32 -24.65 26.88
C MET D 293 -55.65 -24.77 27.70
N ALA D 294 -56.77 -24.49 27.05
CA ALA D 294 -58.06 -24.51 27.74
C ALA D 294 -58.46 -25.88 28.34
N GLU D 295 -58.12 -26.99 27.70
CA GLU D 295 -58.46 -28.31 28.25
C GLU D 295 -57.69 -28.60 29.53
N ARG D 296 -56.52 -27.97 29.67
CA ARG D 296 -55.68 -28.19 30.85
C ARG D 296 -55.88 -27.10 31.90
N ASN D 297 -56.90 -26.28 31.68
CA ASN D 297 -57.23 -25.16 32.58
C ASN D 297 -56.04 -24.20 32.75
N LEU D 298 -55.44 -23.84 31.60
CA LEU D 298 -54.29 -22.93 31.57
C LEU D 298 -54.71 -21.65 30.88
N PRO D 299 -54.93 -20.56 31.64
CA PRO D 299 -55.35 -19.29 31.04
C PRO D 299 -54.33 -18.80 30.01
N LEU D 300 -54.83 -18.23 28.91
CA LEU D 300 -54.04 -17.76 27.79
C LEU D 300 -54.70 -16.51 27.28
N HIS D 301 -53.90 -15.47 27.03
CA HIS D 301 -54.46 -14.16 26.72
C HIS D 301 -54.08 -13.58 25.38
N VAL D 302 -52.90 -13.93 24.90
CA VAL D 302 -52.43 -13.37 23.64
C VAL D 302 -51.77 -14.51 22.90
N PHE D 303 -52.09 -14.60 21.60
CA PHE D 303 -51.47 -15.59 20.72
C PHE D 303 -50.72 -14.85 19.60
N HIS D 304 -49.49 -15.30 19.36
CA HIS D 304 -48.61 -14.61 18.42
C HIS D 304 -48.23 -15.53 17.24
N PHE D 305 -48.42 -15.02 16.02
CA PHE D 305 -47.99 -15.69 14.78
C PHE D 305 -46.59 -15.18 14.41
N ASP D 306 -45.62 -16.09 14.40
CA ASP D 306 -44.25 -15.73 14.01
C ASP D 306 -44.04 -15.78 12.49
N CYS D 307 -42.78 -15.76 12.06
CA CYS D 307 -42.42 -15.28 10.72
C CYS D 307 -43.11 -16.06 9.59
N PHE D 308 -43.29 -17.36 9.79
CA PHE D 308 -43.88 -18.17 8.73
C PHE D 308 -45.37 -17.97 8.53
N TRP D 309 -45.94 -16.90 9.07
CA TRP D 309 -47.29 -16.53 8.61
C TRP D 309 -47.25 -15.92 7.20
N MET D 310 -46.07 -15.40 6.83
CA MET D 310 -45.74 -15.07 5.44
C MET D 310 -44.90 -16.16 4.78
N LYS D 311 -44.86 -16.15 3.46
CA LYS D 311 -44.15 -17.12 2.64
C LYS D 311 -42.64 -16.96 2.82
N ALA D 312 -41.95 -18.06 2.95
CA ALA D 312 -40.47 -18.06 3.10
C ALA D 312 -39.77 -17.20 2.03
N PHE D 313 -38.72 -16.48 2.43
CA PHE D 313 -37.89 -15.63 1.57
C PHE D 313 -38.60 -14.35 1.10
N GLN D 314 -39.87 -14.18 1.49
CA GLN D 314 -40.64 -12.96 1.15
C GLN D 314 -40.90 -12.06 2.40
N TRP D 315 -40.19 -12.39 3.47
CA TRP D 315 -40.40 -11.68 4.70
C TRP D 315 -40.13 -10.23 4.71
N CYS D 316 -41.07 -9.73 5.50
CA CYS D 316 -41.90 -8.61 5.54
C CYS D 316 -42.64 -8.00 4.38
N ASP D 317 -43.44 -8.82 3.69
CA ASP D 317 -44.27 -8.28 2.62
C ASP D 317 -45.76 -8.21 2.99
N PHE D 318 -46.07 -8.65 4.21
CA PHE D 318 -47.39 -8.57 4.84
C PHE D 318 -48.47 -9.47 4.18
N GLU D 319 -48.07 -10.50 3.44
CA GLU D 319 -49.04 -11.39 2.77
C GLU D 319 -49.07 -12.76 3.39
N TRP D 320 -50.29 -13.15 3.81
CA TRP D 320 -50.48 -14.45 4.41
C TRP D 320 -50.06 -15.54 3.41
N ASP D 321 -49.35 -16.55 3.89
CA ASP D 321 -49.05 -17.72 3.08
C ASP D 321 -50.40 -18.42 2.73
N PRO D 322 -50.81 -18.42 1.46
CA PRO D 322 -52.17 -18.91 1.11
C PRO D 322 -52.28 -20.42 1.27
N LEU D 323 -51.14 -21.11 1.34
CA LEU D 323 -51.22 -22.57 1.47
C LEU D 323 -51.37 -23.01 2.91
N THR D 324 -50.71 -22.27 3.78
CA THR D 324 -50.73 -22.55 5.20
C THR D 324 -51.88 -21.82 5.91
N PHE D 325 -52.24 -20.65 5.40
CA PHE D 325 -53.29 -19.83 6.02
C PHE D 325 -54.28 -19.36 4.95
N PRO D 326 -55.10 -20.29 4.45
CA PRO D 326 -56.07 -20.02 3.37
C PRO D 326 -57.03 -18.87 3.63
N ASP D 327 -57.40 -18.67 4.90
CA ASP D 327 -58.49 -17.78 5.26
C ASP D 327 -58.08 -17.10 6.56
N PRO D 328 -57.24 -16.07 6.44
CA PRO D 328 -56.68 -15.35 7.58
C PRO D 328 -57.73 -14.60 8.36
N GLU D 329 -58.56 -13.84 7.66
CA GLU D 329 -59.61 -13.06 8.32
C GLU D 329 -60.59 -13.98 9.09
N GLY D 330 -61.03 -15.06 8.44
CA GLY D 330 -61.84 -16.08 9.09
C GLY D 330 -61.19 -16.71 10.31
N MET D 331 -59.92 -17.13 10.17
CA MET D 331 -59.21 -17.72 11.29
C MET D 331 -59.10 -16.76 12.46
N ILE D 332 -58.72 -15.52 12.17
CA ILE D 332 -58.52 -14.56 13.25
C ILE D 332 -59.83 -14.33 14.05
N ARG D 333 -60.94 -14.09 13.34
CA ARG D 333 -62.26 -13.96 13.99
C ARG D 333 -62.60 -15.16 14.88
N ARG D 334 -62.37 -16.37 14.38
CA ARG D 334 -62.56 -17.57 15.19
C ARG D 334 -61.74 -17.56 16.48
N LEU D 335 -60.45 -17.23 16.38
CA LEU D 335 -59.57 -17.27 17.54
C LEU D 335 -59.96 -16.20 18.54
N LYS D 336 -60.52 -15.12 18.02
CA LYS D 336 -60.95 -13.95 18.77
C LYS D 336 -62.29 -14.13 19.52
N ALA D 337 -63.07 -15.15 19.12
CA ALA D 337 -64.40 -15.39 19.70
C ALA D 337 -64.25 -15.69 21.18
N LYS D 338 -63.26 -16.54 21.45
CA LYS D 338 -62.80 -16.94 22.77
C LYS D 338 -62.04 -15.83 23.55
N GLY D 339 -62.29 -14.55 23.25
CA GLY D 339 -61.61 -13.42 23.88
C GLY D 339 -60.09 -13.16 23.71
N LEU D 340 -59.40 -14.01 22.94
CA LEU D 340 -57.94 -13.89 22.71
C LEU D 340 -57.49 -12.61 22.01
N LYS D 341 -56.35 -12.07 22.44
CA LYS D 341 -55.65 -11.05 21.64
C LYS D 341 -54.66 -11.70 20.69
N ILE D 342 -54.43 -11.02 19.56
CA ILE D 342 -53.66 -11.60 18.46
C ILE D 342 -52.52 -10.66 18.08
N CYS D 343 -51.31 -11.21 18.08
CA CYS D 343 -50.13 -10.43 17.65
C CYS D 343 -49.61 -11.12 16.39
N VAL D 344 -49.01 -10.35 15.48
CA VAL D 344 -48.19 -10.94 14.41
C VAL D 344 -46.77 -10.34 14.31
N TRP D 345 -45.84 -11.16 13.81
CA TRP D 345 -44.46 -10.74 13.50
C TRP D 345 -44.35 -9.82 12.30
N ILE D 346 -43.59 -8.75 12.45
CA ILE D 346 -43.20 -7.88 11.34
C ILE D 346 -41.74 -7.47 11.51
N ASN D 347 -41.13 -6.96 10.44
CA ASN D 347 -39.85 -6.31 10.64
C ASN D 347 -39.68 -5.24 9.57
N PRO D 348 -38.56 -4.51 9.53
CA PRO D 348 -38.45 -3.43 8.55
C PRO D 348 -37.60 -3.74 7.31
N TYR D 349 -37.50 -5.02 6.97
CA TYR D 349 -36.74 -5.49 5.81
C TYR D 349 -37.67 -6.22 4.84
N ILE D 350 -37.26 -6.40 3.58
CA ILE D 350 -38.02 -7.23 2.65
C ILE D 350 -37.13 -8.03 1.69
N GLY D 351 -37.48 -9.29 1.53
CA GLY D 351 -36.72 -10.21 0.68
C GLY D 351 -37.08 -9.96 -0.77
N GLN D 352 -36.07 -10.02 -1.65
CA GLN D 352 -36.27 -9.83 -3.08
C GLN D 352 -37.35 -10.73 -3.71
N LYS D 353 -37.51 -11.94 -3.18
CA LYS D 353 -38.47 -12.87 -3.74
C LYS D 353 -39.92 -12.32 -3.72
N SER D 354 -40.23 -11.48 -2.75
CA SER D 354 -41.61 -11.02 -2.64
C SER D 354 -42.05 -10.32 -3.91
N PRO D 355 -43.24 -10.65 -4.40
CA PRO D 355 -43.82 -9.93 -5.56
C PRO D 355 -43.84 -8.42 -5.29
N VAL D 356 -43.87 -8.00 -4.02
CA VAL D 356 -43.90 -6.57 -3.70
C VAL D 356 -42.53 -5.86 -3.80
N PHE D 357 -41.40 -6.60 -3.77
CA PHE D 357 -40.09 -5.94 -3.85
C PHE D 357 -40.00 -4.99 -5.07
N LYS D 358 -40.37 -5.52 -6.22
CA LYS D 358 -40.36 -4.78 -7.48
C LYS D 358 -41.14 -3.47 -7.39
N GLU D 359 -42.36 -3.51 -6.80
CA GLU D 359 -43.19 -2.33 -6.56
C GLU D 359 -42.37 -1.32 -5.74
N LEU D 360 -41.78 -1.78 -4.63
CA LEU D 360 -41.03 -0.88 -3.74
C LEU D 360 -39.80 -0.28 -4.44
N GLN D 361 -39.14 -1.10 -5.23
CA GLN D 361 -37.97 -0.68 -5.98
C GLN D 361 -38.35 0.40 -6.99
N GLU D 362 -39.44 0.14 -7.71
CA GLU D 362 -39.87 1.10 -8.75
C GLU D 362 -40.25 2.40 -8.10
N LYS D 363 -40.95 2.34 -6.96
CA LYS D 363 -41.39 3.59 -6.28
C LYS D 363 -40.31 4.34 -5.51
N GLY D 364 -39.16 3.68 -5.28
CA GLY D 364 -38.06 4.31 -4.56
C GLY D 364 -38.24 4.25 -3.04
N TYR D 365 -38.92 3.24 -2.53
CA TYR D 365 -39.23 3.13 -1.09
C TYR D 365 -38.16 2.40 -0.28
N LEU D 366 -37.08 1.95 -0.91
CA LEU D 366 -36.08 1.11 -0.26
C LEU D 366 -34.74 1.87 -0.15
N LEU D 367 -34.06 1.63 0.95
CA LEU D 367 -32.76 2.22 1.20
C LEU D 367 -31.80 2.02 0.03
N LYS D 368 -31.24 3.14 -0.43
CA LYS D 368 -30.37 3.12 -1.57
C LYS D 368 -28.91 3.41 -1.16
N ARG D 369 -27.98 2.94 -1.99
CA ARG D 369 -26.57 3.36 -1.91
C ARG D 369 -26.41 4.67 -2.63
N PRO D 370 -25.29 5.37 -2.43
CA PRO D 370 -25.11 6.69 -3.05
C PRO D 370 -25.16 6.65 -4.59
N ASP D 371 -24.82 5.53 -5.25
CA ASP D 371 -25.00 5.51 -6.71
C ASP D 371 -26.47 5.41 -7.19
N GLY D 372 -27.40 5.17 -6.26
CA GLY D 372 -28.80 5.03 -6.65
C GLY D 372 -29.29 3.58 -6.72
N SER D 373 -28.37 2.60 -6.78
CA SER D 373 -28.74 1.20 -6.73
C SER D 373 -29.35 0.83 -5.36
N LEU D 374 -29.99 -0.32 -5.23
CA LEU D 374 -30.52 -0.72 -3.92
C LEU D 374 -29.39 -1.24 -3.01
N TRP D 375 -29.41 -0.88 -1.73
CA TRP D 375 -28.59 -1.60 -0.77
C TRP D 375 -29.22 -3.00 -0.52
N GLN D 376 -28.45 -4.07 -0.73
CA GLN D 376 -28.94 -5.41 -0.50
C GLN D 376 -27.87 -6.29 0.14
N TRP D 377 -28.30 -7.30 0.90
CA TRP D 377 -27.39 -8.39 1.29
C TRP D 377 -28.18 -9.67 1.46
N ASP D 378 -27.51 -10.77 1.81
CA ASP D 378 -28.18 -12.06 1.92
C ASP D 378 -28.38 -12.57 3.34
N LYS D 379 -28.09 -11.72 4.33
CA LYS D 379 -28.35 -12.11 5.72
C LYS D 379 -29.85 -11.91 5.97
N TRP D 380 -30.44 -12.88 6.70
CA TRP D 380 -31.86 -13.01 7.06
C TRP D 380 -32.80 -13.43 5.91
N GLN D 381 -32.91 -12.60 4.87
CA GLN D 381 -33.61 -12.98 3.62
C GLN D 381 -32.69 -12.76 2.40
N PRO D 382 -32.89 -13.57 1.37
CA PRO D 382 -32.16 -13.37 0.10
C PRO D 382 -32.46 -12.04 -0.54
N GLY D 383 -31.40 -11.33 -0.95
CA GLY D 383 -31.62 -10.08 -1.65
C GLY D 383 -32.38 -9.06 -0.81
N LEU D 384 -32.21 -9.15 0.50
CA LEU D 384 -32.88 -8.29 1.47
C LEU D 384 -32.57 -6.83 1.26
N ALA D 385 -33.63 -6.01 1.25
CA ALA D 385 -33.55 -4.56 1.23
C ALA D 385 -34.23 -3.96 2.46
N ILE D 386 -34.00 -2.66 2.72
CA ILE D 386 -34.49 -2.06 3.99
C ILE D 386 -35.49 -0.96 3.65
N TYR D 387 -36.62 -0.93 4.33
CA TYR D 387 -37.57 0.17 4.07
C TYR D 387 -36.98 1.52 4.50
N ASP D 388 -36.96 2.51 3.61
CA ASP D 388 -36.37 3.78 3.98
C ASP D 388 -37.42 4.65 4.69
N PHE D 389 -37.48 4.57 6.02
CA PHE D 389 -38.49 5.33 6.77
C PHE D 389 -38.21 6.82 6.90
N THR D 390 -37.16 7.33 6.25
CA THR D 390 -37.03 8.78 6.19
C THR D 390 -37.76 9.29 4.94
N ASN D 391 -38.30 8.37 4.15
CA ASN D 391 -39.10 8.72 2.97
C ASN D 391 -40.55 8.69 3.39
N PRO D 392 -41.23 9.85 3.41
CA PRO D 392 -42.65 9.90 3.88
C PRO D 392 -43.55 8.98 3.09
N ASP D 393 -43.38 8.82 1.79
CA ASP D 393 -44.20 7.83 1.06
C ASP D 393 -43.94 6.37 1.42
N ALA D 394 -42.70 6.03 1.76
CA ALA D 394 -42.43 4.66 2.21
C ALA D 394 -43.16 4.39 3.55
N CYS D 395 -43.10 5.34 4.46
CA CYS D 395 -43.75 5.21 5.77
C CYS D 395 -45.24 5.00 5.62
N LYS D 396 -45.87 5.84 4.79
CA LYS D 396 -47.31 5.66 4.46
C LYS D 396 -47.59 4.29 3.90
N TRP D 397 -46.79 3.85 2.92
CA TRP D 397 -47.00 2.54 2.33
C TRP D 397 -46.97 1.48 3.42
N TYR D 398 -45.93 1.51 4.25
CA TYR D 398 -45.76 0.57 5.36
C TYR D 398 -46.92 0.62 6.35
N ALA D 399 -47.19 1.82 6.83
CA ALA D 399 -48.31 2.06 7.72
C ALA D 399 -49.64 1.50 7.16
N ASP D 400 -49.87 1.56 5.85
CA ASP D 400 -51.18 1.13 5.31
C ASP D 400 -51.28 -0.37 5.26
N LYS D 401 -50.15 -1.02 5.07
CA LYS D 401 -50.12 -2.47 5.22
C LYS D 401 -50.44 -2.90 6.67
N LEU D 402 -49.87 -2.21 7.65
CA LEU D 402 -50.22 -2.49 9.05
C LEU D 402 -51.73 -2.23 9.35
N LYS D 403 -52.28 -1.15 8.81
CA LYS D 403 -53.71 -0.84 9.04
C LYS D 403 -54.59 -1.96 8.50
N GLY D 404 -54.19 -2.53 7.37
CA GLY D 404 -54.90 -3.65 6.80
C GLY D 404 -54.91 -4.87 7.69
N LEU D 405 -53.83 -5.07 8.46
CA LEU D 405 -53.79 -6.21 9.37
C LEU D 405 -54.68 -5.97 10.60
N VAL D 406 -54.60 -4.76 11.14
CA VAL D 406 -55.48 -4.36 12.24
C VAL D 406 -56.96 -4.51 11.82
N ALA D 407 -57.28 -4.20 10.56
CA ALA D 407 -58.68 -4.21 10.10
C ALA D 407 -59.17 -5.66 9.97
N MET D 408 -58.21 -6.56 9.76
CA MET D 408 -58.42 -7.98 9.83
C MET D 408 -58.56 -8.51 11.26
N GLY D 409 -58.25 -7.67 12.25
CA GLY D 409 -58.38 -8.07 13.64
C GLY D 409 -57.06 -8.30 14.42
N VAL D 410 -55.91 -8.01 13.81
CA VAL D 410 -54.65 -8.12 14.57
C VAL D 410 -54.66 -7.02 15.65
N ASP D 411 -54.31 -7.36 16.89
CA ASP D 411 -54.30 -6.35 17.96
C ASP D 411 -52.97 -5.63 18.17
N CYS D 412 -51.87 -6.28 17.84
CA CYS D 412 -50.57 -5.74 18.18
C CYS D 412 -49.49 -6.33 17.30
N PHE D 413 -48.30 -5.75 17.36
CA PHE D 413 -47.25 -6.19 16.44
C PHE D 413 -45.97 -6.48 17.18
N LYS D 414 -45.31 -7.56 16.79
CA LYS D 414 -43.94 -7.81 17.29
C LYS D 414 -42.97 -7.09 16.34
N THR D 415 -42.39 -5.96 16.75
CA THR D 415 -41.51 -5.23 15.83
C THR D 415 -40.08 -5.74 15.98
N ASP D 416 -39.79 -6.78 15.21
CA ASP D 416 -38.54 -7.49 15.30
C ASP D 416 -37.44 -6.73 14.54
N PHE D 417 -36.16 -7.05 14.78
CA PHE D 417 -35.03 -6.43 14.05
C PHE D 417 -34.97 -4.89 14.14
N GLY D 418 -34.40 -4.24 13.13
CA GLY D 418 -34.12 -2.81 13.16
C GLY D 418 -32.69 -2.51 13.61
N GLU D 419 -31.89 -3.53 13.85
CA GLU D 419 -30.55 -3.20 14.30
C GLU D 419 -29.46 -3.06 13.24
N ARG D 420 -29.38 -4.00 12.28
CA ARG D 420 -28.24 -4.01 11.33
C ARG D 420 -28.46 -3.05 10.16
N ILE D 421 -28.42 -1.77 10.47
CA ILE D 421 -28.70 -0.72 9.51
C ILE D 421 -27.32 -0.29 9.01
N PRO D 422 -27.08 -0.40 7.70
CA PRO D 422 -25.77 -0.09 7.09
C PRO D 422 -25.54 1.41 7.03
N THR D 423 -24.28 1.79 7.00
CA THR D 423 -23.90 3.18 6.86
C THR D 423 -23.34 3.56 5.49
N ASP D 424 -23.12 2.59 4.59
CA ASP D 424 -22.65 2.97 3.24
C ASP D 424 -23.86 3.22 2.33
N VAL D 425 -24.68 4.18 2.73
CA VAL D 425 -25.98 4.36 2.07
C VAL D 425 -26.31 5.85 2.00
N GLN D 426 -27.40 6.17 1.31
CA GLN D 426 -27.88 7.55 1.28
C GLN D 426 -29.37 7.52 1.53
N TRP D 427 -29.75 8.13 2.65
CA TRP D 427 -31.11 8.15 3.12
C TRP D 427 -31.91 9.14 2.30
N PHE D 428 -33.17 8.84 2.05
CA PHE D 428 -34.00 9.77 1.30
C PHE D 428 -33.85 11.22 1.80
N ASP D 429 -33.84 11.42 3.11
CA ASP D 429 -33.79 12.77 3.69
C ASP D 429 -32.35 13.32 3.91
N GLY D 430 -31.33 12.59 3.43
CA GLY D 430 -29.95 13.04 3.55
C GLY D 430 -29.41 13.03 4.97
N SER D 431 -30.04 12.23 5.83
CA SER D 431 -29.56 11.99 7.20
C SER D 431 -28.08 11.53 7.24
N ASP D 432 -27.37 11.91 8.31
CA ASP D 432 -26.08 11.30 8.64
C ASP D 432 -26.25 9.79 8.92
N PRO D 433 -25.75 8.96 8.01
CA PRO D 433 -25.92 7.51 8.14
C PRO D 433 -25.37 6.98 9.49
N GLN D 434 -24.36 7.64 10.05
CA GLN D 434 -23.75 7.18 11.32
C GLN D 434 -24.75 7.38 12.46
N LYS D 435 -25.59 8.38 12.31
CA LYS D 435 -26.58 8.69 13.35
C LYS D 435 -27.87 7.91 13.14
N MET D 436 -28.20 7.64 11.88
CA MET D 436 -29.38 6.87 11.54
C MET D 436 -29.28 5.42 11.98
N HIS D 437 -28.07 4.89 12.14
CA HIS D 437 -27.91 3.48 12.49
C HIS D 437 -28.71 3.13 13.75
N ASN D 438 -28.54 3.89 14.85
CA ASN D 438 -29.26 3.62 16.11
C ASN D 438 -30.69 4.20 16.08
N HIS D 439 -30.81 5.40 15.53
CA HIS D 439 -32.10 6.10 15.54
C HIS D 439 -33.14 5.44 14.65
N TYR D 440 -32.71 4.69 13.63
CA TYR D 440 -33.63 3.86 12.85
C TYR D 440 -34.56 3.03 13.74
N ALA D 441 -34.05 2.47 14.84
CA ALA D 441 -34.91 1.63 15.69
C ALA D 441 -36.06 2.50 16.26
N TYR D 442 -35.75 3.76 16.53
CA TYR D 442 -36.73 4.69 17.08
C TYR D 442 -37.82 5.03 16.05
N ILE D 443 -37.44 5.40 14.85
CA ILE D 443 -38.38 5.80 13.80
C ILE D 443 -39.32 4.68 13.41
N TYR D 444 -38.73 3.49 13.40
CA TYR D 444 -39.42 2.28 13.00
C TYR D 444 -40.51 1.94 14.02
N ASN D 445 -40.11 1.84 15.29
CA ASN D 445 -41.06 1.59 16.38
C ASN D 445 -42.12 2.71 16.58
N GLU D 446 -41.72 3.98 16.42
CA GLU D 446 -42.67 5.11 16.47
C GLU D 446 -43.75 5.05 15.39
N LEU D 447 -43.35 4.71 14.16
CA LEU D 447 -44.30 4.54 13.06
C LEU D 447 -45.32 3.44 13.40
N VAL D 448 -44.85 2.28 13.91
CA VAL D 448 -45.76 1.16 14.20
C VAL D 448 -46.70 1.51 15.38
N TRP D 449 -46.11 2.08 16.43
CA TRP D 449 -46.88 2.53 17.57
C TRP D 449 -47.99 3.53 17.14
N ASN D 450 -47.65 4.47 16.26
CA ASN D 450 -48.63 5.46 15.79
C ASN D 450 -49.76 4.90 14.93
N VAL D 451 -49.49 3.83 14.17
CA VAL D 451 -50.54 3.05 13.52
C VAL D 451 -51.55 2.52 14.55
N LEU D 452 -51.01 1.87 15.58
CA LEU D 452 -51.86 1.31 16.58
C LEU D 452 -52.67 2.43 17.27
N LYS D 453 -52.00 3.52 17.64
CA LYS D 453 -52.67 4.66 18.25
C LYS D 453 -53.81 5.20 17.36
N ASP D 454 -53.57 5.28 16.07
CA ASP D 454 -54.61 5.75 15.15
C ASP D 454 -55.71 4.76 14.84
N THR D 455 -55.55 3.48 15.22
CA THR D 455 -56.53 2.47 14.88
C THR D 455 -57.22 1.81 16.09
N VAL D 456 -56.42 1.26 17.01
CA VAL D 456 -56.98 0.65 18.21
C VAL D 456 -57.16 1.66 19.37
N GLY D 457 -56.55 2.84 19.21
CA GLY D 457 -56.51 3.86 20.26
C GLY D 457 -55.23 3.76 21.13
N GLU D 458 -54.83 4.90 21.70
CA GLU D 458 -53.56 4.97 22.43
C GLU D 458 -53.49 4.00 23.61
N GLU D 459 -54.62 3.85 24.29
CA GLU D 459 -54.68 3.07 25.50
C GLU D 459 -54.59 1.58 25.18
N GLU D 460 -54.82 1.21 23.92
CA GLU D 460 -54.77 -0.19 23.51
C GLU D 460 -53.46 -0.55 22.79
N ALA D 461 -52.58 0.43 22.62
CA ALA D 461 -51.34 0.21 21.86
C ALA D 461 -50.33 -0.59 22.66
N VAL D 462 -49.75 -1.60 22.01
CA VAL D 462 -48.58 -2.31 22.57
C VAL D 462 -47.81 -3.02 21.47
N LEU D 463 -46.50 -3.12 21.67
CA LEU D 463 -45.59 -3.78 20.74
C LEU D 463 -44.78 -4.84 21.48
N PHE D 464 -44.11 -5.71 20.74
CA PHE D 464 -43.06 -6.54 21.35
C PHE D 464 -41.83 -6.21 20.55
N ALA D 465 -40.97 -5.35 21.08
CA ALA D 465 -39.92 -4.73 20.29
C ALA D 465 -38.53 -5.30 20.60
N ARG D 466 -37.72 -5.56 19.56
CA ARG D 466 -36.36 -6.06 19.78
C ARG D 466 -35.24 -5.01 19.83
N SER D 467 -35.32 -3.92 19.08
CA SER D 467 -34.31 -2.86 19.24
C SER D 467 -34.89 -1.57 19.77
N ALA D 468 -33.97 -0.70 20.14
CA ALA D 468 -34.35 0.54 20.79
C ALA D 468 -33.19 1.51 20.68
N SER D 469 -33.50 2.77 21.01
CA SER D 469 -32.58 3.88 20.95
C SER D 469 -33.25 4.92 21.86
N VAL D 470 -32.56 5.98 22.22
CA VAL D 470 -33.06 6.93 23.22
C VAL D 470 -34.49 7.39 22.80
N GLY D 471 -35.47 7.36 23.72
CA GLY D 471 -36.84 7.73 23.37
C GLY D 471 -37.80 6.58 23.09
N ALA D 472 -37.28 5.43 22.65
CA ALA D 472 -38.14 4.31 22.21
C ALA D 472 -38.86 3.66 23.40
N GLN D 473 -38.49 4.02 24.63
CA GLN D 473 -39.23 3.54 25.78
C GLN D 473 -40.68 4.03 25.78
N LYS D 474 -40.97 5.06 25.00
CA LYS D 474 -42.34 5.54 24.82
C LYS D 474 -43.21 4.48 24.16
N PHE D 475 -42.60 3.46 23.55
CA PHE D 475 -43.35 2.50 22.72
C PHE D 475 -43.25 1.11 23.29
N PRO D 476 -43.77 0.93 24.51
CA PRO D 476 -43.43 -0.26 25.28
C PRO D 476 -43.87 -1.60 24.79
N VAL D 477 -43.02 -2.40 25.40
CA VAL D 477 -42.83 -3.75 25.62
C VAL D 477 -41.68 -4.11 24.72
N HIS D 478 -40.57 -4.27 25.41
CA HIS D 478 -39.33 -4.67 24.82
C HIS D 478 -39.05 -6.08 25.30
N TRP D 479 -38.52 -6.94 24.45
CA TRP D 479 -38.17 -8.27 24.94
C TRP D 479 -36.70 -8.49 24.72
N GLY D 480 -36.12 -9.31 25.59
CA GLY D 480 -34.67 -9.48 25.60
C GLY D 480 -34.04 -10.28 24.47
N GLY D 481 -34.79 -10.61 23.43
CA GLY D 481 -34.22 -11.23 22.23
C GLY D 481 -33.86 -12.71 22.35
N ASP D 482 -32.84 -13.16 21.62
CA ASP D 482 -32.69 -14.61 21.37
C ASP D 482 -31.78 -15.31 22.36
N CYS D 483 -32.31 -15.70 23.52
CA CYS D 483 -31.54 -16.34 24.58
C CYS D 483 -31.48 -17.85 24.37
N TYR D 484 -30.70 -18.53 25.21
CA TYR D 484 -30.57 -19.99 25.14
C TYR D 484 -31.31 -20.67 26.31
N ALA D 485 -31.78 -21.89 26.07
CA ALA D 485 -32.51 -22.67 27.06
C ALA D 485 -31.58 -23.34 28.07
N ASN D 486 -30.91 -22.53 28.88
CA ASN D 486 -30.07 -23.00 29.96
C ASN D 486 -30.08 -21.99 31.13
N TYR D 487 -29.57 -22.37 32.32
CA TYR D 487 -29.65 -21.43 33.46
C TYR D 487 -28.77 -20.18 33.31
N GLU D 488 -27.58 -20.35 32.72
CA GLU D 488 -26.64 -19.24 32.50
C GLU D 488 -27.31 -18.18 31.63
N SER D 489 -28.05 -18.62 30.61
CA SER D 489 -28.73 -17.66 29.72
C SER D 489 -30.00 -17.03 30.32
N MET D 490 -30.70 -17.82 31.14
CA MET D 490 -31.76 -17.27 31.99
C MET D 490 -31.18 -16.11 32.88
N ALA D 491 -29.99 -16.33 33.42
CA ALA D 491 -29.30 -15.33 34.22
C ALA D 491 -28.86 -14.13 33.39
N GLU D 492 -28.22 -14.37 32.24
CA GLU D 492 -27.82 -13.23 31.41
C GLU D 492 -29.04 -12.41 30.97
N SER D 493 -30.18 -13.07 30.72
CA SER D 493 -31.39 -12.37 30.29
C SER D 493 -31.81 -11.44 31.42
N LEU D 494 -31.89 -11.98 32.64
CA LEU D 494 -32.22 -11.15 33.80
C LEU D 494 -31.30 -9.94 33.90
N ARG D 495 -29.99 -10.12 33.69
CA ARG D 495 -29.11 -8.95 33.73
C ARG D 495 -29.52 -7.87 32.72
N GLY D 496 -29.90 -8.34 31.53
CA GLY D 496 -30.39 -7.49 30.47
C GLY D 496 -31.62 -6.75 30.88
N GLY D 497 -32.59 -7.46 31.44
CA GLY D 497 -33.81 -6.81 31.94
C GLY D 497 -33.57 -5.76 33.02
N LEU D 498 -32.70 -6.07 33.97
CA LEU D 498 -32.45 -5.13 35.04
C LEU D 498 -31.85 -3.89 34.39
N SER D 499 -30.89 -4.11 33.48
CA SER D 499 -30.20 -3.02 32.81
C SER D 499 -31.15 -2.13 31.98
N ILE D 500 -32.13 -2.70 31.28
CA ILE D 500 -32.99 -1.85 30.42
C ILE D 500 -33.85 -0.92 31.30
N GLY D 501 -34.17 -1.37 32.52
CA GLY D 501 -34.94 -0.59 33.49
C GLY D 501 -34.12 0.55 34.06
N LEU D 502 -32.84 0.31 34.32
CA LEU D 502 -31.89 1.34 34.64
C LEU D 502 -31.52 2.28 33.49
N SER D 503 -32.10 2.09 32.31
CA SER D 503 -31.83 2.93 31.13
C SER D 503 -33.10 3.60 30.65
N GLY D 504 -34.18 3.56 31.43
CA GLY D 504 -35.39 4.32 31.07
C GLY D 504 -36.62 3.52 30.68
N PHE D 505 -36.49 2.19 30.57
CA PHE D 505 -37.55 1.35 30.02
C PHE D 505 -38.36 0.69 31.10
N GLY D 506 -39.67 0.84 30.99
CA GLY D 506 -40.53 0.43 32.09
C GLY D 506 -40.95 -1.02 32.09
N PHE D 507 -40.93 -1.67 30.93
CA PHE D 507 -41.60 -2.98 30.73
C PHE D 507 -40.77 -3.88 29.89
N TRP D 508 -40.64 -5.14 30.27
CA TRP D 508 -39.63 -5.98 29.66
C TRP D 508 -40.08 -7.43 29.73
N SER D 509 -39.84 -8.15 28.65
CA SER D 509 -40.14 -9.56 28.57
C SER D 509 -38.92 -10.33 28.12
N HIS D 510 -39.04 -11.64 28.07
CA HIS D 510 -37.96 -12.53 27.66
C HIS D 510 -38.65 -13.86 27.31
N ASP D 511 -38.01 -14.70 26.51
CA ASP D 511 -38.63 -15.92 26.04
C ASP D 511 -38.59 -17.02 27.10
N ILE D 512 -39.76 -17.33 27.64
CA ILE D 512 -39.87 -18.30 28.71
C ILE D 512 -39.47 -19.67 28.17
N GLY D 513 -38.51 -20.28 28.83
CA GLY D 513 -38.01 -21.57 28.41
C GLY D 513 -36.74 -21.49 27.56
N GLY D 514 -36.40 -20.27 27.15
CA GLY D 514 -35.26 -20.03 26.29
C GLY D 514 -35.71 -20.08 24.85
N PHE D 515 -35.14 -19.24 24.00
CA PHE D 515 -35.46 -19.26 22.56
C PHE D 515 -34.76 -20.44 21.86
N GLU D 516 -33.44 -20.45 21.90
CA GLU D 516 -32.64 -21.38 21.15
C GLU D 516 -32.37 -22.63 22.02
N ASN D 517 -32.52 -23.81 21.41
CA ASN D 517 -32.40 -25.12 22.11
C ASN D 517 -33.70 -25.43 22.86
N THR D 518 -33.87 -26.71 23.18
CA THR D 518 -34.97 -27.21 23.98
C THR D 518 -34.50 -27.45 25.40
N ALA D 519 -35.08 -26.70 26.33
CA ALA D 519 -34.79 -26.87 27.74
C ALA D 519 -35.11 -28.25 28.29
N PRO D 520 -34.26 -28.78 29.20
CA PRO D 520 -34.70 -29.88 30.08
C PRO D 520 -35.94 -29.34 30.80
N ALA D 521 -36.83 -30.23 31.23
CA ALA D 521 -38.04 -29.78 31.88
C ALA D 521 -37.75 -28.89 33.13
N HIS D 522 -36.70 -29.19 33.90
CA HIS D 522 -36.44 -28.39 35.06
C HIS D 522 -36.13 -26.89 34.77
N VAL D 523 -35.37 -26.64 33.69
CA VAL D 523 -35.03 -25.30 33.27
C VAL D 523 -36.29 -24.58 32.83
N TYR D 524 -37.12 -25.25 32.05
CA TYR D 524 -38.38 -24.63 31.62
C TYR D 524 -39.26 -24.21 32.79
N LYS D 525 -39.42 -25.12 33.75
CA LYS D 525 -40.22 -24.86 34.94
C LYS D 525 -39.70 -23.66 35.76
N ARG D 526 -38.38 -23.61 36.02
CA ARG D 526 -37.79 -22.47 36.72
C ARG D 526 -38.03 -21.21 35.97
N TRP D 527 -37.90 -21.30 34.65
CA TRP D 527 -38.02 -20.13 33.82
C TRP D 527 -39.48 -19.63 33.83
N CYS D 528 -40.45 -20.54 33.90
CA CYS D 528 -41.88 -20.14 33.96
C CYS D 528 -42.20 -19.25 35.14
N ALA D 529 -41.67 -19.63 36.32
CA ALA D 529 -41.86 -18.80 37.52
C ALA D 529 -41.34 -17.39 37.31
N PHE D 530 -40.12 -17.31 36.80
CA PHE D 530 -39.46 -16.04 36.51
C PHE D 530 -40.32 -15.23 35.52
N GLY D 531 -40.76 -15.87 34.44
CA GLY D 531 -41.42 -15.15 33.36
C GLY D 531 -42.80 -14.62 33.72
N LEU D 532 -43.54 -15.43 34.47
CA LEU D 532 -44.81 -15.00 35.03
C LEU D 532 -44.70 -13.94 36.14
N LEU D 533 -43.48 -13.71 36.65
CA LEU D 533 -43.22 -12.61 37.59
C LEU D 533 -42.34 -11.52 36.96
N SER D 534 -42.47 -11.36 35.64
CA SER D 534 -41.90 -10.23 34.93
C SER D 534 -43.09 -9.42 34.47
N SER D 535 -42.86 -8.15 34.11
CA SER D 535 -44.01 -7.33 33.67
C SER D 535 -44.72 -8.07 32.52
N HIS D 536 -43.95 -8.58 31.55
CA HIS D 536 -44.56 -9.20 30.38
C HIS D 536 -44.05 -10.65 30.18
N SER D 537 -44.99 -11.54 29.91
CA SER D 537 -44.74 -12.98 30.00
C SER D 537 -45.07 -13.67 28.68
N ARG D 538 -44.04 -14.23 28.04
CA ARG D 538 -44.25 -14.83 26.73
C ARG D 538 -43.52 -16.17 26.55
N LEU D 539 -44.29 -17.16 26.08
CA LEU D 539 -43.76 -18.47 25.70
C LEU D 539 -43.35 -18.46 24.24
N HIS D 540 -42.05 -18.51 23.96
CA HIS D 540 -41.56 -18.44 22.59
C HIS D 540 -40.28 -19.26 22.41
N GLY D 541 -40.22 -20.04 21.35
CA GLY D 541 -39.12 -20.93 21.04
C GLY D 541 -38.62 -20.87 19.60
N SER D 542 -37.37 -21.30 19.38
CA SER D 542 -36.81 -21.30 18.01
C SER D 542 -37.25 -22.50 17.15
N LYS D 543 -36.93 -23.71 17.60
CA LYS D 543 -37.14 -24.92 16.81
C LYS D 543 -38.06 -25.94 17.52
N SER D 544 -38.54 -25.60 18.71
CA SER D 544 -39.47 -26.50 19.41
C SER D 544 -40.56 -25.63 19.97
N TYR D 545 -41.67 -26.26 20.33
CA TYR D 545 -42.84 -25.55 20.87
C TYR D 545 -42.62 -25.24 22.34
N ARG D 546 -43.34 -24.24 22.85
CA ARG D 546 -43.21 -23.85 24.26
C ARG D 546 -44.43 -24.17 25.13
N VAL D 547 -45.46 -24.81 24.55
CA VAL D 547 -46.62 -25.27 25.36
C VAL D 547 -46.08 -26.21 26.46
N PRO D 548 -46.57 -26.04 27.68
CA PRO D 548 -46.06 -26.82 28.84
C PRO D 548 -46.04 -28.36 28.66
N TRP D 549 -47.03 -28.92 27.98
CA TRP D 549 -47.08 -30.38 27.85
C TRP D 549 -46.03 -30.97 26.92
N ALA D 550 -45.26 -30.10 26.24
CA ALA D 550 -44.14 -30.62 25.45
C ALA D 550 -42.95 -30.96 26.37
N TYR D 551 -43.04 -30.59 27.65
CA TYR D 551 -41.93 -30.88 28.57
C TYR D 551 -42.24 -32.06 29.52
N ASP D 552 -43.26 -31.90 30.37
CA ASP D 552 -43.82 -32.96 31.24
C ASP D 552 -45.17 -32.46 31.81
N ASP D 553 -45.87 -33.30 32.57
CA ASP D 553 -47.16 -32.92 33.17
C ASP D 553 -47.04 -31.88 34.27
N GLU D 554 -45.97 -31.98 35.06
CA GLU D 554 -45.70 -31.03 36.12
C GLU D 554 -45.50 -29.60 35.57
N SER D 555 -44.98 -29.48 34.36
CA SER D 555 -44.84 -28.16 33.72
C SER D 555 -46.17 -27.47 33.57
N CYS D 556 -47.23 -28.23 33.31
CA CYS D 556 -48.56 -27.61 33.13
C CYS D 556 -49.04 -27.05 34.47
N ASP D 557 -48.67 -27.72 35.56
CA ASP D 557 -49.07 -27.28 36.90
C ASP D 557 -48.29 -26.01 37.26
N VAL D 558 -47.02 -25.96 36.85
CA VAL D 558 -46.18 -24.78 37.08
C VAL D 558 -46.76 -23.61 36.34
N VAL D 559 -47.04 -23.78 35.06
CA VAL D 559 -47.63 -22.70 34.24
C VAL D 559 -48.96 -22.25 34.83
N ARG D 560 -49.76 -23.22 35.25
CA ARG D 560 -51.09 -22.89 35.81
C ARG D 560 -50.98 -22.07 37.09
N PHE D 561 -50.16 -22.56 38.02
CA PHE D 561 -49.97 -21.90 39.30
C PHE D 561 -49.50 -20.42 39.16
N PHE D 562 -48.47 -20.21 38.34
CA PHE D 562 -47.93 -18.86 38.16
C PHE D 562 -48.77 -17.95 37.29
N THR D 563 -49.50 -18.47 36.30
CA THR D 563 -50.45 -17.61 35.55
C THR D 563 -51.59 -17.12 36.43
N GLN D 564 -52.14 -18.03 37.22
CA GLN D 564 -53.20 -17.69 38.17
C GLN D 564 -52.71 -16.61 39.15
N LEU D 565 -51.50 -16.84 39.71
CA LEU D 565 -50.85 -15.92 40.61
C LEU D 565 -50.73 -14.53 40.01
N LYS D 566 -50.26 -14.46 38.76
CA LYS D 566 -50.06 -13.16 38.16
C LYS D 566 -51.42 -12.45 37.95
N CYS D 567 -52.44 -13.19 37.51
CA CYS D 567 -53.78 -12.60 37.39
C CYS D 567 -54.32 -12.06 38.71
N ARG D 568 -54.04 -12.78 39.80
CA ARG D 568 -54.38 -12.32 41.15
C ARG D 568 -53.62 -11.08 41.62
N MET D 569 -52.34 -10.94 41.23
CA MET D 569 -51.52 -9.80 41.62
C MET D 569 -51.78 -8.58 40.79
N MET D 570 -52.66 -8.68 39.79
CA MET D 570 -52.90 -7.54 38.91
C MET D 570 -53.30 -6.21 39.60
N PRO D 571 -54.09 -6.20 40.67
CA PRO D 571 -54.39 -4.92 41.37
C PRO D 571 -53.10 -4.22 41.82
N TYR D 572 -52.17 -4.98 42.40
CA TYR D 572 -50.83 -4.51 42.73
C TYR D 572 -50.03 -4.16 41.44
N LEU D 573 -49.95 -5.09 40.50
CA LEU D 573 -49.08 -4.93 39.31
C LEU D 573 -49.38 -3.72 38.48
N TYR D 574 -50.66 -3.55 38.15
CA TYR D 574 -51.05 -2.44 37.30
C TYR D 574 -50.79 -1.09 37.94
N ARG D 575 -50.95 -0.99 39.25
CA ARG D 575 -50.62 0.26 39.93
C ARG D 575 -49.10 0.54 39.77
N GLU D 576 -48.29 -0.54 39.80
CA GLU D 576 -46.84 -0.37 39.71
C GLU D 576 -46.50 -0.01 38.28
N ALA D 577 -47.34 -0.44 37.34
CA ALA D 577 -47.16 -0.13 35.94
C ALA D 577 -47.39 1.33 35.68
N ALA D 578 -48.40 1.90 36.35
CA ALA D 578 -48.68 3.32 36.15
C ALA D 578 -47.55 4.20 36.70
N ARG D 579 -46.82 3.67 37.68
CA ARG D 579 -45.63 4.38 38.19
C ARG D 579 -44.55 4.54 37.13
N ALA D 580 -44.40 3.52 36.28
CA ALA D 580 -43.45 3.57 35.17
C ALA D 580 -43.84 4.68 34.21
N ASN D 581 -45.13 4.81 33.94
CA ASN D 581 -45.60 5.85 33.04
C ASN D 581 -45.50 7.25 33.63
N ALA D 582 -45.81 7.40 34.92
CA ALA D 582 -45.75 8.70 35.59
C ALA D 582 -44.34 9.16 35.99
N ARG D 583 -43.45 8.22 36.32
CA ARG D 583 -42.16 8.58 36.91
C ARG D 583 -40.96 7.83 36.33
N GLY D 584 -41.23 6.93 35.37
CA GLY D 584 -40.22 6.15 34.69
C GLY D 584 -39.50 5.18 35.60
N THR D 585 -40.14 4.81 36.71
CA THR D 585 -39.71 3.71 37.54
C THR D 585 -40.11 2.41 36.87
N PRO D 586 -39.15 1.57 36.49
CA PRO D 586 -39.50 0.30 35.81
C PRO D 586 -40.21 -0.69 36.77
N MET D 587 -40.97 -1.64 36.23
CA MET D 587 -41.62 -2.64 37.09
C MET D 587 -40.58 -3.64 37.67
N MET D 588 -39.59 -4.01 36.87
CA MET D 588 -38.53 -4.90 37.34
C MET D 588 -37.31 -4.03 37.72
N ARG D 589 -37.08 -3.88 39.02
CA ARG D 589 -36.09 -2.94 39.52
C ARG D 589 -34.89 -3.65 40.13
N ALA D 590 -33.71 -3.18 39.81
CA ALA D 590 -32.49 -3.68 40.46
C ALA D 590 -32.63 -3.33 41.92
N MET D 591 -32.08 -4.19 42.76
CA MET D 591 -32.08 -3.94 44.20
C MET D 591 -31.46 -2.59 44.51
N MET D 592 -30.39 -2.20 43.80
CA MET D 592 -29.78 -0.88 44.01
C MET D 592 -30.77 0.29 43.82
N MET D 593 -31.69 0.18 42.87
CA MET D 593 -32.66 1.27 42.59
C MET D 593 -33.65 1.46 43.73
N GLU D 594 -34.08 0.36 44.33
CA GLU D 594 -35.07 0.38 45.40
C GLU D 594 -34.45 0.68 46.76
N PHE D 595 -33.22 0.22 46.98
CA PHE D 595 -32.52 0.40 48.25
C PHE D 595 -31.14 1.07 48.03
N PRO D 596 -31.14 2.33 47.57
CA PRO D 596 -29.91 2.98 47.11
C PRO D 596 -28.87 3.19 48.19
N ASP D 597 -29.31 3.26 49.45
CA ASP D 597 -28.41 3.47 50.59
C ASP D 597 -27.83 2.19 51.19
N ASP D 598 -28.25 1.04 50.67
CA ASP D 598 -27.80 -0.22 51.24
C ASP D 598 -26.59 -0.78 50.48
N PRO D 599 -25.40 -0.74 51.07
CA PRO D 599 -24.17 -1.20 50.39
C PRO D 599 -24.21 -2.68 49.93
N ALA D 600 -25.03 -3.49 50.59
CA ALA D 600 -25.23 -4.89 50.17
C ALA D 600 -25.95 -5.09 48.82
N CYS D 601 -26.66 -4.06 48.35
CA CYS D 601 -27.40 -4.09 47.07
C CYS D 601 -26.66 -3.67 45.78
N ASP D 602 -25.46 -3.08 45.90
CA ASP D 602 -24.69 -2.61 44.71
C ASP D 602 -24.57 -3.61 43.57
N TYR D 603 -24.19 -4.86 43.87
CA TYR D 603 -23.93 -5.87 42.84
C TYR D 603 -25.03 -6.89 42.59
N LEU D 604 -26.13 -6.82 43.32
CA LEU D 604 -27.23 -7.83 43.20
C LEU D 604 -27.81 -7.85 41.79
N ASP D 605 -27.69 -9.01 41.13
CA ASP D 605 -28.10 -9.17 39.73
C ASP D 605 -28.87 -10.46 39.49
N ARG D 606 -29.14 -11.24 40.54
CA ARG D 606 -29.88 -12.53 40.35
C ARG D 606 -31.24 -12.46 41.03
N GLN D 607 -31.62 -11.26 41.44
CA GLN D 607 -32.92 -11.00 42.04
C GLN D 607 -33.34 -9.56 41.73
N TYR D 608 -34.59 -9.24 42.02
CA TYR D 608 -35.11 -7.94 41.73
C TYR D 608 -36.32 -7.54 42.56
N MET D 609 -36.64 -6.26 42.57
CA MET D 609 -37.93 -5.83 43.09
C MET D 609 -38.95 -5.81 41.95
N LEU D 610 -40.08 -6.49 42.12
CA LEU D 610 -41.17 -6.38 41.16
C LEU D 610 -42.11 -5.36 41.75
N GLY D 611 -42.00 -4.11 41.33
CA GLY D 611 -42.74 -3.02 41.99
C GLY D 611 -42.10 -2.61 43.32
N ASP D 612 -42.78 -1.77 44.11
CA ASP D 612 -42.23 -1.22 45.36
C ASP D 612 -42.00 -2.31 46.41
N ASN D 613 -42.91 -3.29 46.44
CA ASN D 613 -43.07 -4.10 47.64
C ASN D 613 -42.62 -5.57 47.58
N VAL D 614 -42.38 -6.11 46.38
CA VAL D 614 -42.04 -7.52 46.35
C VAL D 614 -40.66 -7.87 45.77
N MET D 615 -39.90 -8.65 46.52
CA MET D 615 -38.57 -9.14 46.09
C MET D 615 -38.77 -10.53 45.45
N VAL D 616 -38.34 -10.68 44.19
CA VAL D 616 -38.41 -11.97 43.48
C VAL D 616 -36.98 -12.46 43.27
N ALA D 617 -36.70 -13.70 43.65
CA ALA D 617 -35.39 -14.28 43.33
C ALA D 617 -35.57 -15.58 42.56
N PRO D 618 -35.40 -15.55 41.23
CA PRO D 618 -35.60 -16.77 40.43
C PRO D 618 -34.58 -17.81 40.85
N VAL D 619 -34.94 -19.09 40.63
CA VAL D 619 -34.18 -20.23 41.12
C VAL D 619 -33.48 -20.78 39.90
N PHE D 620 -32.16 -20.90 39.96
CA PHE D 620 -31.37 -21.18 38.78
C PHE D 620 -30.71 -22.54 38.88
N THR D 621 -31.35 -23.48 39.60
CA THR D 621 -30.89 -24.85 39.75
C THR D 621 -32.03 -25.85 39.67
N GLU D 622 -31.68 -27.05 39.25
CA GLU D 622 -32.66 -28.13 39.17
C GLU D 622 -33.23 -28.44 40.56
N ALA D 623 -32.31 -28.71 41.50
CA ALA D 623 -32.66 -29.11 42.87
C ALA D 623 -33.39 -28.00 43.63
N GLY D 624 -33.30 -26.75 43.16
CA GLY D 624 -34.07 -25.71 43.81
C GLY D 624 -33.33 -24.86 44.83
N ASP D 625 -32.03 -25.07 44.97
CA ASP D 625 -31.16 -24.19 45.80
C ASP D 625 -31.10 -22.79 45.23
N VAL D 626 -31.21 -21.81 46.13
CA VAL D 626 -31.26 -20.38 45.76
C VAL D 626 -30.78 -19.56 46.96
N GLN D 627 -30.02 -18.48 46.71
CA GLN D 627 -29.52 -17.60 47.75
C GLN D 627 -29.92 -16.23 47.34
N PHE D 628 -30.31 -15.40 48.29
CA PHE D 628 -30.77 -14.07 47.95
C PHE D 628 -30.60 -13.18 49.15
N TYR D 629 -30.52 -11.88 48.87
CA TYR D 629 -30.28 -10.91 49.91
C TYR D 629 -31.62 -10.21 50.24
N LEU D 630 -31.86 -9.96 51.54
CA LEU D 630 -33.02 -9.20 51.97
C LEU D 630 -32.55 -7.95 52.73
N PRO D 631 -32.93 -6.76 52.25
CA PRO D 631 -32.69 -5.51 52.98
C PRO D 631 -33.39 -5.50 54.36
N GLU D 632 -33.04 -4.49 55.14
CA GLU D 632 -33.52 -4.39 56.51
C GLU D 632 -35.04 -4.46 56.54
N GLY D 633 -35.57 -5.16 57.53
CA GLY D 633 -37.01 -5.33 57.68
C GLY D 633 -37.31 -6.77 57.95
N ARG D 634 -38.56 -7.06 58.28
CA ARG D 634 -39.07 -8.41 58.45
C ARG D 634 -39.91 -8.78 57.22
N TRP D 635 -39.42 -9.74 56.43
CA TRP D 635 -40.08 -10.07 55.17
C TRP D 635 -40.95 -11.32 55.28
N THR D 636 -41.98 -11.38 54.43
CA THR D 636 -42.98 -12.44 54.47
C THR D 636 -43.15 -13.06 53.09
N HIS D 637 -43.11 -14.39 53.00
CA HIS D 637 -43.38 -15.00 51.70
C HIS D 637 -44.83 -14.73 51.25
N LEU D 638 -45.01 -14.38 49.99
CA LEU D 638 -46.32 -13.95 49.49
C LEU D 638 -47.43 -15.00 49.70
N TRP D 639 -47.09 -16.29 49.56
CA TRP D 639 -48.08 -17.37 49.77
C TRP D 639 -47.70 -18.46 50.80
N HIS D 640 -46.40 -18.65 51.10
CA HIS D 640 -46.00 -19.56 52.18
C HIS D 640 -46.10 -18.93 53.57
N ASN D 641 -46.04 -17.60 53.62
CA ASN D 641 -46.23 -16.83 54.86
C ASN D 641 -45.11 -16.89 55.89
N ASP D 642 -44.04 -17.64 55.60
CA ASP D 642 -42.89 -17.69 56.50
C ASP D 642 -42.15 -16.34 56.52
N GLU D 643 -41.60 -15.98 57.68
CA GLU D 643 -41.03 -14.66 57.86
C GLU D 643 -39.50 -14.73 57.97
N LEU D 644 -38.78 -13.73 57.44
CA LEU D 644 -37.31 -13.66 57.49
C LEU D 644 -36.87 -12.25 57.84
N ASP D 645 -35.88 -12.12 58.71
CA ASP D 645 -35.42 -10.76 59.02
C ASP D 645 -34.36 -10.42 57.99
N GLY D 646 -34.27 -9.13 57.71
CA GLY D 646 -33.42 -8.64 56.65
C GLY D 646 -32.06 -8.10 57.08
N SER D 647 -31.47 -7.29 56.20
CA SER D 647 -30.05 -6.93 56.27
C SER D 647 -29.12 -8.13 56.09
N ARG D 648 -29.61 -9.22 55.50
CA ARG D 648 -28.74 -10.40 55.39
C ARG D 648 -29.15 -11.30 54.22
N TRP D 649 -28.24 -12.19 53.83
CA TRP D 649 -28.54 -13.22 52.85
C TRP D 649 -29.24 -14.41 53.49
N HIS D 650 -29.87 -15.23 52.65
CA HIS D 650 -30.61 -16.41 53.07
C HIS D 650 -30.41 -17.43 51.99
N LYS D 651 -30.54 -18.70 52.36
CA LYS D 651 -30.38 -19.77 51.43
C LYS D 651 -31.60 -20.67 51.65
N GLN D 652 -32.22 -21.10 50.56
CA GLN D 652 -33.46 -21.89 50.62
C GLN D 652 -33.42 -22.95 49.51
N GLN D 653 -34.39 -23.86 49.52
CA GLN D 653 -34.53 -24.91 48.50
C GLN D 653 -36.02 -24.97 48.14
N HIS D 654 -36.35 -24.72 46.87
CA HIS D 654 -37.75 -24.64 46.44
C HIS D 654 -38.08 -25.71 45.41
N GLY D 655 -39.26 -26.30 45.53
CA GLY D 655 -39.78 -27.17 44.49
C GLY D 655 -40.24 -26.31 43.32
N PHE D 656 -40.82 -26.95 42.31
CA PHE D 656 -41.16 -26.26 41.06
C PHE D 656 -42.37 -25.32 41.16
N LEU D 657 -43.16 -25.39 42.22
CA LEU D 657 -44.27 -24.43 42.38
C LEU D 657 -43.90 -23.26 43.26
N SER D 658 -42.60 -23.09 43.49
CA SER D 658 -42.13 -22.10 44.45
C SER D 658 -40.80 -21.42 44.06
N LEU D 659 -40.59 -20.24 44.61
CA LEU D 659 -39.31 -19.53 44.53
C LEU D 659 -39.45 -18.45 45.63
N PRO D 660 -38.37 -17.81 46.06
CA PRO D 660 -38.46 -16.67 46.98
C PRO D 660 -39.25 -15.49 46.38
N VAL D 661 -40.41 -15.20 46.95
CA VAL D 661 -41.25 -14.05 46.56
C VAL D 661 -41.62 -13.46 47.94
N TYR D 662 -40.83 -12.47 48.37
CA TYR D 662 -40.95 -11.93 49.72
C TYR D 662 -41.53 -10.51 49.72
N VAL D 663 -42.45 -10.25 50.65
CA VAL D 663 -43.11 -8.97 50.76
C VAL D 663 -42.53 -8.23 51.93
N ARG D 664 -42.23 -6.97 51.67
CA ARG D 664 -41.64 -6.01 52.58
C ARG D 664 -42.52 -5.72 53.79
N ASP D 665 -41.92 -5.37 54.93
CA ASP D 665 -42.74 -4.89 56.05
C ASP D 665 -43.44 -3.55 55.75
N ASN D 666 -44.35 -3.16 56.61
CA ASN D 666 -45.19 -1.95 56.44
C ASN D 666 -45.86 -1.86 55.07
N THR D 667 -46.40 -2.98 54.60
CA THR D 667 -46.96 -3.08 53.28
C THR D 667 -48.42 -3.48 53.34
N LEU D 668 -49.22 -2.77 52.57
CA LEU D 668 -50.61 -3.08 52.34
C LEU D 668 -50.76 -3.43 50.83
N LEU D 669 -50.94 -4.72 50.55
CA LEU D 669 -50.97 -5.25 49.19
C LEU D 669 -52.38 -5.70 48.76
N ALA D 670 -52.74 -5.36 47.53
CA ALA D 670 -54.03 -5.74 46.95
C ALA D 670 -53.96 -6.95 46.01
N LEU D 671 -54.70 -8.01 46.32
CA LEU D 671 -54.79 -9.18 45.44
C LEU D 671 -56.24 -9.26 44.96
N GLY D 672 -56.44 -9.57 43.69
CA GLY D 672 -57.78 -9.62 43.12
C GLY D 672 -58.47 -10.97 43.17
N ASN D 673 -59.74 -10.99 42.80
CA ASN D 673 -60.54 -12.21 42.92
C ASN D 673 -60.74 -12.93 41.57
N ASN D 674 -59.91 -12.62 40.58
CA ASN D 674 -59.95 -13.33 39.32
C ASN D 674 -58.53 -13.89 39.05
N ASP D 675 -58.44 -15.21 38.87
CA ASP D 675 -57.15 -15.84 38.58
C ASP D 675 -57.14 -16.37 37.17
N GLN D 676 -58.07 -15.89 36.34
CA GLN D 676 -58.26 -16.38 34.97
C GLN D 676 -57.82 -15.40 33.87
N ARG D 677 -57.88 -14.10 34.13
CA ARG D 677 -57.39 -13.06 33.21
C ARG D 677 -56.78 -11.92 34.00
N PRO D 678 -55.94 -11.12 33.35
CA PRO D 678 -55.34 -9.94 34.02
C PRO D 678 -56.24 -8.70 34.09
N ASP D 679 -57.18 -8.58 33.15
CA ASP D 679 -57.99 -7.38 33.04
C ASP D 679 -59.40 -7.63 33.58
N TYR D 680 -59.70 -7.09 34.78
CA TYR D 680 -61.02 -7.26 35.42
C TYR D 680 -61.23 -6.13 36.42
N VAL D 681 -62.31 -6.22 37.19
CA VAL D 681 -62.71 -5.12 38.07
C VAL D 681 -61.92 -5.32 39.36
N TRP D 682 -60.73 -4.74 39.40
CA TRP D 682 -59.78 -4.96 40.48
C TRP D 682 -60.25 -4.46 41.85
N HIS D 683 -61.07 -3.43 41.88
CA HIS D 683 -61.59 -2.88 43.11
C HIS D 683 -62.88 -3.53 43.64
N GLU D 684 -63.38 -4.55 42.97
CA GLU D 684 -64.45 -5.38 43.55
C GLU D 684 -63.97 -6.77 43.96
N GLY D 685 -64.25 -7.14 45.21
CA GLY D 685 -63.87 -8.42 45.73
C GLY D 685 -62.37 -8.45 46.10
N THR D 686 -61.75 -7.26 46.19
CA THR D 686 -60.34 -7.13 46.58
C THR D 686 -59.95 -7.78 47.92
N ALA D 687 -58.86 -8.53 47.91
CA ALA D 687 -58.31 -9.06 49.15
C ALA D 687 -57.04 -8.26 49.47
N PHE D 688 -57.11 -7.41 50.51
CA PHE D 688 -55.96 -6.67 50.95
C PHE D 688 -55.22 -7.52 51.97
N HIS D 689 -53.92 -7.36 51.99
CA HIS D 689 -53.07 -8.16 52.88
C HIS D 689 -52.12 -7.23 53.59
N LEU D 690 -52.15 -7.21 54.92
CA LEU D 690 -51.32 -6.30 55.69
C LEU D 690 -50.12 -7.07 56.24
N PHE D 691 -48.93 -6.56 55.98
CA PHE D 691 -47.68 -7.30 56.32
C PHE D 691 -46.84 -6.46 57.28
N ASN D 692 -46.70 -6.97 58.50
CA ASN D 692 -45.74 -6.44 59.45
C ASN D 692 -45.75 -4.94 59.65
N LEU D 693 -46.88 -4.43 60.13
CA LEU D 693 -47.06 -2.99 60.29
C LEU D 693 -46.37 -2.61 61.57
N GLN D 694 -45.38 -1.73 61.49
CA GLN D 694 -44.66 -1.27 62.70
C GLN D 694 -45.33 -0.11 63.44
N ASP D 695 -45.10 -0.08 64.75
CA ASP D 695 -45.58 0.96 65.65
C ASP D 695 -45.13 2.30 65.09
N GLY D 696 -46.05 3.22 64.83
CA GLY D 696 -45.71 4.53 64.32
C GLY D 696 -45.67 4.62 62.80
N HIS D 697 -46.01 3.52 62.12
CA HIS D 697 -45.97 3.49 60.65
C HIS D 697 -47.35 3.47 60.02
N GLU D 698 -47.42 3.86 58.76
CA GLU D 698 -48.65 3.72 58.00
C GLU D 698 -48.39 2.99 56.67
N ALA D 699 -49.14 1.93 56.38
CA ALA D 699 -49.07 1.24 55.09
C ALA D 699 -50.18 1.76 54.18
N VAL D 700 -49.81 2.10 52.93
CA VAL D 700 -50.75 2.64 51.95
C VAL D 700 -50.91 1.71 50.76
N CYS D 701 -52.16 1.52 50.33
CA CYS D 701 -52.44 0.72 49.16
C CYS D 701 -53.35 1.48 48.23
N GLU D 702 -52.89 1.69 46.99
CA GLU D 702 -53.70 2.32 45.95
C GLU D 702 -54.16 1.30 44.90
N VAL D 703 -55.48 1.14 44.77
CA VAL D 703 -56.02 0.27 43.72
C VAL D 703 -56.32 1.11 42.48
N PRO D 704 -55.80 0.66 41.33
CA PRO D 704 -56.00 1.40 40.08
C PRO D 704 -57.29 1.02 39.35
N ALA D 705 -57.78 1.94 38.52
CA ALA D 705 -58.76 1.68 37.46
C ALA D 705 -58.02 1.19 36.22
N ALA D 706 -58.78 0.77 35.22
CA ALA D 706 -58.23 0.30 33.91
C ALA D 706 -57.24 1.28 33.26
N ASP D 707 -57.48 2.59 33.46
CA ASP D 707 -56.59 3.65 32.96
C ASP D 707 -55.37 3.98 33.84
N GLY D 708 -55.17 3.22 34.91
CA GLY D 708 -54.03 3.41 35.79
C GLY D 708 -54.18 4.52 36.83
N SER D 709 -55.21 5.36 36.74
CA SER D 709 -55.47 6.31 37.85
C SER D 709 -55.98 5.53 39.09
N VAL D 710 -55.91 6.19 40.25
CA VAL D 710 -56.20 5.53 41.52
C VAL D 710 -57.69 5.60 41.79
N ILE D 711 -58.33 4.43 41.88
CA ILE D 711 -59.76 4.37 42.15
C ILE D 711 -60.13 4.17 43.65
N PHE D 712 -59.25 3.57 44.42
CA PHE D 712 -59.50 3.37 45.85
C PHE D 712 -58.19 3.36 46.58
N THR D 713 -58.17 3.98 47.76
CA THR D 713 -57.01 3.98 48.61
C THR D 713 -57.37 3.39 49.99
N LEU D 714 -56.57 2.46 50.45
CA LEU D 714 -56.74 1.86 51.77
C LEU D 714 -55.47 2.22 52.56
N LYS D 715 -55.66 2.69 53.79
CA LYS D 715 -54.56 3.01 54.68
C LYS D 715 -54.68 2.27 56.01
N ALA D 716 -53.57 1.74 56.50
CA ALA D 716 -53.55 1.11 57.81
C ALA D 716 -52.43 1.76 58.61
N ALA D 717 -52.80 2.37 59.75
CA ALA D 717 -51.87 3.12 60.62
C ALA D 717 -51.84 2.55 62.04
N ARG D 718 -50.64 2.36 62.55
CA ARG D 718 -50.51 1.74 63.84
C ARG D 718 -49.96 2.79 64.79
N THR D 719 -50.66 2.94 65.90
CA THR D 719 -50.17 3.89 66.88
C THR D 719 -49.49 3.12 68.03
N GLY D 720 -50.22 2.32 68.80
CA GLY D 720 -49.51 1.51 69.78
C GLY D 720 -49.74 0.06 69.42
N ASN D 721 -50.65 -0.57 70.13
CA ASN D 721 -51.16 -1.85 69.66
C ASN D 721 -52.60 -1.65 69.13
N THR D 722 -52.84 -0.45 68.64
CA THR D 722 -54.04 -0.10 67.87
C THR D 722 -53.69 0.10 66.38
N ILE D 723 -54.50 -0.48 65.52
CA ILE D 723 -54.33 -0.20 64.10
C ILE D 723 -55.65 0.38 63.56
N THR D 724 -55.55 1.56 62.98
CA THR D 724 -56.68 2.24 62.38
C THR D 724 -56.65 2.02 60.86
N VAL D 725 -57.74 1.50 60.31
CA VAL D 725 -57.85 1.28 58.86
C VAL D 725 -58.89 2.23 58.25
N THR D 726 -58.47 3.02 57.25
CA THR D 726 -59.35 3.95 56.52
C THR D 726 -59.27 3.75 55.00
N GLY D 727 -60.42 3.77 54.34
CA GLY D 727 -60.52 3.68 52.89
C GLY D 727 -61.19 4.92 52.29
N ALA D 728 -60.76 5.30 51.09
CA ALA D 728 -61.38 6.40 50.34
C ALA D 728 -61.41 6.05 48.85
N GLY D 729 -62.54 6.36 48.19
CA GLY D 729 -62.74 6.05 46.79
C GLY D 729 -63.80 4.98 46.63
N GLU D 730 -63.75 4.24 45.52
CA GLU D 730 -64.77 3.25 45.20
C GLU D 730 -64.24 1.81 45.27
N ALA D 731 -64.78 0.98 46.17
CA ALA D 731 -64.44 -0.44 46.22
C ALA D 731 -65.59 -1.18 46.91
N LYS D 732 -65.83 -2.43 46.50
CA LYS D 732 -66.91 -3.24 47.10
C LYS D 732 -66.41 -4.59 47.51
N ASN D 733 -67.02 -5.14 48.58
CA ASN D 733 -66.75 -6.50 49.00
C ASN D 733 -65.26 -6.77 49.20
N TRP D 734 -64.56 -5.87 49.86
CA TRP D 734 -63.14 -6.13 50.16
C TRP D 734 -62.94 -6.63 51.58
N THR D 735 -61.82 -7.33 51.78
CA THR D 735 -61.42 -7.87 53.06
C THR D 735 -59.98 -7.47 53.34
N LEU D 736 -59.59 -7.55 54.61
CA LEU D 736 -58.24 -7.26 55.04
C LEU D 736 -57.70 -8.43 55.81
N CYS D 737 -56.60 -9.00 55.34
CA CYS D 737 -55.98 -10.13 56.06
C CYS D 737 -54.81 -9.61 56.85
N LEU D 738 -54.76 -9.93 58.14
CA LEU D 738 -53.67 -9.50 59.02
C LEU D 738 -52.64 -10.60 59.04
N ARG D 739 -51.68 -10.50 58.15
CA ARG D 739 -50.77 -11.62 57.91
C ARG D 739 -50.03 -12.04 59.14
N ASN D 740 -50.04 -13.34 59.42
CA ASN D 740 -49.34 -13.93 60.58
C ASN D 740 -49.85 -13.47 61.95
N VAL D 741 -51.08 -12.93 61.97
CA VAL D 741 -51.76 -12.59 63.20
C VAL D 741 -52.91 -13.61 63.40
N VAL D 742 -52.78 -14.48 64.39
CA VAL D 742 -53.84 -15.47 64.65
C VAL D 742 -54.95 -14.98 65.61
N LYS D 743 -54.62 -13.96 66.39
CA LYS D 743 -55.48 -13.53 67.50
C LYS D 743 -55.34 -12.04 67.74
N VAL D 744 -56.48 -11.38 67.92
CA VAL D 744 -56.50 -9.97 68.35
C VAL D 744 -57.35 -9.78 69.63
N ASN D 745 -57.15 -8.67 70.33
CA ASN D 745 -57.94 -8.42 71.53
C ASN D 745 -59.28 -7.73 71.25
N GLY D 746 -59.39 -7.07 70.10
CA GLY D 746 -60.62 -6.39 69.76
C GLY D 746 -60.66 -5.88 68.34
N LEU D 747 -61.86 -5.48 67.93
CA LEU D 747 -62.17 -5.13 66.55
C LEU D 747 -63.49 -4.37 66.57
N GLN D 748 -63.46 -3.13 66.08
CA GLN D 748 -64.68 -2.33 65.92
C GLN D 748 -64.93 -1.96 64.45
N ASP D 749 -66.22 -1.91 64.08
CA ASP D 749 -66.67 -1.63 62.72
C ASP D 749 -66.27 -2.73 61.71
N GLY D 750 -66.10 -3.96 62.19
CA GLY D 750 -65.85 -5.08 61.30
C GLY D 750 -66.07 -6.40 62.00
N SER D 751 -66.03 -7.48 61.22
CA SER D 751 -66.15 -8.82 61.76
C SER D 751 -64.90 -9.58 61.38
N GLN D 752 -64.61 -10.69 62.06
CA GLN D 752 -63.37 -11.41 61.80
C GLN D 752 -63.58 -12.89 61.50
N ALA D 753 -62.59 -13.50 60.86
CA ALA D 753 -62.61 -14.92 60.64
C ALA D 753 -61.17 -15.41 60.52
N GLU D 754 -60.95 -16.66 60.86
CA GLU D 754 -59.63 -17.27 60.72
C GLU D 754 -59.30 -17.57 59.25
N SER D 755 -58.02 -17.50 58.88
CA SER D 755 -57.52 -18.04 57.61
C SER D 755 -56.14 -18.64 57.78
N GLU D 756 -55.75 -19.49 56.83
CA GLU D 756 -54.41 -20.07 56.86
C GLU D 756 -53.33 -18.97 56.86
N GLN D 757 -53.62 -17.82 56.28
CA GLN D 757 -52.63 -16.74 56.20
C GLN D 757 -52.68 -15.78 57.41
N GLY D 758 -53.71 -15.92 58.24
CA GLY D 758 -53.95 -14.99 59.34
C GLY D 758 -55.37 -14.42 59.30
N LEU D 759 -55.69 -13.58 60.29
CA LEU D 759 -57.07 -13.11 60.49
C LEU D 759 -57.56 -12.26 59.32
N VAL D 760 -58.77 -12.54 58.86
CA VAL D 760 -59.41 -11.77 57.84
C VAL D 760 -60.47 -10.94 58.50
N VAL D 761 -60.38 -9.63 58.36
CA VAL D 761 -61.38 -8.71 58.85
C VAL D 761 -62.25 -8.23 57.69
N LYS D 762 -63.55 -8.23 57.93
CA LYS D 762 -64.54 -7.78 56.95
C LYS D 762 -65.17 -6.51 57.48
N PRO D 763 -64.98 -5.40 56.78
CA PRO D 763 -65.39 -4.08 57.26
C PRO D 763 -66.89 -3.82 57.13
N GLN D 764 -67.40 -2.98 58.02
CA GLN D 764 -68.76 -2.42 57.88
C GLN D 764 -68.78 -1.45 56.70
N GLY D 765 -67.85 -0.50 56.72
CA GLY D 765 -67.80 0.56 55.73
C GLY D 765 -66.37 0.89 55.31
N ASN D 766 -65.93 2.12 55.57
CA ASN D 766 -64.60 2.55 55.19
C ASN D 766 -63.71 2.97 56.40
N ALA D 767 -63.98 2.39 57.58
CA ALA D 767 -63.25 2.71 58.83
C ALA D 767 -63.33 1.58 59.84
N LEU D 768 -62.16 0.98 60.15
CA LEU D 768 -62.03 -0.17 61.06
C LEU D 768 -61.04 0.22 62.16
N THR D 769 -61.12 -0.43 63.30
CA THR D 769 -60.07 -0.30 64.29
C THR D 769 -59.80 -1.63 64.99
N ILE D 770 -58.52 -1.96 65.13
CA ILE D 770 -58.13 -3.27 65.62
C ILE D 770 -57.24 -3.12 66.83
N THR D 771 -57.53 -3.88 67.88
CA THR D 771 -56.70 -3.88 69.07
C THR D 771 -55.88 -5.15 69.09
N LEU D 772 -54.57 -5.01 68.92
CA LEU D 772 -53.69 -6.18 68.90
C LEU D 772 -53.43 -6.72 70.30
N HIS D 773 -52.90 -7.94 70.36
CA HIS D 773 -52.40 -8.51 71.59
C HIS D 773 -51.40 -7.50 72.21
N MET E 1 -12.06 -16.73 -17.69
CA MET E 1 -11.58 -16.30 -16.34
C MET E 1 -11.51 -17.53 -15.51
N LYS E 2 -10.40 -17.70 -14.79
CA LYS E 2 -10.19 -18.89 -13.99
C LYS E 2 -10.99 -18.87 -12.70
N ILE E 3 -11.75 -19.92 -12.47
CA ILE E 3 -12.60 -19.98 -11.29
C ILE E 3 -12.20 -21.15 -10.46
N SER E 4 -12.19 -22.34 -11.07
CA SER E 4 -11.71 -23.54 -10.41
C SER E 4 -10.15 -23.50 -10.45
N ASP E 5 -9.52 -24.32 -9.60
CA ASP E 5 -8.07 -24.54 -9.51
C ASP E 5 -7.90 -26.07 -9.59
N GLY E 6 -7.89 -26.60 -10.82
CA GLY E 6 -8.06 -28.03 -11.04
C GLY E 6 -9.47 -28.49 -10.67
N ASN E 7 -9.66 -29.81 -10.68
CA ASN E 7 -10.92 -30.44 -10.27
C ASN E 7 -11.32 -30.22 -8.80
N TRP E 8 -10.32 -30.09 -7.92
CA TRP E 8 -10.60 -30.32 -6.50
C TRP E 8 -10.69 -29.03 -5.73
N LEU E 9 -10.09 -27.98 -6.28
CA LEU E 9 -9.97 -26.75 -5.53
C LEU E 9 -10.60 -25.53 -6.26
N ILE E 10 -10.51 -24.38 -5.60
CA ILE E 10 -11.02 -23.11 -6.16
C ILE E 10 -9.91 -22.10 -6.08
N GLN E 11 -9.84 -21.23 -7.08
CA GLN E 11 -8.95 -20.08 -7.02
C GLN E 11 -9.04 -19.32 -5.68
N PRO E 12 -7.86 -18.98 -5.13
CA PRO E 12 -7.74 -18.30 -3.83
C PRO E 12 -8.47 -16.96 -3.83
N GLY E 13 -9.28 -16.76 -2.81
CA GLY E 13 -10.01 -15.52 -2.69
C GLY E 13 -11.39 -15.49 -3.32
N LEU E 14 -11.76 -16.53 -4.04
CA LEU E 14 -13.05 -16.58 -4.69
C LEU E 14 -14.06 -17.34 -3.85
N ASN E 15 -15.22 -16.76 -3.62
CA ASN E 15 -16.28 -17.46 -2.92
C ASN E 15 -17.39 -17.76 -3.91
N LEU E 16 -17.81 -19.02 -3.98
CA LEU E 16 -18.78 -19.47 -4.99
C LEU E 16 -20.07 -19.94 -4.35
N ILE E 17 -21.20 -19.57 -4.95
CA ILE E 17 -22.47 -20.19 -4.62
C ILE E 17 -23.16 -20.62 -5.91
N HIS E 18 -23.98 -21.68 -5.84
CA HIS E 18 -24.53 -22.32 -7.03
C HIS E 18 -26.00 -22.64 -6.80
N PRO E 19 -26.87 -22.56 -7.80
CA PRO E 19 -28.22 -23.10 -7.61
C PRO E 19 -28.14 -24.63 -7.54
N LEU E 20 -28.56 -25.22 -6.41
CA LEU E 20 -28.35 -26.65 -6.10
C LEU E 20 -29.64 -27.37 -5.82
N GLN E 21 -30.75 -26.65 -5.62
CA GLN E 21 -32.02 -27.30 -5.27
C GLN E 21 -33.21 -26.44 -5.66
N VAL E 22 -34.15 -27.00 -6.41
CA VAL E 22 -35.35 -26.24 -6.74
C VAL E 22 -36.11 -25.96 -5.45
N PHE E 23 -36.41 -24.68 -5.20
CA PHE E 23 -37.29 -24.36 -4.08
C PHE E 23 -38.74 -24.15 -4.50
N GLU E 24 -38.95 -23.41 -5.59
CA GLU E 24 -40.31 -23.12 -6.04
C GLU E 24 -40.26 -22.83 -7.54
N VAL E 25 -41.34 -23.15 -8.22
CA VAL E 25 -41.45 -22.90 -9.64
C VAL E 25 -42.73 -22.13 -9.82
N GLU E 26 -42.68 -21.08 -10.64
CA GLU E 26 -43.85 -20.26 -10.88
C GLU E 26 -43.97 -19.92 -12.39
N GLN E 27 -45.18 -20.04 -12.91
CA GLN E 27 -45.45 -19.65 -14.27
C GLN E 27 -45.93 -18.22 -14.26
N GLN E 28 -45.24 -17.38 -15.04
CA GLN E 28 -45.64 -15.97 -15.22
C GLN E 28 -45.97 -15.76 -16.70
N ASP E 29 -47.26 -15.93 -17.04
CA ASP E 29 -47.75 -15.91 -18.44
C ASP E 29 -47.00 -16.93 -19.31
N ASN E 30 -46.11 -16.45 -20.18
CA ASN E 30 -45.37 -17.30 -21.10
C ASN E 30 -43.89 -17.53 -20.69
N GLU E 31 -43.60 -17.28 -19.41
CA GLU E 31 -42.26 -17.45 -18.82
C GLU E 31 -42.29 -18.33 -17.58
N MET E 32 -41.21 -19.08 -17.36
CA MET E 32 -41.14 -19.96 -16.23
C MET E 32 -40.04 -19.52 -15.26
N VAL E 33 -40.40 -19.33 -14.00
CA VAL E 33 -39.47 -18.87 -12.98
C VAL E 33 -39.12 -20.03 -12.04
N VAL E 34 -37.82 -20.27 -11.85
CA VAL E 34 -37.40 -21.24 -10.84
C VAL E 34 -36.58 -20.54 -9.77
N TYR E 35 -37.00 -20.67 -8.51
CA TYR E 35 -36.21 -20.16 -7.39
C TYR E 35 -35.33 -21.33 -6.92
N ALA E 36 -34.05 -21.08 -6.81
CA ALA E 36 -33.12 -22.18 -6.51
C ALA E 36 -32.14 -21.79 -5.43
N ALA E 37 -32.07 -22.67 -4.43
CA ALA E 37 -31.29 -22.42 -3.27
C ALA E 37 -29.87 -23.02 -3.41
N PRO E 38 -28.88 -22.38 -2.80
CA PRO E 38 -27.51 -22.89 -2.85
C PRO E 38 -27.20 -23.95 -1.79
N ARG E 39 -28.21 -24.43 -1.09
CA ARG E 39 -28.08 -25.53 -0.15
C ARG E 39 -29.45 -26.16 0.09
N ASP E 40 -29.48 -27.23 0.85
CA ASP E 40 -30.72 -27.96 1.09
C ASP E 40 -31.69 -27.05 1.92
N VAL E 41 -32.84 -26.68 1.35
CA VAL E 41 -33.78 -25.83 2.11
C VAL E 41 -35.18 -26.46 2.33
N ARG E 42 -35.21 -27.78 2.35
CA ARG E 42 -36.44 -28.50 2.61
C ARG E 42 -37.02 -28.20 3.98
N GLU E 43 -36.16 -28.07 5.00
CA GLU E 43 -36.60 -27.74 6.39
C GLU E 43 -36.60 -26.23 6.65
N ARG E 44 -37.62 -25.74 7.35
CA ARG E 44 -37.80 -24.30 7.59
C ARG E 44 -36.62 -23.68 8.27
N THR E 45 -35.92 -24.45 9.09
CA THR E 45 -34.81 -23.89 9.85
C THR E 45 -33.72 -23.34 8.90
N TRP E 46 -33.70 -23.85 7.67
CA TRP E 46 -32.72 -23.43 6.68
C TRP E 46 -33.27 -22.41 5.68
N GLN E 47 -34.55 -22.11 5.80
CA GLN E 47 -35.15 -21.15 4.85
C GLN E 47 -34.93 -19.70 5.25
N LEU E 48 -33.70 -19.38 5.66
CA LEU E 48 -33.31 -17.99 5.99
C LEU E 48 -31.80 -17.99 6.09
N ASP E 49 -31.18 -16.80 6.19
CA ASP E 49 -29.73 -16.72 6.20
C ASP E 49 -29.09 -17.50 5.05
N THR E 50 -29.61 -17.28 3.85
CA THR E 50 -29.07 -17.88 2.63
C THR E 50 -29.31 -17.01 1.38
N PRO E 51 -28.39 -17.00 0.42
CA PRO E 51 -28.71 -16.45 -0.91
C PRO E 51 -29.78 -17.32 -1.59
N LEU E 52 -30.35 -16.80 -2.67
CA LEU E 52 -31.30 -17.55 -3.50
C LEU E 52 -31.15 -17.06 -4.94
N PHE E 53 -31.09 -17.98 -5.91
CA PHE E 53 -31.03 -17.63 -7.31
C PHE E 53 -32.45 -17.62 -7.85
N THR E 54 -32.72 -16.68 -8.76
CA THR E 54 -33.97 -16.58 -9.49
C THR E 54 -33.61 -16.87 -10.95
N LEU E 55 -34.04 -18.02 -11.49
CA LEU E 55 -33.80 -18.34 -12.90
C LEU E 55 -35.10 -18.13 -13.70
N ARG E 56 -34.99 -17.43 -14.83
CA ARG E 56 -36.17 -17.15 -15.66
C ARG E 56 -35.89 -17.75 -17.05
N PHE E 57 -36.84 -18.57 -17.50
CA PHE E 57 -36.85 -19.18 -18.83
C PHE E 57 -37.95 -18.55 -19.69
N PHE E 58 -37.57 -18.15 -20.90
CA PHE E 58 -38.44 -17.41 -21.82
C PHE E 58 -37.94 -17.63 -23.26
N SER E 59 -38.76 -17.28 -24.23
CA SER E 59 -38.43 -17.52 -25.62
C SER E 59 -38.70 -16.29 -26.43
N PRO E 60 -37.64 -15.64 -26.95
CA PRO E 60 -37.81 -14.46 -27.79
C PRO E 60 -38.21 -14.78 -29.25
N GLN E 61 -37.97 -16.03 -29.68
CA GLN E 61 -38.17 -16.54 -31.05
C GLN E 61 -38.35 -18.06 -30.94
N GLU E 62 -39.05 -18.65 -31.90
CA GLU E 62 -39.25 -20.09 -31.97
C GLU E 62 -37.90 -20.79 -31.97
N GLY E 63 -37.76 -21.79 -31.13
CA GLY E 63 -36.55 -22.58 -31.03
C GLY E 63 -35.36 -21.90 -30.36
N ILE E 64 -35.59 -20.78 -29.68
CA ILE E 64 -34.57 -20.10 -28.86
C ILE E 64 -35.08 -20.06 -27.43
N VAL E 65 -34.29 -20.60 -26.50
CA VAL E 65 -34.65 -20.52 -25.08
C VAL E 65 -33.66 -19.60 -24.37
N GLY E 66 -34.20 -18.52 -23.83
CA GLY E 66 -33.48 -17.64 -22.92
C GLY E 66 -33.48 -18.15 -21.50
N VAL E 67 -32.29 -18.10 -20.91
CA VAL E 67 -32.04 -18.46 -19.51
C VAL E 67 -31.42 -17.21 -18.84
N ARG E 68 -32.14 -16.63 -17.88
CA ARG E 68 -31.61 -15.55 -17.07
C ARG E 68 -31.32 -16.05 -15.64
N ILE E 69 -30.07 -16.08 -15.24
CA ILE E 69 -29.75 -16.52 -13.88
C ILE E 69 -29.38 -15.33 -13.04
N GLU E 70 -30.09 -15.14 -11.95
CA GLU E 70 -29.91 -13.86 -11.30
C GLU E 70 -29.74 -13.92 -9.77
N HIS E 71 -28.86 -13.04 -9.26
CA HIS E 71 -28.62 -12.89 -7.82
C HIS E 71 -29.37 -11.63 -7.37
N PHE E 72 -28.70 -10.47 -7.24
CA PHE E 72 -29.37 -9.24 -6.80
C PHE E 72 -30.04 -8.50 -7.98
N GLN E 73 -31.28 -8.03 -7.81
CA GLN E 73 -31.96 -7.26 -8.87
C GLN E 73 -31.83 -5.75 -8.64
N GLY E 74 -31.23 -5.34 -7.52
CA GLY E 74 -31.18 -3.93 -7.16
C GLY E 74 -30.06 -3.17 -7.84
N ALA E 75 -29.24 -3.87 -8.60
CA ALA E 75 -28.12 -3.18 -9.23
C ALA E 75 -28.60 -2.22 -10.33
N LEU E 76 -27.83 -1.18 -10.54
CA LEU E 76 -27.95 -0.33 -11.68
C LEU E 76 -27.78 -1.17 -12.95
N ASN E 77 -28.59 -0.91 -13.96
CA ASN E 77 -28.44 -1.66 -15.20
C ASN E 77 -28.68 -0.71 -16.36
N ASN E 78 -27.64 0.06 -16.70
CA ASN E 78 -27.67 0.97 -17.84
C ASN E 78 -27.38 0.22 -19.14
N GLY E 79 -27.97 0.71 -20.24
CA GLY E 79 -27.62 0.27 -21.58
C GLY E 79 -26.23 0.72 -22.00
N PRO E 80 -25.83 0.48 -23.24
CA PRO E 80 -26.71 -0.11 -24.25
C PRO E 80 -26.88 -1.61 -24.13
N HIS E 81 -27.90 -2.12 -24.79
CA HIS E 81 -28.20 -3.53 -24.86
C HIS E 81 -28.06 -3.95 -26.29
N TYR E 82 -27.82 -5.23 -26.54
CA TYR E 82 -27.79 -5.72 -27.90
C TYR E 82 -29.13 -5.47 -28.62
N PRO E 83 -29.07 -5.25 -29.93
CA PRO E 83 -30.25 -4.94 -30.76
C PRO E 83 -31.05 -6.20 -31.17
N LEU E 84 -31.57 -6.87 -30.18
CA LEU E 84 -32.22 -8.14 -30.31
C LEU E 84 -33.69 -7.96 -30.72
N ASN E 85 -34.14 -8.85 -31.60
CA ASN E 85 -35.54 -8.90 -31.99
C ASN E 85 -36.27 -9.83 -31.06
N ILE E 86 -36.99 -9.26 -30.11
CA ILE E 86 -37.63 -10.08 -29.11
C ILE E 86 -39.14 -10.06 -29.31
N LEU E 87 -39.68 -11.23 -29.65
CA LEU E 87 -41.13 -11.37 -29.79
C LEU E 87 -41.78 -11.62 -28.43
N GLN E 88 -43.01 -11.12 -28.27
CA GLN E 88 -43.72 -11.18 -26.99
C GLN E 88 -44.76 -12.31 -26.92
N ASP E 89 -45.00 -13.01 -28.02
CA ASP E 89 -46.11 -13.97 -28.11
C ASP E 89 -45.76 -15.34 -28.71
N VAL E 90 -44.48 -15.70 -28.64
CA VAL E 90 -43.98 -16.97 -29.12
C VAL E 90 -44.75 -18.07 -28.39
N LYS E 91 -45.24 -19.04 -29.14
CA LYS E 91 -45.97 -20.15 -28.54
C LYS E 91 -44.99 -21.07 -27.76
N VAL E 92 -45.23 -21.22 -26.46
CA VAL E 92 -44.39 -22.02 -25.59
C VAL E 92 -45.24 -23.03 -24.80
N THR E 93 -44.59 -24.07 -24.30
CA THR E 93 -45.18 -25.00 -23.32
C THR E 93 -44.40 -25.01 -22.01
N ILE E 94 -45.13 -25.05 -20.90
CA ILE E 94 -44.53 -25.03 -19.59
C ILE E 94 -45.16 -26.16 -18.80
N GLU E 95 -44.34 -27.12 -18.39
CA GLU E 95 -44.84 -28.15 -17.54
C GLU E 95 -44.04 -28.21 -16.23
N ASN E 96 -44.80 -28.10 -15.16
CA ASN E 96 -44.26 -28.18 -13.81
C ASN E 96 -44.76 -29.45 -13.15
N THR E 97 -43.90 -30.48 -13.09
CA THR E 97 -44.28 -31.75 -12.46
C THR E 97 -43.51 -31.95 -11.17
N GLU E 98 -43.73 -33.10 -10.56
CA GLU E 98 -43.05 -33.46 -9.31
C GLU E 98 -41.53 -33.64 -9.51
N ARG E 99 -41.15 -34.17 -10.68
CA ARG E 99 -39.74 -34.44 -11.00
C ARG E 99 -38.99 -33.25 -11.62
N TYR E 100 -39.70 -32.42 -12.39
CA TYR E 100 -39.10 -31.46 -13.30
C TYR E 100 -39.92 -30.22 -13.48
N ALA E 101 -39.22 -29.16 -13.83
CA ALA E 101 -39.81 -27.97 -14.39
C ALA E 101 -39.25 -27.84 -15.83
N GLU E 102 -40.16 -27.78 -16.80
CA GLU E 102 -39.71 -27.80 -18.19
C GLU E 102 -40.35 -26.70 -19.04
N PHE E 103 -39.49 -25.93 -19.71
CA PHE E 103 -39.94 -24.85 -20.57
C PHE E 103 -39.57 -25.18 -22.02
N LYS E 104 -40.53 -25.09 -22.94
CA LYS E 104 -40.30 -25.57 -24.30
C LYS E 104 -40.72 -24.59 -25.39
N SER E 105 -39.83 -24.38 -26.36
CA SER E 105 -40.11 -23.52 -27.50
C SER E 105 -39.66 -24.24 -28.77
N GLY E 106 -40.64 -24.53 -29.63
CA GLY E 106 -40.44 -25.40 -30.78
C GLY E 106 -39.99 -26.78 -30.35
N ASN E 107 -38.85 -27.23 -30.84
CA ASN E 107 -38.28 -28.54 -30.46
C ASN E 107 -37.27 -28.51 -29.31
N LEU E 108 -36.97 -27.31 -28.82
CA LEU E 108 -36.01 -27.07 -27.76
C LEU E 108 -36.65 -26.80 -26.42
N SER E 109 -36.21 -27.55 -25.42
CA SER E 109 -36.64 -27.27 -24.06
C SER E 109 -35.49 -27.08 -23.12
N ALA E 110 -35.79 -26.34 -22.05
CA ALA E 110 -34.88 -26.36 -20.90
C ALA E 110 -35.66 -27.04 -19.79
N ARG E 111 -35.03 -28.00 -19.13
CA ARG E 111 -35.63 -28.78 -18.05
C ARG E 111 -34.77 -28.75 -16.78
N VAL E 112 -35.39 -28.35 -15.67
CA VAL E 112 -34.71 -28.35 -14.38
C VAL E 112 -35.18 -29.55 -13.56
N SER E 113 -34.24 -30.30 -13.04
CA SER E 113 -34.56 -31.44 -12.16
C SER E 113 -34.80 -31.02 -10.73
N LYS E 114 -35.96 -31.41 -10.18
CA LYS E 114 -36.29 -31.15 -8.78
C LYS E 114 -35.62 -32.15 -7.82
N GLY E 115 -35.58 -31.82 -6.53
CA GLY E 115 -35.14 -32.80 -5.56
C GLY E 115 -33.67 -32.73 -5.31
N GLU E 116 -33.11 -33.85 -4.86
CA GLU E 116 -31.74 -33.90 -4.39
C GLU E 116 -30.70 -33.86 -5.49
N PHE E 117 -31.07 -34.18 -6.73
CA PHE E 117 -30.08 -34.16 -7.81
C PHE E 117 -30.37 -33.09 -8.84
N TRP E 118 -29.93 -31.87 -8.55
CA TRP E 118 -30.11 -30.74 -9.45
C TRP E 118 -29.49 -31.04 -10.83
N SER E 119 -30.15 -30.52 -11.87
CA SER E 119 -29.64 -30.62 -13.22
C SER E 119 -30.37 -29.62 -14.11
N LEU E 120 -29.62 -28.93 -14.98
CA LEU E 120 -30.21 -28.10 -16.05
C LEU E 120 -29.86 -28.71 -17.41
N ASP E 121 -30.88 -29.20 -18.12
CA ASP E 121 -30.71 -29.93 -19.39
C ASP E 121 -31.43 -29.20 -20.51
N PHE E 122 -30.75 -29.02 -21.63
CA PHE E 122 -31.38 -28.50 -22.83
C PHE E 122 -31.64 -29.69 -23.72
N LEU E 123 -32.89 -29.81 -24.16
CA LEU E 123 -33.38 -31.01 -24.85
C LEU E 123 -33.96 -30.68 -26.21
N ARG E 124 -33.63 -31.50 -27.19
CA ARG E 124 -34.29 -31.34 -28.49
C ARG E 124 -35.16 -32.57 -28.70
N ASN E 125 -36.47 -32.36 -28.70
CA ASN E 125 -37.43 -33.46 -28.64
C ASN E 125 -37.07 -34.51 -27.61
N GLY E 126 -36.66 -34.08 -26.42
CA GLY E 126 -36.33 -34.98 -25.32
C GLY E 126 -34.95 -35.63 -25.35
N GLU E 127 -34.11 -35.26 -26.30
CA GLU E 127 -32.74 -35.76 -26.29
C GLU E 127 -31.81 -34.61 -25.86
N ARG E 128 -30.93 -34.90 -24.91
CA ARG E 128 -30.14 -33.88 -24.26
C ARG E 128 -29.04 -33.48 -25.19
N ILE E 129 -29.10 -32.24 -25.68
CA ILE E 129 -28.03 -31.72 -26.52
C ILE E 129 -26.88 -31.07 -25.73
N THR E 130 -27.19 -30.51 -24.56
CA THR E 130 -26.18 -29.94 -23.68
C THR E 130 -26.82 -29.65 -22.35
N GLY E 131 -26.10 -28.96 -21.49
CA GLY E 131 -26.66 -28.59 -20.22
C GLY E 131 -25.62 -28.21 -19.22
N SER E 132 -26.11 -27.86 -18.02
CA SER E 132 -25.29 -27.38 -16.93
C SER E 132 -25.44 -28.38 -15.78
N GLN E 133 -24.35 -29.05 -15.44
CA GLN E 133 -24.36 -29.97 -14.32
C GLN E 133 -24.28 -29.15 -13.01
N VAL E 134 -24.76 -29.74 -11.91
CA VAL E 134 -24.75 -29.09 -10.58
C VAL E 134 -23.36 -28.49 -10.22
N LYS E 135 -23.35 -27.25 -9.72
CA LYS E 135 -22.11 -26.53 -9.36
C LYS E 135 -21.34 -26.01 -10.59
N ASN E 136 -21.93 -26.14 -11.77
CA ASN E 136 -21.32 -25.54 -12.96
C ASN E 136 -21.87 -24.19 -13.39
N ASN E 137 -22.83 -23.66 -12.63
CA ASN E 137 -23.16 -22.26 -12.77
C ASN E 137 -23.28 -21.55 -11.41
N GLY E 138 -23.50 -20.24 -11.42
CA GLY E 138 -23.69 -19.49 -10.18
C GLY E 138 -22.91 -18.20 -10.08
N TYR E 139 -22.58 -17.79 -8.87
CA TYR E 139 -22.10 -16.43 -8.59
C TYR E 139 -20.72 -16.51 -7.95
N VAL E 140 -19.81 -15.65 -8.38
CA VAL E 140 -18.42 -15.59 -7.87
C VAL E 140 -18.25 -14.29 -7.14
N GLN E 141 -17.89 -14.35 -5.86
CA GLN E 141 -17.49 -13.17 -5.11
C GLN E 141 -15.96 -13.19 -5.10
N ASP E 142 -15.40 -12.27 -5.87
CA ASP E 142 -13.97 -12.17 -5.92
C ASP E 142 -13.48 -11.13 -4.89
N THR E 143 -12.99 -11.62 -3.75
CA THR E 143 -12.55 -10.76 -2.65
C THR E 143 -11.18 -10.20 -2.88
N ASN E 144 -10.44 -10.71 -3.88
CA ASN E 144 -9.14 -10.10 -4.18
C ASN E 144 -9.28 -8.73 -4.81
N ASN E 145 -10.22 -8.60 -5.74
CA ASN E 145 -10.40 -7.37 -6.48
C ASN E 145 -11.77 -6.73 -6.24
N GLN E 146 -12.54 -7.33 -5.33
CA GLN E 146 -13.84 -6.79 -4.89
C GLN E 146 -14.92 -6.77 -6.00
N ARG E 147 -14.74 -7.60 -7.03
CA ARG E 147 -15.74 -7.71 -8.11
C ARG E 147 -16.56 -9.00 -8.00
N ASN E 148 -17.80 -8.94 -8.47
CA ASN E 148 -18.67 -10.11 -8.49
C ASN E 148 -19.05 -10.52 -9.91
N TYR E 149 -19.08 -11.83 -10.16
CA TYR E 149 -19.31 -12.39 -11.50
C TYR E 149 -20.42 -13.44 -11.44
N MET E 150 -21.07 -13.67 -12.59
CA MET E 150 -21.97 -14.83 -12.76
C MET E 150 -21.35 -15.67 -13.85
N PHE E 151 -21.42 -16.99 -13.69
CA PHE E 151 -20.87 -17.87 -14.70
C PHE E 151 -21.75 -19.05 -15.02
N GLU E 152 -21.52 -19.59 -16.19
CA GLU E 152 -22.08 -20.88 -16.59
C GLU E 152 -21.04 -21.72 -17.31
N ARG E 153 -21.27 -23.03 -17.30
CA ARG E 153 -20.51 -24.01 -18.08
C ARG E 153 -21.46 -24.98 -18.74
N LEU E 154 -21.57 -24.86 -20.07
CA LEU E 154 -22.42 -25.79 -20.82
C LEU E 154 -21.61 -26.99 -21.34
N ASP E 155 -22.11 -28.20 -21.14
CA ASP E 155 -21.40 -29.41 -21.51
C ASP E 155 -21.03 -29.53 -22.98
N LEU E 156 -19.88 -30.17 -23.21
CA LEU E 156 -19.44 -30.66 -24.52
C LEU E 156 -19.36 -32.20 -24.49
N GLY E 157 -19.99 -32.84 -25.47
CA GLY E 157 -19.98 -34.28 -25.61
C GLY E 157 -18.72 -34.82 -26.27
N VAL E 158 -18.61 -36.14 -26.33
CA VAL E 158 -17.45 -36.75 -27.00
C VAL E 158 -17.43 -36.25 -28.45
N GLY E 159 -16.26 -35.76 -28.87
CA GLY E 159 -16.06 -35.22 -30.22
C GLY E 159 -16.80 -33.92 -30.54
N GLU E 160 -17.37 -33.24 -29.55
CA GLU E 160 -18.09 -31.99 -29.86
C GLU E 160 -17.14 -30.79 -30.00
N THR E 161 -17.12 -30.16 -31.18
CA THR E 161 -16.21 -29.08 -31.44
C THR E 161 -16.94 -27.74 -31.47
N VAL E 162 -16.21 -26.66 -31.20
CA VAL E 162 -16.84 -25.37 -30.98
C VAL E 162 -16.30 -24.34 -31.95
N TYR E 163 -17.17 -23.49 -32.52
CA TYR E 163 -16.76 -22.52 -33.53
C TYR E 163 -17.36 -21.14 -33.27
N GLY E 164 -16.77 -20.11 -33.87
CA GLY E 164 -17.38 -18.79 -33.87
C GLY E 164 -16.73 -17.84 -32.87
N LEU E 165 -17.56 -17.12 -32.10
CA LEU E 165 -17.08 -16.10 -31.17
C LEU E 165 -16.42 -14.90 -31.88
N GLY E 166 -16.81 -14.68 -33.13
CA GLY E 166 -16.37 -13.50 -33.85
C GLY E 166 -15.30 -13.78 -34.91
N GLU E 167 -14.70 -12.74 -35.45
CA GLU E 167 -13.65 -12.90 -36.47
C GLU E 167 -12.35 -13.14 -35.69
N ARG E 168 -11.97 -14.42 -35.50
CA ARG E 168 -10.74 -14.75 -34.75
C ARG E 168 -9.74 -15.48 -35.62
N PHE E 169 -8.45 -15.29 -35.29
CA PHE E 169 -7.34 -15.73 -36.15
C PHE E 169 -6.54 -16.91 -35.61
N THR E 170 -6.88 -17.37 -34.40
CA THR E 170 -6.33 -18.59 -33.80
C THR E 170 -6.91 -19.83 -34.53
N ALA E 171 -6.63 -21.02 -34.02
CA ALA E 171 -7.15 -22.26 -34.62
C ALA E 171 -8.68 -22.15 -34.74
N LEU E 172 -9.20 -22.64 -35.86
CA LEU E 172 -10.61 -22.58 -36.23
C LEU E 172 -11.52 -23.14 -35.13
N VAL E 173 -11.20 -24.36 -34.70
CA VAL E 173 -11.92 -25.03 -33.64
C VAL E 173 -11.48 -24.49 -32.29
N ARG E 174 -12.48 -24.09 -31.49
CA ARG E 174 -12.24 -23.32 -30.28
C ARG E 174 -11.76 -24.14 -29.05
N ASN E 175 -12.00 -25.44 -29.04
CA ASN E 175 -11.66 -26.28 -27.89
C ASN E 175 -10.18 -26.04 -27.57
N GLY E 176 -9.91 -25.77 -26.31
CA GLY E 176 -8.58 -25.47 -25.76
C GLY E 176 -8.25 -23.97 -25.57
N GLN E 177 -9.13 -23.10 -26.04
CA GLN E 177 -8.86 -21.65 -26.03
C GLN E 177 -9.65 -20.85 -25.02
N THR E 178 -8.97 -19.82 -24.49
CA THR E 178 -9.59 -18.70 -23.78
C THR E 178 -9.94 -17.61 -24.78
N VAL E 179 -11.18 -17.13 -24.77
CA VAL E 179 -11.51 -15.98 -25.59
C VAL E 179 -12.30 -14.92 -24.80
N GLU E 180 -11.83 -13.69 -24.89
CA GLU E 180 -12.45 -12.53 -24.27
C GLU E 180 -13.06 -11.68 -25.34
N THR E 181 -14.39 -11.47 -25.26
CA THR E 181 -15.05 -10.70 -26.28
C THR E 181 -14.93 -9.20 -26.05
N TRP E 182 -13.84 -8.65 -26.55
CA TRP E 182 -13.47 -7.28 -26.26
C TRP E 182 -12.74 -6.78 -27.48
N ASN E 183 -13.39 -5.88 -28.23
CA ASN E 183 -12.82 -5.34 -29.47
C ASN E 183 -11.45 -4.72 -29.22
N ARG E 184 -10.50 -5.07 -30.10
CA ARG E 184 -9.14 -4.56 -30.01
C ARG E 184 -8.53 -4.33 -31.38
N ASP E 185 -7.56 -3.44 -31.46
CA ASP E 185 -6.78 -3.29 -32.68
C ASP E 185 -5.44 -4.02 -32.45
N GLY E 186 -5.46 -5.32 -32.74
CA GLY E 186 -4.32 -6.21 -32.55
C GLY E 186 -3.80 -6.85 -33.82
N GLY E 187 -4.29 -6.41 -34.96
CA GLY E 187 -3.96 -7.04 -36.25
C GLY E 187 -4.63 -8.41 -36.38
N THR E 188 -4.09 -9.29 -37.23
CA THR E 188 -4.69 -10.61 -37.51
C THR E 188 -3.79 -11.73 -37.04
N SER E 189 -2.75 -11.43 -36.28
CA SER E 189 -1.75 -12.44 -36.02
C SER E 189 -1.70 -12.85 -34.54
N THR E 190 -2.71 -12.42 -33.77
CA THR E 190 -2.74 -12.70 -32.33
C THR E 190 -4.08 -13.29 -31.89
N GLU E 191 -4.21 -13.53 -30.58
CA GLU E 191 -5.47 -13.96 -29.99
C GLU E 191 -6.54 -12.84 -29.99
N GLN E 192 -6.13 -11.61 -30.31
CA GLN E 192 -7.04 -10.46 -30.28
C GLN E 192 -7.91 -10.44 -31.54
N ALA E 193 -9.06 -9.74 -31.44
CA ALA E 193 -9.99 -9.59 -32.55
C ALA E 193 -10.56 -8.18 -32.62
N TYR E 194 -10.73 -7.71 -33.85
CA TYR E 194 -11.38 -6.42 -34.09
C TYR E 194 -12.89 -6.61 -33.96
N LYS E 195 -13.35 -7.81 -34.25
CA LYS E 195 -14.79 -8.13 -34.32
C LYS E 195 -15.16 -9.30 -33.41
N ASN E 196 -15.62 -8.99 -32.19
CA ASN E 196 -15.94 -10.00 -31.20
C ASN E 196 -17.47 -10.19 -31.10
N ILE E 197 -17.91 -11.42 -30.93
CA ILE E 197 -19.33 -11.73 -30.85
C ILE E 197 -19.37 -12.86 -29.83
N PRO E 198 -20.08 -12.64 -28.72
CA PRO E 198 -20.20 -13.68 -27.69
C PRO E 198 -21.24 -14.74 -28.09
N PHE E 199 -21.11 -15.24 -29.32
CA PHE E 199 -21.93 -16.32 -29.85
C PHE E 199 -21.02 -17.45 -30.32
N TYR E 200 -21.34 -18.68 -29.91
CA TYR E 200 -20.64 -19.82 -30.48
C TYR E 200 -21.65 -20.84 -30.99
N MET E 201 -21.23 -21.70 -31.89
CA MET E 201 -22.04 -22.90 -32.19
C MET E 201 -21.21 -24.16 -32.22
N THR E 202 -21.84 -25.31 -32.19
CA THR E 202 -21.07 -26.57 -32.18
C THR E 202 -21.44 -27.48 -33.36
N ASN E 203 -20.63 -28.52 -33.63
CA ASN E 203 -21.01 -29.55 -34.62
C ASN E 203 -22.13 -30.45 -34.09
N ARG E 204 -22.82 -30.07 -33.02
CA ARG E 204 -24.01 -30.83 -32.57
C ARG E 204 -25.29 -30.08 -32.92
N GLY E 205 -25.14 -29.01 -33.67
CA GLY E 205 -26.28 -28.31 -34.23
C GLY E 205 -27.09 -27.47 -33.28
N TYR E 206 -26.41 -26.76 -32.39
CA TYR E 206 -27.05 -25.70 -31.61
C TYR E 206 -26.05 -24.57 -31.44
N GLY E 207 -26.57 -23.44 -31.03
CA GLY E 207 -25.73 -22.28 -30.80
C GLY E 207 -26.05 -21.66 -29.47
N VAL E 208 -25.15 -20.78 -29.02
CA VAL E 208 -25.40 -19.99 -27.81
C VAL E 208 -24.93 -18.57 -27.86
N LEU E 209 -25.86 -17.66 -27.59
CA LEU E 209 -25.54 -16.25 -27.55
C LEU E 209 -25.54 -15.84 -26.09
N VAL E 210 -24.45 -15.26 -25.63
CA VAL E 210 -24.37 -14.77 -24.27
C VAL E 210 -24.68 -13.29 -24.31
N ASN E 211 -25.77 -12.93 -23.63
CA ASN E 211 -26.43 -11.66 -23.92
C ASN E 211 -25.83 -10.51 -23.10
N HIS E 212 -24.53 -10.27 -23.28
CA HIS E 212 -23.88 -9.17 -22.57
C HIS E 212 -22.89 -8.44 -23.48
N PRO E 213 -23.12 -7.16 -23.74
CA PRO E 213 -22.20 -6.34 -24.56
C PRO E 213 -20.80 -6.08 -23.94
N GLN E 214 -20.69 -6.15 -22.62
CA GLN E 214 -19.40 -5.90 -21.94
C GLN E 214 -18.47 -7.11 -22.20
N CYS E 215 -17.29 -7.13 -21.59
CA CYS E 215 -16.41 -8.31 -21.73
C CYS E 215 -17.05 -9.61 -21.19
N VAL E 216 -17.20 -10.61 -22.04
CA VAL E 216 -17.55 -11.94 -21.61
C VAL E 216 -16.28 -12.82 -21.73
N SER E 217 -15.96 -13.54 -20.67
CA SER E 217 -14.74 -14.36 -20.68
C SER E 217 -15.13 -15.78 -20.91
N PHE E 218 -14.79 -16.32 -22.07
CA PHE E 218 -15.04 -17.72 -22.39
C PHE E 218 -13.80 -18.56 -22.12
N GLU E 219 -13.97 -19.70 -21.44
CA GLU E 219 -12.94 -20.73 -21.39
C GLU E 219 -13.50 -21.93 -22.14
N VAL E 220 -13.12 -22.07 -23.38
CA VAL E 220 -13.75 -23.05 -24.25
C VAL E 220 -12.95 -24.36 -24.11
N GLY E 221 -13.38 -25.22 -23.19
CA GLY E 221 -12.65 -26.44 -22.86
C GLY E 221 -11.23 -26.16 -22.39
N SER E 222 -10.97 -24.96 -21.87
CA SER E 222 -9.63 -24.50 -21.47
C SER E 222 -9.43 -24.41 -19.93
N GLU E 223 -10.54 -24.46 -19.19
CA GLU E 223 -10.52 -24.59 -17.73
C GLU E 223 -11.13 -25.94 -17.38
N LYS E 224 -12.35 -26.17 -17.83
CA LYS E 224 -12.99 -27.49 -17.72
C LYS E 224 -13.01 -28.00 -19.15
N VAL E 225 -12.23 -29.07 -19.40
CA VAL E 225 -11.97 -29.52 -20.77
C VAL E 225 -13.20 -30.01 -21.54
N SER E 226 -14.25 -30.42 -20.84
CA SER E 226 -15.47 -30.90 -21.51
C SER E 226 -16.64 -29.94 -21.34
N LYS E 227 -16.35 -28.64 -21.16
CA LYS E 227 -17.40 -27.62 -20.98
C LYS E 227 -16.99 -26.34 -21.66
N VAL E 228 -17.98 -25.54 -22.07
CA VAL E 228 -17.70 -24.18 -22.44
C VAL E 228 -18.17 -23.35 -21.25
N GLN E 229 -17.21 -22.68 -20.61
CA GLN E 229 -17.46 -21.78 -19.49
C GLN E 229 -17.53 -20.34 -19.97
N PHE E 230 -18.50 -19.58 -19.47
CA PHE E 230 -18.50 -18.15 -19.72
C PHE E 230 -18.91 -17.40 -18.47
N SER E 231 -18.33 -16.24 -18.27
CA SER E 231 -18.59 -15.48 -17.05
C SER E 231 -18.56 -14.02 -17.40
N VAL E 232 -19.26 -13.22 -16.60
CA VAL E 232 -19.35 -11.83 -16.90
C VAL E 232 -19.45 -11.08 -15.54
N GLU E 233 -18.89 -9.88 -15.46
CA GLU E 233 -19.01 -9.11 -14.21
C GLU E 233 -20.43 -8.52 -14.15
N SER E 234 -21.31 -9.10 -13.34
CA SER E 234 -22.74 -8.74 -13.37
C SER E 234 -23.43 -9.47 -12.23
N GLU E 235 -24.54 -8.91 -11.74
CA GLU E 235 -25.42 -9.59 -10.81
C GLU E 235 -26.35 -10.60 -11.45
N TYR E 236 -26.38 -10.66 -12.80
CA TYR E 236 -27.18 -11.66 -13.49
C TYR E 236 -26.43 -12.11 -14.73
N LEU E 237 -26.76 -13.30 -15.21
CA LEU E 237 -26.23 -13.82 -16.47
C LEU E 237 -27.42 -14.19 -17.29
N GLU E 238 -27.42 -13.76 -18.57
CA GLU E 238 -28.47 -14.12 -19.50
C GLU E 238 -27.85 -14.70 -20.76
N TYR E 239 -28.31 -15.88 -21.14
CA TYR E 239 -27.89 -16.48 -22.39
C TYR E 239 -29.05 -17.15 -23.14
N PHE E 240 -28.90 -17.29 -24.45
CA PHE E 240 -29.88 -17.96 -25.28
C PHE E 240 -29.29 -19.19 -25.92
N VAL E 241 -29.96 -20.32 -25.73
CA VAL E 241 -29.67 -21.55 -26.49
C VAL E 241 -30.56 -21.57 -27.74
N ILE E 242 -29.89 -21.71 -28.89
CA ILE E 242 -30.51 -21.58 -30.21
C ILE E 242 -30.44 -22.93 -30.94
N ASP E 243 -31.61 -23.50 -31.24
CA ASP E 243 -31.72 -24.83 -31.84
C ASP E 243 -31.33 -24.78 -33.31
N GLY E 244 -30.88 -25.91 -33.84
CA GLY E 244 -30.63 -26.10 -35.26
C GLY E 244 -31.78 -26.88 -35.92
N PRO E 245 -31.65 -28.17 -36.17
CA PRO E 245 -30.58 -29.04 -35.66
C PRO E 245 -29.27 -29.03 -36.49
N THR E 246 -29.21 -28.09 -37.40
CA THR E 246 -28.12 -27.97 -38.33
C THR E 246 -27.41 -26.62 -38.17
N PRO E 247 -26.09 -26.57 -38.35
CA PRO E 247 -25.39 -25.29 -38.32
C PRO E 247 -26.06 -24.19 -39.13
N LYS E 248 -26.49 -24.45 -40.38
CA LYS E 248 -27.15 -23.38 -41.14
C LYS E 248 -28.48 -22.98 -40.49
N ALA E 249 -29.17 -23.93 -39.85
CA ALA E 249 -30.48 -23.64 -39.20
C ALA E 249 -30.26 -22.83 -37.90
N VAL E 250 -29.12 -23.08 -37.25
CA VAL E 250 -28.70 -22.24 -36.12
C VAL E 250 -28.53 -20.79 -36.55
N LEU E 251 -27.77 -20.57 -37.62
CA LEU E 251 -27.46 -19.23 -38.07
C LEU E 251 -28.69 -18.49 -38.59
N ASP E 252 -29.62 -19.27 -39.10
CA ASP E 252 -30.91 -18.73 -39.58
C ASP E 252 -31.68 -18.14 -38.40
N ARG E 253 -31.85 -18.91 -37.34
CA ARG E 253 -32.46 -18.35 -36.11
C ARG E 253 -31.64 -17.21 -35.50
N TYR E 254 -30.32 -17.39 -35.39
CA TYR E 254 -29.45 -16.33 -34.88
C TYR E 254 -29.56 -15.01 -35.61
N THR E 255 -29.60 -15.06 -36.95
CA THR E 255 -29.67 -13.79 -37.68
C THR E 255 -31.08 -13.24 -37.71
N ARG E 256 -32.09 -14.11 -37.68
CA ARG E 256 -33.45 -13.59 -37.45
C ARG E 256 -33.48 -12.89 -36.10
N PHE E 257 -32.79 -13.47 -35.11
CA PHE E 257 -32.80 -12.90 -33.76
C PHE E 257 -32.00 -11.59 -33.65
N THR E 258 -30.80 -11.56 -34.24
CA THR E 258 -29.88 -10.41 -34.02
C THR E 258 -29.66 -9.51 -35.20
N GLY E 259 -30.01 -9.99 -36.39
CA GLY E 259 -29.87 -9.16 -37.58
C GLY E 259 -29.55 -9.97 -38.82
N ARG E 260 -30.27 -9.68 -39.91
CA ARG E 260 -30.01 -10.27 -41.22
C ARG E 260 -28.91 -9.45 -41.93
N PRO E 261 -27.88 -10.11 -42.49
CA PRO E 261 -26.93 -9.41 -43.38
C PRO E 261 -27.73 -8.74 -44.48
N ALA E 262 -27.46 -7.48 -44.78
CA ALA E 262 -28.15 -6.80 -45.90
C ALA E 262 -27.60 -7.38 -47.22
N LEU E 263 -28.32 -7.19 -48.32
CA LEU E 263 -27.83 -7.64 -49.63
C LEU E 263 -27.01 -6.53 -50.28
N PRO E 264 -25.68 -6.66 -50.39
CA PRO E 264 -24.88 -5.57 -50.98
C PRO E 264 -25.23 -5.43 -52.49
N PRO E 265 -25.07 -4.25 -53.09
CA PRO E 265 -25.29 -4.08 -54.53
C PRO E 265 -24.31 -4.93 -55.35
N ALA E 266 -24.76 -5.40 -56.52
CA ALA E 266 -23.89 -6.25 -57.34
C ALA E 266 -22.54 -5.60 -57.70
N TRP E 267 -22.52 -4.28 -57.87
CA TRP E 267 -21.24 -3.64 -58.21
C TRP E 267 -20.14 -3.91 -57.20
N SER E 268 -20.51 -4.07 -55.92
CA SER E 268 -19.56 -4.23 -54.82
C SER E 268 -18.84 -5.55 -54.89
N PHE E 269 -19.38 -6.48 -55.67
CA PHE E 269 -18.73 -7.78 -55.88
C PHE E 269 -17.60 -7.77 -56.94
N GLY E 270 -17.35 -6.63 -57.57
CA GLY E 270 -16.24 -6.52 -58.51
C GLY E 270 -14.87 -6.33 -57.83
N LEU E 271 -13.85 -5.92 -58.59
CA LEU E 271 -12.51 -5.78 -58.00
C LEU E 271 -12.39 -4.37 -57.45
N TRP E 272 -11.99 -4.25 -56.17
CA TRP E 272 -11.58 -2.99 -55.52
C TRP E 272 -10.05 -2.79 -55.57
N LEU E 273 -9.62 -1.55 -55.81
CA LEU E 273 -8.21 -1.26 -55.70
C LEU E 273 -8.10 0.02 -54.86
N THR E 274 -7.07 0.07 -54.01
CA THR E 274 -6.85 1.27 -53.23
C THR E 274 -5.57 1.98 -53.61
N THR E 275 -5.39 3.16 -52.99
CA THR E 275 -4.19 3.94 -53.14
C THR E 275 -3.03 3.35 -52.33
N SER E 276 -3.32 2.32 -51.54
CA SER E 276 -2.51 1.92 -50.39
C SER E 276 -2.46 2.98 -49.27
N PHE E 277 -1.82 2.66 -48.13
CA PHE E 277 -1.97 3.44 -46.89
C PHE E 277 -0.98 4.63 -46.79
N THR E 278 0.30 4.33 -46.50
CA THR E 278 1.31 5.41 -46.37
C THR E 278 2.18 5.63 -47.63
N THR E 279 1.78 5.04 -48.74
CA THR E 279 2.35 5.36 -50.06
C THR E 279 2.04 6.79 -50.41
N ASN E 280 2.65 7.26 -51.52
CA ASN E 280 2.31 8.57 -52.05
C ASN E 280 1.10 8.47 -52.99
N TYR E 281 0.25 9.47 -52.96
CA TYR E 281 -0.86 9.49 -53.91
C TYR E 281 -1.42 10.87 -54.06
N ASP E 282 -1.73 11.21 -55.30
CA ASP E 282 -2.46 12.45 -55.63
C ASP E 282 -3.28 12.11 -56.86
N GLU E 283 -3.85 13.11 -57.53
CA GLU E 283 -4.73 12.83 -58.65
C GLU E 283 -4.03 12.09 -59.78
N ALA E 284 -2.79 12.50 -60.04
CA ALA E 284 -2.00 11.90 -61.12
C ALA E 284 -1.67 10.44 -60.85
N THR E 285 -1.27 10.13 -59.62
CA THR E 285 -0.98 8.76 -59.23
C THR E 285 -2.23 7.89 -59.36
N VAL E 286 -3.36 8.40 -58.88
CA VAL E 286 -4.60 7.63 -58.91
C VAL E 286 -4.97 7.40 -60.37
N ASN E 287 -4.79 8.41 -61.21
CA ASN E 287 -5.02 8.22 -62.65
C ASN E 287 -4.10 7.20 -63.31
N SER E 288 -2.84 7.14 -62.88
CA SER E 288 -1.91 6.15 -63.44
C SER E 288 -2.29 4.71 -63.08
N PHE E 289 -2.86 4.51 -61.88
CA PHE E 289 -3.32 3.17 -61.51
C PHE E 289 -4.51 2.77 -62.37
N ILE E 290 -5.50 3.65 -62.46
CA ILE E 290 -6.70 3.31 -63.20
C ILE E 290 -6.41 3.13 -64.71
N ASP E 291 -5.72 4.12 -65.32
CA ASP E 291 -5.25 3.97 -66.71
C ASP E 291 -4.36 2.74 -66.88
N GLY E 292 -3.60 2.37 -65.85
CA GLY E 292 -2.74 1.18 -65.86
C GLY E 292 -3.52 -0.12 -65.97
N MET E 293 -4.60 -0.20 -65.20
CA MET E 293 -5.53 -1.34 -65.28
C MET E 293 -6.19 -1.44 -66.67
N ALA E 294 -6.74 -0.33 -67.17
CA ALA E 294 -7.42 -0.37 -68.47
C ALA E 294 -6.40 -0.76 -69.56
N GLU E 295 -5.23 -0.13 -69.52
CA GLU E 295 -4.17 -0.39 -70.50
C GLU E 295 -3.81 -1.87 -70.58
N ARG E 296 -3.90 -2.58 -69.45
CA ARG E 296 -3.56 -3.99 -69.44
C ARG E 296 -4.81 -4.85 -69.48
N ASN E 297 -5.96 -4.27 -69.84
CA ASN E 297 -7.23 -5.01 -69.90
C ASN E 297 -7.52 -5.78 -68.61
N LEU E 298 -7.36 -5.10 -67.49
CA LEU E 298 -7.70 -5.69 -66.20
C LEU E 298 -8.95 -4.95 -65.71
N PRO E 299 -10.10 -5.61 -65.72
CA PRO E 299 -11.34 -4.95 -65.23
C PRO E 299 -11.16 -4.48 -63.78
N LEU E 300 -11.69 -3.29 -63.54
CA LEU E 300 -11.68 -2.63 -62.23
C LEU E 300 -13.06 -1.98 -61.96
N HIS E 301 -13.55 -2.11 -60.74
CA HIS E 301 -14.94 -1.73 -60.47
C HIS E 301 -15.12 -0.71 -59.39
N VAL E 302 -14.22 -0.74 -58.40
CA VAL E 302 -14.26 0.23 -57.28
C VAL E 302 -12.86 0.76 -56.99
N PHE E 303 -12.74 2.08 -56.82
CA PHE E 303 -11.46 2.65 -56.41
C PHE E 303 -11.57 3.27 -55.01
N HIS E 304 -10.62 2.94 -54.14
CA HIS E 304 -10.60 3.47 -52.75
C HIS E 304 -9.46 4.44 -52.47
N PHE E 305 -9.81 5.58 -51.87
CA PHE E 305 -8.84 6.56 -51.37
C PHE E 305 -8.61 6.34 -49.87
N ASP E 306 -7.37 5.99 -49.49
CA ASP E 306 -7.05 5.72 -48.08
C ASP E 306 -6.70 7.00 -47.33
N CYS E 307 -6.16 6.87 -46.12
CA CYS E 307 -6.12 7.99 -45.15
C CYS E 307 -5.59 9.32 -45.63
N PHE E 308 -4.58 9.34 -46.49
CA PHE E 308 -3.99 10.62 -46.90
C PHE E 308 -4.81 11.43 -47.94
N TRP E 309 -6.05 11.06 -48.22
CA TRP E 309 -6.91 12.06 -48.88
C TRP E 309 -7.11 13.27 -48.00
N MET E 310 -6.98 13.04 -46.69
CA MET E 310 -7.01 14.15 -45.70
C MET E 310 -5.57 14.50 -45.27
N LYS E 311 -5.39 15.72 -44.75
CA LYS E 311 -4.10 16.18 -44.25
C LYS E 311 -3.65 15.36 -43.03
N ALA E 312 -2.36 14.99 -42.99
CA ALA E 312 -1.75 14.27 -41.86
C ALA E 312 -2.06 14.92 -40.53
N PHE E 313 -2.34 14.08 -39.55
CA PHE E 313 -2.56 14.52 -38.18
C PHE E 313 -3.92 15.18 -38.00
N GLN E 314 -4.73 15.27 -39.06
CA GLN E 314 -6.06 15.88 -38.92
C GLN E 314 -7.12 14.83 -39.15
N TRP E 315 -6.72 13.55 -39.12
CA TRP E 315 -7.65 12.51 -39.55
C TRP E 315 -8.85 12.32 -38.68
N CYS E 316 -9.79 11.81 -39.45
CA CYS E 316 -11.14 12.19 -39.72
C CYS E 316 -11.78 13.53 -39.50
N ASP E 317 -11.29 14.51 -40.23
CA ASP E 317 -11.97 15.80 -40.30
C ASP E 317 -12.70 16.07 -41.61
N PHE E 318 -12.67 15.08 -42.51
CA PHE E 318 -13.39 15.13 -43.80
C PHE E 318 -12.95 16.17 -44.82
N GLU E 319 -11.78 16.79 -44.63
CA GLU E 319 -11.30 17.81 -45.56
C GLU E 319 -10.24 17.26 -46.47
N TRP E 320 -10.45 17.41 -47.78
CA TRP E 320 -9.45 17.00 -48.75
C TRP E 320 -8.17 17.81 -48.58
N ASP E 321 -7.03 17.14 -48.65
CA ASP E 321 -5.74 17.80 -48.67
C ASP E 321 -5.69 18.70 -49.96
N PRO E 322 -5.62 20.02 -49.82
CA PRO E 322 -5.71 20.90 -51.00
C PRO E 322 -4.45 20.83 -51.88
N LEU E 323 -3.36 20.27 -51.37
CA LEU E 323 -2.13 20.20 -52.15
C LEU E 323 -2.00 18.92 -52.95
N THR E 324 -2.54 17.81 -52.48
CA THR E 324 -2.48 16.62 -53.31
C THR E 324 -3.77 16.44 -54.12
N PHE E 325 -4.86 17.08 -53.66
CA PHE E 325 -6.18 16.93 -54.31
C PHE E 325 -6.86 18.31 -54.36
N PRO E 326 -6.38 19.12 -55.30
CA PRO E 326 -6.84 20.50 -55.42
C PRO E 326 -8.29 20.65 -55.92
N ASP E 327 -8.90 19.60 -56.48
CA ASP E 327 -10.26 19.64 -57.12
C ASP E 327 -10.91 18.28 -56.86
N PRO E 328 -11.39 18.09 -55.63
CA PRO E 328 -11.89 16.77 -55.21
C PRO E 328 -13.04 16.27 -56.08
N GLU E 329 -14.09 17.08 -56.24
CA GLU E 329 -15.26 16.65 -57.01
C GLU E 329 -14.96 16.35 -58.48
N GLY E 330 -14.32 17.30 -59.17
CA GLY E 330 -13.87 17.05 -60.54
C GLY E 330 -13.16 15.70 -60.72
N MET E 331 -12.16 15.43 -59.87
CA MET E 331 -11.44 14.15 -59.91
C MET E 331 -12.40 12.99 -59.70
N ILE E 332 -13.19 13.05 -58.65
CA ILE E 332 -14.19 12.00 -58.40
C ILE E 332 -15.08 11.75 -59.64
N ARG E 333 -15.58 12.81 -60.23
CA ARG E 333 -16.50 12.67 -61.34
C ARG E 333 -15.82 12.15 -62.59
N ARG E 334 -14.59 12.63 -62.85
CA ARG E 334 -13.75 12.05 -63.93
C ARG E 334 -13.54 10.53 -63.75
N LEU E 335 -13.23 10.07 -62.52
CA LEU E 335 -13.08 8.62 -62.28
C LEU E 335 -14.38 7.85 -62.47
N LYS E 336 -15.46 8.44 -62.01
CA LYS E 336 -16.79 7.88 -62.17
C LYS E 336 -17.17 7.66 -63.65
N ALA E 337 -16.79 8.63 -64.47
CA ALA E 337 -17.10 8.62 -65.90
C ALA E 337 -16.37 7.48 -66.60
N LYS E 338 -15.31 6.96 -65.96
CA LYS E 338 -14.65 5.75 -66.42
C LYS E 338 -15.41 4.47 -66.03
N GLY E 339 -16.53 4.61 -65.32
CA GLY E 339 -17.33 3.48 -64.90
C GLY E 339 -16.95 2.96 -63.52
N LEU E 340 -16.33 3.78 -62.69
CA LEU E 340 -15.88 3.28 -61.38
C LEU E 340 -16.84 3.71 -60.29
N LYS E 341 -16.94 2.86 -59.27
CA LYS E 341 -17.48 3.31 -57.98
C LYS E 341 -16.37 3.86 -57.05
N ILE E 342 -16.71 4.80 -56.19
CA ILE E 342 -15.72 5.42 -55.31
C ILE E 342 -15.95 5.22 -53.81
N CYS E 343 -14.90 4.75 -53.15
CA CYS E 343 -14.87 4.64 -51.68
C CYS E 343 -13.88 5.62 -51.11
N VAL E 344 -14.17 6.20 -49.96
CA VAL E 344 -13.13 6.93 -49.19
C VAL E 344 -13.01 6.40 -47.76
N TRP E 345 -11.82 6.48 -47.18
CA TRP E 345 -11.55 6.10 -45.79
C TRP E 345 -12.14 7.10 -44.81
N ILE E 346 -12.75 6.61 -43.76
CA ILE E 346 -13.15 7.46 -42.63
C ILE E 346 -12.92 6.68 -41.37
N ASN E 347 -13.08 7.35 -40.23
CA ASN E 347 -13.05 6.66 -38.95
C ASN E 347 -13.72 7.56 -37.92
N PRO E 348 -13.94 7.06 -36.71
CA PRO E 348 -14.63 7.85 -35.70
C PRO E 348 -13.77 8.63 -34.71
N TYR E 349 -12.54 8.97 -35.07
CA TYR E 349 -11.66 9.74 -34.19
C TYR E 349 -11.22 11.00 -34.92
N ILE E 350 -10.72 11.98 -34.18
CA ILE E 350 -10.21 13.17 -34.81
C ILE E 350 -8.98 13.71 -34.09
N GLY E 351 -7.93 13.97 -34.87
CA GLY E 351 -6.67 14.51 -34.40
C GLY E 351 -6.82 15.99 -34.11
N GLN E 352 -6.07 16.43 -33.10
CA GLN E 352 -6.21 17.77 -32.54
C GLN E 352 -5.77 18.87 -33.53
N LYS E 353 -4.83 18.54 -34.42
CA LYS E 353 -4.38 19.50 -35.43
C LYS E 353 -5.51 20.06 -36.33
N SER E 354 -6.51 19.26 -36.61
CA SER E 354 -7.58 19.69 -37.48
C SER E 354 -8.19 21.02 -37.02
N PRO E 355 -8.39 21.92 -37.96
CA PRO E 355 -9.11 23.18 -37.69
C PRO E 355 -10.47 22.90 -37.09
N VAL E 356 -11.00 21.70 -37.33
CA VAL E 356 -12.34 21.31 -36.92
C VAL E 356 -12.39 20.94 -35.44
N PHE E 357 -11.22 20.63 -34.88
CA PHE E 357 -11.18 20.08 -33.53
C PHE E 357 -11.75 21.05 -32.53
N LYS E 358 -11.38 22.30 -32.63
CA LYS E 358 -11.83 23.26 -31.62
C LYS E 358 -13.35 23.50 -31.73
N GLU E 359 -13.88 23.43 -32.93
CA GLU E 359 -15.34 23.51 -33.16
C GLU E 359 -16.05 22.38 -32.44
N LEU E 360 -15.52 21.15 -32.58
CA LEU E 360 -16.15 19.99 -31.95
C LEU E 360 -16.07 20.03 -30.42
N GLN E 361 -14.91 20.46 -29.92
CA GLN E 361 -14.73 20.64 -28.47
C GLN E 361 -15.69 21.72 -27.90
N GLU E 362 -15.81 22.87 -28.56
CA GLU E 362 -16.70 23.95 -28.10
C GLU E 362 -18.16 23.48 -28.05
N LYS E 363 -18.55 22.66 -29.04
CA LYS E 363 -19.94 22.17 -29.15
C LYS E 363 -20.21 20.92 -28.31
N GLY E 364 -19.15 20.36 -27.73
CA GLY E 364 -19.32 19.23 -26.84
C GLY E 364 -19.59 17.93 -27.56
N TYR E 365 -19.06 17.80 -28.77
CA TYR E 365 -19.33 16.60 -29.61
C TYR E 365 -18.34 15.44 -29.39
N LEU E 366 -17.31 15.66 -28.59
CA LEU E 366 -16.26 14.65 -28.39
C LEU E 366 -16.39 13.94 -27.04
N LEU E 367 -15.98 12.68 -27.00
CA LEU E 367 -16.06 11.89 -25.77
C LEU E 367 -15.32 12.58 -24.63
N LYS E 368 -16.00 12.69 -23.48
CA LYS E 368 -15.46 13.41 -22.32
C LYS E 368 -15.15 12.46 -21.16
N ARG E 369 -14.15 12.86 -20.36
CA ARG E 369 -13.82 12.23 -19.08
C ARG E 369 -14.87 12.72 -18.08
N PRO E 370 -15.03 12.02 -16.94
CA PRO E 370 -16.06 12.39 -15.96
C PRO E 370 -15.97 13.84 -15.50
N ASP E 371 -14.76 14.39 -15.40
CA ASP E 371 -14.61 15.76 -14.93
C ASP E 371 -15.00 16.83 -15.96
N GLY E 372 -15.33 16.41 -17.19
CA GLY E 372 -15.73 17.36 -18.20
C GLY E 372 -14.67 17.68 -19.23
N SER E 373 -13.41 17.36 -18.97
CA SER E 373 -12.38 17.55 -19.99
C SER E 373 -12.52 16.51 -21.14
N LEU E 374 -11.83 16.71 -22.26
CA LEU E 374 -11.78 15.69 -23.32
C LEU E 374 -10.92 14.48 -22.98
N TRP E 375 -11.44 13.29 -23.30
CA TRP E 375 -10.59 12.11 -23.41
C TRP E 375 -9.71 12.29 -24.62
N GLN E 376 -8.38 12.23 -24.43
CA GLN E 376 -7.45 12.29 -25.56
C GLN E 376 -6.29 11.31 -25.30
N TRP E 377 -5.69 10.77 -26.38
CA TRP E 377 -4.38 10.15 -26.28
C TRP E 377 -3.60 10.38 -27.58
N ASP E 378 -2.39 9.84 -27.64
CA ASP E 378 -1.55 10.11 -28.79
C ASP E 378 -1.41 8.89 -29.74
N LYS E 379 -2.17 7.82 -29.50
CA LYS E 379 -2.18 6.72 -30.46
C LYS E 379 -2.98 7.09 -31.74
N TRP E 380 -2.48 6.60 -32.89
CA TRP E 380 -3.02 6.89 -34.25
C TRP E 380 -2.83 8.32 -34.72
N GLN E 381 -3.51 9.29 -34.06
CA GLN E 381 -3.30 10.71 -34.31
C GLN E 381 -2.88 11.46 -33.02
N PRO E 382 -2.11 12.54 -33.14
CA PRO E 382 -1.78 13.39 -31.97
C PRO E 382 -3.02 14.05 -31.39
N GLY E 383 -3.18 13.97 -30.07
CA GLY E 383 -4.30 14.64 -29.42
C GLY E 383 -5.63 14.07 -29.88
N LEU E 384 -5.62 12.79 -30.28
CA LEU E 384 -6.81 12.10 -30.80
C LEU E 384 -7.99 12.20 -29.82
N ALA E 385 -9.14 12.66 -30.30
CA ALA E 385 -10.37 12.56 -29.51
C ALA E 385 -11.35 11.66 -30.26
N ILE E 386 -12.44 11.25 -29.60
CA ILE E 386 -13.42 10.33 -30.16
C ILE E 386 -14.81 11.00 -30.31
N TYR E 387 -15.44 10.83 -31.47
CA TYR E 387 -16.78 11.43 -31.72
C TYR E 387 -17.78 10.70 -30.82
N ASP E 388 -18.51 11.43 -29.98
CA ASP E 388 -19.43 10.78 -29.06
C ASP E 388 -20.78 10.55 -29.79
N PHE E 389 -20.91 9.37 -30.35
CA PHE E 389 -22.11 9.02 -31.11
C PHE E 389 -23.32 8.72 -30.23
N THR E 390 -23.23 8.97 -28.92
CA THR E 390 -24.49 8.88 -28.16
C THR E 390 -25.08 10.30 -28.05
N ASN E 391 -24.37 11.28 -28.59
CA ASN E 391 -24.79 12.68 -28.60
C ASN E 391 -25.50 12.83 -29.96
N PRO E 392 -26.83 13.07 -29.94
CA PRO E 392 -27.60 13.25 -31.19
C PRO E 392 -27.01 14.33 -32.10
N ASP E 393 -26.63 15.47 -31.54
CA ASP E 393 -26.09 16.56 -32.35
C ASP E 393 -24.72 16.22 -32.96
N ALA E 394 -23.90 15.46 -32.26
CA ALA E 394 -22.63 14.97 -32.82
C ALA E 394 -22.89 14.03 -33.99
N CYS E 395 -23.90 13.16 -33.85
CA CYS E 395 -24.25 12.22 -34.93
C CYS E 395 -24.67 13.01 -36.17
N LYS E 396 -25.49 14.05 -35.97
CA LYS E 396 -25.91 14.87 -37.11
C LYS E 396 -24.71 15.58 -37.76
N TRP E 397 -23.85 16.15 -36.93
CA TRP E 397 -22.64 16.78 -37.46
C TRP E 397 -21.83 15.79 -38.32
N TYR E 398 -21.63 14.58 -37.82
CA TYR E 398 -20.82 13.57 -38.53
C TYR E 398 -21.57 13.10 -39.79
N ALA E 399 -22.86 12.86 -39.66
CA ALA E 399 -23.71 12.46 -40.79
C ALA E 399 -23.69 13.47 -41.92
N ASP E 400 -23.71 14.75 -41.58
CA ASP E 400 -23.71 15.84 -42.55
C ASP E 400 -22.40 15.91 -43.35
N LYS E 401 -21.27 15.70 -42.66
CA LYS E 401 -20.00 15.60 -43.35
C LYS E 401 -20.07 14.52 -44.41
N LEU E 402 -20.57 13.36 -44.02
CA LEU E 402 -20.65 12.24 -44.93
C LEU E 402 -21.60 12.54 -46.11
N LYS E 403 -22.75 13.15 -45.83
CA LYS E 403 -23.65 13.56 -46.92
C LYS E 403 -22.93 14.52 -47.88
N GLY E 404 -22.09 15.42 -47.36
CA GLY E 404 -21.23 16.24 -48.19
C GLY E 404 -20.34 15.48 -49.18
N LEU E 405 -19.75 14.37 -48.75
CA LEU E 405 -18.93 13.53 -49.62
C LEU E 405 -19.76 12.79 -50.63
N VAL E 406 -20.91 12.27 -50.19
CA VAL E 406 -21.82 11.61 -51.13
C VAL E 406 -22.31 12.57 -52.27
N ALA E 407 -22.52 13.84 -51.94
CA ALA E 407 -22.96 14.83 -52.93
C ALA E 407 -21.83 15.18 -53.94
N MET E 408 -20.60 14.82 -53.59
CA MET E 408 -19.42 14.95 -54.44
C MET E 408 -19.27 13.74 -55.34
N GLY E 409 -20.02 12.68 -55.06
CA GLY E 409 -19.95 11.48 -55.88
C GLY E 409 -19.34 10.26 -55.19
N VAL E 410 -18.97 10.37 -53.91
CA VAL E 410 -18.53 9.18 -53.15
C VAL E 410 -19.73 8.23 -53.07
N ASP E 411 -19.50 6.95 -53.38
CA ASP E 411 -20.53 5.92 -53.29
C ASP E 411 -20.60 5.13 -51.98
N CYS E 412 -19.44 4.92 -51.33
CA CYS E 412 -19.43 4.10 -50.12
C CYS E 412 -18.26 4.50 -49.22
N PHE E 413 -18.22 4.00 -47.98
CA PHE E 413 -17.20 4.42 -47.03
C PHE E 413 -16.52 3.21 -46.42
N LYS E 414 -15.21 3.31 -46.21
CA LYS E 414 -14.48 2.35 -45.42
C LYS E 414 -14.55 2.83 -43.96
N THR E 415 -15.34 2.16 -43.11
CA THR E 415 -15.53 2.56 -41.71
C THR E 415 -14.43 1.83 -40.88
N ASP E 416 -13.29 2.47 -40.83
CA ASP E 416 -12.11 1.87 -40.24
C ASP E 416 -12.16 2.13 -38.75
N PHE E 417 -11.38 1.37 -37.97
CA PHE E 417 -11.26 1.56 -36.52
C PHE E 417 -12.59 1.32 -35.77
N GLY E 418 -12.77 1.98 -34.63
CA GLY E 418 -13.91 1.73 -33.73
C GLY E 418 -13.67 0.76 -32.58
N GLU E 419 -12.47 0.20 -32.49
CA GLU E 419 -12.18 -0.80 -31.45
C GLU E 419 -11.73 -0.23 -30.10
N ARG E 420 -10.78 0.70 -30.11
CA ARG E 420 -10.08 1.07 -28.85
C ARG E 420 -10.86 2.13 -28.12
N ILE E 421 -12.01 1.73 -27.60
CA ILE E 421 -12.91 2.69 -26.99
C ILE E 421 -12.62 2.62 -25.49
N PRO E 422 -12.22 3.75 -24.91
CA PRO E 422 -11.84 3.79 -23.50
C PRO E 422 -13.09 3.73 -22.61
N THR E 423 -12.85 3.29 -21.38
CA THR E 423 -13.91 3.09 -20.41
C THR E 423 -13.82 4.10 -19.27
N ASP E 424 -12.79 4.95 -19.22
CA ASP E 424 -12.66 5.89 -18.09
C ASP E 424 -13.26 7.20 -18.57
N VAL E 425 -14.54 7.14 -18.96
CA VAL E 425 -15.21 8.26 -19.62
C VAL E 425 -16.66 8.38 -19.21
N GLN E 426 -17.31 9.46 -19.61
CA GLN E 426 -18.75 9.60 -19.38
C GLN E 426 -19.43 9.94 -20.71
N TRP E 427 -20.25 9.02 -21.20
CA TRP E 427 -20.95 9.13 -22.45
C TRP E 427 -22.04 10.19 -22.32
N PHE E 428 -22.27 10.95 -23.39
CA PHE E 428 -23.37 11.94 -23.43
C PHE E 428 -24.67 11.38 -22.83
N ASP E 429 -25.07 10.17 -23.20
CA ASP E 429 -26.35 9.61 -22.74
C ASP E 429 -26.20 8.82 -21.45
N GLY E 430 -25.05 8.91 -20.76
CA GLY E 430 -24.88 8.18 -19.52
C GLY E 430 -24.83 6.65 -19.63
N SER E 431 -24.57 6.11 -20.82
CA SER E 431 -24.43 4.66 -21.02
C SER E 431 -23.33 4.04 -20.12
N ASP E 432 -23.43 2.75 -19.84
CA ASP E 432 -22.37 2.01 -19.14
C ASP E 432 -21.10 1.93 -20.02
N PRO E 433 -20.01 2.55 -19.62
CA PRO E 433 -18.82 2.54 -20.47
C PRO E 433 -18.34 1.09 -20.78
N GLN E 434 -18.55 0.12 -19.89
CA GLN E 434 -18.13 -1.27 -20.17
C GLN E 434 -18.92 -1.90 -21.33
N LYS E 435 -20.18 -1.50 -21.49
CA LYS E 435 -21.01 -2.01 -22.58
C LYS E 435 -20.78 -1.29 -23.92
N MET E 436 -20.51 0.01 -23.80
CA MET E 436 -20.24 0.87 -24.93
C MET E 436 -18.95 0.52 -25.64
N HIS E 437 -18.01 -0.12 -24.94
CA HIS E 437 -16.71 -0.45 -25.59
C HIS E 437 -16.98 -1.23 -26.87
N ASN E 438 -17.61 -2.40 -26.77
CA ASN E 438 -17.95 -3.20 -27.93
C ASN E 438 -19.10 -2.58 -28.77
N HIS E 439 -20.10 -2.00 -28.11
CA HIS E 439 -21.32 -1.57 -28.86
C HIS E 439 -21.10 -0.31 -29.69
N TYR E 440 -20.09 0.47 -29.34
CA TYR E 440 -19.72 1.59 -30.18
C TYR E 440 -19.55 1.17 -31.64
N ALA E 441 -18.88 0.03 -31.91
CA ALA E 441 -18.71 -0.37 -33.32
C ALA E 441 -20.09 -0.45 -34.04
N TYR E 442 -21.11 -0.93 -33.34
CA TYR E 442 -22.47 -1.04 -33.92
C TYR E 442 -23.02 0.34 -34.25
N ILE E 443 -23.02 1.20 -33.24
CA ILE E 443 -23.56 2.54 -33.35
C ILE E 443 -22.84 3.34 -34.47
N TYR E 444 -21.51 3.25 -34.49
CA TYR E 444 -20.73 3.92 -35.53
C TYR E 444 -21.15 3.38 -36.90
N ASN E 445 -21.14 2.07 -37.10
CA ASN E 445 -21.45 1.56 -38.43
C ASN E 445 -22.93 1.78 -38.85
N GLU E 446 -23.85 1.75 -37.89
CA GLU E 446 -25.28 2.04 -38.16
C GLU E 446 -25.45 3.46 -38.68
N LEU E 447 -24.80 4.43 -38.02
CA LEU E 447 -24.90 5.83 -38.40
C LEU E 447 -24.45 5.97 -39.86
N VAL E 448 -23.25 5.46 -40.22
CA VAL E 448 -22.76 5.57 -41.61
C VAL E 448 -23.72 4.86 -42.62
N TRP E 449 -24.13 3.64 -42.26
CA TRP E 449 -25.05 2.85 -43.07
C TRP E 449 -26.32 3.63 -43.40
N ASN E 450 -26.88 4.29 -42.37
CA ASN E 450 -28.08 5.10 -42.46
C ASN E 450 -27.92 6.33 -43.35
N VAL E 451 -26.70 6.86 -43.43
CA VAL E 451 -26.42 7.99 -44.32
C VAL E 451 -26.57 7.55 -45.76
N LEU E 452 -25.95 6.42 -46.04
CA LEU E 452 -26.00 5.81 -47.34
C LEU E 452 -27.48 5.47 -47.66
N LYS E 453 -28.20 4.91 -46.71
CA LYS E 453 -29.59 4.58 -46.93
C LYS E 453 -30.38 5.82 -47.32
N ASP E 454 -30.10 6.96 -46.69
CA ASP E 454 -30.86 8.16 -46.98
C ASP E 454 -30.40 8.98 -48.20
N THR E 455 -29.34 8.56 -48.88
CA THR E 455 -28.79 9.38 -49.97
C THR E 455 -28.69 8.60 -51.27
N VAL E 456 -28.11 7.41 -51.22
CA VAL E 456 -27.97 6.54 -52.38
C VAL E 456 -29.04 5.47 -52.42
N GLY E 457 -29.80 5.31 -51.34
CA GLY E 457 -30.78 4.25 -51.27
C GLY E 457 -30.26 2.97 -50.61
N GLU E 458 -31.17 2.32 -49.89
CA GLU E 458 -30.86 1.12 -49.13
C GLU E 458 -30.20 0.05 -49.98
N GLU E 459 -30.65 -0.11 -51.22
CA GLU E 459 -30.14 -1.20 -52.06
C GLU E 459 -28.72 -0.94 -52.55
N GLU E 460 -28.29 0.31 -52.44
CA GLU E 460 -27.01 0.78 -52.95
C GLU E 460 -25.98 0.92 -51.81
N ALA E 461 -26.40 0.67 -50.57
CA ALA E 461 -25.56 0.87 -49.40
C ALA E 461 -24.54 -0.26 -49.25
N VAL E 462 -23.29 0.12 -49.00
CA VAL E 462 -22.29 -0.85 -48.61
C VAL E 462 -21.18 -0.16 -47.84
N LEU E 463 -20.56 -0.93 -46.94
CA LEU E 463 -19.40 -0.43 -46.25
C LEU E 463 -18.22 -1.38 -46.43
N PHE E 464 -17.06 -0.94 -45.96
CA PHE E 464 -15.90 -1.81 -45.76
C PHE E 464 -15.49 -1.52 -44.31
N ALA E 465 -15.94 -2.38 -43.41
CA ALA E 465 -15.95 -2.12 -41.97
C ALA E 465 -14.88 -3.00 -41.30
N ARG E 466 -14.12 -2.42 -40.35
CA ARG E 466 -13.09 -3.14 -39.58
C ARG E 466 -13.53 -3.75 -38.25
N SER E 467 -14.43 -3.08 -37.50
CA SER E 467 -14.92 -3.74 -36.29
C SER E 467 -16.40 -3.97 -36.32
N ALA E 468 -16.87 -4.67 -35.31
CA ALA E 468 -18.24 -5.12 -35.31
C ALA E 468 -18.56 -5.57 -33.89
N SER E 469 -19.85 -5.82 -33.68
CA SER E 469 -20.44 -6.27 -32.44
C SER E 469 -21.79 -6.91 -32.87
N VAL E 470 -22.50 -7.60 -31.97
CA VAL E 470 -23.76 -8.27 -32.31
C VAL E 470 -24.70 -7.31 -33.06
N GLY E 471 -25.21 -7.74 -34.21
CA GLY E 471 -26.14 -6.95 -35.02
C GLY E 471 -25.47 -6.24 -36.18
N ALA E 472 -24.14 -6.06 -36.11
CA ALA E 472 -23.46 -5.23 -37.08
C ALA E 472 -23.34 -5.93 -38.42
N GLN E 473 -23.70 -7.22 -38.45
CA GLN E 473 -23.79 -7.94 -39.71
C GLN E 473 -24.82 -7.37 -40.67
N LYS E 474 -25.70 -6.48 -40.15
CA LYS E 474 -26.72 -5.81 -40.98
C LYS E 474 -26.11 -4.73 -41.84
N PHE E 475 -24.86 -4.37 -41.54
CA PHE E 475 -24.18 -3.28 -42.27
C PHE E 475 -22.95 -3.83 -43.01
N PRO E 476 -23.20 -4.66 -44.01
CA PRO E 476 -22.07 -5.38 -44.57
C PRO E 476 -21.12 -4.61 -45.43
N VAL E 477 -20.19 -5.52 -45.56
CA VAL E 477 -18.85 -5.66 -45.92
C VAL E 477 -17.88 -5.41 -44.78
N HIS E 478 -17.39 -6.53 -44.28
CA HIS E 478 -16.39 -6.51 -43.23
C HIS E 478 -15.13 -7.02 -43.86
N TRP E 479 -13.99 -6.43 -43.49
CA TRP E 479 -12.72 -6.99 -43.94
C TRP E 479 -11.81 -7.37 -42.75
N GLY E 480 -10.95 -8.36 -42.99
CA GLY E 480 -10.13 -9.00 -41.97
C GLY E 480 -8.96 -8.18 -41.43
N GLY E 481 -8.88 -6.88 -41.75
CA GLY E 481 -7.87 -5.98 -41.18
C GLY E 481 -6.43 -6.16 -41.66
N ASP E 482 -5.47 -5.88 -40.77
CA ASP E 482 -4.06 -5.69 -41.16
C ASP E 482 -3.25 -6.99 -41.10
N CYS E 483 -3.36 -7.79 -42.15
CA CYS E 483 -2.64 -9.06 -42.29
C CYS E 483 -1.18 -8.80 -42.76
N TYR E 484 -0.38 -9.86 -42.88
CA TYR E 484 1.00 -9.70 -43.39
C TYR E 484 1.12 -10.46 -44.71
N ALA E 485 2.06 -10.06 -45.54
CA ALA E 485 2.22 -10.62 -46.89
C ALA E 485 3.04 -11.93 -46.90
N ASN E 486 2.49 -13.01 -46.33
CA ASN E 486 3.15 -14.31 -46.32
C ASN E 486 2.05 -15.34 -46.24
N TYR E 487 2.42 -16.60 -46.47
CA TYR E 487 1.44 -17.68 -46.53
C TYR E 487 0.76 -17.92 -45.21
N GLU E 488 1.52 -17.89 -44.12
CA GLU E 488 0.99 -18.11 -42.79
C GLU E 488 -0.14 -17.09 -42.47
N SER E 489 0.04 -15.86 -42.90
CA SER E 489 -0.96 -14.82 -42.65
C SER E 489 -2.19 -14.85 -43.60
N MET E 490 -1.96 -15.26 -44.84
CA MET E 490 -3.04 -15.67 -45.74
C MET E 490 -3.90 -16.73 -45.05
N ALA E 491 -3.27 -17.70 -44.41
CA ALA E 491 -4.00 -18.78 -43.74
C ALA E 491 -4.75 -18.32 -42.46
N GLU E 492 -4.15 -17.44 -41.67
CA GLU E 492 -4.79 -16.96 -40.45
C GLU E 492 -6.00 -16.11 -40.87
N SER E 493 -5.80 -15.31 -41.90
CA SER E 493 -6.87 -14.52 -42.52
C SER E 493 -8.07 -15.43 -42.88
N LEU E 494 -7.82 -16.50 -43.64
CA LEU E 494 -8.85 -17.46 -43.96
C LEU E 494 -9.60 -17.93 -42.70
N ARG E 495 -8.88 -18.34 -41.66
CA ARG E 495 -9.51 -18.73 -40.39
C ARG E 495 -10.48 -17.68 -39.87
N GLY E 496 -10.08 -16.41 -39.97
CA GLY E 496 -10.90 -15.30 -39.52
C GLY E 496 -12.16 -15.16 -40.37
N GLY E 497 -12.01 -15.26 -41.68
CA GLY E 497 -13.14 -15.27 -42.61
C GLY E 497 -14.17 -16.38 -42.39
N LEU E 498 -13.70 -17.61 -42.25
CA LEU E 498 -14.56 -18.73 -41.87
C LEU E 498 -15.26 -18.45 -40.52
N SER E 499 -14.48 -17.99 -39.53
CA SER E 499 -15.02 -17.71 -38.20
C SER E 499 -16.14 -16.63 -38.22
N ILE E 500 -15.98 -15.57 -39.01
CA ILE E 500 -16.95 -14.48 -39.02
C ILE E 500 -18.30 -14.95 -39.62
N GLY E 501 -18.24 -15.87 -40.59
CA GLY E 501 -19.41 -16.49 -41.19
C GLY E 501 -20.11 -17.39 -40.18
N LEU E 502 -19.32 -18.03 -39.35
CA LEU E 502 -19.81 -18.84 -38.27
C LEU E 502 -20.37 -18.00 -37.15
N SER E 503 -20.21 -16.69 -37.21
CA SER E 503 -20.73 -15.77 -36.19
C SER E 503 -21.81 -14.82 -36.72
N GLY E 504 -22.43 -15.18 -37.85
CA GLY E 504 -23.56 -14.44 -38.37
C GLY E 504 -23.26 -13.46 -39.49
N PHE E 505 -22.01 -13.41 -40.00
CA PHE E 505 -21.71 -12.40 -40.99
C PHE E 505 -21.66 -13.05 -42.36
N GLY E 506 -22.33 -12.48 -43.36
CA GLY E 506 -22.48 -13.11 -44.67
C GLY E 506 -21.43 -12.74 -45.71
N PHE E 507 -20.69 -11.64 -45.49
CA PHE E 507 -19.82 -11.00 -46.52
C PHE E 507 -18.49 -10.58 -45.90
N TRP E 508 -17.39 -10.93 -46.53
CA TRP E 508 -16.11 -10.77 -45.85
C TRP E 508 -15.02 -10.61 -46.89
N SER E 509 -14.17 -9.62 -46.70
CA SER E 509 -13.00 -9.41 -47.57
C SER E 509 -11.66 -9.57 -46.83
N HIS E 510 -10.57 -9.46 -47.57
CA HIS E 510 -9.25 -9.43 -46.94
C HIS E 510 -8.30 -8.77 -47.95
N ASP E 511 -7.18 -8.22 -47.45
CA ASP E 511 -6.26 -7.48 -48.31
C ASP E 511 -5.46 -8.43 -49.20
N ILE E 512 -5.78 -8.42 -50.50
CA ILE E 512 -5.07 -9.30 -51.42
C ILE E 512 -3.60 -8.92 -51.52
N GLY E 513 -2.74 -9.90 -51.29
CA GLY E 513 -1.32 -9.69 -51.35
C GLY E 513 -0.77 -9.40 -49.97
N GLY E 514 -1.68 -9.25 -49.00
CA GLY E 514 -1.27 -8.95 -47.65
C GLY E 514 -1.19 -7.45 -47.45
N PHE E 515 -1.42 -7.00 -46.22
CA PHE E 515 -1.37 -5.56 -45.97
C PHE E 515 0.08 -5.11 -45.69
N GLU E 516 0.69 -5.69 -44.66
CA GLU E 516 2.02 -5.28 -44.23
C GLU E 516 3.09 -6.13 -44.91
N ASN E 517 4.19 -5.46 -45.29
CA ASN E 517 5.31 -6.10 -46.00
C ASN E 517 4.90 -6.23 -47.46
N THR E 518 5.90 -6.44 -48.30
CA THR E 518 5.69 -6.65 -49.73
C THR E 518 5.86 -8.13 -50.06
N ALA E 519 4.77 -8.71 -50.55
CA ALA E 519 4.76 -10.12 -50.93
C ALA E 519 5.77 -10.41 -52.04
N PRO E 520 6.45 -11.57 -52.01
CA PRO E 520 7.13 -12.08 -53.20
C PRO E 520 6.04 -12.36 -54.25
N ALA E 521 6.36 -12.26 -55.55
CA ALA E 521 5.34 -12.43 -56.55
C ALA E 521 4.48 -13.69 -56.35
N HIS E 522 5.10 -14.78 -55.94
CA HIS E 522 4.34 -16.02 -55.80
C HIS E 522 3.19 -15.95 -54.77
N VAL E 523 3.49 -15.36 -53.62
CA VAL E 523 2.55 -15.21 -52.54
C VAL E 523 1.40 -14.30 -53.04
N TYR E 524 1.73 -13.18 -53.65
CA TYR E 524 0.73 -12.31 -54.24
C TYR E 524 -0.22 -13.05 -55.19
N LYS E 525 0.35 -13.83 -56.11
CA LYS E 525 -0.45 -14.55 -57.11
C LYS E 525 -1.43 -15.56 -56.52
N ARG E 526 -0.97 -16.35 -55.55
CA ARG E 526 -1.83 -17.30 -54.82
C ARG E 526 -2.99 -16.57 -54.14
N TRP E 527 -2.66 -15.43 -53.53
CA TRP E 527 -3.62 -14.64 -52.78
C TRP E 527 -4.62 -13.98 -53.70
N CYS E 528 -4.22 -13.60 -54.92
CA CYS E 528 -5.18 -13.10 -55.88
C CYS E 528 -6.29 -14.10 -56.12
N ALA E 529 -5.96 -15.38 -56.31
CA ALA E 529 -6.98 -16.40 -56.60
C ALA E 529 -7.95 -16.56 -55.43
N PHE E 530 -7.38 -16.55 -54.23
CA PHE E 530 -8.16 -16.65 -53.02
C PHE E 530 -9.08 -15.41 -52.89
N GLY E 531 -8.54 -14.21 -53.13
CA GLY E 531 -9.31 -12.96 -53.01
C GLY E 531 -10.50 -12.82 -53.96
N LEU E 532 -10.33 -13.29 -55.20
CA LEU E 532 -11.35 -13.15 -56.25
C LEU E 532 -12.38 -14.29 -56.15
N LEU E 533 -12.11 -15.23 -55.26
CA LEU E 533 -13.02 -16.30 -54.94
C LEU E 533 -13.53 -16.09 -53.50
N SER E 534 -13.43 -14.86 -53.02
CA SER E 534 -14.05 -14.47 -51.75
C SER E 534 -15.25 -13.60 -52.12
N SER E 535 -16.16 -13.37 -51.17
CA SER E 535 -17.36 -12.59 -51.49
C SER E 535 -16.95 -11.24 -52.00
N HIS E 536 -15.97 -10.63 -51.31
CA HIS E 536 -15.50 -9.29 -51.64
C HIS E 536 -13.96 -9.24 -51.81
N SER E 537 -13.53 -8.48 -52.82
CA SER E 537 -12.19 -8.63 -53.39
C SER E 537 -11.49 -7.26 -53.48
N ARG E 538 -10.49 -7.06 -52.63
CA ARG E 538 -9.83 -5.78 -52.54
C ARG E 538 -8.28 -5.90 -52.50
N LEU E 539 -7.64 -5.10 -53.34
CA LEU E 539 -6.19 -5.03 -53.38
C LEU E 539 -5.79 -3.81 -52.54
N HIS E 540 -5.19 -4.07 -51.38
CA HIS E 540 -4.82 -3.00 -50.45
C HIS E 540 -3.50 -3.33 -49.76
N GLY E 541 -2.66 -2.32 -49.54
CA GLY E 541 -1.35 -2.55 -48.93
C GLY E 541 -0.92 -1.42 -47.99
N SER E 542 0.07 -1.70 -47.15
CA SER E 542 0.50 -0.70 -46.15
C SER E 542 1.50 0.27 -46.76
N LYS E 543 2.65 -0.24 -47.16
CA LYS E 543 3.75 0.63 -47.68
C LYS E 543 4.14 0.48 -49.18
N SER E 544 3.54 -0.51 -49.85
CA SER E 544 3.74 -0.68 -51.28
C SER E 544 2.37 -0.75 -51.98
N TYR E 545 2.41 -0.62 -53.31
CA TYR E 545 1.21 -0.63 -54.14
C TYR E 545 0.80 -2.07 -54.47
N ARG E 546 -0.48 -2.25 -54.81
CA ARG E 546 -1.02 -3.59 -55.03
C ARG E 546 -1.48 -3.83 -56.47
N VAL E 547 -1.13 -2.90 -57.37
CA VAL E 547 -1.27 -3.16 -58.80
C VAL E 547 -0.39 -4.36 -59.18
N PRO E 548 -0.90 -5.28 -59.98
CA PRO E 548 -0.17 -6.53 -60.26
C PRO E 548 1.19 -6.32 -60.94
N TRP E 549 1.32 -5.24 -61.71
CA TRP E 549 2.59 -4.96 -62.39
C TRP E 549 3.66 -4.45 -61.40
N ALA E 550 3.27 -4.25 -60.13
CA ALA E 550 4.27 -4.02 -59.12
C ALA E 550 5.03 -5.30 -58.74
N TYR E 551 4.52 -6.46 -59.16
CA TYR E 551 5.05 -7.75 -58.75
C TYR E 551 5.81 -8.43 -59.88
N ASP E 552 5.11 -8.87 -60.93
CA ASP E 552 5.74 -9.40 -62.18
C ASP E 552 4.68 -9.45 -63.30
N ASP E 553 5.04 -9.91 -64.51
CA ASP E 553 4.10 -9.96 -65.65
C ASP E 553 2.98 -10.97 -65.41
N GLU E 554 3.35 -12.12 -64.86
CA GLU E 554 2.39 -13.18 -64.63
C GLU E 554 1.21 -12.76 -63.72
N SER E 555 1.51 -11.94 -62.71
CA SER E 555 0.52 -11.42 -61.78
C SER E 555 -0.58 -10.68 -62.52
N CYS E 556 -0.24 -9.97 -63.59
CA CYS E 556 -1.25 -9.36 -64.43
C CYS E 556 -2.23 -10.43 -65.01
N ASP E 557 -1.73 -11.55 -65.51
CA ASP E 557 -2.60 -12.58 -66.06
C ASP E 557 -3.50 -13.24 -64.99
N VAL E 558 -2.92 -13.43 -63.80
CA VAL E 558 -3.63 -14.01 -62.66
C VAL E 558 -4.81 -13.10 -62.29
N VAL E 559 -4.56 -11.81 -62.15
CA VAL E 559 -5.60 -10.88 -61.76
C VAL E 559 -6.68 -10.79 -62.86
N ARG E 560 -6.25 -10.72 -64.13
CA ARG E 560 -7.15 -10.71 -65.25
C ARG E 560 -8.00 -11.96 -65.22
N PHE E 561 -7.35 -13.11 -65.07
CA PHE E 561 -8.06 -14.40 -65.19
C PHE E 561 -9.11 -14.56 -64.07
N PHE E 562 -8.76 -14.20 -62.83
CA PHE E 562 -9.67 -14.43 -61.73
C PHE E 562 -10.75 -13.35 -61.62
N THR E 563 -10.45 -12.13 -62.04
CA THR E 563 -11.49 -11.10 -62.14
C THR E 563 -12.55 -11.51 -63.18
N GLN E 564 -12.09 -11.98 -64.36
CA GLN E 564 -12.99 -12.44 -65.40
C GLN E 564 -13.86 -13.58 -64.90
N LEU E 565 -13.25 -14.55 -64.21
CA LEU E 565 -13.97 -15.68 -63.63
C LEU E 565 -15.07 -15.23 -62.65
N LYS E 566 -14.73 -14.32 -61.73
CA LYS E 566 -15.69 -13.87 -60.74
C LYS E 566 -16.90 -13.22 -61.42
N CYS E 567 -16.63 -12.36 -62.38
CA CYS E 567 -17.70 -11.69 -63.12
C CYS E 567 -18.62 -12.71 -63.84
N ARG E 568 -18.04 -13.75 -64.43
CA ARG E 568 -18.83 -14.80 -65.10
C ARG E 568 -19.58 -15.65 -64.08
N MET E 569 -19.02 -15.72 -62.88
CA MET E 569 -19.67 -16.45 -61.80
C MET E 569 -20.82 -15.70 -61.13
N MET E 570 -20.98 -14.43 -61.43
CA MET E 570 -21.98 -13.60 -60.72
C MET E 570 -23.46 -14.06 -60.65
N PRO E 571 -24.03 -14.69 -61.70
CA PRO E 571 -25.40 -15.24 -61.60
C PRO E 571 -25.53 -16.22 -60.44
N TYR E 572 -24.58 -17.13 -60.33
CA TYR E 572 -24.46 -18.03 -59.20
C TYR E 572 -24.20 -17.28 -57.87
N LEU E 573 -23.09 -16.52 -57.83
CA LEU E 573 -22.67 -15.77 -56.63
C LEU E 573 -23.77 -14.90 -56.01
N TYR E 574 -24.47 -14.12 -56.83
CA TYR E 574 -25.42 -13.16 -56.27
C TYR E 574 -26.64 -13.84 -55.70
N ARG E 575 -27.02 -14.95 -56.30
CA ARG E 575 -28.06 -15.79 -55.70
C ARG E 575 -27.65 -16.30 -54.32
N GLU E 576 -26.36 -16.66 -54.18
CA GLU E 576 -25.88 -17.16 -52.91
C GLU E 576 -25.82 -16.02 -51.90
N ALA E 577 -25.54 -14.81 -52.38
CA ALA E 577 -25.60 -13.61 -51.59
C ALA E 577 -27.03 -13.31 -51.06
N ALA E 578 -28.07 -13.50 -51.90
CA ALA E 578 -29.48 -13.35 -51.44
C ALA E 578 -29.78 -14.36 -50.33
N ARG E 579 -29.11 -15.50 -50.39
CA ARG E 579 -29.22 -16.51 -49.35
C ARG E 579 -28.63 -16.04 -47.99
N ALA E 580 -27.50 -15.31 -48.01
CA ALA E 580 -27.00 -14.69 -46.77
C ALA E 580 -28.04 -13.69 -46.23
N ASN E 581 -28.65 -12.93 -47.12
CA ASN E 581 -29.68 -11.95 -46.71
C ASN E 581 -30.93 -12.64 -46.13
N ALA E 582 -31.39 -13.71 -46.78
CA ALA E 582 -32.64 -14.35 -46.36
C ALA E 582 -32.47 -15.29 -45.17
N ARG E 583 -31.35 -16.00 -45.07
CA ARG E 583 -31.21 -17.08 -44.10
C ARG E 583 -29.96 -16.94 -43.20
N GLY E 584 -29.10 -15.99 -43.53
CA GLY E 584 -27.89 -15.76 -42.75
C GLY E 584 -26.81 -16.78 -43.05
N THR E 585 -26.92 -17.43 -44.21
CA THR E 585 -25.91 -18.37 -44.64
C THR E 585 -24.81 -17.59 -45.30
N PRO E 586 -23.59 -17.57 -44.73
CA PRO E 586 -22.53 -16.71 -45.28
C PRO E 586 -22.11 -17.25 -46.64
N MET E 587 -21.56 -16.38 -47.48
CA MET E 587 -21.05 -16.83 -48.75
C MET E 587 -19.86 -17.80 -48.60
N MET E 588 -18.93 -17.49 -47.69
CA MET E 588 -17.76 -18.35 -47.45
C MET E 588 -18.05 -19.22 -46.25
N ARG E 589 -18.28 -20.51 -46.48
CA ARG E 589 -18.73 -21.43 -45.46
C ARG E 589 -17.66 -22.43 -45.10
N ALA E 590 -17.41 -22.58 -43.81
CA ALA E 590 -16.59 -23.65 -43.32
C ALA E 590 -17.19 -24.97 -43.77
N MET E 591 -16.30 -25.94 -44.00
CA MET E 591 -16.73 -27.26 -44.44
C MET E 591 -17.70 -27.92 -43.45
N MET E 592 -17.53 -27.63 -42.16
CA MET E 592 -18.43 -28.19 -41.15
C MET E 592 -19.86 -27.67 -41.34
N MET E 593 -19.99 -26.46 -41.85
CA MET E 593 -21.31 -25.85 -42.03
C MET E 593 -22.11 -26.57 -43.12
N GLU E 594 -21.46 -26.86 -44.24
CA GLU E 594 -22.08 -27.48 -45.38
C GLU E 594 -22.20 -29.01 -45.24
N PHE E 595 -21.27 -29.61 -44.51
CA PHE E 595 -21.23 -31.06 -44.30
C PHE E 595 -21.16 -31.44 -42.80
N PRO E 596 -22.23 -31.13 -42.06
CA PRO E 596 -22.22 -31.24 -40.60
C PRO E 596 -22.18 -32.67 -40.11
N ASP E 597 -22.56 -33.63 -40.96
CA ASP E 597 -22.56 -35.05 -40.57
C ASP E 597 -21.26 -35.78 -40.93
N ASP E 598 -20.31 -35.04 -41.48
CA ASP E 598 -19.07 -35.64 -41.96
C ASP E 598 -17.92 -35.37 -40.98
N PRO E 599 -17.51 -36.41 -40.24
CA PRO E 599 -16.44 -36.28 -39.23
C PRO E 599 -15.11 -35.87 -39.84
N ALA E 600 -14.90 -36.05 -41.15
CA ALA E 600 -13.65 -35.55 -41.75
C ALA E 600 -13.61 -34.05 -41.90
N CYS E 601 -14.78 -33.37 -41.81
CA CYS E 601 -14.83 -31.90 -41.95
C CYS E 601 -14.71 -31.04 -40.66
N ASP E 602 -14.74 -31.67 -39.48
CA ASP E 602 -14.64 -30.98 -38.20
C ASP E 602 -13.55 -29.89 -38.14
N TYR E 603 -12.32 -30.20 -38.54
CA TYR E 603 -11.20 -29.27 -38.40
C TYR E 603 -10.70 -28.57 -39.68
N LEU E 604 -11.43 -28.72 -40.79
CA LEU E 604 -10.97 -28.17 -42.06
C LEU E 604 -10.96 -26.66 -42.03
N ASP E 605 -9.79 -26.07 -42.24
CA ASP E 605 -9.72 -24.64 -42.16
C ASP E 605 -8.93 -23.99 -43.31
N ARG E 606 -8.44 -24.81 -44.25
CA ARG E 606 -7.63 -24.35 -45.39
C ARG E 606 -8.39 -24.41 -46.71
N GLN E 607 -9.69 -24.66 -46.60
CA GLN E 607 -10.56 -24.72 -47.76
C GLN E 607 -11.95 -24.32 -47.28
N TYR E 608 -12.84 -24.02 -48.23
CA TYR E 608 -14.21 -23.64 -47.89
C TYR E 608 -15.16 -23.84 -49.03
N MET E 609 -16.45 -23.74 -48.75
CA MET E 609 -17.46 -23.71 -49.79
C MET E 609 -17.82 -22.28 -50.09
N LEU E 610 -17.79 -21.93 -51.37
CA LEU E 610 -18.27 -20.65 -51.81
C LEU E 610 -19.69 -20.86 -52.35
N GLY E 611 -20.68 -20.59 -51.51
CA GLY E 611 -22.07 -20.92 -51.80
C GLY E 611 -22.30 -22.41 -51.64
N ASP E 612 -23.50 -22.87 -52.05
CA ASP E 612 -23.94 -24.26 -51.89
C ASP E 612 -23.06 -25.24 -52.66
N ASN E 613 -22.52 -24.84 -53.81
CA ASN E 613 -22.13 -25.87 -54.78
C ASN E 613 -20.63 -26.00 -55.09
N VAL E 614 -19.83 -24.99 -54.70
CA VAL E 614 -18.40 -25.01 -55.02
C VAL E 614 -17.40 -24.96 -53.88
N MET E 615 -16.48 -25.91 -53.92
CA MET E 615 -15.43 -26.04 -52.93
C MET E 615 -14.17 -25.32 -53.43
N VAL E 616 -13.67 -24.32 -52.71
CA VAL E 616 -12.38 -23.76 -53.08
C VAL E 616 -11.29 -24.08 -52.04
N ALA E 617 -10.09 -24.33 -52.52
CA ALA E 617 -8.95 -24.62 -51.66
C ALA E 617 -7.76 -23.79 -52.14
N PRO E 618 -7.52 -22.64 -51.48
CA PRO E 618 -6.39 -21.80 -51.86
C PRO E 618 -5.09 -22.57 -51.70
N VAL E 619 -4.07 -22.13 -52.43
CA VAL E 619 -2.81 -22.81 -52.50
C VAL E 619 -1.82 -21.98 -51.72
N PHE E 620 -1.25 -22.60 -50.69
CA PHE E 620 -0.38 -21.91 -49.75
C PHE E 620 1.15 -22.24 -49.96
N THR E 621 1.52 -22.74 -51.16
CA THR E 621 2.94 -22.97 -51.54
C THR E 621 3.28 -22.27 -52.86
N GLU E 622 4.54 -21.85 -53.00
CA GLU E 622 5.02 -21.33 -54.28
C GLU E 622 4.96 -22.40 -55.38
N ALA E 623 5.45 -23.61 -55.08
CA ALA E 623 5.43 -24.73 -56.04
C ALA E 623 4.03 -25.21 -56.46
N GLY E 624 3.01 -24.95 -55.63
CA GLY E 624 1.64 -25.18 -56.06
C GLY E 624 1.00 -26.43 -55.51
N ASP E 625 1.74 -27.14 -54.67
CA ASP E 625 1.23 -28.29 -53.93
C ASP E 625 0.12 -27.83 -53.00
N VAL E 626 -0.94 -28.64 -52.92
CA VAL E 626 -2.12 -28.35 -52.13
C VAL E 626 -2.78 -29.68 -51.77
N GLN E 627 -3.23 -29.83 -50.52
CA GLN E 627 -4.02 -30.99 -50.10
C GLN E 627 -5.38 -30.48 -49.70
N PHE E 628 -6.45 -31.19 -50.08
CA PHE E 628 -7.83 -30.77 -49.74
C PHE E 628 -8.73 -31.99 -49.63
N TYR E 629 -9.76 -31.89 -48.78
CA TYR E 629 -10.73 -32.95 -48.59
C TYR E 629 -12.00 -32.74 -49.41
N LEU E 630 -12.50 -33.83 -49.99
CA LEU E 630 -13.76 -33.78 -50.73
C LEU E 630 -14.74 -34.69 -50.01
N PRO E 631 -15.85 -34.13 -49.53
CA PRO E 631 -17.00 -34.93 -49.05
C PRO E 631 -17.54 -35.91 -50.11
N GLU E 632 -18.33 -36.89 -49.66
CA GLU E 632 -18.99 -37.87 -50.53
C GLU E 632 -19.56 -37.26 -51.81
N GLY E 633 -19.24 -37.91 -52.93
CA GLY E 633 -19.85 -37.54 -54.19
C GLY E 633 -18.81 -37.48 -55.28
N ARG E 634 -19.27 -37.13 -56.48
CA ARG E 634 -18.38 -36.92 -57.61
C ARG E 634 -18.29 -35.44 -58.01
N TRP E 635 -17.10 -34.88 -57.82
CA TRP E 635 -16.87 -33.45 -58.00
C TRP E 635 -16.14 -33.19 -59.31
N THR E 636 -16.35 -32.00 -59.86
CA THR E 636 -15.82 -31.64 -61.17
C THR E 636 -15.18 -30.28 -61.05
N HIS E 637 -13.95 -30.15 -61.54
CA HIS E 637 -13.28 -28.89 -61.51
C HIS E 637 -14.01 -27.91 -62.38
N LEU E 638 -14.41 -26.79 -61.78
CA LEU E 638 -15.22 -25.78 -62.43
C LEU E 638 -14.80 -25.46 -63.88
N TRP E 639 -13.48 -25.33 -64.14
CA TRP E 639 -13.03 -25.11 -65.53
C TRP E 639 -12.10 -26.17 -66.13
N HIS E 640 -11.35 -26.90 -65.32
CA HIS E 640 -10.52 -28.01 -65.85
C HIS E 640 -11.34 -29.23 -66.23
N ASN E 641 -12.55 -29.33 -65.67
CA ASN E 641 -13.51 -30.39 -65.98
C ASN E 641 -13.08 -31.80 -65.54
N ASP E 642 -11.95 -31.92 -64.86
CA ASP E 642 -11.54 -33.20 -64.33
C ASP E 642 -12.43 -33.51 -63.11
N GLU E 643 -12.68 -34.80 -62.87
CA GLU E 643 -13.64 -35.27 -61.89
C GLU E 643 -12.93 -36.03 -60.78
N LEU E 644 -13.42 -35.89 -59.54
CA LEU E 644 -12.83 -36.62 -58.40
C LEU E 644 -13.90 -37.20 -57.51
N ASP E 645 -13.60 -38.37 -56.98
CA ASP E 645 -14.45 -39.05 -56.03
C ASP E 645 -14.16 -38.58 -54.62
N GLY E 646 -15.25 -38.42 -53.87
CA GLY E 646 -15.19 -37.79 -52.58
C GLY E 646 -15.06 -38.70 -51.40
N SER E 647 -15.24 -38.07 -50.24
CA SER E 647 -15.17 -38.77 -49.00
C SER E 647 -13.71 -39.19 -48.71
N ARG E 648 -12.75 -38.40 -49.23
CA ARG E 648 -11.30 -38.60 -48.97
C ARG E 648 -10.47 -37.39 -49.35
N TRP E 649 -9.19 -37.41 -48.95
CA TRP E 649 -8.25 -36.35 -49.28
C TRP E 649 -7.60 -36.55 -50.66
N HIS E 650 -7.14 -35.43 -51.22
CA HIS E 650 -6.51 -35.42 -52.52
C HIS E 650 -5.34 -34.46 -52.46
N LYS E 651 -4.33 -34.72 -53.27
CA LYS E 651 -3.15 -33.88 -53.38
C LYS E 651 -3.01 -33.51 -54.85
N GLN E 652 -2.73 -32.24 -55.13
CA GLN E 652 -2.61 -31.77 -56.51
C GLN E 652 -1.49 -30.77 -56.51
N GLN E 653 -1.03 -30.42 -57.70
CA GLN E 653 -0.08 -29.34 -57.90
C GLN E 653 -0.63 -28.39 -58.97
N HIS E 654 -0.68 -27.11 -58.66
CA HIS E 654 -1.26 -26.12 -59.54
C HIS E 654 -0.33 -24.98 -59.88
N GLY E 655 -0.44 -24.51 -61.13
CA GLY E 655 0.20 -23.27 -61.57
C GLY E 655 -0.61 -22.06 -61.11
N PHE E 656 -0.11 -20.86 -61.39
CA PHE E 656 -0.67 -19.63 -60.85
C PHE E 656 -2.04 -19.22 -61.40
N LEU E 657 -2.48 -19.88 -62.48
CA LEU E 657 -3.82 -19.61 -63.03
C LEU E 657 -4.82 -20.64 -62.54
N SER E 658 -4.41 -21.40 -61.53
CA SER E 658 -5.22 -22.50 -61.06
C SER E 658 -5.15 -22.72 -59.54
N LEU E 659 -6.12 -23.49 -59.02
CA LEU E 659 -6.28 -23.93 -57.62
C LEU E 659 -7.49 -24.85 -57.68
N PRO E 660 -7.64 -25.76 -56.73
CA PRO E 660 -8.89 -26.57 -56.67
C PRO E 660 -10.17 -25.72 -56.45
N VAL E 661 -11.08 -25.82 -57.44
CA VAL E 661 -12.39 -25.18 -57.43
C VAL E 661 -13.33 -26.27 -57.99
N TYR E 662 -13.93 -27.06 -57.09
CA TYR E 662 -14.68 -28.26 -57.44
C TYR E 662 -16.18 -28.06 -57.24
N VAL E 663 -16.95 -28.50 -58.25
CA VAL E 663 -18.40 -28.33 -58.23
C VAL E 663 -18.99 -29.68 -57.85
N ARG E 664 -19.82 -29.62 -56.84
CA ARG E 664 -20.62 -30.72 -56.34
C ARG E 664 -21.39 -31.46 -57.44
N ASP E 665 -21.68 -32.73 -57.25
CA ASP E 665 -22.60 -33.41 -58.14
C ASP E 665 -24.04 -32.91 -57.93
N ASN E 666 -24.94 -33.37 -58.82
CA ASN E 666 -26.35 -32.95 -58.81
C ASN E 666 -26.52 -31.41 -58.77
N THR E 667 -25.69 -30.70 -59.55
CA THR E 667 -25.65 -29.23 -59.54
C THR E 667 -26.02 -28.65 -60.90
N LEU E 668 -26.80 -27.58 -60.85
CA LEU E 668 -27.06 -26.80 -62.02
C LEU E 668 -26.62 -25.37 -61.68
N LEU E 669 -25.59 -24.92 -62.38
CA LEU E 669 -24.83 -23.70 -62.12
C LEU E 669 -25.04 -22.73 -63.27
N ALA E 670 -25.33 -21.48 -62.97
CA ALA E 670 -25.46 -20.45 -64.00
C ALA E 670 -24.22 -19.56 -64.11
N LEU E 671 -23.54 -19.63 -65.25
CA LEU E 671 -22.47 -18.71 -65.62
C LEU E 671 -22.98 -17.66 -66.62
N GLY E 672 -22.54 -16.42 -66.43
CA GLY E 672 -23.02 -15.28 -67.20
C GLY E 672 -22.15 -14.99 -68.41
N ASN E 673 -22.61 -14.09 -69.27
CA ASN E 673 -21.95 -13.83 -70.55
C ASN E 673 -21.10 -12.57 -70.59
N ASN E 674 -20.95 -11.92 -69.42
CA ASN E 674 -20.07 -10.76 -69.26
C ASN E 674 -18.92 -11.06 -68.25
N ASP E 675 -17.70 -10.75 -68.65
CA ASP E 675 -16.52 -11.03 -67.83
C ASP E 675 -15.76 -9.75 -67.55
N GLN E 676 -16.46 -8.61 -67.63
CA GLN E 676 -15.79 -7.31 -67.53
C GLN E 676 -16.30 -6.55 -66.32
N ARG E 677 -17.47 -6.96 -65.85
CA ARG E 677 -18.16 -6.26 -64.77
C ARG E 677 -19.04 -7.29 -64.07
N PRO E 678 -19.28 -7.13 -62.77
CA PRO E 678 -20.11 -8.10 -62.06
C PRO E 678 -21.62 -7.78 -62.18
N ASP E 679 -21.97 -6.55 -62.51
CA ASP E 679 -23.38 -6.14 -62.51
C ASP E 679 -23.88 -6.05 -63.96
N TYR E 680 -24.59 -7.09 -64.40
CA TYR E 680 -25.14 -7.12 -65.75
C TYR E 680 -26.37 -8.03 -65.80
N VAL E 681 -27.09 -7.99 -66.92
CA VAL E 681 -28.33 -8.77 -67.06
C VAL E 681 -28.04 -10.27 -67.05
N TRP E 682 -27.98 -10.86 -65.86
CA TRP E 682 -27.52 -12.24 -65.70
C TRP E 682 -28.40 -13.26 -66.41
N HIS E 683 -29.69 -12.94 -66.55
CA HIS E 683 -30.63 -13.88 -67.14
C HIS E 683 -30.66 -13.87 -68.69
N GLU E 684 -29.84 -13.03 -69.30
CA GLU E 684 -29.75 -12.99 -70.77
C GLU E 684 -28.40 -13.47 -71.27
N GLY E 685 -28.41 -14.59 -72.01
CA GLY E 685 -27.19 -15.18 -72.53
C GLY E 685 -26.56 -16.13 -71.55
N THR E 686 -27.36 -16.52 -70.56
CA THR E 686 -26.90 -17.39 -69.50
C THR E 686 -26.45 -18.71 -70.06
N ALA E 687 -25.32 -19.23 -69.52
CA ALA E 687 -24.87 -20.58 -69.80
C ALA E 687 -25.06 -21.44 -68.54
N PHE E 688 -25.91 -22.45 -68.64
CA PHE E 688 -26.15 -23.34 -67.52
C PHE E 688 -25.26 -24.54 -67.70
N HIS E 689 -24.74 -25.03 -66.59
CA HIS E 689 -23.85 -26.19 -66.60
C HIS E 689 -24.37 -27.18 -65.57
N LEU E 690 -24.72 -28.37 -66.06
CA LEU E 690 -25.23 -29.46 -65.24
C LEU E 690 -24.09 -30.43 -64.96
N PHE E 691 -23.90 -30.79 -63.68
CA PHE E 691 -22.79 -31.63 -63.24
C PHE E 691 -23.30 -32.90 -62.57
N ASN E 692 -22.94 -34.06 -63.12
CA ASN E 692 -23.23 -35.34 -62.50
C ASN E 692 -24.64 -35.49 -61.89
N LEU E 693 -25.68 -35.33 -62.71
CA LEU E 693 -27.04 -35.54 -62.24
C LEU E 693 -27.28 -37.04 -62.13
N GLN E 694 -27.52 -37.51 -60.92
CA GLN E 694 -27.71 -38.94 -60.70
C GLN E 694 -29.16 -39.31 -60.98
N ASP E 695 -29.39 -40.60 -61.23
CA ASP E 695 -30.75 -41.12 -61.44
C ASP E 695 -31.55 -40.89 -60.17
N GLY E 696 -32.71 -40.26 -60.30
CA GLY E 696 -33.61 -40.05 -59.17
C GLY E 696 -33.45 -38.69 -58.50
N HIS E 697 -32.46 -37.93 -58.94
CA HIS E 697 -32.19 -36.61 -58.36
C HIS E 697 -32.73 -35.47 -59.23
N GLU E 698 -32.89 -34.31 -58.60
CA GLU E 698 -33.32 -33.08 -59.26
C GLU E 698 -32.24 -32.00 -59.03
N ALA E 699 -31.79 -31.33 -60.07
CA ALA E 699 -30.88 -30.21 -59.89
C ALA E 699 -31.60 -28.90 -60.20
N VAL E 700 -31.56 -27.95 -59.27
CA VAL E 700 -32.26 -26.67 -59.44
C VAL E 700 -31.29 -25.50 -59.47
N CYS E 701 -31.56 -24.55 -60.36
CA CYS E 701 -30.77 -23.34 -60.47
C CYS E 701 -31.74 -22.18 -60.47
N GLU E 702 -31.44 -21.18 -59.64
CA GLU E 702 -32.24 -19.99 -59.57
C GLU E 702 -31.36 -18.80 -59.97
N VAL E 703 -31.73 -18.16 -61.07
CA VAL E 703 -31.06 -16.92 -61.51
C VAL E 703 -31.71 -15.68 -60.84
N PRO E 704 -30.90 -14.86 -60.18
CA PRO E 704 -31.40 -13.70 -59.43
C PRO E 704 -31.58 -12.47 -60.31
N ALA E 705 -32.53 -11.60 -59.98
CA ALA E 705 -32.58 -10.24 -60.50
C ALA E 705 -31.62 -9.39 -59.69
N ALA E 706 -31.52 -8.12 -60.06
CA ALA E 706 -30.63 -7.17 -59.38
C ALA E 706 -30.98 -6.94 -57.91
N ASP E 707 -32.24 -7.16 -57.55
CA ASP E 707 -32.66 -6.95 -56.17
C ASP E 707 -32.50 -8.24 -55.33
N GLY E 708 -32.03 -9.32 -55.95
CA GLY E 708 -31.82 -10.58 -55.25
C GLY E 708 -32.96 -11.59 -55.30
N SER E 709 -34.16 -11.15 -55.75
CA SER E 709 -35.31 -12.04 -55.99
C SER E 709 -34.98 -12.99 -57.15
N VAL E 710 -35.64 -14.15 -57.19
CA VAL E 710 -35.40 -15.10 -58.24
C VAL E 710 -36.19 -14.68 -59.51
N ILE E 711 -35.48 -14.48 -60.63
CA ILE E 711 -36.14 -14.11 -61.89
C ILE E 711 -36.41 -15.30 -62.83
N PHE E 712 -35.65 -16.38 -62.67
CA PHE E 712 -35.77 -17.54 -63.50
C PHE E 712 -35.27 -18.76 -62.77
N THR E 713 -35.98 -19.87 -62.92
CA THR E 713 -35.64 -21.12 -62.29
C THR E 713 -35.55 -22.21 -63.35
N LEU E 714 -34.47 -22.95 -63.31
CA LEU E 714 -34.29 -24.06 -64.22
C LEU E 714 -34.09 -25.30 -63.38
N LYS E 715 -34.73 -26.40 -63.80
CA LYS E 715 -34.71 -27.66 -63.11
C LYS E 715 -34.33 -28.81 -64.05
N ALA E 716 -33.35 -29.60 -63.67
CA ALA E 716 -33.04 -30.79 -64.45
C ALA E 716 -33.25 -32.02 -63.58
N ALA E 717 -34.19 -32.86 -64.01
CA ALA E 717 -34.63 -34.02 -63.28
C ALA E 717 -34.40 -35.29 -64.09
N ARG E 718 -33.67 -36.22 -63.50
CA ARG E 718 -33.33 -37.48 -64.15
C ARG E 718 -34.23 -38.57 -63.61
N THR E 719 -34.97 -39.21 -64.52
CA THR E 719 -35.97 -40.19 -64.11
C THR E 719 -35.63 -41.62 -64.56
N GLY E 720 -34.66 -41.74 -65.47
CA GLY E 720 -34.03 -43.03 -65.73
C GLY E 720 -32.73 -42.83 -66.47
N ASN E 721 -32.86 -42.62 -67.77
CA ASN E 721 -31.82 -42.06 -68.62
C ASN E 721 -32.46 -40.86 -69.30
N THR E 722 -33.68 -40.56 -68.89
CA THR E 722 -34.40 -39.39 -69.37
C THR E 722 -34.14 -38.20 -68.43
N ILE E 723 -33.61 -37.09 -68.94
CA ILE E 723 -33.54 -35.90 -68.09
C ILE E 723 -34.50 -34.82 -68.56
N THR E 724 -35.37 -34.40 -67.64
CA THR E 724 -36.41 -33.44 -67.98
C THR E 724 -36.00 -32.03 -67.55
N VAL E 725 -35.80 -31.14 -68.52
CA VAL E 725 -35.39 -29.78 -68.23
C VAL E 725 -36.61 -28.86 -68.33
N THR E 726 -36.92 -28.16 -67.23
CA THR E 726 -38.05 -27.22 -67.18
C THR E 726 -37.65 -25.84 -66.66
N GLY E 727 -37.93 -24.80 -67.44
CA GLY E 727 -37.74 -23.43 -67.02
C GLY E 727 -39.02 -22.76 -66.56
N ALA E 728 -38.87 -21.63 -65.89
CA ALA E 728 -39.97 -20.77 -65.48
C ALA E 728 -39.43 -19.38 -65.13
N GLY E 729 -40.15 -18.35 -65.54
CA GLY E 729 -39.70 -16.97 -65.35
C GLY E 729 -39.16 -16.40 -66.64
N GLU E 730 -38.35 -15.35 -66.53
CA GLU E 730 -37.80 -14.62 -67.66
C GLU E 730 -36.31 -14.92 -67.82
N ALA E 731 -35.95 -15.46 -68.99
CA ALA E 731 -34.57 -15.60 -69.44
C ALA E 731 -34.57 -15.62 -70.98
N LYS E 732 -33.51 -15.09 -71.59
CA LYS E 732 -33.38 -15.10 -73.06
C LYS E 732 -32.04 -15.66 -73.47
N ASN E 733 -32.00 -16.29 -74.64
CA ASN E 733 -30.75 -16.59 -75.32
C ASN E 733 -29.81 -17.51 -74.50
N TRP E 734 -30.39 -18.44 -73.75
CA TRP E 734 -29.61 -19.27 -72.82
C TRP E 734 -29.29 -20.64 -73.35
N THR E 735 -28.33 -21.28 -72.71
CA THR E 735 -27.72 -22.51 -73.20
C THR E 735 -27.56 -23.46 -72.01
N LEU E 736 -27.56 -24.76 -72.27
CA LEU E 736 -27.36 -25.78 -71.25
C LEU E 736 -26.22 -26.70 -71.62
N CYS E 737 -25.16 -26.73 -70.80
CA CYS E 737 -24.02 -27.63 -71.05
C CYS E 737 -24.09 -28.87 -70.18
N LEU E 738 -24.13 -30.06 -70.81
CA LEU E 738 -24.07 -31.36 -70.11
C LEU E 738 -22.61 -31.77 -69.91
N ARG E 739 -22.13 -31.51 -68.71
CA ARG E 739 -20.71 -31.56 -68.44
C ARG E 739 -20.12 -32.96 -68.48
N ASN E 740 -19.06 -33.11 -69.29
CA ASN E 740 -18.42 -34.42 -69.50
C ASN E 740 -19.33 -35.47 -70.16
N VAL E 741 -20.38 -34.98 -70.80
CA VAL E 741 -21.26 -35.77 -71.66
C VAL E 741 -20.86 -35.43 -73.11
N VAL E 742 -20.38 -36.46 -73.81
CA VAL E 742 -19.89 -36.31 -75.17
C VAL E 742 -21.05 -36.36 -76.16
N LYS E 743 -21.82 -37.44 -76.11
CA LYS E 743 -22.91 -37.66 -77.05
C LYS E 743 -24.19 -38.17 -76.39
N VAL E 744 -25.31 -37.60 -76.83
CA VAL E 744 -26.62 -37.98 -76.34
C VAL E 744 -27.40 -38.77 -77.40
N ASN E 745 -28.20 -39.74 -76.93
CA ASN E 745 -29.09 -40.54 -77.77
C ASN E 745 -30.24 -39.69 -78.37
N GLY E 746 -31.23 -39.35 -77.55
CA GLY E 746 -32.34 -38.53 -77.97
C GLY E 746 -32.29 -37.12 -77.42
N LEU E 747 -32.76 -36.17 -78.23
CA LEU E 747 -32.94 -34.78 -77.83
C LEU E 747 -34.23 -34.23 -78.42
N GLN E 748 -35.27 -34.11 -77.60
CA GLN E 748 -36.56 -33.62 -78.08
C GLN E 748 -36.87 -32.22 -77.53
N ASP E 749 -37.24 -31.32 -78.43
CA ASP E 749 -37.60 -29.92 -78.11
C ASP E 749 -36.39 -28.96 -77.99
N GLY E 750 -35.24 -29.37 -78.52
CA GLY E 750 -34.04 -28.55 -78.51
C GLY E 750 -32.95 -29.06 -79.43
N SER E 751 -32.09 -28.16 -79.92
CA SER E 751 -31.00 -28.53 -80.81
C SER E 751 -29.75 -29.04 -80.05
N GLN E 752 -28.57 -28.91 -80.66
CA GLN E 752 -27.30 -29.16 -79.95
C GLN E 752 -26.06 -28.57 -80.64
N ALA E 753 -24.91 -28.83 -80.03
CA ALA E 753 -23.60 -28.36 -80.47
C ALA E 753 -22.55 -29.04 -79.59
N GLU E 754 -21.29 -29.02 -79.99
CA GLU E 754 -20.25 -29.70 -79.21
C GLU E 754 -19.28 -28.72 -78.56
N SER E 755 -18.52 -29.23 -77.58
CA SER E 755 -17.48 -28.47 -76.91
C SER E 755 -16.61 -29.37 -76.04
N GLU E 756 -15.45 -28.86 -75.65
CA GLU E 756 -14.49 -29.59 -74.80
C GLU E 756 -15.05 -29.90 -73.41
N GLN E 757 -15.94 -29.04 -72.92
CA GLN E 757 -16.61 -29.24 -71.63
C GLN E 757 -17.72 -30.30 -71.71
N GLY E 758 -18.39 -30.32 -72.86
CA GLY E 758 -19.48 -31.25 -73.10
C GLY E 758 -20.58 -30.66 -73.97
N LEU E 759 -21.51 -31.51 -74.35
CA LEU E 759 -22.67 -31.16 -75.17
C LEU E 759 -23.40 -29.89 -74.73
N VAL E 760 -23.43 -28.90 -75.61
CA VAL E 760 -24.22 -27.71 -75.39
C VAL E 760 -25.57 -27.91 -76.07
N VAL E 761 -26.64 -27.70 -75.31
CA VAL E 761 -28.00 -27.89 -75.82
C VAL E 761 -28.76 -26.56 -75.80
N LYS E 762 -29.17 -26.12 -76.98
CA LYS E 762 -29.98 -24.91 -77.09
C LYS E 762 -31.45 -25.31 -77.10
N PRO E 763 -32.26 -24.71 -76.22
CA PRO E 763 -33.69 -25.03 -76.14
C PRO E 763 -34.54 -24.27 -77.15
N GLN E 764 -35.53 -24.94 -77.73
CA GLN E 764 -36.51 -24.26 -78.58
C GLN E 764 -37.80 -24.04 -77.79
N GLY E 765 -37.76 -23.02 -76.93
CA GLY E 765 -38.81 -22.73 -75.95
C GLY E 765 -38.78 -23.70 -74.78
N ASN E 766 -38.48 -23.17 -73.58
CA ASN E 766 -38.03 -23.95 -72.40
C ASN E 766 -38.81 -25.19 -71.91
N ALA E 767 -38.86 -26.23 -72.76
CA ALA E 767 -39.69 -27.43 -72.55
C ALA E 767 -38.93 -28.74 -72.89
N LEU E 768 -37.61 -28.70 -72.68
CA LEU E 768 -36.69 -29.76 -73.11
C LEU E 768 -36.89 -31.11 -72.44
N THR E 769 -36.45 -32.15 -73.14
CA THR E 769 -36.20 -33.47 -72.55
C THR E 769 -35.05 -34.15 -73.33
N ILE E 770 -34.21 -34.88 -72.61
CA ILE E 770 -32.95 -35.39 -73.15
C ILE E 770 -32.76 -36.85 -72.76
N THR E 771 -32.47 -37.70 -73.75
CA THR E 771 -32.26 -39.13 -73.49
C THR E 771 -30.78 -39.43 -73.59
N LEU E 772 -30.23 -40.03 -72.54
CA LEU E 772 -28.80 -40.31 -72.50
C LEU E 772 -28.47 -41.66 -73.14
N HIS E 773 -27.37 -41.66 -73.90
CA HIS E 773 -26.85 -42.84 -74.56
C HIS E 773 -26.09 -43.74 -73.57
N MET F 1 2.77 -16.77 -21.09
CA MET F 1 2.75 -15.42 -20.42
C MET F 1 2.59 -14.38 -21.51
N LYS F 2 1.70 -13.40 -21.31
CA LYS F 2 1.50 -12.39 -22.35
C LYS F 2 2.61 -11.37 -22.39
N ILE F 3 3.20 -11.21 -23.55
CA ILE F 3 4.27 -10.25 -23.74
C ILE F 3 3.80 -9.14 -24.64
N SER F 4 3.40 -9.51 -25.85
CA SER F 4 2.82 -8.55 -26.77
C SER F 4 1.38 -8.24 -26.33
N ASP F 5 0.89 -7.07 -26.75
CA ASP F 5 -0.53 -6.67 -26.58
C ASP F 5 -1.05 -6.45 -28.01
N GLY F 6 -1.48 -7.51 -28.68
CA GLY F 6 -1.74 -7.41 -30.12
C GLY F 6 -0.46 -7.40 -30.97
N ASN F 7 -0.62 -7.31 -32.30
CA ASN F 7 0.54 -7.17 -33.17
C ASN F 7 1.36 -5.89 -32.88
N TRP F 8 0.70 -4.84 -32.44
CA TRP F 8 1.28 -3.50 -32.51
C TRP F 8 1.84 -3.02 -31.18
N LEU F 9 1.40 -3.62 -30.08
CA LEU F 9 1.81 -3.08 -28.78
C LEU F 9 2.45 -4.11 -27.84
N ILE F 10 2.90 -3.66 -26.68
CA ILE F 10 3.52 -4.48 -25.67
C ILE F 10 2.70 -4.35 -24.38
N GLN F 11 2.52 -5.44 -23.64
CA GLN F 11 1.82 -5.34 -22.33
C GLN F 11 2.40 -4.19 -21.47
N PRO F 12 1.55 -3.44 -20.78
CA PRO F 12 2.02 -2.24 -20.04
C PRO F 12 3.07 -2.61 -18.99
N GLY F 13 4.13 -1.82 -18.89
CA GLY F 13 5.16 -1.98 -17.87
C GLY F 13 6.18 -3.06 -18.19
N LEU F 14 6.07 -3.67 -19.38
CA LEU F 14 7.13 -4.57 -19.88
C LEU F 14 8.07 -3.83 -20.80
N ASN F 15 9.36 -3.96 -20.54
CA ASN F 15 10.38 -3.42 -21.42
C ASN F 15 11.12 -4.60 -22.07
N LEU F 16 11.25 -4.56 -23.39
CA LEU F 16 11.79 -5.67 -24.18
C LEU F 16 13.07 -5.23 -24.88
N ILE F 17 14.06 -6.11 -24.94
CA ILE F 17 15.19 -5.92 -25.82
C ILE F 17 15.37 -7.26 -26.57
N HIS F 18 15.94 -7.23 -27.76
CA HIS F 18 15.94 -8.38 -28.64
C HIS F 18 17.33 -8.46 -29.28
N PRO F 19 17.84 -9.64 -29.58
CA PRO F 19 19.06 -9.70 -30.41
C PRO F 19 18.71 -9.31 -31.86
N LEU F 20 19.25 -8.21 -32.35
CA LEU F 20 18.85 -7.65 -33.66
C LEU F 20 19.99 -7.59 -34.64
N GLN F 21 21.23 -7.72 -34.19
CA GLN F 21 22.38 -7.54 -35.09
C GLN F 21 23.61 -8.29 -34.63
N VAL F 22 24.16 -9.11 -35.49
CA VAL F 22 25.36 -9.88 -35.14
C VAL F 22 26.46 -8.85 -34.94
N PHE F 23 27.07 -8.88 -33.76
CA PHE F 23 28.27 -8.11 -33.54
C PHE F 23 29.55 -8.92 -33.79
N GLU F 24 29.60 -10.15 -33.28
CA GLU F 24 30.80 -10.97 -33.35
C GLU F 24 30.42 -12.44 -33.29
N VAL F 25 31.21 -13.25 -34.02
CA VAL F 25 31.06 -14.69 -34.01
C VAL F 25 32.41 -15.31 -33.61
N GLU F 26 32.37 -16.30 -32.76
CA GLU F 26 33.55 -16.95 -32.26
C GLU F 26 33.30 -18.45 -32.20
N GLN F 27 34.24 -19.22 -32.72
CA GLN F 27 34.22 -20.65 -32.49
C GLN F 27 34.98 -20.97 -31.21
N GLN F 28 34.35 -21.72 -30.32
CA GLN F 28 34.99 -22.20 -29.08
C GLN F 28 34.93 -23.73 -29.10
N ASP F 29 35.99 -24.32 -29.63
CA ASP F 29 36.01 -25.74 -29.96
C ASP F 29 34.81 -26.25 -30.79
N ASN F 30 33.98 -27.10 -30.18
CA ASN F 30 32.79 -27.64 -30.84
C ASN F 30 31.50 -26.78 -30.70
N GLU F 31 31.66 -25.54 -30.23
CA GLU F 31 30.56 -24.63 -29.93
C GLU F 31 30.71 -23.32 -30.70
N MET F 32 29.59 -22.72 -31.06
CA MET F 32 29.59 -21.46 -31.79
C MET F 32 28.94 -20.39 -30.93
N VAL F 33 29.65 -19.28 -30.74
CA VAL F 33 29.14 -18.19 -29.93
C VAL F 33 28.85 -17.00 -30.81
N VAL F 34 27.64 -16.44 -30.68
CA VAL F 34 27.27 -15.22 -31.39
C VAL F 34 26.91 -14.07 -30.41
N TYR F 35 27.63 -12.96 -30.49
CA TYR F 35 27.31 -11.75 -29.75
C TYR F 35 26.38 -10.89 -30.62
N ALA F 36 25.23 -10.52 -30.05
CA ALA F 36 24.17 -9.85 -30.81
C ALA F 36 23.64 -8.66 -30.04
N ALA F 37 23.66 -7.51 -30.69
CA ALA F 37 23.31 -6.28 -30.03
C ALA F 37 21.79 -6.07 -30.22
N PRO F 38 21.13 -5.31 -29.31
CA PRO F 38 19.69 -5.01 -29.45
C PRO F 38 19.46 -3.74 -30.26
N ARG F 39 20.49 -3.28 -30.93
CA ARG F 39 20.44 -2.13 -31.81
C ARG F 39 21.63 -2.11 -32.79
N ASP F 40 21.64 -1.12 -33.67
CA ASP F 40 22.72 -0.95 -34.64
C ASP F 40 24.03 -0.54 -33.95
N VAL F 41 25.02 -1.41 -33.91
CA VAL F 41 26.30 -1.05 -33.27
C VAL F 41 27.48 -1.04 -34.23
N ARG F 42 27.21 -0.68 -35.49
CA ARG F 42 28.24 -0.66 -36.53
C ARG F 42 29.29 0.45 -36.28
N GLU F 43 28.83 1.57 -35.75
CA GLU F 43 29.68 2.71 -35.37
C GLU F 43 30.09 2.60 -33.90
N ARG F 44 31.32 3.03 -33.60
CA ARG F 44 31.90 2.94 -32.25
C ARG F 44 31.16 3.77 -31.24
N THR F 45 30.57 4.87 -31.71
CA THR F 45 29.73 5.68 -30.86
C THR F 45 28.59 4.89 -30.21
N TRP F 46 28.19 3.77 -30.82
CA TRP F 46 27.08 3.00 -30.28
C TRP F 46 27.58 1.74 -29.61
N GLN F 47 28.90 1.55 -29.58
CA GLN F 47 29.45 0.36 -28.93
C GLN F 47 29.68 0.55 -27.41
N LEU F 48 28.68 1.14 -26.73
CA LEU F 48 28.73 1.29 -25.27
C LEU F 48 27.34 1.71 -24.83
N ASP F 49 27.02 1.64 -23.52
CA ASP F 49 25.67 2.05 -23.05
C ASP F 49 24.59 1.25 -23.79
N THR F 50 24.78 -0.04 -23.89
CA THR F 50 23.78 -0.94 -24.49
C THR F 50 23.93 -2.33 -23.87
N PRO F 51 22.81 -3.03 -23.68
CA PRO F 51 22.83 -4.49 -23.47
C PRO F 51 23.46 -5.21 -24.66
N LEU F 52 23.78 -6.47 -24.44
CA LEU F 52 24.37 -7.33 -25.45
C LEU F 52 23.96 -8.75 -25.16
N PHE F 53 23.43 -9.46 -26.15
CA PHE F 53 23.06 -10.85 -25.97
C PHE F 53 24.23 -11.79 -26.37
N THR F 54 24.41 -12.85 -25.60
CA THR F 54 25.35 -13.92 -25.85
C THR F 54 24.57 -15.22 -26.14
N LEU F 55 24.53 -15.61 -27.42
CA LEU F 55 23.94 -16.86 -27.89
C LEU F 55 25.01 -17.92 -28.10
N ARG F 56 24.85 -19.10 -27.51
CA ARG F 56 25.80 -20.18 -27.72
C ARG F 56 25.07 -21.37 -28.40
N PHE F 57 25.63 -21.89 -29.48
CA PHE F 57 25.10 -23.11 -30.12
C PHE F 57 26.05 -24.29 -29.93
N PHE F 58 25.47 -25.45 -29.60
CA PHE F 58 26.19 -26.65 -29.24
C PHE F 58 25.28 -27.85 -29.52
N SER F 59 25.86 -29.04 -29.58
CA SER F 59 25.04 -30.23 -29.83
C SER F 59 25.37 -31.29 -28.83
N PRO F 60 24.38 -31.70 -28.00
CA PRO F 60 24.59 -32.79 -27.05
C PRO F 60 24.48 -34.22 -27.64
N GLN F 61 23.93 -34.34 -28.84
CA GLN F 61 23.71 -35.62 -29.53
C GLN F 61 23.55 -35.27 -30.98
N GLU F 62 23.91 -36.20 -31.87
CA GLU F 62 23.63 -36.08 -33.30
C GLU F 62 22.17 -35.64 -33.57
N GLY F 63 21.98 -34.66 -34.43
CA GLY F 63 20.64 -34.22 -34.79
C GLY F 63 19.88 -33.35 -33.77
N ILE F 64 20.57 -32.94 -32.69
CA ILE F 64 19.99 -32.06 -31.68
C ILE F 64 20.81 -30.80 -31.63
N VAL F 65 20.17 -29.66 -31.88
CA VAL F 65 20.90 -28.39 -31.66
C VAL F 65 20.41 -27.63 -30.41
N GLY F 66 21.34 -27.42 -29.49
CA GLY F 66 21.16 -26.59 -28.32
C GLY F 66 21.44 -25.13 -28.62
N VAL F 67 20.52 -24.27 -28.15
CA VAL F 67 20.59 -22.82 -28.29
C VAL F 67 20.47 -22.22 -26.90
N ARG F 68 21.46 -21.45 -26.48
CA ARG F 68 21.42 -20.80 -25.16
C ARG F 68 21.51 -19.33 -25.40
N ILE F 69 20.51 -18.56 -24.98
CA ILE F 69 20.47 -17.12 -25.23
C ILE F 69 20.59 -16.48 -23.88
N GLU F 70 21.60 -15.64 -23.65
CA GLU F 70 21.71 -15.11 -22.33
C GLU F 70 22.02 -13.64 -22.20
N HIS F 71 21.50 -13.07 -21.11
CA HIS F 71 21.75 -11.69 -20.77
C HIS F 71 22.88 -11.67 -19.70
N PHE F 72 22.55 -11.62 -18.40
CA PHE F 72 23.60 -11.61 -17.35
C PHE F 72 24.09 -13.01 -16.95
N GLN F 73 25.40 -13.20 -16.80
CA GLN F 73 25.95 -14.49 -16.34
C GLN F 73 26.25 -14.52 -14.84
N GLY F 74 26.05 -13.40 -14.15
CA GLY F 74 26.36 -13.34 -12.73
C GLY F 74 25.28 -13.85 -11.79
N ALA F 75 24.13 -14.26 -12.33
CA ALA F 75 23.01 -14.72 -11.50
C ALA F 75 23.37 -16.02 -10.79
N LEU F 76 22.64 -16.32 -9.72
CA LEU F 76 22.91 -17.50 -8.89
C LEU F 76 22.91 -18.85 -9.63
N ASN F 77 21.88 -19.13 -10.43
CA ASN F 77 21.77 -20.43 -11.15
C ASN F 77 22.19 -21.73 -10.32
N ASN F 78 21.28 -22.23 -9.50
CA ASN F 78 21.49 -23.45 -8.72
C ASN F 78 20.67 -24.58 -9.37
N GLY F 79 21.02 -25.83 -9.03
CA GLY F 79 20.24 -27.01 -9.40
C GLY F 79 18.87 -27.14 -8.72
N PRO F 80 18.15 -28.22 -9.00
CA PRO F 80 18.60 -29.32 -9.85
C PRO F 80 18.44 -29.03 -11.35
N HIS F 81 19.11 -29.84 -12.19
CA HIS F 81 19.07 -29.73 -13.64
C HIS F 81 18.42 -31.00 -14.19
N TYR F 82 17.89 -30.95 -15.40
CA TYR F 82 17.33 -32.14 -16.02
C TYR F 82 18.43 -33.20 -16.24
N PRO F 83 18.07 -34.47 -16.14
CA PRO F 83 19.07 -35.57 -16.24
C PRO F 83 19.41 -35.85 -17.70
N LEU F 84 20.01 -34.87 -18.38
CA LEU F 84 20.32 -34.97 -19.79
C LEU F 84 21.59 -35.81 -20.05
N ASN F 85 21.52 -36.62 -21.11
CA ASN F 85 22.68 -37.34 -21.66
C ASN F 85 23.40 -36.44 -22.64
N ILE F 86 24.48 -35.79 -22.17
CA ILE F 86 25.20 -34.79 -22.94
C ILE F 86 26.50 -35.37 -23.43
N LEU F 87 26.66 -35.51 -24.74
CA LEU F 87 27.96 -35.93 -25.27
C LEU F 87 28.89 -34.73 -25.53
N GLN F 88 30.20 -34.98 -25.37
CA GLN F 88 31.25 -33.96 -25.50
C GLN F 88 31.89 -33.93 -26.90
N ASP F 89 31.69 -34.97 -27.70
CA ASP F 89 32.43 -35.09 -28.96
C ASP F 89 31.53 -35.33 -30.17
N VAL F 90 30.31 -34.81 -30.13
CA VAL F 90 29.43 -34.96 -31.27
C VAL F 90 30.11 -34.28 -32.45
N LYS F 91 30.10 -34.93 -33.60
CA LYS F 91 30.67 -34.31 -34.80
C LYS F 91 29.80 -33.16 -35.24
N VAL F 92 30.40 -31.97 -35.36
CA VAL F 92 29.66 -30.79 -35.81
C VAL F 92 30.47 -29.99 -36.81
N THR F 93 29.75 -29.17 -37.56
CA THR F 93 30.35 -28.25 -38.51
C THR F 93 29.95 -26.85 -38.12
N ILE F 94 30.91 -25.94 -38.27
CA ILE F 94 30.71 -24.53 -37.97
C ILE F 94 31.21 -23.72 -39.17
N GLU F 95 30.33 -22.89 -39.73
CA GLU F 95 30.80 -21.98 -40.79
C GLU F 95 30.48 -20.54 -40.45
N ASN F 96 31.50 -19.71 -40.58
CA ASN F 96 31.39 -18.32 -40.23
C ASN F 96 31.77 -17.51 -41.45
N THR F 97 30.74 -17.13 -42.22
CA THR F 97 30.92 -16.35 -43.46
C THR F 97 30.49 -14.90 -43.28
N GLU F 98 30.56 -14.14 -44.36
CA GLU F 98 30.19 -12.72 -44.33
C GLU F 98 28.69 -12.55 -44.11
N ARG F 99 27.91 -13.52 -44.62
CA ARG F 99 26.45 -13.50 -44.58
C ARG F 99 25.88 -14.25 -43.37
N TYR F 100 26.55 -15.31 -42.93
CA TYR F 100 25.99 -16.24 -41.96
C TYR F 100 26.96 -16.79 -40.95
N ALA F 101 26.42 -17.14 -39.79
CA ALA F 101 27.09 -18.03 -38.84
C ALA F 101 26.20 -19.28 -38.74
N GLU F 102 26.74 -20.44 -39.11
CA GLU F 102 25.92 -21.64 -39.16
C GLU F 102 26.56 -22.77 -38.39
N PHE F 103 25.74 -23.39 -37.55
CA PHE F 103 26.11 -24.49 -36.68
C PHE F 103 25.31 -25.73 -37.09
N LYS F 104 26.00 -26.83 -37.39
CA LYS F 104 25.34 -28.02 -37.96
C LYS F 104 25.70 -29.32 -37.23
N SER F 105 24.68 -30.10 -36.89
CA SER F 105 24.85 -31.42 -36.28
C SER F 105 23.97 -32.41 -37.00
N GLY F 106 24.56 -33.45 -37.61
CA GLY F 106 23.81 -34.33 -38.47
C GLY F 106 23.21 -33.53 -39.61
N ASN F 107 21.90 -33.64 -39.81
CA ASN F 107 21.24 -32.89 -40.88
C ASN F 107 20.64 -31.58 -40.40
N LEU F 108 20.86 -31.27 -39.12
CA LEU F 108 20.21 -30.11 -38.51
C LEU F 108 21.17 -29.00 -38.21
N SER F 109 20.88 -27.82 -38.78
CA SER F 109 21.66 -26.65 -38.47
C SER F 109 20.84 -25.50 -37.90
N ALA F 110 21.53 -24.65 -37.14
CA ALA F 110 21.04 -23.33 -36.79
C ALA F 110 21.92 -22.32 -37.51
N ARG F 111 21.28 -21.37 -38.17
CA ARG F 111 21.94 -20.34 -38.95
C ARG F 111 21.42 -18.96 -38.53
N VAL F 112 22.33 -18.10 -38.14
CA VAL F 112 22.02 -16.69 -37.89
C VAL F 112 22.52 -15.83 -39.06
N SER F 113 21.68 -14.92 -39.54
CA SER F 113 22.01 -13.99 -40.61
C SER F 113 22.66 -12.73 -40.07
N LYS F 114 23.78 -12.36 -40.69
CA LYS F 114 24.50 -11.16 -40.34
C LYS F 114 23.94 -9.96 -41.09
N GLY F 115 24.35 -8.77 -40.68
CA GLY F 115 23.88 -7.53 -41.31
C GLY F 115 22.53 -7.02 -40.82
N GLU F 116 21.89 -6.22 -41.66
CA GLU F 116 20.67 -5.49 -41.35
C GLU F 116 19.43 -6.35 -41.06
N PHE F 117 19.41 -7.57 -41.58
CA PHE F 117 18.23 -8.44 -41.42
C PHE F 117 18.54 -9.73 -40.64
N TRP F 118 18.48 -9.59 -39.32
CA TRP F 118 18.67 -10.67 -38.38
C TRP F 118 17.65 -11.74 -38.64
N SER F 119 18.07 -13.00 -38.53
CA SER F 119 17.19 -14.13 -38.68
C SER F 119 17.87 -15.30 -37.97
N LEU F 120 17.06 -16.16 -37.38
CA LEU F 120 17.56 -17.35 -36.75
C LEU F 120 16.77 -18.48 -37.35
N ASP F 121 17.42 -19.32 -38.15
CA ASP F 121 16.75 -20.36 -38.88
C ASP F 121 17.30 -21.72 -38.57
N PHE F 122 16.36 -22.66 -38.39
CA PHE F 122 16.68 -24.06 -38.23
C PHE F 122 16.46 -24.78 -39.55
N LEU F 123 17.53 -25.41 -40.04
CA LEU F 123 17.55 -25.98 -41.38
C LEU F 123 17.72 -27.48 -41.29
N ARG F 124 17.00 -28.19 -42.16
CA ARG F 124 17.17 -29.63 -42.33
C ARG F 124 17.63 -29.84 -43.74
N ASN F 125 18.89 -30.28 -43.89
CA ASN F 125 19.50 -30.37 -45.20
C ASN F 125 19.35 -29.05 -45.96
N GLY F 126 19.52 -27.91 -45.26
CA GLY F 126 19.42 -26.60 -45.87
C GLY F 126 18.01 -26.05 -46.08
N GLU F 127 16.99 -26.81 -45.68
CA GLU F 127 15.62 -26.31 -45.77
C GLU F 127 15.07 -25.88 -44.40
N ARG F 128 14.48 -24.70 -44.34
CA ARG F 128 13.95 -24.14 -43.09
C ARG F 128 12.77 -24.92 -42.51
N ILE F 129 12.98 -25.52 -41.35
CA ILE F 129 11.89 -26.24 -40.71
C ILE F 129 11.08 -25.37 -39.71
N THR F 130 11.73 -24.35 -39.19
CA THR F 130 11.19 -23.39 -38.22
C THR F 130 12.32 -22.40 -37.95
N GLY F 131 12.07 -21.44 -37.08
CA GLY F 131 13.06 -20.43 -36.80
C GLY F 131 12.48 -19.32 -35.97
N SER F 132 13.34 -18.39 -35.64
CA SER F 132 12.97 -17.23 -34.86
C SER F 132 13.17 -15.99 -35.68
N GLN F 133 12.06 -15.29 -35.93
CA GLN F 133 12.15 -14.06 -36.67
C GLN F 133 12.63 -12.94 -35.76
N VAL F 134 13.23 -11.89 -36.35
CA VAL F 134 13.69 -10.76 -35.58
C VAL F 134 12.63 -10.21 -34.60
N LYS F 135 13.03 -10.00 -33.33
CA LYS F 135 12.16 -9.48 -32.27
C LYS F 135 11.23 -10.53 -31.64
N ASN F 136 11.42 -11.78 -32.01
CA ASN F 136 10.63 -12.87 -31.44
C ASN F 136 11.40 -13.70 -30.40
N ASN F 137 12.61 -13.24 -30.09
CA ASN F 137 13.24 -13.62 -28.84
C ASN F 137 13.83 -12.43 -28.06
N GLY F 138 14.18 -12.69 -26.80
CA GLY F 138 14.84 -11.68 -26.01
C GLY F 138 14.56 -11.69 -24.53
N TYR F 139 14.76 -10.52 -23.94
CA TYR F 139 14.69 -10.36 -22.50
C TYR F 139 13.52 -9.46 -22.18
N VAL F 140 12.77 -9.83 -21.15
CA VAL F 140 11.63 -9.04 -20.67
C VAL F 140 11.93 -8.56 -19.25
N GLN F 141 12.00 -7.25 -19.10
CA GLN F 141 12.08 -6.62 -17.79
C GLN F 141 10.63 -6.22 -17.43
N ASP F 142 10.01 -7.01 -16.56
CA ASP F 142 8.66 -6.80 -16.09
C ASP F 142 8.75 -5.84 -14.88
N THR F 143 8.31 -4.63 -15.13
CA THR F 143 8.43 -3.51 -14.22
C THR F 143 7.28 -3.55 -13.20
N ASN F 144 6.22 -4.30 -13.52
CA ASN F 144 5.09 -4.46 -12.59
C ASN F 144 5.43 -5.35 -11.39
N ASN F 145 6.14 -6.45 -11.62
CA ASN F 145 6.43 -7.38 -10.53
C ASN F 145 7.92 -7.47 -10.22
N GLN F 146 8.71 -6.64 -10.87
CA GLN F 146 10.14 -6.63 -10.64
C GLN F 146 10.80 -8.00 -10.99
N ARG F 147 10.20 -8.72 -11.94
CA ARG F 147 10.77 -9.98 -12.41
C ARG F 147 11.26 -9.86 -13.87
N ASN F 148 12.23 -10.69 -14.23
CA ASN F 148 12.83 -10.67 -15.55
C ASN F 148 12.74 -12.02 -16.21
N TYR F 149 12.47 -12.01 -17.52
CA TYR F 149 12.24 -13.25 -18.28
C TYR F 149 13.06 -13.28 -19.58
N MET F 150 13.30 -14.46 -20.09
CA MET F 150 13.81 -14.65 -21.45
C MET F 150 12.72 -15.37 -22.23
N PHE F 151 12.58 -15.08 -23.51
CA PHE F 151 11.55 -15.76 -24.27
C PHE F 151 12.00 -16.06 -25.69
N GLU F 152 11.25 -16.91 -26.36
CA GLU F 152 11.50 -17.24 -27.75
C GLU F 152 10.15 -17.57 -28.39
N ARG F 153 10.01 -17.26 -29.67
CA ARG F 153 8.90 -17.75 -30.48
C ARG F 153 9.39 -18.48 -31.73
N LEU F 154 9.14 -19.79 -31.78
CA LEU F 154 9.45 -20.61 -32.97
C LEU F 154 8.28 -20.69 -33.95
N ASP F 155 8.54 -20.40 -35.23
CA ASP F 155 7.45 -20.34 -36.26
C ASP F 155 6.75 -21.67 -36.42
N LEU F 156 5.46 -21.59 -36.80
CA LEU F 156 4.71 -22.71 -37.28
C LEU F 156 4.23 -22.35 -38.72
N GLY F 157 4.45 -23.26 -39.67
CA GLY F 157 4.00 -23.04 -41.04
C GLY F 157 2.51 -23.34 -41.19
N VAL F 158 2.00 -23.21 -42.42
CA VAL F 158 0.61 -23.48 -42.72
C VAL F 158 0.31 -24.95 -42.44
N GLY F 159 -0.77 -25.20 -41.66
CA GLY F 159 -1.18 -26.53 -41.29
C GLY F 159 -0.26 -27.30 -40.33
N GLU F 160 0.72 -26.61 -39.73
CA GLU F 160 1.64 -27.27 -38.77
C GLU F 160 1.02 -27.40 -37.36
N THR F 161 0.88 -28.61 -36.88
CA THR F 161 0.18 -28.79 -35.62
C THR F 161 1.15 -29.23 -34.56
N VAL F 162 0.79 -28.92 -33.30
CA VAL F 162 1.65 -29.11 -32.13
C VAL F 162 1.11 -30.15 -31.16
N TYR F 163 2.01 -30.99 -30.64
CA TYR F 163 1.62 -32.06 -29.75
C TYR F 163 2.56 -32.15 -28.56
N GLY F 164 2.07 -32.82 -27.52
CA GLY F 164 2.87 -33.23 -26.38
C GLY F 164 2.73 -32.29 -25.18
N LEU F 165 3.90 -31.85 -24.65
CA LEU F 165 3.96 -31.01 -23.44
C LEU F 165 3.46 -31.77 -22.21
N GLY F 166 3.51 -33.10 -22.27
CA GLY F 166 3.18 -33.91 -21.13
C GLY F 166 1.84 -34.59 -21.26
N GLU F 167 1.35 -35.13 -20.14
CA GLU F 167 0.05 -35.79 -20.08
C GLU F 167 -1.02 -34.73 -19.82
N ARG F 168 -1.69 -34.28 -20.87
CA ARG F 168 -2.65 -33.16 -20.71
C ARG F 168 -4.00 -33.60 -21.25
N PHE F 169 -5.07 -33.08 -20.66
CA PHE F 169 -6.42 -33.59 -20.93
C PHE F 169 -7.29 -32.67 -21.81
N THR F 170 -6.71 -31.55 -22.25
CA THR F 170 -7.37 -30.65 -23.22
C THR F 170 -7.30 -31.28 -24.63
N ALA F 171 -7.80 -30.57 -25.66
CA ALA F 171 -7.69 -31.04 -27.06
C ALA F 171 -6.26 -31.47 -27.38
N LEU F 172 -6.12 -32.56 -28.12
CA LEU F 172 -4.82 -33.18 -28.37
C LEU F 172 -3.84 -32.28 -29.10
N VAL F 173 -4.31 -31.62 -30.15
CA VAL F 173 -3.51 -30.60 -30.84
C VAL F 173 -3.51 -29.31 -30.04
N ARG F 174 -2.31 -28.80 -29.79
CA ARG F 174 -2.11 -27.75 -28.81
C ARG F 174 -2.34 -26.34 -29.34
N ASN F 175 -2.37 -26.16 -30.66
CA ASN F 175 -2.52 -24.82 -31.26
C ASN F 175 -3.74 -24.15 -30.59
N GLY F 176 -3.61 -22.88 -30.18
CA GLY F 176 -4.65 -22.19 -29.44
C GLY F 176 -4.58 -22.24 -27.90
N GLN F 177 -3.69 -23.07 -27.36
CA GLN F 177 -3.64 -23.33 -25.91
C GLN F 177 -2.45 -22.67 -25.22
N THR F 178 -2.71 -22.12 -24.02
CA THR F 178 -1.67 -21.70 -23.09
C THR F 178 -1.36 -22.94 -22.25
N VAL F 179 -0.09 -23.25 -22.05
CA VAL F 179 0.24 -24.32 -21.11
C VAL F 179 1.41 -23.94 -20.19
N GLU F 180 1.23 -24.13 -18.89
CA GLU F 180 2.30 -23.86 -17.95
C GLU F 180 2.83 -25.21 -17.47
N THR F 181 4.14 -25.44 -17.59
CA THR F 181 4.68 -26.73 -17.15
C THR F 181 4.91 -26.76 -15.64
N TRP F 182 3.88 -27.13 -14.92
CA TRP F 182 3.97 -27.02 -13.48
C TRP F 182 3.15 -28.15 -12.92
N ASN F 183 3.77 -29.12 -12.26
CA ASN F 183 2.97 -30.26 -11.75
C ASN F 183 1.90 -29.82 -10.76
N ARG F 184 0.70 -30.37 -10.92
CA ARG F 184 -0.44 -30.04 -10.08
C ARG F 184 -1.32 -31.25 -9.88
N ASP F 185 -2.09 -31.27 -8.81
CA ASP F 185 -3.05 -32.35 -8.63
C ASP F 185 -4.43 -31.72 -8.95
N GLY F 186 -4.84 -31.81 -10.21
CA GLY F 186 -6.08 -31.20 -10.66
C GLY F 186 -7.06 -32.16 -11.28
N GLY F 187 -6.81 -33.46 -11.13
CA GLY F 187 -7.62 -34.45 -11.79
C GLY F 187 -7.32 -34.47 -13.27
N THR F 188 -8.24 -35.03 -14.07
CA THR F 188 -8.09 -35.19 -15.53
C THR F 188 -9.03 -34.28 -16.34
N SER F 189 -9.76 -33.40 -15.66
CA SER F 189 -10.90 -32.71 -16.29
C SER F 189 -10.62 -31.24 -16.54
N THR F 190 -9.37 -30.85 -16.32
CA THR F 190 -8.97 -29.43 -16.46
C THR F 190 -7.73 -29.28 -17.32
N GLU F 191 -7.27 -28.03 -17.42
CA GLU F 191 -6.07 -27.65 -18.12
C GLU F 191 -4.81 -28.06 -17.33
N GLN F 192 -4.97 -28.49 -16.10
CA GLN F 192 -3.84 -28.78 -15.24
C GLN F 192 -3.36 -30.21 -15.49
N ALA F 193 -2.11 -30.49 -15.09
CA ALA F 193 -1.51 -31.79 -15.34
C ALA F 193 -0.65 -32.26 -14.19
N TYR F 194 -0.74 -33.55 -13.91
CA TYR F 194 0.16 -34.18 -12.93
C TYR F 194 1.56 -34.38 -13.49
N LYS F 195 1.67 -34.48 -14.81
CA LYS F 195 2.90 -34.84 -15.50
C LYS F 195 3.22 -33.83 -16.55
N ASN F 196 4.05 -32.86 -16.20
CA ASN F 196 4.43 -31.82 -17.15
C ASN F 196 5.79 -32.02 -17.77
N ILE F 197 5.88 -31.80 -19.08
CA ILE F 197 7.14 -31.96 -19.82
C ILE F 197 7.19 -30.81 -20.81
N PRO F 198 8.25 -29.97 -20.74
CA PRO F 198 8.40 -28.84 -21.68
C PRO F 198 9.01 -29.23 -23.02
N PHE F 199 8.46 -30.31 -23.56
CA PHE F 199 8.83 -30.80 -24.90
C PHE F 199 7.55 -30.85 -25.72
N TYR F 200 7.63 -30.29 -26.91
CA TYR F 200 6.55 -30.46 -27.87
C TYR F 200 7.15 -30.98 -29.14
N MET F 201 6.38 -31.66 -29.96
CA MET F 201 6.81 -31.88 -31.34
C MET F 201 5.71 -31.51 -32.32
N THR F 202 6.05 -31.42 -33.60
CA THR F 202 5.06 -31.05 -34.60
C THR F 202 4.94 -32.09 -35.72
N ASN F 203 3.88 -31.97 -36.54
CA ASN F 203 3.71 -32.78 -37.74
C ASN F 203 4.67 -32.39 -38.86
N ARG F 204 5.61 -31.49 -38.62
CA ARG F 204 6.69 -31.22 -39.58
C ARG F 204 7.99 -31.98 -39.20
N GLY F 205 7.91 -32.89 -38.24
CA GLY F 205 9.00 -33.81 -37.95
C GLY F 205 10.22 -33.27 -37.20
N TYR F 206 9.98 -32.34 -36.29
CA TYR F 206 10.99 -31.91 -35.32
C TYR F 206 10.34 -31.81 -33.97
N GLY F 207 11.17 -31.71 -32.95
CA GLY F 207 10.68 -31.43 -31.62
C GLY F 207 11.54 -30.37 -30.99
N VAL F 208 11.07 -29.89 -29.83
CA VAL F 208 11.87 -28.97 -29.02
C VAL F 208 11.68 -29.19 -27.53
N LEU F 209 12.82 -29.26 -26.84
CA LEU F 209 12.84 -29.36 -25.41
C LEU F 209 13.31 -28.03 -24.85
N VAL F 210 12.50 -27.40 -24.01
CA VAL F 210 12.91 -26.20 -23.34
C VAL F 210 13.61 -26.61 -22.03
N ASN F 211 14.89 -26.24 -21.87
CA ASN F 211 15.70 -26.90 -20.85
C ASN F 211 15.66 -26.20 -19.48
N HIS F 212 14.46 -26.15 -18.92
CA HIS F 212 14.22 -25.47 -17.64
C HIS F 212 13.21 -26.25 -16.80
N PRO F 213 13.64 -26.78 -15.65
CA PRO F 213 12.74 -27.53 -14.78
C PRO F 213 11.72 -26.65 -14.06
N GLN F 214 11.97 -25.34 -13.95
CA GLN F 214 11.02 -24.44 -13.30
C GLN F 214 9.78 -24.28 -14.23
N CYS F 215 8.84 -23.43 -13.86
CA CYS F 215 7.65 -23.22 -14.71
C CYS F 215 8.07 -22.63 -16.03
N VAL F 216 7.78 -23.35 -17.11
CA VAL F 216 7.91 -22.79 -18.45
C VAL F 216 6.50 -22.41 -18.94
N SER F 217 6.34 -21.20 -19.38
CA SER F 217 5.03 -20.73 -19.84
C SER F 217 4.96 -20.76 -21.35
N PHE F 218 4.18 -21.70 -21.92
CA PHE F 218 4.05 -21.80 -23.37
C PHE F 218 2.75 -21.15 -23.86
N GLU F 219 2.84 -20.39 -24.93
CA GLU F 219 1.69 -19.88 -25.64
C GLU F 219 1.76 -20.55 -27.02
N VAL F 220 1.00 -21.63 -27.18
CA VAL F 220 1.10 -22.40 -28.43
C VAL F 220 0.06 -21.90 -29.45
N GLY F 221 0.46 -20.97 -30.31
CA GLY F 221 -0.46 -20.37 -31.28
C GLY F 221 -1.60 -19.62 -30.60
N SER F 222 -1.38 -19.22 -29.34
CA SER F 222 -2.36 -18.58 -28.45
C SER F 222 -2.06 -17.11 -28.12
N GLU F 223 -0.82 -16.64 -28.36
CA GLU F 223 -0.51 -15.19 -28.28
C GLU F 223 -0.19 -14.70 -29.70
N LYS F 224 0.74 -15.39 -30.35
CA LYS F 224 1.04 -15.13 -31.75
C LYS F 224 0.60 -16.43 -32.38
N VAL F 225 -0.37 -16.32 -33.31
CA VAL F 225 -1.10 -17.50 -33.77
C VAL F 225 -0.24 -18.45 -34.61
N SER F 226 0.80 -17.92 -35.26
CA SER F 226 1.70 -18.74 -36.07
C SER F 226 3.07 -19.00 -35.43
N LYS F 227 3.16 -18.99 -34.09
CA LYS F 227 4.41 -19.28 -33.39
C LYS F 227 4.10 -20.06 -32.13
N VAL F 228 5.09 -20.85 -31.65
CA VAL F 228 5.09 -21.35 -30.28
C VAL F 228 6.02 -20.46 -29.45
N GLN F 229 5.44 -19.68 -28.54
CA GLN F 229 6.20 -18.84 -27.62
C GLN F 229 6.45 -19.64 -26.35
N PHE F 230 7.67 -19.55 -25.81
CA PHE F 230 7.91 -20.06 -24.47
C PHE F 230 8.79 -19.06 -23.71
N SER F 231 8.54 -18.89 -22.43
CA SER F 231 9.24 -17.89 -21.63
C SER F 231 9.47 -18.47 -20.26
N VAL F 232 10.54 -18.03 -19.63
CA VAL F 232 10.98 -18.54 -18.34
C VAL F 232 11.57 -17.40 -17.51
N GLU F 233 11.33 -17.41 -16.20
CA GLU F 233 11.89 -16.38 -15.34
C GLU F 233 13.38 -16.72 -15.13
N SER F 234 14.25 -16.02 -15.83
CA SER F 234 15.67 -16.43 -15.92
C SER F 234 16.45 -15.37 -16.65
N GLU F 235 17.77 -15.37 -16.42
CA GLU F 235 18.71 -14.52 -17.14
C GLU F 235 19.21 -15.21 -18.43
N TYR F 236 18.85 -16.47 -18.64
CA TYR F 236 19.19 -17.15 -19.89
C TYR F 236 18.07 -18.09 -20.27
N LEU F 237 17.92 -18.37 -21.56
CA LEU F 237 16.95 -19.37 -21.97
C LEU F 237 17.71 -20.43 -22.74
N GLU F 238 17.46 -21.69 -22.45
CA GLU F 238 18.17 -22.70 -23.20
C GLU F 238 17.16 -23.71 -23.74
N TYR F 239 17.17 -23.91 -25.06
CA TYR F 239 16.33 -24.95 -25.67
C TYR F 239 17.08 -25.82 -26.68
N PHE F 240 16.52 -27.00 -26.95
CA PHE F 240 17.03 -27.92 -27.97
C PHE F 240 16.01 -28.16 -29.09
N VAL F 241 16.44 -27.92 -30.32
CA VAL F 241 15.74 -28.35 -31.51
C VAL F 241 16.18 -29.78 -31.89
N ILE F 242 15.20 -30.69 -31.93
CA ILE F 242 15.46 -32.12 -32.11
C ILE F 242 14.92 -32.57 -33.48
N ASP F 243 15.83 -32.99 -34.35
CA ASP F 243 15.42 -33.38 -35.70
C ASP F 243 14.71 -34.73 -35.74
N GLY F 244 14.01 -34.99 -36.84
CA GLY F 244 13.30 -36.24 -37.06
C GLY F 244 13.95 -36.99 -38.22
N PRO F 245 13.36 -36.93 -39.42
CA PRO F 245 12.28 -35.98 -39.77
C PRO F 245 10.88 -36.57 -39.60
N THR F 246 10.78 -37.60 -38.79
CA THR F 246 9.51 -38.24 -38.54
C THR F 246 9.24 -38.21 -37.05
N PRO F 247 7.97 -38.18 -36.64
CA PRO F 247 7.64 -38.16 -35.22
C PRO F 247 8.36 -39.25 -34.44
N LYS F 248 8.37 -40.49 -34.97
CA LYS F 248 9.05 -41.56 -34.29
C LYS F 248 10.55 -41.31 -34.21
N ALA F 249 11.14 -40.71 -35.24
CA ALA F 249 12.57 -40.38 -35.20
C ALA F 249 12.90 -39.28 -34.17
N VAL F 250 12.00 -38.31 -34.01
CA VAL F 250 12.10 -37.26 -32.97
C VAL F 250 12.15 -37.87 -31.58
N LEU F 251 11.19 -38.75 -31.32
CA LEU F 251 11.07 -39.42 -30.05
C LEU F 251 12.24 -40.37 -29.75
N ASP F 252 12.86 -40.88 -30.82
CA ASP F 252 14.02 -41.76 -30.69
C ASP F 252 15.18 -40.89 -30.19
N ARG F 253 15.43 -39.76 -30.85
CA ARG F 253 16.46 -38.82 -30.38
C ARG F 253 16.11 -38.26 -29.01
N TYR F 254 14.81 -37.92 -28.83
CA TYR F 254 14.33 -37.31 -27.58
C TYR F 254 14.59 -38.23 -26.40
N THR F 255 14.15 -39.49 -26.51
CA THR F 255 14.40 -40.45 -25.42
C THR F 255 15.86 -40.92 -25.27
N ARG F 256 16.65 -40.83 -26.33
CA ARG F 256 18.09 -41.15 -26.18
C ARG F 256 18.69 -40.07 -25.28
N PHE F 257 18.31 -38.82 -25.56
CA PHE F 257 18.75 -37.61 -24.84
C PHE F 257 18.31 -37.58 -23.34
N THR F 258 17.05 -37.92 -23.07
CA THR F 258 16.47 -37.72 -21.73
C THR F 258 16.16 -39.00 -20.97
N GLY F 259 16.12 -40.11 -21.69
CA GLY F 259 15.92 -41.40 -21.02
C GLY F 259 14.95 -42.32 -21.74
N ARG F 260 15.36 -43.58 -21.82
CA ARG F 260 14.61 -44.59 -22.57
C ARG F 260 13.64 -45.17 -21.58
N PRO F 261 12.38 -45.31 -21.95
CA PRO F 261 11.44 -46.10 -21.16
C PRO F 261 12.08 -47.45 -20.83
N ALA F 262 12.02 -47.87 -19.58
CA ALA F 262 12.40 -49.23 -19.25
C ALA F 262 11.38 -50.22 -19.81
N LEU F 263 11.82 -51.46 -19.93
CA LEU F 263 10.99 -52.52 -20.42
C LEU F 263 10.42 -53.16 -19.20
N PRO F 264 9.11 -53.03 -19.00
CA PRO F 264 8.44 -53.64 -17.84
C PRO F 264 8.43 -55.17 -17.94
N PRO F 265 8.37 -55.90 -16.81
CA PRO F 265 8.22 -57.36 -16.83
C PRO F 265 6.87 -57.80 -17.33
N ALA F 266 6.92 -58.97 -17.97
CA ALA F 266 5.80 -59.43 -18.76
C ALA F 266 4.56 -59.50 -17.92
N TRP F 267 4.70 -59.94 -16.67
CA TRP F 267 3.53 -60.12 -15.81
C TRP F 267 2.72 -58.84 -15.52
N SER F 268 3.37 -57.68 -15.59
CA SER F 268 2.74 -56.38 -15.37
C SER F 268 1.71 -56.04 -16.45
N PHE F 269 1.82 -56.72 -17.61
CA PHE F 269 0.89 -56.51 -18.70
C PHE F 269 -0.44 -57.20 -18.50
N GLY F 270 -0.58 -57.98 -17.43
CA GLY F 270 -1.86 -58.60 -17.16
C GLY F 270 -2.91 -57.67 -16.54
N LEU F 271 -3.99 -58.27 -16.04
CA LEU F 271 -5.05 -57.53 -15.34
C LEU F 271 -4.67 -57.23 -13.89
N TRP F 272 -4.66 -55.93 -13.56
CA TRP F 272 -4.58 -55.45 -12.19
C TRP F 272 -5.97 -55.19 -11.57
N LEU F 273 -6.17 -55.68 -10.36
CA LEU F 273 -7.34 -55.28 -9.57
C LEU F 273 -6.93 -54.59 -8.27
N THR F 274 -7.78 -53.65 -7.87
CA THR F 274 -7.53 -52.82 -6.72
C THR F 274 -8.60 -53.01 -5.64
N THR F 275 -8.27 -52.66 -4.40
CA THR F 275 -9.24 -52.55 -3.31
C THR F 275 -10.26 -51.46 -3.52
N SER F 276 -9.99 -50.56 -4.46
CA SER F 276 -10.59 -49.23 -4.50
C SER F 276 -10.07 -48.36 -3.33
N PHE F 277 -10.44 -47.08 -3.30
CA PHE F 277 -9.75 -46.07 -2.46
C PHE F 277 -10.30 -45.97 -1.03
N THR F 278 -11.48 -45.37 -0.89
CA THR F 278 -12.13 -45.18 0.41
C THR F 278 -13.21 -46.24 0.72
N THR F 279 -13.26 -47.29 -0.08
CA THR F 279 -14.10 -48.45 0.23
C THR F 279 -13.56 -49.11 1.47
N ASN F 280 -14.32 -50.08 1.97
CA ASN F 280 -13.89 -50.95 3.02
C ASN F 280 -13.06 -52.08 2.51
N TYR F 281 -12.03 -52.45 3.26
CA TYR F 281 -11.25 -53.62 2.94
C TYR F 281 -10.35 -54.13 4.06
N ASP F 282 -10.32 -55.46 4.16
CA ASP F 282 -9.45 -56.19 5.09
C ASP F 282 -9.04 -57.46 4.32
N GLU F 283 -8.38 -58.44 4.97
CA GLU F 283 -7.98 -59.67 4.27
C GLU F 283 -9.19 -60.42 3.68
N ALA F 284 -10.27 -60.55 4.44
CA ALA F 284 -11.48 -61.23 3.97
C ALA F 284 -12.08 -60.64 2.67
N THR F 285 -12.04 -59.32 2.54
CA THR F 285 -12.52 -58.66 1.32
C THR F 285 -11.62 -58.92 0.11
N VAL F 286 -10.30 -58.89 0.32
CA VAL F 286 -9.35 -59.13 -0.74
C VAL F 286 -9.58 -60.56 -1.23
N ASN F 287 -9.63 -61.51 -0.30
CA ASN F 287 -9.91 -62.90 -0.63
C ASN F 287 -11.19 -63.05 -1.41
N SER F 288 -12.23 -62.35 -0.97
CA SER F 288 -13.48 -62.29 -1.70
C SER F 288 -13.31 -61.96 -3.19
N PHE F 289 -12.44 -61.01 -3.50
CA PHE F 289 -12.26 -60.53 -4.86
C PHE F 289 -11.49 -61.54 -5.70
N ILE F 290 -10.41 -62.06 -5.14
CA ILE F 290 -9.57 -63.02 -5.83
C ILE F 290 -10.31 -64.33 -6.14
N ASP F 291 -10.98 -64.88 -5.13
CA ASP F 291 -11.82 -66.06 -5.29
C ASP F 291 -12.99 -65.77 -6.22
N GLY F 292 -13.58 -64.58 -6.10
CA GLY F 292 -14.65 -64.16 -6.97
C GLY F 292 -14.24 -64.12 -8.43
N MET F 293 -13.01 -63.69 -8.68
CA MET F 293 -12.43 -63.64 -10.04
C MET F 293 -12.18 -65.07 -10.57
N ALA F 294 -11.57 -65.90 -9.71
CA ALA F 294 -11.30 -67.30 -10.03
C ALA F 294 -12.61 -68.05 -10.35
N GLU F 295 -13.61 -67.96 -9.47
CA GLU F 295 -14.89 -68.65 -9.65
C GLU F 295 -15.63 -68.32 -10.96
N ARG F 296 -15.36 -67.15 -11.54
CA ARG F 296 -16.02 -66.77 -12.79
C ARG F 296 -15.04 -66.91 -13.96
N ASN F 297 -13.95 -67.61 -13.70
CA ASN F 297 -12.88 -67.80 -14.68
C ASN F 297 -12.41 -66.49 -15.30
N LEU F 298 -12.25 -65.48 -14.44
CA LEU F 298 -11.68 -64.20 -14.83
C LEU F 298 -10.22 -64.19 -14.40
N PRO F 299 -9.29 -64.34 -15.34
CA PRO F 299 -7.87 -64.27 -15.00
C PRO F 299 -7.56 -62.95 -14.30
N LEU F 300 -6.60 -62.99 -13.37
CA LEU F 300 -6.21 -61.85 -12.53
C LEU F 300 -4.73 -62.02 -12.24
N HIS F 301 -3.93 -60.96 -12.46
CA HIS F 301 -2.49 -61.10 -12.36
C HIS F 301 -1.76 -60.24 -11.32
N VAL F 302 -2.39 -59.13 -10.91
CA VAL F 302 -1.77 -58.22 -9.93
C VAL F 302 -2.90 -57.71 -9.06
N PHE F 303 -2.71 -57.78 -7.75
CA PHE F 303 -3.66 -57.15 -6.84
C PHE F 303 -3.02 -55.95 -6.11
N HIS F 304 -3.80 -54.88 -5.99
CA HIS F 304 -3.26 -53.64 -5.41
C HIS F 304 -3.99 -53.23 -4.12
N PHE F 305 -3.19 -53.03 -3.05
CA PHE F 305 -3.65 -52.48 -1.78
C PHE F 305 -3.61 -50.93 -1.77
N ASP F 306 -4.77 -50.29 -1.76
CA ASP F 306 -4.79 -48.81 -1.72
C ASP F 306 -4.58 -48.25 -0.30
N CYS F 307 -4.75 -46.93 -0.18
CA CYS F 307 -4.32 -46.13 0.97
C CYS F 307 -4.58 -46.72 2.33
N PHE F 308 -5.75 -47.32 2.54
CA PHE F 308 -6.15 -47.78 3.88
C PHE F 308 -5.51 -49.09 4.32
N TRP F 309 -4.45 -49.49 3.65
CA TRP F 309 -3.61 -50.53 4.24
C TRP F 309 -2.83 -49.96 5.40
N MET F 310 -2.57 -48.64 5.34
CA MET F 310 -2.09 -47.87 6.49
C MET F 310 -3.24 -47.23 7.29
N LYS F 311 -2.98 -46.93 8.56
CA LYS F 311 -3.99 -46.27 9.41
C LYS F 311 -4.31 -44.86 8.93
N ALA F 312 -5.58 -44.50 9.00
CA ALA F 312 -6.04 -43.15 8.61
C ALA F 312 -5.25 -42.02 9.27
N PHE F 313 -5.01 -40.97 8.49
CA PHE F 313 -4.29 -39.77 8.92
C PHE F 313 -2.81 -40.03 9.21
N GLN F 314 -2.32 -41.24 8.94
CA GLN F 314 -0.91 -41.53 9.21
C GLN F 314 -0.20 -41.87 7.92
N TRP F 315 -0.89 -41.60 6.81
CA TRP F 315 -0.40 -41.92 5.48
C TRP F 315 0.91 -41.38 5.06
N CYS F 316 1.53 -42.42 4.55
CA CYS F 316 2.85 -42.80 4.28
C CYS F 316 3.91 -43.01 5.33
N ASP F 317 3.49 -43.73 6.36
CA ASP F 317 4.36 -44.20 7.45
C ASP F 317 4.73 -45.69 7.33
N PHE F 318 4.06 -46.41 6.44
CA PHE F 318 4.44 -47.76 6.01
C PHE F 318 4.06 -48.86 7.00
N GLU F 319 3.23 -48.52 7.98
CA GLU F 319 2.83 -49.49 8.98
C GLU F 319 1.44 -50.00 8.65
N TRP F 320 1.29 -51.33 8.62
CA TRP F 320 0.02 -51.97 8.26
C TRP F 320 -0.98 -51.65 9.34
N ASP F 321 -2.23 -51.35 8.98
CA ASP F 321 -3.29 -51.18 9.98
C ASP F 321 -3.51 -52.56 10.72
N PRO F 322 -3.25 -52.61 12.03
CA PRO F 322 -3.25 -53.89 12.74
C PRO F 322 -4.65 -54.42 12.95
N LEU F 323 -5.66 -53.57 12.75
CA LEU F 323 -7.05 -54.00 12.86
C LEU F 323 -7.61 -54.63 11.58
N THR F 324 -7.29 -54.09 10.39
CA THR F 324 -7.79 -54.68 9.15
C THR F 324 -6.85 -55.72 8.56
N PHE F 325 -5.56 -55.57 8.83
CA PHE F 325 -4.55 -56.49 8.30
C PHE F 325 -3.62 -56.93 9.44
N PRO F 326 -4.13 -57.80 10.30
CA PRO F 326 -3.41 -58.24 11.51
C PRO F 326 -2.18 -59.09 11.20
N ASP F 327 -2.14 -59.70 10.00
CA ASP F 327 -1.06 -60.62 9.61
C ASP F 327 -0.57 -60.30 8.19
N PRO F 328 0.15 -59.20 8.01
CA PRO F 328 0.51 -58.75 6.66
C PRO F 328 1.28 -59.78 5.82
N GLU F 329 2.38 -60.34 6.35
CA GLU F 329 3.20 -61.27 5.58
C GLU F 329 2.45 -62.57 5.28
N GLY F 330 1.79 -63.10 6.29
CA GLY F 330 0.94 -64.27 6.12
C GLY F 330 0.03 -64.03 4.93
N MET F 331 -0.74 -62.95 4.99
CA MET F 331 -1.67 -62.60 3.92
C MET F 331 -1.00 -62.54 2.56
N ILE F 332 0.08 -61.77 2.45
CA ILE F 332 0.74 -61.62 1.17
C ILE F 332 1.17 -63.00 0.64
N ARG F 333 1.86 -63.77 1.49
CA ARG F 333 2.34 -65.10 1.15
C ARG F 333 1.21 -65.99 0.61
N ARG F 334 0.10 -66.04 1.32
CA ARG F 334 -1.14 -66.72 0.87
C ARG F 334 -1.67 -66.27 -0.48
N LEU F 335 -1.60 -64.96 -0.76
CA LEU F 335 -2.06 -64.38 -2.02
C LEU F 335 -1.15 -64.78 -3.16
N LYS F 336 0.15 -64.73 -2.89
CA LYS F 336 1.21 -65.06 -3.84
C LYS F 336 1.22 -66.56 -4.28
N ALA F 337 0.64 -67.41 -3.43
CA ALA F 337 0.54 -68.84 -3.68
C ALA F 337 -0.39 -69.05 -4.87
N LYS F 338 -1.46 -68.24 -4.88
CA LYS F 338 -2.40 -68.17 -6.00
C LYS F 338 -1.79 -67.62 -7.30
N GLY F 339 -0.48 -67.30 -7.29
CA GLY F 339 0.21 -66.81 -8.49
C GLY F 339 0.20 -65.29 -8.71
N LEU F 340 -0.53 -64.55 -7.88
CA LEU F 340 -0.62 -63.09 -8.00
C LEU F 340 0.68 -62.34 -7.71
N LYS F 341 0.91 -61.27 -8.44
CA LYS F 341 1.87 -60.28 -8.01
C LYS F 341 1.16 -59.22 -7.12
N ILE F 342 1.92 -58.59 -6.22
CA ILE F 342 1.34 -57.66 -5.25
C ILE F 342 1.90 -56.23 -5.33
N CYS F 343 0.96 -55.27 -5.36
CA CYS F 343 1.30 -53.83 -5.30
C CYS F 343 0.66 -53.18 -4.07
N VAL F 344 1.33 -52.15 -3.54
CA VAL F 344 0.76 -51.38 -2.46
C VAL F 344 0.97 -49.87 -2.73
N TRP F 345 0.02 -49.07 -2.26
CA TRP F 345 0.10 -47.63 -2.39
C TRP F 345 1.19 -47.04 -1.46
N ILE F 346 2.03 -46.16 -2.01
CA ILE F 346 2.87 -45.27 -1.20
C ILE F 346 2.75 -43.88 -1.71
N ASN F 347 3.22 -42.91 -0.93
CA ASN F 347 3.43 -41.57 -1.46
C ASN F 347 4.54 -40.91 -0.68
N PRO F 348 4.94 -39.70 -1.05
CA PRO F 348 6.08 -39.06 -0.40
C PRO F 348 5.74 -37.99 0.66
N TYR F 349 4.62 -38.18 1.32
CA TYR F 349 4.20 -37.31 2.40
C TYR F 349 3.91 -38.13 3.67
N ILE F 350 3.79 -37.46 4.82
CA ILE F 350 3.41 -38.14 6.04
C ILE F 350 2.57 -37.27 6.94
N GLY F 351 1.48 -37.82 7.48
CA GLY F 351 0.62 -37.05 8.35
C GLY F 351 1.18 -37.03 9.76
N GLN F 352 0.95 -35.92 10.46
CA GLN F 352 1.42 -35.71 11.84
C GLN F 352 0.97 -36.79 12.84
N LYS F 353 -0.22 -37.35 12.66
CA LYS F 353 -0.70 -38.41 13.59
C LYS F 353 0.23 -39.65 13.69
N SER F 354 1.01 -39.90 12.66
CA SER F 354 1.80 -41.13 12.65
C SER F 354 2.85 -41.07 13.76
N PRO F 355 2.98 -42.14 14.55
CA PRO F 355 4.06 -42.25 15.56
C PRO F 355 5.43 -41.94 15.01
N VAL F 356 5.60 -42.12 13.71
CA VAL F 356 6.89 -41.96 13.04
C VAL F 356 7.25 -40.49 12.80
N PHE F 357 6.23 -39.63 12.85
CA PHE F 357 6.41 -38.23 12.48
C PHE F 357 7.44 -37.53 13.36
N LYS F 358 7.31 -37.70 14.66
CA LYS F 358 8.23 -37.08 15.59
C LYS F 358 9.69 -37.56 15.36
N GLU F 359 9.88 -38.84 15.07
CA GLU F 359 11.21 -39.40 14.72
C GLU F 359 11.80 -38.67 13.51
N LEU F 360 10.97 -38.46 12.49
CA LEU F 360 11.41 -37.79 11.26
C LEU F 360 11.76 -36.29 11.48
N GLN F 361 10.90 -35.59 12.21
CA GLN F 361 11.15 -34.23 12.63
C GLN F 361 12.45 -34.12 13.45
N GLU F 362 12.60 -34.96 14.47
CA GLU F 362 13.82 -34.93 15.30
C GLU F 362 15.06 -35.13 14.43
N LYS F 363 14.98 -36.08 13.52
CA LYS F 363 16.11 -36.39 12.62
C LYS F 363 16.32 -35.38 11.47
N GLY F 364 15.31 -34.54 11.21
CA GLY F 364 15.42 -33.51 10.20
C GLY F 364 15.28 -34.08 8.79
N TYR F 365 14.47 -35.13 8.65
CA TYR F 365 14.22 -35.78 7.35
C TYR F 365 13.05 -35.17 6.54
N LEU F 366 12.39 -34.18 7.11
CA LEU F 366 11.20 -33.53 6.47
C LEU F 366 11.52 -32.14 5.94
N LEU F 367 10.92 -31.80 4.80
CA LEU F 367 11.05 -30.48 4.19
C LEU F 367 10.82 -29.33 5.19
N LYS F 368 11.79 -28.44 5.26
CA LYS F 368 11.72 -27.30 6.17
C LYS F 368 11.50 -25.98 5.47
N ARG F 369 10.89 -25.05 6.21
CA ARG F 369 10.86 -23.64 5.82
C ARG F 369 12.21 -22.96 6.12
N PRO F 370 12.45 -21.78 5.52
CA PRO F 370 13.75 -21.10 5.69
C PRO F 370 14.07 -20.81 7.18
N ASP F 371 13.07 -20.76 8.08
CA ASP F 371 13.43 -20.55 9.48
C ASP F 371 13.84 -21.80 10.28
N GLY F 372 13.80 -22.99 9.66
CA GLY F 372 14.12 -24.22 10.36
C GLY F 372 12.91 -25.03 10.84
N SER F 373 11.75 -24.37 10.92
CA SER F 373 10.50 -25.07 11.24
C SER F 373 10.08 -25.96 10.06
N LEU F 374 9.20 -26.92 10.32
CA LEU F 374 8.69 -27.81 9.28
C LEU F 374 7.72 -27.10 8.33
N TRP F 375 7.79 -27.43 7.05
CA TRP F 375 6.68 -27.07 6.18
C TRP F 375 5.54 -28.04 6.41
N GLN F 376 4.33 -27.53 6.68
CA GLN F 376 3.12 -28.34 6.91
C GLN F 376 1.86 -27.71 6.32
N TRP F 377 0.90 -28.54 5.93
CA TRP F 377 -0.46 -28.03 5.69
C TRP F 377 -1.43 -29.16 5.96
N ASP F 378 -2.71 -28.90 5.77
CA ASP F 378 -3.75 -29.85 6.08
C ASP F 378 -4.43 -30.48 4.87
N LYS F 379 -3.92 -30.24 3.66
CA LYS F 379 -4.45 -30.95 2.48
C LYS F 379 -3.92 -32.38 2.51
N TRP F 380 -4.78 -33.33 2.11
CA TRP F 380 -4.53 -34.78 2.02
C TRP F 380 -4.48 -35.43 3.39
N GLN F 381 -3.45 -35.14 4.19
CA GLN F 381 -3.41 -35.59 5.58
C GLN F 381 -3.28 -34.37 6.51
N PRO F 382 -3.79 -34.50 7.73
CA PRO F 382 -3.62 -33.47 8.79
C PRO F 382 -2.16 -33.28 9.15
N GLY F 383 -1.71 -32.02 9.17
CA GLY F 383 -0.36 -31.70 9.52
C GLY F 383 0.69 -32.36 8.64
N LEU F 384 0.31 -32.55 7.38
CA LEU F 384 1.14 -33.22 6.39
C LEU F 384 2.46 -32.51 6.20
N ALA F 385 3.52 -33.30 6.19
CA ALA F 385 4.85 -32.88 5.86
C ALA F 385 5.38 -33.74 4.69
N ILE F 386 6.51 -33.32 4.10
CA ILE F 386 7.01 -33.92 2.88
C ILE F 386 8.45 -34.46 3.17
N TYR F 387 8.72 -35.71 2.79
CA TYR F 387 10.09 -36.28 2.80
C TYR F 387 11.08 -35.52 1.91
N ASP F 388 12.17 -35.02 2.49
CA ASP F 388 13.14 -34.23 1.77
C ASP F 388 14.11 -35.21 1.13
N PHE F 389 13.81 -35.59 -0.12
CA PHE F 389 14.67 -36.51 -0.85
C PHE F 389 15.99 -35.89 -1.34
N THR F 390 16.27 -34.63 -1.00
CA THR F 390 17.62 -34.10 -1.27
C THR F 390 18.51 -34.35 -0.05
N ASN F 391 17.96 -35.00 0.97
CA ASN F 391 18.67 -35.33 2.20
C ASN F 391 19.00 -36.84 2.09
N PRO F 392 20.28 -37.21 1.92
CA PRO F 392 20.64 -38.65 1.75
C PRO F 392 20.17 -39.53 2.91
N ASP F 393 20.25 -39.07 4.15
CA ASP F 393 19.72 -39.93 5.22
C ASP F 393 18.21 -40.11 5.17
N ALA F 394 17.50 -39.06 4.74
CA ALA F 394 16.06 -39.18 4.51
C ALA F 394 15.79 -40.25 3.45
N CYS F 395 16.53 -40.19 2.33
CA CYS F 395 16.36 -41.16 1.25
C CYS F 395 16.55 -42.59 1.75
N LYS F 396 17.60 -42.81 2.57
CA LYS F 396 17.92 -44.14 3.11
C LYS F 396 16.79 -44.64 4.02
N TRP F 397 16.36 -43.80 4.97
CA TRP F 397 15.23 -44.15 5.82
C TRP F 397 13.99 -44.56 5.01
N TYR F 398 13.67 -43.82 3.95
CA TYR F 398 12.45 -44.09 3.14
C TYR F 398 12.67 -45.40 2.37
N ALA F 399 13.87 -45.54 1.80
CA ALA F 399 14.29 -46.75 1.07
C ALA F 399 14.28 -47.99 1.91
N ASP F 400 14.71 -47.90 3.18
CA ASP F 400 14.69 -49.05 4.10
C ASP F 400 13.25 -49.49 4.39
N LYS F 401 12.32 -48.54 4.52
CA LYS F 401 10.91 -48.92 4.70
C LYS F 401 10.41 -49.73 3.49
N LEU F 402 10.79 -49.25 2.30
CA LEU F 402 10.43 -49.94 1.05
C LEU F 402 10.98 -51.40 0.95
N LYS F 403 12.26 -51.56 1.33
CA LYS F 403 12.91 -52.87 1.33
C LYS F 403 12.21 -53.76 2.33
N GLY F 404 11.86 -53.22 3.49
CA GLY F 404 11.04 -53.97 4.42
C GLY F 404 9.78 -54.54 3.76
N LEU F 405 9.14 -53.76 2.87
CA LEU F 405 7.90 -54.23 2.24
C LEU F 405 8.15 -55.33 1.19
N VAL F 406 9.15 -55.11 0.34
CA VAL F 406 9.61 -56.13 -0.60
C VAL F 406 9.97 -57.48 0.11
N ALA F 407 10.71 -57.42 1.21
CA ALA F 407 11.14 -58.62 1.93
C ALA F 407 9.95 -59.43 2.42
N MET F 408 8.82 -58.76 2.64
CA MET F 408 7.59 -59.45 3.02
C MET F 408 6.74 -59.90 1.81
N GLY F 409 7.23 -59.63 0.60
CA GLY F 409 6.63 -60.15 -0.61
C GLY F 409 5.94 -59.15 -1.54
N VAL F 410 5.95 -57.86 -1.20
CA VAL F 410 5.39 -56.88 -2.11
C VAL F 410 6.27 -56.85 -3.34
N ASP F 411 5.66 -56.83 -4.53
CA ASP F 411 6.40 -56.85 -5.78
C ASP F 411 6.61 -55.51 -6.48
N CYS F 412 5.71 -54.56 -6.25
CA CYS F 412 5.84 -53.30 -6.91
C CYS F 412 5.09 -52.25 -6.07
N PHE F 413 5.29 -50.97 -6.41
CA PHE F 413 4.69 -49.85 -5.67
C PHE F 413 3.95 -48.86 -6.59
N LYS F 414 2.76 -48.42 -6.16
CA LYS F 414 2.07 -47.29 -6.76
C LYS F 414 2.65 -46.00 -6.16
N THR F 415 3.40 -45.23 -6.95
CA THR F 415 4.05 -44.04 -6.45
C THR F 415 3.11 -42.85 -6.72
N ASP F 416 2.20 -42.64 -5.77
CA ASP F 416 1.14 -41.66 -5.90
C ASP F 416 1.69 -40.29 -5.54
N PHE F 417 0.99 -39.24 -5.98
CA PHE F 417 1.32 -37.89 -5.61
C PHE F 417 2.71 -37.44 -6.06
N GLY F 418 3.28 -36.48 -5.35
CA GLY F 418 4.56 -35.90 -5.73
C GLY F 418 4.41 -34.59 -6.49
N GLU F 419 3.18 -34.13 -6.68
CA GLU F 419 3.00 -32.90 -7.44
C GLU F 419 2.93 -31.57 -6.64
N ARG F 420 2.23 -31.52 -5.50
CA ARG F 420 2.02 -30.21 -4.86
C ARG F 420 3.21 -29.87 -3.99
N ILE F 421 4.34 -29.62 -4.64
CA ILE F 421 5.58 -29.32 -3.90
C ILE F 421 5.71 -27.80 -3.72
N PRO F 422 5.72 -27.32 -2.48
CA PRO F 422 5.80 -25.87 -2.22
C PRO F 422 7.15 -25.28 -2.55
N THR F 423 7.16 -23.98 -2.81
CA THR F 423 8.41 -23.27 -3.07
C THR F 423 8.86 -22.37 -1.93
N ASP F 424 8.04 -22.13 -0.90
CA ASP F 424 8.50 -21.28 0.23
C ASP F 424 9.24 -22.15 1.28
N VAL F 425 10.33 -22.74 0.83
CA VAL F 425 11.01 -23.78 1.58
C VAL F 425 12.53 -23.69 1.40
N GLN F 426 13.26 -24.42 2.21
CA GLN F 426 14.71 -24.57 2.00
C GLN F 426 15.03 -26.06 2.02
N TRP F 427 15.43 -26.60 0.87
CA TRP F 427 15.81 -28.01 0.70
C TRP F 427 17.16 -28.28 1.38
N PHE F 428 17.32 -29.49 1.92
CA PHE F 428 18.57 -29.89 2.55
C PHE F 428 19.77 -29.49 1.70
N ASP F 429 19.72 -29.76 0.40
CA ASP F 429 20.86 -29.48 -0.48
C ASP F 429 20.91 -28.08 -1.06
N GLY F 430 20.03 -27.19 -0.60
CA GLY F 430 20.02 -25.82 -1.07
C GLY F 430 19.55 -25.63 -2.51
N SER F 431 18.90 -26.63 -3.11
CA SER F 431 18.37 -26.47 -4.47
C SER F 431 17.42 -25.26 -4.66
N ASP F 432 17.33 -24.78 -5.89
CA ASP F 432 16.38 -23.74 -6.24
C ASP F 432 14.99 -24.31 -6.06
N PRO F 433 14.21 -23.80 -5.11
CA PRO F 433 12.86 -24.33 -4.87
C PRO F 433 11.93 -24.30 -6.11
N GLN F 434 12.17 -23.38 -7.04
CA GLN F 434 11.34 -23.26 -8.26
C GLN F 434 11.65 -24.42 -9.23
N LYS F 435 12.88 -24.91 -9.24
CA LYS F 435 13.27 -26.04 -10.09
C LYS F 435 12.94 -27.35 -9.39
N MET F 436 13.05 -27.41 -8.07
CA MET F 436 12.64 -28.62 -7.34
C MET F 436 11.18 -28.97 -7.46
N HIS F 437 10.33 -27.99 -7.76
CA HIS F 437 8.89 -28.26 -7.76
C HIS F 437 8.55 -29.42 -8.68
N ASN F 438 8.94 -29.32 -9.94
CA ASN F 438 8.68 -30.41 -10.91
C ASN F 438 9.67 -31.60 -10.73
N HIS F 439 10.93 -31.29 -10.50
CA HIS F 439 11.98 -32.33 -10.49
C HIS F 439 11.81 -33.30 -9.30
N TYR F 440 11.19 -32.85 -8.22
CA TYR F 440 10.80 -33.76 -7.13
C TYR F 440 10.17 -35.05 -7.64
N ALA F 441 9.23 -34.96 -8.59
CA ALA F 441 8.60 -36.14 -9.14
C ALA F 441 9.67 -37.15 -9.64
N TYR F 442 10.69 -36.64 -10.31
CA TYR F 442 11.78 -37.47 -10.83
C TYR F 442 12.56 -38.11 -9.68
N ILE F 443 12.93 -37.31 -8.68
CA ILE F 443 13.73 -37.78 -7.57
C ILE F 443 13.07 -38.89 -6.76
N TYR F 444 11.78 -38.71 -6.50
CA TYR F 444 10.95 -39.60 -5.72
C TYR F 444 10.80 -40.93 -6.49
N ASN F 445 10.44 -40.83 -7.78
CA ASN F 445 10.26 -42.05 -8.56
C ASN F 445 11.57 -42.82 -8.78
N GLU F 446 12.67 -42.09 -9.00
CA GLU F 446 14.01 -42.70 -9.08
C GLU F 446 14.37 -43.48 -7.81
N LEU F 447 14.20 -42.87 -6.64
CA LEU F 447 14.52 -43.54 -5.38
C LEU F 447 13.79 -44.89 -5.27
N VAL F 448 12.47 -44.88 -5.54
CA VAL F 448 11.67 -46.10 -5.45
C VAL F 448 12.09 -47.14 -6.53
N TRP F 449 12.29 -46.67 -7.77
CA TRP F 449 12.80 -47.51 -8.84
C TRP F 449 14.06 -48.28 -8.44
N ASN F 450 15.01 -47.56 -7.84
CA ASN F 450 16.31 -48.11 -7.45
C ASN F 450 16.16 -49.15 -6.34
N VAL F 451 15.12 -49.03 -5.54
CA VAL F 451 14.87 -49.98 -4.48
C VAL F 451 14.42 -51.30 -5.11
N LEU F 452 13.58 -51.23 -6.13
CA LEU F 452 13.14 -52.39 -6.84
C LEU F 452 14.34 -53.02 -7.58
N LYS F 453 15.11 -52.16 -8.24
CA LYS F 453 16.32 -52.58 -8.92
C LYS F 453 17.23 -53.37 -7.95
N ASP F 454 17.47 -52.83 -6.76
CA ASP F 454 18.35 -53.46 -5.79
C ASP F 454 17.75 -54.69 -5.09
N THR F 455 16.45 -54.90 -5.18
CA THR F 455 15.85 -56.03 -4.48
C THR F 455 15.27 -57.12 -5.37
N VAL F 456 14.57 -56.75 -6.44
CA VAL F 456 13.95 -57.77 -7.29
C VAL F 456 14.66 -57.94 -8.61
N GLY F 457 15.60 -57.03 -8.89
CA GLY F 457 16.27 -56.97 -10.16
C GLY F 457 15.62 -55.96 -11.08
N GLU F 458 16.45 -55.27 -11.85
CA GLU F 458 16.01 -54.32 -12.87
C GLU F 458 14.81 -54.82 -13.71
N GLU F 459 14.91 -56.04 -14.23
CA GLU F 459 13.92 -56.56 -15.18
C GLU F 459 12.59 -56.83 -14.53
N GLU F 460 12.58 -56.80 -13.22
CA GLU F 460 11.36 -57.03 -12.44
C GLU F 460 10.72 -55.72 -11.89
N ALA F 461 11.41 -54.59 -12.07
CA ALA F 461 10.96 -53.30 -11.53
C ALA F 461 9.79 -52.76 -12.32
N VAL F 462 8.74 -52.37 -11.62
CA VAL F 462 7.68 -51.59 -12.25
C VAL F 462 6.96 -50.71 -11.19
N LEU F 463 6.38 -49.62 -11.67
CA LEU F 463 5.68 -48.70 -10.79
C LEU F 463 4.32 -48.45 -11.42
N PHE F 464 3.47 -47.83 -10.62
CA PHE F 464 2.23 -47.19 -11.09
C PHE F 464 2.35 -45.78 -10.55
N ALA F 465 2.79 -44.86 -11.41
CA ALA F 465 3.24 -43.55 -10.95
C ALA F 465 2.31 -42.44 -11.45
N ARG F 466 1.96 -41.51 -10.57
CA ARG F 466 1.04 -40.41 -10.93
C ARG F 466 1.70 -39.14 -11.46
N SER F 467 2.89 -38.80 -10.98
CA SER F 467 3.53 -37.58 -11.48
C SER F 467 4.82 -37.90 -12.15
N ALA F 468 5.30 -36.95 -12.93
CA ALA F 468 6.47 -37.14 -13.74
C ALA F 468 7.04 -35.80 -14.11
N SER F 469 8.28 -35.85 -14.58
CA SER F 469 9.08 -34.72 -15.03
C SER F 469 10.12 -35.32 -16.02
N VAL F 470 10.87 -34.48 -16.73
CA VAL F 470 11.79 -34.96 -17.78
C VAL F 470 12.72 -36.08 -17.21
N GLY F 471 12.70 -37.24 -17.88
CA GLY F 471 13.52 -38.38 -17.53
C GLY F 471 12.79 -39.45 -16.76
N ALA F 472 11.63 -39.07 -16.21
CA ALA F 472 10.81 -39.99 -15.44
C ALA F 472 10.24 -41.12 -16.28
N GLN F 473 10.31 -41.00 -17.61
CA GLN F 473 9.91 -42.13 -18.47
C GLN F 473 10.73 -43.41 -18.25
N LYS F 474 11.92 -43.26 -17.68
CA LYS F 474 12.79 -44.39 -17.32
C LYS F 474 12.20 -45.29 -16.27
N PHE F 475 11.15 -44.81 -15.57
CA PHE F 475 10.58 -45.53 -14.42
C PHE F 475 9.11 -45.83 -14.66
N PRO F 476 8.88 -46.67 -15.67
CA PRO F 476 7.53 -46.87 -16.18
C PRO F 476 6.43 -47.45 -15.37
N VAL F 477 5.36 -47.27 -16.13
CA VAL F 477 3.98 -47.30 -15.90
C VAL F 477 3.59 -46.05 -15.14
N HIS F 478 2.91 -45.22 -15.92
CA HIS F 478 2.31 -44.01 -15.42
C HIS F 478 0.84 -44.25 -15.65
N TRP F 479 0.00 -43.68 -14.82
CA TRP F 479 -1.43 -43.80 -15.04
C TRP F 479 -2.02 -42.42 -15.00
N GLY F 480 -3.14 -42.28 -15.70
CA GLY F 480 -3.72 -40.97 -15.98
C GLY F 480 -4.47 -40.32 -14.85
N GLY F 481 -4.32 -40.83 -13.61
CA GLY F 481 -4.95 -40.24 -12.44
C GLY F 481 -6.47 -40.33 -12.24
N ASP F 482 -7.04 -39.29 -11.61
CA ASP F 482 -8.38 -39.39 -11.04
C ASP F 482 -9.49 -38.98 -12.01
N CYS F 483 -9.84 -39.89 -12.91
CA CYS F 483 -10.82 -39.57 -13.94
C CYS F 483 -12.23 -39.83 -13.42
N TYR F 484 -13.24 -39.46 -14.20
CA TYR F 484 -14.65 -39.69 -13.81
C TYR F 484 -15.30 -40.76 -14.67
N ALA F 485 -16.33 -41.39 -14.11
CA ALA F 485 -16.91 -42.59 -14.69
C ALA F 485 -17.98 -42.21 -15.71
N ASN F 486 -17.58 -41.54 -16.77
CA ASN F 486 -18.52 -41.23 -17.86
C ASN F 486 -17.74 -41.19 -19.17
N TYR F 487 -18.45 -41.13 -20.30
CA TYR F 487 -17.79 -41.17 -21.63
C TYR F 487 -16.85 -40.03 -21.91
N GLU F 488 -17.25 -38.83 -21.48
CA GLU F 488 -16.44 -37.62 -21.70
C GLU F 488 -15.09 -37.72 -20.99
N SER F 489 -15.08 -38.28 -19.78
CA SER F 489 -13.83 -38.46 -19.04
C SER F 489 -13.00 -39.63 -19.60
N MET F 490 -13.69 -40.63 -20.12
CA MET F 490 -13.02 -41.73 -20.83
C MET F 490 -12.26 -41.13 -22.00
N ALA F 491 -12.93 -40.26 -22.75
CA ALA F 491 -12.32 -39.57 -23.89
C ALA F 491 -11.15 -38.65 -23.49
N GLU F 492 -11.35 -37.83 -22.46
CA GLU F 492 -10.28 -36.98 -21.94
C GLU F 492 -9.06 -37.79 -21.45
N SER F 493 -9.29 -38.90 -20.77
CA SER F 493 -8.26 -39.86 -20.38
C SER F 493 -7.43 -40.27 -21.57
N LEU F 494 -8.08 -40.69 -22.66
CA LEU F 494 -7.39 -41.12 -23.87
C LEU F 494 -6.52 -40.00 -24.44
N ARG F 495 -7.06 -38.77 -24.48
CA ARG F 495 -6.24 -37.63 -24.90
C ARG F 495 -4.93 -37.54 -24.11
N GLY F 496 -4.99 -37.80 -22.80
CA GLY F 496 -3.82 -37.78 -21.91
C GLY F 496 -2.82 -38.88 -22.23
N GLY F 497 -3.35 -40.07 -22.44
CA GLY F 497 -2.55 -41.22 -22.88
C GLY F 497 -1.81 -40.97 -24.16
N LEU F 498 -2.53 -40.52 -25.19
CA LEU F 498 -1.91 -40.18 -26.46
C LEU F 498 -0.79 -39.16 -26.22
N SER F 499 -1.08 -38.10 -25.46
CA SER F 499 -0.14 -37.00 -25.27
C SER F 499 1.11 -37.42 -24.49
N ILE F 500 0.95 -38.24 -23.47
CA ILE F 500 2.11 -38.67 -22.70
C ILE F 500 3.07 -39.47 -23.60
N GLY F 501 2.53 -40.27 -24.52
CA GLY F 501 3.34 -40.98 -25.52
C GLY F 501 4.05 -40.03 -26.44
N LEU F 502 3.38 -38.94 -26.83
CA LEU F 502 3.98 -37.91 -27.62
C LEU F 502 5.02 -37.08 -26.84
N SER F 503 5.18 -37.37 -25.54
CA SER F 503 6.11 -36.64 -24.67
C SER F 503 7.24 -37.54 -24.10
N GLY F 504 7.37 -38.76 -24.63
CA GLY F 504 8.50 -39.61 -24.30
C GLY F 504 8.19 -40.85 -23.47
N PHE F 505 6.92 -41.08 -23.15
CA PHE F 505 6.59 -42.11 -22.18
C PHE F 505 5.97 -43.32 -22.90
N GLY F 506 6.51 -44.52 -22.66
CA GLY F 506 6.19 -45.67 -23.48
C GLY F 506 4.99 -46.46 -23.00
N PHE F 507 4.62 -46.27 -21.72
CA PHE F 507 3.70 -47.15 -21.04
C PHE F 507 2.68 -46.37 -20.21
N TRP F 508 1.40 -46.68 -20.39
CA TRP F 508 0.37 -45.86 -19.75
C TRP F 508 -0.90 -46.63 -19.41
N SER F 509 -1.44 -46.36 -18.23
CA SER F 509 -2.71 -46.96 -17.80
C SER F 509 -3.75 -45.88 -17.47
N HIS F 510 -4.94 -46.30 -17.08
CA HIS F 510 -5.98 -45.36 -16.67
C HIS F 510 -6.98 -46.24 -15.91
N ASP F 511 -7.80 -45.67 -15.05
CA ASP F 511 -8.65 -46.48 -14.17
C ASP F 511 -9.90 -47.00 -14.90
N ILE F 512 -9.91 -48.31 -15.15
CA ILE F 512 -10.99 -48.89 -15.94
C ILE F 512 -12.28 -48.72 -15.19
N GLY F 513 -13.26 -48.15 -15.89
CA GLY F 513 -14.57 -47.88 -15.36
C GLY F 513 -14.69 -46.47 -14.79
N GLY F 514 -13.56 -45.77 -14.73
CA GLY F 514 -13.52 -44.42 -14.15
C GLY F 514 -13.20 -44.48 -12.67
N PHE F 515 -12.45 -43.50 -12.21
CA PHE F 515 -12.11 -43.42 -10.79
C PHE F 515 -13.29 -42.89 -9.93
N GLU F 516 -13.72 -41.64 -10.17
CA GLU F 516 -14.75 -40.99 -9.34
C GLU F 516 -16.18 -41.20 -9.91
N ASN F 517 -17.14 -41.48 -9.02
CA ASN F 517 -18.53 -41.90 -9.36
C ASN F 517 -18.57 -43.37 -9.76
N THR F 518 -19.76 -43.93 -9.80
CA THR F 518 -20.00 -45.32 -10.24
C THR F 518 -20.57 -45.32 -11.67
N ALA F 519 -19.83 -45.94 -12.58
CA ALA F 519 -20.25 -45.98 -13.98
C ALA F 519 -21.55 -46.77 -14.12
N PRO F 520 -22.43 -46.30 -14.99
CA PRO F 520 -23.49 -47.17 -15.56
C PRO F 520 -22.83 -48.42 -16.18
N ALA F 521 -23.55 -49.53 -16.24
CA ALA F 521 -22.96 -50.77 -16.75
C ALA F 521 -22.35 -50.61 -18.15
N HIS F 522 -23.10 -49.96 -19.04
CA HIS F 522 -22.62 -49.73 -20.39
C HIS F 522 -21.26 -49.01 -20.41
N VAL F 523 -21.12 -47.95 -19.60
CA VAL F 523 -19.85 -47.21 -19.52
C VAL F 523 -18.71 -48.11 -19.06
N TYR F 524 -18.94 -48.88 -18.00
CA TYR F 524 -17.94 -49.82 -17.52
C TYR F 524 -17.47 -50.82 -18.60
N LYS F 525 -18.45 -51.38 -19.31
CA LYS F 525 -18.18 -52.36 -20.36
C LYS F 525 -17.34 -51.77 -21.48
N ARG F 526 -17.74 -50.58 -21.95
CA ARG F 526 -16.99 -49.88 -23.00
C ARG F 526 -15.55 -49.60 -22.55
N TRP F 527 -15.40 -49.21 -21.30
CA TRP F 527 -14.10 -48.86 -20.73
C TRP F 527 -13.24 -50.10 -20.56
N CYS F 528 -13.87 -51.21 -20.23
CA CYS F 528 -13.15 -52.48 -20.14
C CYS F 528 -12.39 -52.84 -21.41
N ALA F 529 -13.07 -52.70 -22.54
CA ALA F 529 -12.47 -53.04 -23.83
C ALA F 529 -11.24 -52.15 -24.06
N PHE F 530 -11.41 -50.86 -23.77
CA PHE F 530 -10.38 -49.85 -23.92
C PHE F 530 -9.19 -50.13 -22.99
N GLY F 531 -9.45 -50.41 -21.71
CA GLY F 531 -8.35 -50.63 -20.77
C GLY F 531 -7.54 -51.90 -21.02
N LEU F 532 -8.22 -52.95 -21.49
CA LEU F 532 -7.53 -54.18 -21.81
C LEU F 532 -6.77 -54.09 -23.14
N LEU F 533 -7.05 -53.05 -23.92
CA LEU F 533 -6.27 -52.77 -25.13
C LEU F 533 -5.35 -51.53 -24.97
N SER F 534 -4.88 -51.29 -23.75
CA SER F 534 -3.90 -50.25 -23.48
C SER F 534 -2.70 -51.03 -22.98
N SER F 535 -1.51 -50.44 -22.91
CA SER F 535 -0.34 -51.21 -22.44
C SER F 535 -0.55 -51.82 -21.03
N HIS F 536 -1.13 -51.04 -20.13
CA HIS F 536 -1.37 -51.52 -18.77
C HIS F 536 -2.83 -51.33 -18.33
N SER F 537 -3.38 -52.32 -17.65
CA SER F 537 -4.83 -52.46 -17.45
C SER F 537 -5.14 -52.62 -15.97
N ARG F 538 -5.87 -51.65 -15.40
CA ARG F 538 -6.20 -51.62 -13.98
C ARG F 538 -7.63 -51.20 -13.68
N LEU F 539 -8.30 -52.06 -12.92
CA LEU F 539 -9.61 -51.80 -12.37
C LEU F 539 -9.44 -51.07 -11.03
N HIS F 540 -9.72 -49.75 -11.00
CA HIS F 540 -9.55 -49.00 -9.76
C HIS F 540 -10.63 -47.95 -9.57
N GLY F 541 -11.12 -47.82 -8.36
CA GLY F 541 -12.26 -46.95 -8.10
C GLY F 541 -12.12 -46.13 -6.80
N SER F 542 -12.91 -45.06 -6.73
CA SER F 542 -12.87 -44.16 -5.59
C SER F 542 -13.67 -44.63 -4.39
N LYS F 543 -14.99 -44.74 -4.60
CA LYS F 543 -15.97 -45.04 -3.57
C LYS F 543 -16.73 -46.36 -3.80
N SER F 544 -16.53 -46.99 -4.94
CA SER F 544 -17.14 -48.30 -5.18
C SER F 544 -16.10 -49.25 -5.73
N TYR F 545 -16.43 -50.54 -5.69
CA TYR F 545 -15.56 -51.58 -6.25
C TYR F 545 -15.61 -51.68 -7.78
N ARG F 546 -14.58 -52.26 -8.39
CA ARG F 546 -14.48 -52.36 -9.85
C ARG F 546 -14.49 -53.83 -10.36
N VAL F 547 -14.82 -54.75 -9.46
CA VAL F 547 -15.18 -56.11 -9.86
C VAL F 547 -16.40 -56.06 -10.80
N PRO F 548 -16.25 -56.76 -11.91
CA PRO F 548 -17.28 -56.77 -12.96
C PRO F 548 -18.67 -57.12 -12.41
N TRP F 549 -18.73 -58.01 -11.41
CA TRP F 549 -20.03 -58.44 -10.86
C TRP F 549 -20.73 -57.38 -10.01
N ALA F 550 -20.01 -56.29 -9.71
CA ALA F 550 -20.64 -55.10 -9.15
C ALA F 550 -21.50 -54.34 -10.17
N TYR F 551 -21.33 -54.61 -11.45
CA TYR F 551 -22.05 -53.89 -12.50
C TYR F 551 -23.21 -54.71 -13.06
N ASP F 552 -22.88 -55.80 -13.77
CA ASP F 552 -23.85 -56.82 -14.19
C ASP F 552 -23.15 -58.11 -14.67
N ASP F 553 -23.94 -59.10 -15.08
CA ASP F 553 -23.45 -60.37 -15.57
C ASP F 553 -22.62 -60.23 -16.84
N GLU F 554 -23.17 -59.51 -17.82
CA GLU F 554 -22.47 -59.25 -19.07
C GLU F 554 -21.07 -58.65 -18.85
N SER F 555 -20.91 -57.84 -17.81
CA SER F 555 -19.63 -57.17 -17.55
C SER F 555 -18.55 -58.20 -17.26
N CYS F 556 -18.95 -59.28 -16.62
CA CYS F 556 -18.10 -60.42 -16.36
C CYS F 556 -17.68 -61.07 -17.72
N ASP F 557 -18.62 -61.17 -18.65
CA ASP F 557 -18.23 -61.71 -19.96
C ASP F 557 -17.23 -60.74 -20.64
N VAL F 558 -17.50 -59.43 -20.53
CA VAL F 558 -16.64 -58.43 -21.19
C VAL F 558 -15.19 -58.50 -20.67
N VAL F 559 -15.01 -58.48 -19.34
CA VAL F 559 -13.68 -58.59 -18.73
C VAL F 559 -12.97 -59.90 -19.13
N ARG F 560 -13.73 -60.99 -19.12
CA ARG F 560 -13.24 -62.31 -19.50
C ARG F 560 -12.68 -62.27 -20.91
N PHE F 561 -13.52 -61.80 -21.83
CA PHE F 561 -13.20 -61.82 -23.24
C PHE F 561 -11.94 -61.02 -23.58
N PHE F 562 -11.84 -59.79 -23.05
CA PHE F 562 -10.73 -58.90 -23.44
C PHE F 562 -9.46 -59.21 -22.67
N THR F 563 -9.61 -59.80 -21.48
CA THR F 563 -8.44 -60.23 -20.71
C THR F 563 -7.83 -61.43 -21.44
N GLN F 564 -8.68 -62.39 -21.84
CA GLN F 564 -8.19 -63.55 -22.66
C GLN F 564 -7.46 -63.06 -23.90
N LEU F 565 -8.11 -62.16 -24.63
CA LEU F 565 -7.56 -61.58 -25.83
C LEU F 565 -6.18 -60.95 -25.64
N LYS F 566 -6.05 -60.12 -24.61
CA LYS F 566 -4.79 -59.44 -24.37
C LYS F 566 -3.69 -60.47 -24.11
N CYS F 567 -4.00 -61.46 -23.28
CA CYS F 567 -3.05 -62.54 -23.01
C CYS F 567 -2.62 -63.26 -24.30
N ARG F 568 -3.59 -63.51 -25.17
CA ARG F 568 -3.32 -64.09 -26.49
C ARG F 568 -2.45 -63.15 -27.30
N MET F 569 -2.66 -61.83 -27.13
CA MET F 569 -1.92 -60.86 -27.94
C MET F 569 -0.51 -60.58 -27.49
N MET F 570 -0.11 -61.14 -26.34
CA MET F 570 1.19 -60.84 -25.74
C MET F 570 2.50 -61.02 -26.54
N PRO F 571 2.62 -62.02 -27.42
CA PRO F 571 3.80 -62.09 -28.31
C PRO F 571 3.95 -60.83 -29.18
N TYR F 572 2.82 -60.34 -29.69
CA TYR F 572 2.83 -59.09 -30.46
C TYR F 572 3.16 -57.89 -29.52
N LEU F 573 2.40 -57.81 -28.45
CA LEU F 573 2.47 -56.65 -27.55
C LEU F 573 3.83 -56.53 -26.90
N TYR F 574 4.36 -57.63 -26.33
CA TYR F 574 5.67 -57.51 -25.66
C TYR F 574 6.74 -57.08 -26.60
N ARG F 575 6.60 -57.50 -27.86
CA ARG F 575 7.52 -57.03 -28.91
C ARG F 575 7.40 -55.51 -29.11
N GLU F 576 6.16 -55.01 -29.12
CA GLU F 576 5.91 -53.57 -29.22
C GLU F 576 6.47 -52.85 -27.99
N ALA F 577 6.34 -53.47 -26.82
CA ALA F 577 6.95 -52.96 -25.60
C ALA F 577 8.45 -52.79 -25.71
N ALA F 578 9.12 -53.74 -26.38
CA ALA F 578 10.57 -53.68 -26.49
C ALA F 578 10.99 -52.53 -27.38
N ARG F 579 10.12 -52.17 -28.33
CA ARG F 579 10.29 -51.01 -29.21
C ARG F 579 10.25 -49.66 -28.43
N ALA F 580 9.38 -49.57 -27.43
CA ALA F 580 9.35 -48.42 -26.55
C ALA F 580 10.71 -48.28 -25.90
N ASN F 581 11.29 -49.40 -25.43
CA ASN F 581 12.58 -49.36 -24.71
C ASN F 581 13.76 -49.05 -25.62
N ALA F 582 13.77 -49.62 -26.82
CA ALA F 582 14.89 -49.43 -27.70
C ALA F 582 14.85 -48.07 -28.42
N ARG F 583 13.66 -47.63 -28.79
CA ARG F 583 13.54 -46.39 -29.59
C ARG F 583 12.56 -45.32 -29.03
N GLY F 584 11.98 -45.55 -27.86
CA GLY F 584 11.02 -44.62 -27.28
C GLY F 584 9.69 -44.51 -28.00
N THR F 585 9.38 -45.49 -28.86
CA THR F 585 8.09 -45.53 -29.54
C THR F 585 7.03 -46.03 -28.57
N PRO F 586 6.05 -45.21 -28.18
CA PRO F 586 5.09 -45.67 -27.17
C PRO F 586 4.21 -46.77 -27.71
N MET F 587 3.71 -47.61 -26.81
CA MET F 587 2.76 -48.63 -27.21
C MET F 587 1.44 -48.05 -27.73
N MET F 588 0.92 -47.02 -27.07
CA MET F 588 -0.27 -46.34 -27.57
C MET F 588 0.11 -45.09 -28.41
N ARG F 589 -0.22 -45.13 -29.70
CA ARG F 589 0.29 -44.14 -30.61
C ARG F 589 -0.81 -43.38 -31.28
N ALA F 590 -0.69 -42.06 -31.20
CA ALA F 590 -1.57 -41.12 -31.89
C ALA F 590 -1.48 -41.45 -33.36
N MET F 591 -2.63 -41.41 -34.03
CA MET F 591 -2.67 -41.66 -35.49
C MET F 591 -1.61 -40.87 -36.24
N MET F 592 -1.41 -39.61 -35.86
CA MET F 592 -0.45 -38.76 -36.57
C MET F 592 1.00 -39.26 -36.46
N MET F 593 1.29 -39.99 -35.39
CA MET F 593 2.64 -40.55 -35.19
C MET F 593 2.94 -41.73 -36.11
N GLU F 594 1.92 -42.55 -36.36
CA GLU F 594 2.09 -43.76 -37.16
C GLU F 594 1.91 -43.45 -38.64
N PHE F 595 1.12 -42.43 -38.92
CA PHE F 595 0.89 -41.98 -40.28
C PHE F 595 1.16 -40.47 -40.47
N PRO F 596 2.43 -40.06 -40.40
CA PRO F 596 2.75 -38.62 -40.43
C PRO F 596 2.40 -37.91 -41.74
N ASP F 597 2.41 -38.61 -42.88
CA ASP F 597 2.11 -37.97 -44.16
C ASP F 597 0.59 -37.84 -44.48
N ASP F 598 -0.27 -38.41 -43.66
CA ASP F 598 -1.70 -38.38 -43.95
C ASP F 598 -2.45 -37.21 -43.26
N PRO F 599 -2.87 -36.23 -44.06
CA PRO F 599 -3.56 -35.05 -43.54
C PRO F 599 -4.88 -35.35 -42.77
N ALA F 600 -5.43 -36.53 -42.93
CA ALA F 600 -6.67 -36.88 -42.23
C ALA F 600 -6.41 -37.32 -40.80
N CYS F 601 -5.14 -37.52 -40.43
CA CYS F 601 -4.73 -38.02 -39.14
C CYS F 601 -4.30 -36.97 -38.11
N ASP F 602 -4.30 -35.68 -38.49
CA ASP F 602 -3.73 -34.60 -37.65
C ASP F 602 -4.39 -34.40 -36.30
N TYR F 603 -5.73 -34.46 -36.28
CA TYR F 603 -6.53 -34.14 -35.11
C TYR F 603 -7.15 -35.39 -34.46
N LEU F 604 -6.79 -36.58 -34.95
CA LEU F 604 -7.48 -37.81 -34.52
C LEU F 604 -7.12 -38.15 -33.10
N ASP F 605 -8.12 -38.25 -32.23
CA ASP F 605 -7.85 -38.36 -30.79
C ASP F 605 -8.79 -39.35 -30.05
N ARG F 606 -9.67 -40.01 -30.78
CA ARG F 606 -10.60 -40.97 -30.20
C ARG F 606 -10.23 -42.38 -30.66
N GLN F 607 -9.07 -42.47 -31.27
CA GLN F 607 -8.52 -43.75 -31.73
C GLN F 607 -6.99 -43.70 -31.67
N TYR F 608 -6.39 -44.86 -31.85
CA TYR F 608 -4.93 -44.92 -31.78
C TYR F 608 -4.42 -46.21 -32.38
N MET F 609 -3.11 -46.28 -32.56
CA MET F 609 -2.43 -47.52 -32.92
C MET F 609 -1.86 -48.18 -31.68
N LEU F 610 -2.19 -49.43 -31.47
CA LEU F 610 -1.59 -50.17 -30.39
C LEU F 610 -0.44 -51.00 -31.00
N GLY F 611 0.77 -50.46 -30.89
CA GLY F 611 1.91 -50.98 -31.61
C GLY F 611 1.84 -50.62 -33.09
N ASP F 612 2.71 -51.27 -33.87
CA ASP F 612 2.80 -51.05 -35.31
C ASP F 612 1.52 -51.31 -36.10
N ASN F 613 0.81 -52.39 -35.77
CA ASN F 613 -0.07 -52.95 -36.78
C ASN F 613 -1.55 -52.95 -36.46
N VAL F 614 -1.92 -52.54 -35.26
CA VAL F 614 -3.34 -52.60 -34.94
C VAL F 614 -3.96 -51.25 -34.53
N MET F 615 -5.00 -50.84 -35.24
CA MET F 615 -5.78 -49.65 -34.92
C MET F 615 -6.91 -50.05 -33.93
N VAL F 616 -7.03 -49.29 -32.83
CA VAL F 616 -8.11 -49.43 -31.84
C VAL F 616 -8.89 -48.12 -31.71
N ALA F 617 -10.22 -48.20 -31.87
CA ALA F 617 -11.13 -47.10 -31.66
C ALA F 617 -12.15 -47.46 -30.57
N PRO F 618 -11.96 -47.00 -29.33
CA PRO F 618 -12.94 -47.25 -28.28
C PRO F 618 -14.30 -46.69 -28.63
N VAL F 619 -15.33 -47.30 -28.06
CA VAL F 619 -16.70 -46.97 -28.32
C VAL F 619 -17.19 -46.12 -27.16
N PHE F 620 -17.57 -44.90 -27.46
CA PHE F 620 -17.98 -43.91 -26.48
C PHE F 620 -19.48 -43.67 -26.44
N THR F 621 -20.27 -44.67 -26.85
CA THR F 621 -21.74 -44.59 -26.74
C THR F 621 -22.35 -45.90 -26.20
N GLU F 622 -23.53 -45.77 -25.59
CA GLU F 622 -24.31 -46.88 -25.04
C GLU F 622 -24.71 -47.89 -26.14
N ALA F 623 -25.42 -47.36 -27.14
CA ALA F 623 -25.87 -48.10 -28.31
C ALA F 623 -24.75 -48.81 -29.09
N GLY F 624 -23.52 -48.32 -28.94
CA GLY F 624 -22.40 -48.91 -29.65
C GLY F 624 -22.00 -48.23 -30.96
N ASP F 625 -22.59 -47.09 -31.30
CA ASP F 625 -22.18 -46.30 -32.48
C ASP F 625 -20.75 -45.75 -32.32
N VAL F 626 -19.97 -45.79 -33.39
CA VAL F 626 -18.55 -45.40 -33.37
C VAL F 626 -18.13 -45.01 -34.76
N GLN F 627 -17.47 -43.86 -34.91
CA GLN F 627 -16.85 -43.49 -36.18
C GLN F 627 -15.34 -43.44 -36.00
N PHE F 628 -14.60 -43.98 -36.98
CA PHE F 628 -13.14 -44.01 -36.94
C PHE F 628 -12.59 -43.87 -38.35
N TYR F 629 -11.36 -43.39 -38.45
CA TYR F 629 -10.71 -43.17 -39.73
C TYR F 629 -9.72 -44.29 -39.98
N LEU F 630 -9.61 -44.69 -41.24
CA LEU F 630 -8.64 -45.73 -41.59
C LEU F 630 -7.73 -45.16 -42.70
N PRO F 631 -6.42 -45.14 -42.43
CA PRO F 631 -5.43 -44.73 -43.43
C PRO F 631 -5.46 -45.71 -44.60
N GLU F 632 -4.86 -45.32 -45.71
CA GLU F 632 -4.80 -46.13 -46.92
C GLU F 632 -4.40 -47.59 -46.62
N GLY F 633 -5.14 -48.52 -47.23
CA GLY F 633 -4.86 -49.93 -47.14
C GLY F 633 -6.12 -50.75 -46.96
N ARG F 634 -5.96 -52.08 -46.97
CA ARG F 634 -7.06 -53.02 -46.73
C ARG F 634 -6.92 -53.61 -45.32
N TRP F 635 -7.84 -53.20 -44.46
CA TRP F 635 -7.77 -53.48 -43.02
C TRP F 635 -8.68 -54.65 -42.65
N THR F 636 -8.24 -55.47 -41.71
CA THR F 636 -8.96 -56.68 -41.29
C THR F 636 -9.25 -56.71 -39.80
N HIS F 637 -10.53 -56.89 -39.44
CA HIS F 637 -10.85 -56.95 -38.02
C HIS F 637 -10.19 -58.17 -37.36
N LEU F 638 -9.43 -57.91 -36.29
CA LEU F 638 -8.63 -58.91 -35.59
C LEU F 638 -9.31 -60.25 -35.33
N TRP F 639 -10.60 -60.23 -35.02
CA TRP F 639 -11.31 -61.50 -34.79
C TRP F 639 -12.65 -61.65 -35.57
N HIS F 640 -13.23 -60.55 -36.04
CA HIS F 640 -14.44 -60.64 -36.87
C HIS F 640 -14.10 -61.02 -38.32
N ASN F 641 -12.87 -60.68 -38.71
CA ASN F 641 -12.30 -60.94 -40.04
C ASN F 641 -12.87 -60.11 -41.18
N ASP F 642 -13.82 -59.21 -40.90
CA ASP F 642 -14.35 -58.32 -41.94
C ASP F 642 -13.27 -57.31 -42.35
N GLU F 643 -13.35 -56.86 -43.61
CA GLU F 643 -12.29 -56.09 -44.23
C GLU F 643 -12.81 -54.75 -44.63
N LEU F 644 -11.93 -53.76 -44.56
CA LEU F 644 -12.28 -52.39 -44.87
C LEU F 644 -11.17 -51.75 -45.66
N ASP F 645 -11.58 -50.94 -46.63
CA ASP F 645 -10.67 -50.15 -47.43
C ASP F 645 -10.43 -48.80 -46.79
N GLY F 646 -9.14 -48.43 -46.75
CA GLY F 646 -8.70 -47.28 -46.01
C GLY F 646 -8.81 -45.95 -46.72
N SER F 647 -8.14 -44.96 -46.15
CA SER F 647 -8.12 -43.62 -46.70
C SER F 647 -9.49 -42.94 -46.55
N ARG F 648 -10.31 -43.44 -45.63
CA ARG F 648 -11.62 -42.85 -45.37
C ARG F 648 -12.13 -43.15 -43.96
N TRP F 649 -13.14 -42.39 -43.54
CA TRP F 649 -13.89 -42.66 -42.31
C TRP F 649 -14.91 -43.80 -42.49
N HIS F 650 -15.20 -44.51 -41.39
CA HIS F 650 -16.21 -45.56 -41.31
C HIS F 650 -17.09 -45.39 -40.06
N LYS F 651 -18.35 -45.79 -40.18
CA LYS F 651 -19.30 -45.75 -39.05
C LYS F 651 -19.83 -47.17 -38.76
N GLN F 652 -19.59 -47.69 -37.55
CA GLN F 652 -20.03 -49.02 -37.19
C GLN F 652 -20.92 -49.04 -35.94
N GLN F 653 -21.40 -50.23 -35.60
CA GLN F 653 -22.14 -50.46 -34.37
C GLN F 653 -21.67 -51.76 -33.75
N HIS F 654 -21.32 -51.71 -32.45
CA HIS F 654 -20.75 -52.85 -31.74
C HIS F 654 -21.47 -53.16 -30.43
N GLY F 655 -21.66 -54.46 -30.16
CA GLY F 655 -22.12 -54.94 -28.87
C GLY F 655 -20.95 -54.87 -27.90
N PHE F 656 -21.23 -55.20 -26.66
CA PHE F 656 -20.27 -55.02 -25.57
C PHE F 656 -19.04 -55.92 -25.69
N LEU F 657 -19.07 -56.86 -26.64
CA LEU F 657 -17.92 -57.77 -26.82
C LEU F 657 -17.05 -57.36 -28.00
N SER F 658 -17.32 -56.17 -28.52
CA SER F 658 -16.67 -55.75 -29.74
C SER F 658 -16.35 -54.27 -29.73
N LEU F 659 -15.44 -53.86 -30.64
CA LEU F 659 -15.11 -52.48 -30.95
C LEU F 659 -14.21 -52.57 -32.18
N PRO F 660 -14.05 -51.49 -32.94
CA PRO F 660 -13.09 -51.52 -34.08
C PRO F 660 -11.69 -51.87 -33.61
N VAL F 661 -11.24 -53.08 -33.97
CA VAL F 661 -9.84 -53.46 -33.77
C VAL F 661 -9.33 -54.00 -35.10
N TYR F 662 -8.71 -53.13 -35.90
CA TYR F 662 -8.29 -53.47 -37.25
C TYR F 662 -6.79 -53.66 -37.46
N VAL F 663 -6.45 -54.69 -38.24
CA VAL F 663 -5.06 -55.02 -38.59
C VAL F 663 -4.76 -54.50 -40.01
N ARG F 664 -3.68 -53.71 -40.14
CA ARG F 664 -3.30 -53.16 -41.45
C ARG F 664 -2.81 -54.28 -42.37
N ASP F 665 -2.64 -53.98 -43.65
CA ASP F 665 -2.22 -54.99 -44.61
C ASP F 665 -0.70 -55.23 -44.55
N ASN F 666 -0.24 -56.30 -45.20
CA ASN F 666 1.18 -56.66 -45.18
C ASN F 666 1.69 -56.89 -43.77
N THR F 667 0.85 -57.55 -42.98
CA THR F 667 1.10 -57.81 -41.58
C THR F 667 1.13 -59.28 -41.23
N LEU F 668 2.24 -59.70 -40.63
CA LEU F 668 2.35 -60.99 -39.96
C LEU F 668 2.38 -60.81 -38.43
N LEU F 669 1.29 -61.23 -37.80
CA LEU F 669 1.01 -61.08 -36.38
C LEU F 669 1.20 -62.41 -35.64
N ALA F 670 1.81 -62.37 -34.45
CA ALA F 670 1.86 -63.53 -33.58
C ALA F 670 0.88 -63.44 -32.42
N LEU F 671 -0.07 -64.38 -32.37
CA LEU F 671 -0.91 -64.64 -31.21
C LEU F 671 -0.37 -65.88 -30.53
N GLY F 672 -0.56 -65.98 -29.21
CA GLY F 672 -0.05 -67.07 -28.41
C GLY F 672 -1.14 -68.01 -27.93
N ASN F 673 -0.71 -69.11 -27.31
CA ASN F 673 -1.63 -70.22 -27.01
C ASN F 673 -2.08 -70.28 -25.54
N ASN F 674 -1.85 -69.19 -24.81
CA ASN F 674 -2.28 -69.06 -23.43
C ASN F 674 -3.18 -67.83 -23.35
N ASP F 675 -4.42 -68.01 -22.92
CA ASP F 675 -5.35 -66.89 -22.70
C ASP F 675 -5.64 -66.64 -21.21
N GLN F 676 -4.73 -67.15 -20.36
CA GLN F 676 -4.90 -67.10 -18.93
C GLN F 676 -3.88 -66.20 -18.24
N ARG F 677 -2.73 -66.00 -18.88
CA ARG F 677 -1.71 -65.14 -18.29
C ARG F 677 -0.92 -64.46 -19.38
N PRO F 678 -0.29 -63.34 -19.05
CA PRO F 678 0.50 -62.61 -20.03
C PRO F 678 1.90 -63.18 -20.17
N ASP F 679 2.40 -63.80 -19.11
CA ASP F 679 3.78 -64.26 -19.14
C ASP F 679 3.85 -65.77 -19.36
N TYR F 680 4.28 -66.14 -20.56
CA TYR F 680 4.35 -67.55 -20.94
C TYR F 680 5.31 -67.74 -22.10
N VAL F 681 5.51 -68.99 -22.53
CA VAL F 681 6.51 -69.26 -23.57
C VAL F 681 5.89 -68.96 -24.92
N TRP F 682 6.04 -67.69 -25.32
CA TRP F 682 5.41 -67.15 -26.52
C TRP F 682 5.84 -67.86 -27.81
N HIS F 683 7.07 -68.36 -27.86
CA HIS F 683 7.58 -68.97 -29.09
C HIS F 683 7.20 -70.45 -29.27
N GLU F 684 6.34 -70.97 -28.39
CA GLU F 684 5.87 -72.35 -28.44
C GLU F 684 4.33 -72.40 -28.47
N GLY F 685 3.80 -72.93 -29.58
CA GLY F 685 2.36 -72.99 -29.80
C GLY F 685 1.85 -71.79 -30.58
N THR F 686 2.78 -70.89 -30.91
CA THR F 686 2.52 -69.63 -31.63
C THR F 686 1.59 -69.78 -32.83
N ALA F 687 0.46 -69.07 -32.79
CA ALA F 687 -0.39 -68.96 -33.98
C ALA F 687 -0.08 -67.66 -34.76
N PHE F 688 0.69 -67.80 -35.83
CA PHE F 688 0.94 -66.68 -36.72
C PHE F 688 -0.25 -66.41 -37.65
N HIS F 689 -0.47 -65.13 -37.97
CA HIS F 689 -1.59 -64.74 -38.85
C HIS F 689 -1.15 -63.73 -39.86
N LEU F 690 -1.43 -64.02 -41.12
CA LEU F 690 -0.99 -63.16 -42.20
C LEU F 690 -2.22 -62.46 -42.78
N PHE F 691 -2.10 -61.14 -42.91
CA PHE F 691 -3.21 -60.28 -43.28
C PHE F 691 -2.84 -59.62 -44.58
N ASN F 692 -3.72 -59.78 -45.58
CA ASN F 692 -3.57 -59.18 -46.90
C ASN F 692 -2.14 -58.87 -47.35
N LEU F 693 -1.36 -59.93 -47.63
CA LEU F 693 -0.04 -59.77 -48.23
C LEU F 693 -0.17 -59.41 -49.71
N GLN F 694 0.41 -58.29 -50.09
CA GLN F 694 0.37 -57.85 -51.48
C GLN F 694 1.55 -58.40 -52.27
N ASP F 695 1.28 -58.56 -53.56
CA ASP F 695 2.27 -58.93 -54.56
C ASP F 695 3.46 -57.97 -54.54
N GLY F 696 4.63 -58.48 -54.14
CA GLY F 696 5.86 -57.69 -54.11
C GLY F 696 6.20 -57.14 -52.75
N HIS F 697 5.48 -57.60 -51.73
CA HIS F 697 5.68 -57.17 -50.35
C HIS F 697 6.13 -58.31 -49.46
N GLU F 698 6.76 -57.93 -48.35
CA GLU F 698 7.22 -58.85 -47.33
C GLU F 698 6.71 -58.35 -45.95
N ALA F 699 6.07 -59.25 -45.22
CA ALA F 699 5.60 -59.00 -43.86
C ALA F 699 6.49 -59.78 -42.89
N VAL F 700 7.00 -59.08 -41.89
CA VAL F 700 7.95 -59.64 -40.94
C VAL F 700 7.31 -59.64 -39.56
N CYS F 701 7.41 -60.77 -38.86
CA CYS F 701 6.95 -60.86 -37.49
C CYS F 701 8.11 -61.27 -36.60
N GLU F 702 8.35 -60.51 -35.53
CA GLU F 702 9.42 -60.86 -34.60
C GLU F 702 8.81 -61.26 -33.27
N VAL F 703 9.12 -62.49 -32.83
CA VAL F 703 8.73 -63.01 -31.53
C VAL F 703 9.83 -62.80 -30.46
N PRO F 704 9.47 -62.19 -29.33
CA PRO F 704 10.46 -61.83 -28.32
C PRO F 704 10.63 -62.90 -27.25
N ALA F 705 11.84 -62.96 -26.68
CA ALA F 705 12.06 -63.69 -25.42
C ALA F 705 11.60 -62.81 -24.24
N ALA F 706 11.58 -63.41 -23.05
CA ALA F 706 11.17 -62.73 -21.83
C ALA F 706 11.86 -61.38 -21.56
N ASP F 707 13.14 -61.27 -21.91
CA ASP F 707 13.89 -60.01 -21.87
C ASP F 707 13.70 -59.05 -23.08
N GLY F 708 12.69 -59.32 -23.92
CA GLY F 708 12.37 -58.47 -25.06
C GLY F 708 13.27 -58.58 -26.29
N SER F 709 14.38 -59.30 -26.20
CA SER F 709 15.20 -59.57 -27.39
C SER F 709 14.48 -60.53 -28.39
N VAL F 710 14.92 -60.56 -29.63
CA VAL F 710 14.25 -61.38 -30.65
C VAL F 710 14.70 -62.85 -30.58
N ILE F 711 13.75 -63.76 -30.32
CA ILE F 711 14.03 -65.20 -30.30
C ILE F 711 13.82 -65.87 -31.67
N PHE F 712 12.70 -65.53 -32.33
CA PHE F 712 12.31 -66.14 -33.61
C PHE F 712 11.81 -65.06 -34.56
N THR F 713 12.33 -65.08 -35.79
CA THR F 713 11.82 -64.24 -36.89
C THR F 713 11.10 -65.11 -37.95
N LEU F 714 9.95 -64.62 -38.42
CA LEU F 714 9.20 -65.28 -39.48
C LEU F 714 8.84 -64.25 -40.55
N LYS F 715 9.16 -64.57 -41.81
CA LYS F 715 8.86 -63.70 -42.96
C LYS F 715 7.99 -64.41 -43.98
N ALA F 716 7.02 -63.68 -44.52
CA ALA F 716 6.27 -64.12 -45.69
C ALA F 716 6.46 -63.10 -46.81
N ALA F 717 7.17 -63.48 -47.87
CA ALA F 717 7.36 -62.63 -49.06
C ALA F 717 6.52 -63.13 -50.24
N ARG F 718 5.78 -62.23 -50.89
CA ARG F 718 4.89 -62.61 -52.00
C ARG F 718 5.47 -62.11 -53.30
N THR F 719 5.83 -63.06 -54.17
CA THR F 719 6.51 -62.73 -55.42
C THR F 719 5.57 -62.68 -56.64
N GLY F 720 4.74 -63.69 -56.84
CA GLY F 720 3.73 -63.62 -57.87
C GLY F 720 2.41 -63.92 -57.21
N ASN F 721 1.99 -65.19 -57.34
CA ASN F 721 0.97 -65.79 -56.49
C ASN F 721 1.65 -66.82 -55.57
N THR F 722 2.97 -66.68 -55.44
CA THR F 722 3.76 -67.57 -54.60
C THR F 722 4.25 -66.85 -53.33
N ILE F 723 3.69 -67.20 -52.18
CA ILE F 723 4.20 -66.61 -50.93
C ILE F 723 5.19 -67.52 -50.21
N THR F 724 6.43 -67.03 -50.10
CA THR F 724 7.54 -67.75 -49.49
C THR F 724 7.70 -67.46 -47.99
N VAL F 725 7.54 -68.50 -47.19
CA VAL F 725 7.56 -68.40 -45.74
C VAL F 725 8.90 -68.90 -45.15
N THR F 726 9.68 -67.99 -44.59
CA THR F 726 10.96 -68.37 -43.97
C THR F 726 11.10 -67.91 -42.51
N GLY F 727 11.73 -68.75 -41.69
CA GLY F 727 11.89 -68.49 -40.27
C GLY F 727 13.35 -68.59 -39.86
N ALA F 728 13.68 -68.01 -38.72
CA ALA F 728 15.05 -67.99 -38.23
C ALA F 728 15.06 -67.78 -36.73
N GLY F 729 15.76 -68.66 -36.01
CA GLY F 729 15.79 -68.63 -34.55
C GLY F 729 15.13 -69.86 -33.92
N GLU F 730 14.63 -69.69 -32.69
CA GLU F 730 14.05 -70.78 -31.90
C GLU F 730 12.53 -70.64 -31.76
N ALA F 731 11.79 -71.62 -32.28
CA ALA F 731 10.34 -71.70 -32.11
C ALA F 731 9.86 -73.11 -32.38
N LYS F 732 8.80 -73.53 -31.70
CA LYS F 732 8.34 -74.90 -31.83
C LYS F 732 6.84 -74.95 -31.92
N ASN F 733 6.35 -75.88 -32.76
CA ASN F 733 4.94 -76.22 -32.80
C ASN F 733 4.07 -75.06 -33.30
N TRP F 734 4.62 -74.27 -34.21
CA TRP F 734 3.91 -73.11 -34.72
C TRP F 734 2.98 -73.36 -35.91
N THR F 735 2.19 -72.34 -36.23
CA THR F 735 1.10 -72.44 -37.17
C THR F 735 1.04 -71.11 -37.95
N LEU F 736 0.57 -71.16 -39.19
CA LEU F 736 0.41 -69.96 -40.01
C LEU F 736 -1.00 -69.92 -40.55
N CYS F 737 -1.72 -68.84 -40.27
CA CYS F 737 -3.09 -68.70 -40.76
C CYS F 737 -3.20 -67.62 -41.84
N LEU F 738 -3.80 -67.98 -42.98
CA LEU F 738 -3.90 -67.09 -44.14
C LEU F 738 -5.30 -66.52 -44.11
N ARG F 739 -5.41 -65.32 -43.53
CA ARG F 739 -6.71 -64.75 -43.20
C ARG F 739 -7.53 -64.53 -44.47
N ASN F 740 -8.80 -64.91 -44.41
CA ASN F 740 -9.74 -64.68 -45.51
C ASN F 740 -9.29 -65.42 -46.80
N VAL F 741 -8.52 -66.50 -46.61
CA VAL F 741 -8.15 -67.43 -47.68
C VAL F 741 -8.69 -68.84 -47.34
N VAL F 742 -9.76 -69.23 -48.05
CA VAL F 742 -10.46 -70.51 -47.82
C VAL F 742 -9.80 -71.72 -48.52
N LYS F 743 -9.19 -71.49 -49.68
CA LYS F 743 -8.56 -72.56 -50.47
C LYS F 743 -7.27 -72.09 -51.16
N VAL F 744 -6.26 -72.95 -51.19
CA VAL F 744 -4.98 -72.65 -51.83
C VAL F 744 -4.72 -73.56 -53.06
N ASN F 745 -3.67 -73.26 -53.82
CA ASN F 745 -3.23 -74.15 -54.90
C ASN F 745 -2.10 -75.11 -54.46
N GLY F 746 -0.86 -74.64 -54.55
CA GLY F 746 0.30 -75.47 -54.24
C GLY F 746 0.89 -75.17 -52.87
N LEU F 747 0.95 -76.21 -52.05
CA LEU F 747 1.55 -76.12 -50.73
C LEU F 747 2.83 -76.95 -50.68
N GLN F 748 3.98 -76.28 -50.72
CA GLN F 748 5.27 -76.95 -50.59
C GLN F 748 5.60 -77.24 -49.12
N ASP F 749 5.73 -78.53 -48.82
CA ASP F 749 6.00 -79.08 -47.48
C ASP F 749 5.25 -78.50 -46.25
N GLY F 750 4.20 -79.20 -45.82
CA GLY F 750 3.45 -78.85 -44.63
C GLY F 750 1.95 -79.03 -44.82
N SER F 751 1.27 -79.60 -43.83
CA SER F 751 -0.16 -79.90 -43.99
C SER F 751 -1.07 -78.66 -43.93
N GLN F 752 -2.39 -78.89 -43.91
CA GLN F 752 -3.37 -77.81 -43.88
C GLN F 752 -4.69 -78.24 -43.23
N ALA F 753 -5.42 -77.24 -42.69
CA ALA F 753 -6.77 -77.45 -42.17
C ALA F 753 -7.63 -76.25 -42.54
N GLU F 754 -8.94 -76.41 -42.46
CA GLU F 754 -9.84 -75.28 -42.64
C GLU F 754 -10.12 -74.69 -41.26
N SER F 755 -9.97 -73.38 -41.12
CA SER F 755 -10.44 -72.67 -39.92
C SER F 755 -11.37 -71.53 -40.33
N GLU F 756 -12.24 -71.10 -39.40
CA GLU F 756 -13.22 -70.05 -39.67
C GLU F 756 -12.59 -68.69 -40.05
N GLN F 757 -11.31 -68.55 -39.78
CA GLN F 757 -10.58 -67.34 -40.10
C GLN F 757 -9.83 -67.47 -41.40
N GLY F 758 -9.71 -68.72 -41.86
CA GLY F 758 -9.00 -69.04 -43.08
C GLY F 758 -8.07 -70.24 -42.92
N LEU F 759 -7.38 -70.56 -44.01
CA LEU F 759 -6.46 -71.68 -44.06
C LEU F 759 -5.35 -71.59 -43.01
N VAL F 760 -5.33 -72.57 -42.12
CA VAL F 760 -4.23 -72.77 -41.17
C VAL F 760 -3.24 -73.77 -41.77
N VAL F 761 -2.00 -73.34 -41.88
CA VAL F 761 -0.95 -74.14 -42.48
C VAL F 761 0.01 -74.55 -41.37
N LYS F 762 0.46 -75.81 -41.41
CA LYS F 762 1.42 -76.32 -40.44
C LYS F 762 2.69 -76.75 -41.17
N PRO F 763 3.85 -76.23 -40.77
CA PRO F 763 5.08 -76.40 -41.53
C PRO F 763 5.75 -77.76 -41.31
N GLN F 764 6.76 -78.07 -42.14
CA GLN F 764 7.68 -79.21 -41.94
C GLN F 764 9.05 -78.70 -41.46
N GLY F 765 9.03 -77.64 -40.66
CA GLY F 765 10.20 -76.81 -40.37
C GLY F 765 9.95 -75.39 -40.88
N ASN F 766 10.84 -74.45 -40.55
CA ASN F 766 10.68 -73.06 -41.00
C ASN F 766 11.26 -72.77 -42.40
N ALA F 767 10.81 -73.56 -43.38
CA ALA F 767 11.27 -73.49 -44.78
C ALA F 767 10.16 -74.01 -45.71
N LEU F 768 9.12 -73.19 -45.90
CA LEU F 768 7.99 -73.57 -46.73
C LEU F 768 7.66 -72.52 -47.76
N THR F 769 6.68 -72.83 -48.62
CA THR F 769 6.15 -71.93 -49.65
C THR F 769 4.70 -72.29 -50.03
N ILE F 770 3.94 -71.28 -50.45
CA ILE F 770 2.52 -71.44 -50.77
C ILE F 770 2.25 -70.84 -52.14
N THR F 771 1.34 -71.45 -52.91
CA THR F 771 0.87 -70.85 -54.15
C THR F 771 -0.66 -70.73 -54.07
N LEU F 772 -1.17 -69.52 -54.29
CA LEU F 772 -2.61 -69.25 -54.14
C LEU F 772 -3.41 -69.45 -55.44
N HIS F 773 -4.71 -69.74 -55.29
CA HIS F 773 -5.66 -69.94 -56.40
C HIS F 773 -5.98 -68.67 -57.20
C TRS G . 10.29 4.92 40.91
C1 TRS G . 9.49 3.84 41.60
C2 TRS G . 9.38 6.14 40.68
C3 TRS G . 11.54 5.32 41.73
N TRS G . 10.70 4.37 39.62
O1 TRS G . 8.37 3.44 40.82
O2 TRS G . 8.58 5.87 39.54
O3 TRS G . 11.11 6.00 42.90
C TRS H . 7.97 6.67 35.36
C1 TRS H . 7.16 7.31 36.49
C2 TRS H . 9.08 7.58 34.84
C3 TRS H . 8.65 5.33 35.63
N TRS H . 6.99 6.41 34.31
O1 TRS H . 7.95 7.98 37.48
O2 TRS H . 8.54 8.86 34.67
O3 TRS H . 8.37 4.79 36.89
C TRS I . -31.06 -14.60 13.88
C1 TRS I . -31.46 -15.59 14.97
C2 TRS I . -31.34 -15.13 12.48
C3 TRS I . -31.62 -13.20 13.95
N TRS I . -29.64 -14.36 14.05
O1 TRS I . -32.59 -16.36 14.66
O2 TRS I . -30.45 -16.19 12.33
O3 TRS I . -32.63 -13.06 14.88
C TRS J . 35.47 9.12 -21.26
C1 TRS J . 36.11 10.32 -20.55
C2 TRS J . 34.29 9.51 -22.18
C3 TRS J . 36.63 8.47 -22.04
N TRS J . 34.86 8.19 -20.29
O1 TRS J . 35.32 10.85 -19.51
O2 TRS J . 33.19 9.76 -21.28
O3 TRS J . 37.10 9.40 -22.99
C TRS K . 29.40 8.69 -20.60
C1 TRS K . 29.79 9.92 -21.43
C2 TRS K . 29.10 7.50 -21.50
C3 TRS K . 30.44 8.24 -19.59
N TRS K . 28.20 9.02 -19.82
O1 TRS K . 30.60 9.55 -22.54
O2 TRS K . 27.88 7.76 -22.14
O3 TRS K . 31.37 9.24 -19.31
C TRS L . 2.29 40.72 11.69
C1 TRS L . 2.93 41.41 10.50
C2 TRS L . 3.27 39.97 12.60
C3 TRS L . 1.52 41.72 12.54
N TRS L . 1.37 39.74 11.12
O1 TRS L . 3.72 40.49 9.73
O2 TRS L . 3.53 38.67 12.03
O3 TRS L . 2.43 42.72 12.97
C TRS M . 3.82 34.67 12.13
C1 TRS M . 4.92 35.50 12.82
C2 TRS M . 2.60 34.55 13.04
C3 TRS M . 3.47 35.25 10.78
N TRS M . 4.28 33.33 11.77
O1 TRS M . 4.36 36.50 13.66
O2 TRS M . 2.90 33.71 14.14
O3 TRS M . 2.48 36.20 10.91
C TRS N . -36.84 -13.95 15.83
C1 TRS N . -36.96 -13.23 17.15
C2 TRS N . -35.99 -15.21 15.92
C3 TRS N . -38.24 -14.31 15.35
N TRS N . -36.18 -13.03 14.89
O1 TRS N . -35.73 -12.69 17.63
O2 TRS N . -34.63 -14.80 15.75
O3 TRS N . -38.82 -15.32 16.15
C TRS O . -5.58 1.08 -41.96
C1 TRS O . -6.41 -0.17 -42.31
C2 TRS O . -4.06 0.79 -41.77
C3 TRS O . -5.74 2.09 -43.07
N TRS O . -6.12 1.61 -40.71
O1 TRS O . -6.62 -1.04 -41.21
O2 TRS O . -3.95 0.16 -40.49
O3 TRS O . -5.32 1.52 -44.31
C TRS P . -2.23 0.51 -36.77
C1 TRS P . -1.72 -0.40 -37.89
C2 TRS P . -1.41 1.78 -36.74
C3 TRS P . -3.72 0.92 -36.91
N TRS P . -2.16 -0.21 -35.48
O1 TRS P . -1.61 0.26 -39.14
O2 TRS P . -0.09 1.49 -36.41
O3 TRS P . -4.42 0.07 -37.78
C TRS Q . -7.51 -35.86 -4.33
C1 TRS Q . -8.55 -36.73 -5.04
C2 TRS Q . -7.60 -36.03 -2.82
C3 TRS Q . -6.06 -36.12 -4.77
N TRS Q . -7.76 -34.46 -4.64
O1 TRS Q . -8.87 -37.91 -4.32
O2 TRS Q . -8.82 -35.44 -2.42
O3 TRS Q . -5.84 -37.48 -4.87
C TRS R . -5.65 -41.83 -5.18
C1 TRS R . -5.24 -42.10 -6.63
C2 TRS R . -7.06 -41.22 -5.11
C3 TRS R . -5.51 -43.11 -4.36
N TRS R . -4.75 -40.86 -4.57
O1 TRS R . -4.91 -40.91 -7.32
O2 TRS R . -6.95 -39.83 -5.44
O3 TRS R . -6.21 -44.16 -4.97
#